data_2C91
#
_entry.id   2C91
#
_cell.length_a   98.532
_cell.length_b   159.238
_cell.length_c   96.698
_cell.angle_alpha   90.02
_cell.angle_beta   119.40
_cell.angle_gamma   78.50
#
_symmetry.space_group_name_H-M   'P 1'
#
loop_
_entity.id
_entity.type
_entity.pdbx_description
1 polymer 'AFLATOXIN B1 ALDEHYDE REDUCTASE MEMBER 2'
2 non-polymer 'NADP NICOTINAMIDE-ADENINE-DINUCLEOTIDE PHOSPHATE'
3 non-polymer 'L(+)-TARTARIC ACID'
4 non-polymer GLYCEROL
5 non-polymer 'PHOSPHATE ION'
6 non-polymer '2-(N-MORPHOLINO)-ETHANESULFONIC ACID'
7 water water
#
_entity_poly.entity_id   1
_entity_poly.type   'polypeptide(L)'
_entity_poly.pdbx_seq_one_letter_code
;MSRPPPPRAASGAPLRPATVLGTMEMGRRMDASASAASVRAFLERGHSELDTAFMYCDGQSENILGGLGLGLGSGDCTVK
IATKANPWEGKSLKPDSIRSQLETSLKRLQCPRVDLFYLHAPDHSTPVEETLCACHQLHQEGKFVELGLSNYASWEVAEI
CTLCKSNGWILPTVYQGMYNATTRQVEAELLPCLRHFGLRFYAYNPLAGGLLTGKYKYEDKDGKQPVGRFFGNNWAETYR
NRFWKEHHFEAIALVEKALQTTYGTNAPRMTSAALRWMYHHSQLQGTRGDAVILGMSSLEQLEQNLAATEEGPLEPAVVE
AFDQAWNMVAHECPNYFR
;
_entity_poly.pdbx_strand_id   A,B,C,D,E,F,G,H,I,J
#
# COMPACT_ATOMS: atom_id res chain seq x y z
N PRO A 14 48.89 13.33 -41.64
CA PRO A 14 47.65 13.65 -42.48
C PRO A 14 46.37 13.04 -41.87
N LEU A 15 45.24 13.26 -42.55
CA LEU A 15 44.16 12.31 -42.37
C LEU A 15 44.65 10.88 -42.77
N ARG A 16 44.10 9.95 -42.00
CA ARG A 16 44.27 8.54 -42.23
C ARG A 16 43.60 8.16 -43.54
N PRO A 17 44.04 7.06 -44.14
CA PRO A 17 43.33 6.48 -45.26
C PRO A 17 41.86 6.22 -44.97
N ALA A 18 41.09 6.26 -46.02
CA ALA A 18 39.68 5.92 -45.91
C ALA A 18 39.47 4.41 -45.81
N THR A 19 38.24 4.05 -45.47
CA THR A 19 37.90 2.67 -45.24
C THR A 19 36.73 2.30 -46.17
N VAL A 20 36.93 1.18 -46.90
CA VAL A 20 36.01 0.68 -47.92
C VAL A 20 35.63 -0.72 -47.41
N LEU A 21 34.36 -1.08 -47.61
CA LEU A 21 33.86 -2.38 -47.18
C LEU A 21 33.92 -3.39 -48.29
N GLY A 22 34.71 -4.46 -48.09
CA GLY A 22 34.73 -5.57 -49.00
C GLY A 22 33.55 -6.54 -48.85
N THR A 23 33.01 -6.98 -49.98
CA THR A 23 31.76 -7.75 -50.03
C THR A 23 31.88 -9.11 -50.68
N MET A 24 33.10 -9.58 -50.81
CA MET A 24 33.41 -10.85 -51.43
C MET A 24 32.76 -12.05 -50.77
N GLU A 25 32.50 -11.98 -49.47
CA GLU A 25 31.82 -13.09 -48.75
C GLU A 25 30.32 -12.99 -48.63
N MET A 26 29.74 -11.95 -49.17
CA MET A 26 28.29 -11.79 -49.17
C MET A 26 27.70 -12.71 -50.21
N GLY A 27 27.03 -13.73 -49.70
CA GLY A 27 26.48 -14.81 -50.51
C GLY A 27 27.25 -16.11 -50.35
N ARG A 28 28.36 -16.12 -49.65
CA ARG A 28 29.05 -17.37 -49.40
C ARG A 28 28.92 -17.63 -47.89
N ARG A 29 29.88 -17.22 -47.06
CA ARG A 29 29.70 -17.37 -45.61
C ARG A 29 28.64 -16.42 -45.01
N MET A 30 28.39 -15.28 -45.64
CA MET A 30 27.46 -14.29 -45.06
C MET A 30 26.17 -14.23 -45.84
N ASP A 31 25.05 -14.42 -45.15
CA ASP A 31 23.74 -14.34 -45.78
C ASP A 31 23.28 -12.89 -45.94
N ALA A 32 22.05 -12.71 -46.43
CA ALA A 32 21.52 -11.35 -46.58
C ALA A 32 21.44 -10.59 -45.25
N SER A 33 21.06 -11.30 -44.19
CA SER A 33 20.89 -10.67 -42.92
C SER A 33 22.21 -10.24 -42.29
N ALA A 34 23.22 -11.12 -42.33
CA ALA A 34 24.60 -10.80 -41.90
C ALA A 34 25.22 -9.72 -42.72
N SER A 35 24.91 -9.75 -44.00
CA SER A 35 25.38 -8.70 -44.92
C SER A 35 24.81 -7.34 -44.58
N ALA A 36 23.49 -7.27 -44.42
CA ALA A 36 22.82 -6.03 -44.02
C ALA A 36 23.40 -5.47 -42.75
N ALA A 37 23.55 -6.35 -41.76
CA ALA A 37 24.07 -5.95 -40.44
C ALA A 37 25.46 -5.33 -40.57
N SER A 38 26.26 -5.93 -41.44
CA SER A 38 27.60 -5.50 -41.69
C SER A 38 27.70 -4.12 -42.35
N VAL A 39 26.87 -3.93 -43.37
CA VAL A 39 26.82 -2.66 -44.03
C VAL A 39 26.36 -1.56 -43.02
N ARG A 40 25.30 -1.86 -42.27
CA ARG A 40 24.80 -0.97 -41.24
C ARG A 40 25.91 -0.58 -40.25
N ALA A 41 26.64 -1.57 -39.76
CA ALA A 41 27.76 -1.34 -38.84
C ALA A 41 28.85 -0.43 -39.45
N PHE A 42 29.15 -0.72 -40.72
CA PHE A 42 30.12 0.04 -41.49
C PHE A 42 29.66 1.50 -41.71
N LEU A 43 28.42 1.69 -42.06
CA LEU A 43 27.90 3.06 -42.28
C LEU A 43 27.81 3.88 -41.01
N GLU A 44 27.49 3.20 -39.91
CA GLU A 44 27.42 3.84 -38.60
C GLU A 44 28.73 4.42 -38.17
N ARG A 45 29.82 3.86 -38.64
CA ARG A 45 31.15 4.41 -38.30
C ARG A 45 31.49 5.61 -39.16
N GLY A 46 30.60 5.99 -40.05
CA GLY A 46 30.76 7.19 -40.87
C GLY A 46 31.38 6.91 -42.24
N HIS A 47 31.57 5.65 -42.59
CA HIS A 47 32.11 5.31 -43.89
C HIS A 47 31.04 5.28 -44.97
N SER A 48 31.46 5.22 -46.23
CA SER A 48 30.49 5.33 -47.33
C SER A 48 30.67 4.50 -48.59
N GLU A 49 31.86 3.92 -48.80
CA GLU A 49 32.15 3.09 -50.02
C GLU A 49 32.13 1.58 -49.84
N LEU A 50 31.51 0.93 -50.82
CA LEU A 50 31.43 -0.49 -50.88
C LEU A 50 32.12 -1.05 -52.13
N ASP A 51 32.73 -2.21 -51.98
CA ASP A 51 33.45 -2.85 -53.06
C ASP A 51 32.89 -4.22 -53.33
N THR A 52 32.33 -4.42 -54.54
CA THR A 52 31.88 -5.73 -54.99
C THR A 52 32.43 -5.99 -56.39
N ALA A 53 31.97 -7.06 -57.03
CA ALA A 53 32.41 -7.46 -58.32
C ALA A 53 31.36 -8.37 -58.95
N PHE A 54 31.30 -8.36 -60.26
CA PHE A 54 30.39 -9.26 -61.02
C PHE A 54 30.64 -10.73 -60.58
N MET A 55 31.90 -11.02 -60.29
CA MET A 55 32.34 -12.36 -60.01
C MET A 55 31.83 -12.94 -58.72
N TYR A 56 31.71 -12.10 -57.69
CA TYR A 56 31.51 -12.62 -56.30
C TYR A 56 30.20 -13.36 -56.13
N CYS A 57 30.35 -14.62 -55.68
CA CYS A 57 29.29 -15.57 -55.37
C CYS A 57 28.31 -15.74 -56.47
N ASP A 58 28.85 -15.80 -57.70
CA ASP A 58 28.00 -16.06 -58.88
C ASP A 58 26.91 -14.99 -59.00
N GLY A 59 27.26 -13.78 -58.55
CA GLY A 59 26.40 -12.60 -58.55
C GLY A 59 25.61 -12.32 -57.27
N GLN A 60 25.77 -13.17 -56.26
CA GLN A 60 24.97 -13.02 -55.05
C GLN A 60 25.42 -11.86 -54.20
N SER A 61 26.65 -11.47 -54.29
CA SER A 61 27.15 -10.35 -53.48
C SER A 61 26.47 -9.10 -54.00
N GLU A 62 26.47 -8.91 -55.33
CA GLU A 62 25.73 -7.81 -55.94
C GLU A 62 24.24 -7.84 -55.68
N ASN A 63 23.63 -9.03 -55.76
CA ASN A 63 22.23 -9.19 -55.55
C ASN A 63 21.80 -8.82 -54.13
N ILE A 64 22.57 -9.31 -53.18
CA ILE A 64 22.39 -8.97 -51.79
C ILE A 64 22.45 -7.44 -51.57
N LEU A 65 23.51 -6.81 -52.09
CA LEU A 65 23.68 -5.36 -51.94
C LEU A 65 22.54 -4.56 -52.58
N GLY A 66 22.06 -5.02 -53.74
CA GLY A 66 20.97 -4.34 -54.44
C GLY A 66 19.65 -4.34 -53.67
N GLY A 67 19.47 -5.36 -52.84
CA GLY A 67 18.27 -5.52 -52.03
C GLY A 67 18.27 -4.82 -50.69
N LEU A 68 19.39 -4.17 -50.35
CA LEU A 68 19.58 -3.53 -49.05
C LEU A 68 18.89 -2.16 -49.00
N GLY A 69 18.28 -1.72 -50.10
CA GLY A 69 17.52 -0.50 -50.13
C GLY A 69 18.37 0.75 -49.89
N LEU A 70 19.60 0.74 -50.40
CA LEU A 70 20.52 1.87 -50.25
C LEU A 70 20.39 2.92 -51.34
N GLY A 71 19.53 2.69 -52.35
CA GLY A 71 19.37 3.67 -53.43
C GLY A 71 20.69 3.96 -54.10
N LEU A 72 21.42 2.91 -54.48
CA LEU A 72 22.74 3.09 -55.09
C LEU A 72 22.64 3.78 -56.45
N GLY A 73 23.64 4.63 -56.72
CA GLY A 73 23.75 5.30 -58.01
C GLY A 73 22.68 6.36 -58.30
N SER A 74 21.80 6.60 -57.34
CA SER A 74 20.81 7.63 -57.49
C SER A 74 21.37 8.82 -56.72
N GLY A 75 22.45 9.41 -57.25
CA GLY A 75 22.96 10.72 -56.76
C GLY A 75 21.81 11.53 -56.17
N ASP A 76 22.01 12.05 -54.96
CA ASP A 76 20.96 12.14 -53.88
C ASP A 76 21.32 11.04 -52.86
N CYS A 77 22.60 10.65 -52.88
CA CYS A 77 23.01 9.34 -52.36
C CYS A 77 24.41 9.37 -51.74
N THR A 78 24.43 8.94 -50.49
CA THR A 78 25.61 8.97 -49.66
C THR A 78 26.58 7.80 -49.89
N VAL A 79 25.98 6.62 -50.05
CA VAL A 79 26.69 5.37 -50.23
C VAL A 79 27.19 5.23 -51.67
N LYS A 80 28.47 4.90 -51.82
CA LYS A 80 29.11 4.77 -53.13
C LYS A 80 29.36 3.28 -53.40
N ILE A 81 29.08 2.85 -54.63
CA ILE A 81 29.27 1.43 -54.99
C ILE A 81 30.38 1.27 -56.05
N ALA A 82 31.26 0.30 -55.87
CA ALA A 82 32.16 -0.14 -56.94
C ALA A 82 31.91 -1.57 -57.34
N THR A 83 31.90 -1.82 -58.65
CA THR A 83 31.96 -3.20 -59.13
C THR A 83 33.03 -3.32 -60.21
N LYS A 84 33.18 -4.55 -60.76
CA LYS A 84 34.31 -4.94 -61.62
C LYS A 84 33.87 -5.98 -62.65
N ALA A 85 34.43 -5.85 -63.86
CA ALA A 85 34.35 -6.83 -64.94
C ALA A 85 35.69 -7.59 -65.11
N ASN A 86 35.56 -8.91 -65.35
CA ASN A 86 36.68 -9.82 -65.35
C ASN A 86 36.68 -10.66 -66.66
N PRO A 87 37.88 -11.11 -67.10
CA PRO A 87 38.04 -11.85 -68.34
C PRO A 87 37.87 -13.36 -68.17
N TRP A 88 37.65 -13.81 -66.96
CA TRP A 88 37.73 -15.24 -66.64
C TRP A 88 36.62 -16.10 -67.23
N GLU A 89 36.92 -17.39 -67.29
CA GLU A 89 36.03 -18.43 -67.71
C GLU A 89 35.50 -18.14 -69.06
N GLY A 90 36.37 -17.61 -69.91
CA GLY A 90 36.05 -17.36 -71.31
C GLY A 90 35.44 -16.02 -71.59
N LYS A 91 35.20 -15.20 -70.58
CA LYS A 91 34.40 -14.00 -70.85
C LYS A 91 35.16 -12.94 -71.59
N SER A 92 36.46 -12.80 -71.32
CA SER A 92 37.29 -11.73 -71.95
C SER A 92 36.86 -10.33 -71.50
N LEU A 93 37.72 -9.36 -71.81
CA LEU A 93 37.37 -7.94 -71.65
C LEU A 93 37.14 -7.24 -73.01
N LYS A 94 36.70 -8.03 -73.97
CA LYS A 94 36.19 -7.47 -75.21
C LYS A 94 34.99 -6.51 -74.90
N PRO A 95 34.78 -5.52 -75.75
CA PRO A 95 33.64 -4.61 -75.60
C PRO A 95 32.26 -5.22 -75.21
N ASP A 96 31.80 -6.23 -75.93
CA ASP A 96 30.50 -6.80 -75.61
C ASP A 96 30.48 -7.44 -74.24
N SER A 97 31.61 -8.03 -73.82
CA SER A 97 31.70 -8.69 -72.55
C SER A 97 31.64 -7.70 -71.38
N ILE A 98 32.47 -6.68 -71.43
CA ILE A 98 32.49 -5.54 -70.48
C ILE A 98 31.08 -4.97 -70.31
N ARG A 99 30.45 -4.66 -71.44
CA ARG A 99 29.10 -4.09 -71.45
C ARG A 99 28.12 -5.06 -70.75
N SER A 100 28.17 -6.33 -71.10
CA SER A 100 27.23 -7.30 -70.52
C SER A 100 27.43 -7.43 -69.02
N GLN A 101 28.69 -7.55 -68.59
CA GLN A 101 28.96 -7.67 -67.18
C GLN A 101 28.45 -6.47 -66.43
N LEU A 102 28.81 -5.26 -66.87
CA LEU A 102 28.36 -4.05 -66.21
C LEU A 102 26.82 -3.96 -66.19
N GLU A 103 26.17 -4.16 -67.33
CA GLU A 103 24.70 -4.07 -67.39
C GLU A 103 24.05 -5.12 -66.43
N THR A 104 24.63 -6.31 -66.36
CA THR A 104 24.16 -7.32 -65.40
C THR A 104 24.34 -6.80 -63.97
N SER A 105 25.51 -6.28 -63.67
CA SER A 105 25.76 -5.76 -62.34
C SER A 105 24.79 -4.66 -61.91
N LEU A 106 24.53 -3.74 -62.82
CA LEU A 106 23.54 -2.70 -62.57
C LEU A 106 22.16 -3.28 -62.23
N LYS A 107 21.76 -4.32 -62.95
CA LYS A 107 20.47 -4.94 -62.65
C LYS A 107 20.50 -5.52 -61.24
N ARG A 108 21.56 -6.23 -60.91
CA ARG A 108 21.60 -6.92 -59.62
C ARG A 108 21.68 -5.90 -58.49
N LEU A 109 22.42 -4.82 -58.73
CA LEU A 109 22.53 -3.76 -57.72
C LEU A 109 21.31 -2.84 -57.66
N GLN A 110 20.37 -3.07 -58.57
CA GLN A 110 19.17 -2.25 -58.64
C GLN A 110 19.55 -0.77 -58.73
N CYS A 111 20.49 -0.48 -59.61
CA CYS A 111 20.92 0.91 -59.75
C CYS A 111 21.26 1.28 -61.16
N PRO A 112 21.08 2.57 -61.49
CA PRO A 112 21.23 3.07 -62.85
C PRO A 112 22.71 3.34 -63.20
N ARG A 113 23.57 3.39 -62.22
CA ARG A 113 24.98 3.58 -62.51
C ARG A 113 25.83 3.34 -61.29
N VAL A 114 27.05 2.86 -61.50
CA VAL A 114 27.97 2.66 -60.38
C VAL A 114 28.91 3.85 -60.24
N ASP A 115 29.40 4.10 -59.03
CA ASP A 115 30.32 5.18 -58.81
C ASP A 115 31.73 4.88 -59.33
N LEU A 116 32.07 3.59 -59.34
CA LEU A 116 33.38 3.11 -59.66
C LEU A 116 33.28 1.74 -60.36
N PHE A 117 33.80 1.67 -61.60
CA PHE A 117 33.85 0.43 -62.39
C PHE A 117 35.30 0.07 -62.69
N TYR A 118 35.69 -1.14 -62.27
CA TYR A 118 37.04 -1.64 -62.51
C TYR A 118 37.12 -2.70 -63.59
N LEU A 119 38.29 -2.68 -64.23
CA LEU A 119 38.83 -3.87 -64.88
C LEU A 119 39.55 -4.72 -63.81
N HIS A 120 38.98 -5.89 -63.54
CA HIS A 120 39.27 -6.66 -62.32
C HIS A 120 40.67 -7.29 -62.40
N ALA A 121 41.05 -7.66 -63.62
CA ALA A 121 42.37 -8.21 -63.89
C ALA A 121 42.58 -8.14 -65.41
N PRO A 122 43.86 -8.06 -65.87
CA PRO A 122 44.13 -7.97 -67.28
C PRO A 122 43.63 -9.13 -68.13
N ASP A 123 43.24 -8.81 -69.35
CA ASP A 123 42.95 -9.78 -70.44
C ASP A 123 44.02 -9.65 -71.50
N HIS A 124 45.02 -10.52 -71.37
CA HIS A 124 46.22 -10.42 -72.18
C HIS A 124 46.01 -10.84 -73.64
N SER A 125 44.81 -11.34 -73.92
CA SER A 125 44.39 -11.74 -75.24
C SER A 125 43.55 -10.71 -75.97
N THR A 126 43.19 -9.62 -75.29
CA THR A 126 42.39 -8.54 -75.88
C THR A 126 43.24 -7.24 -75.79
N PRO A 127 43.56 -6.62 -76.95
CA PRO A 127 44.23 -5.34 -76.96
C PRO A 127 43.55 -4.35 -76.08
N VAL A 128 44.32 -3.70 -75.26
CA VAL A 128 43.75 -2.89 -74.22
C VAL A 128 43.00 -1.70 -74.76
N GLU A 129 43.39 -1.19 -75.94
CA GLU A 129 42.68 -0.04 -76.58
C GLU A 129 41.20 -0.40 -76.85
N GLU A 130 40.94 -1.66 -77.20
CA GLU A 130 39.59 -2.13 -77.45
C GLU A 130 38.74 -2.04 -76.16
N THR A 131 39.29 -2.61 -75.09
CA THR A 131 38.68 -2.52 -73.80
C THR A 131 38.46 -1.04 -73.36
N LEU A 132 39.48 -0.20 -73.53
CA LEU A 132 39.37 1.20 -73.06
C LEU A 132 38.31 2.01 -73.81
N CYS A 133 38.29 1.81 -75.11
CA CYS A 133 37.31 2.49 -75.95
C CYS A 133 35.89 2.15 -75.49
N ALA A 134 35.67 0.88 -75.22
CA ALA A 134 34.39 0.39 -74.69
C ALA A 134 34.03 1.03 -73.31
N CYS A 135 35.01 1.05 -72.41
CA CYS A 135 34.84 1.74 -71.14
C CYS A 135 34.43 3.20 -71.34
N HIS A 136 35.08 3.89 -72.28
CA HIS A 136 34.73 5.26 -72.55
C HIS A 136 33.26 5.38 -73.01
N GLN A 137 32.85 4.53 -73.94
CA GLN A 137 31.46 4.52 -74.39
C GLN A 137 30.43 4.31 -73.27
N LEU A 138 30.68 3.35 -72.40
CA LEU A 138 29.79 3.06 -71.29
C LEU A 138 29.70 4.23 -70.31
N HIS A 139 30.83 4.91 -70.07
CA HIS A 139 30.85 6.13 -69.27
C HIS A 139 30.01 7.20 -69.94
N GLN A 140 30.15 7.38 -71.25
CA GLN A 140 29.35 8.37 -71.95
C GLN A 140 27.87 8.08 -71.81
N GLU A 141 27.49 6.83 -71.72
CA GLU A 141 26.09 6.45 -71.53
C GLU A 141 25.60 6.65 -70.10
N GLY A 142 26.48 7.06 -69.21
CA GLY A 142 26.13 7.32 -67.83
C GLY A 142 26.14 6.10 -66.91
N LYS A 143 26.71 4.99 -67.37
CA LYS A 143 26.64 3.74 -66.62
C LYS A 143 27.65 3.65 -65.47
N PHE A 144 28.69 4.47 -65.50
CA PHE A 144 29.60 4.59 -64.34
C PHE A 144 30.27 5.95 -64.27
N VAL A 145 30.60 6.38 -63.07
CA VAL A 145 31.22 7.69 -62.86
C VAL A 145 32.75 7.66 -63.06
N GLU A 146 33.44 6.84 -62.27
CA GLU A 146 34.87 6.69 -62.40
C GLU A 146 35.27 5.30 -62.88
N LEU A 147 36.39 5.25 -63.61
CA LEU A 147 37.03 4.03 -64.00
C LEU A 147 38.19 3.69 -63.09
N GLY A 148 38.32 2.40 -62.79
CA GLY A 148 39.48 1.89 -62.06
C GLY A 148 40.15 0.70 -62.74
N LEU A 149 41.35 0.38 -62.27
CA LEU A 149 42.09 -0.80 -62.65
C LEU A 149 42.45 -1.59 -61.42
N SER A 150 42.55 -2.92 -61.59
CA SER A 150 43.06 -3.81 -60.56
C SER A 150 43.94 -4.88 -61.21
N ASN A 151 45.08 -5.19 -60.57
CA ASN A 151 45.97 -6.31 -60.93
C ASN A 151 46.73 -6.15 -62.26
N TYR A 152 46.78 -4.90 -62.75
CA TYR A 152 47.65 -4.48 -63.86
C TYR A 152 48.97 -4.05 -63.28
N ALA A 153 50.02 -4.27 -64.05
CA ALA A 153 51.37 -3.87 -63.69
C ALA A 153 51.54 -2.38 -63.92
N SER A 154 52.45 -1.75 -63.13
CA SER A 154 52.61 -0.26 -63.20
C SER A 154 52.74 0.14 -64.64
N TRP A 155 53.58 -0.58 -65.38
CA TRP A 155 53.84 -0.23 -66.76
C TRP A 155 52.61 -0.34 -67.63
N GLU A 156 51.73 -1.28 -67.31
CA GLU A 156 50.48 -1.45 -68.05
C GLU A 156 49.52 -0.30 -67.73
N VAL A 157 49.54 0.12 -66.47
CA VAL A 157 48.79 1.32 -66.05
C VAL A 157 49.26 2.55 -66.84
N ALA A 158 50.57 2.74 -66.94
CA ALA A 158 51.12 3.87 -67.65
C ALA A 158 50.70 3.85 -69.14
N GLU A 159 50.76 2.67 -69.77
CA GLU A 159 50.30 2.53 -71.16
C GLU A 159 48.83 2.97 -71.30
N ILE A 160 47.99 2.52 -70.37
CA ILE A 160 46.57 2.78 -70.42
C ILE A 160 46.32 4.25 -70.22
N CYS A 161 46.87 4.87 -69.18
CA CYS A 161 46.67 6.31 -69.03
C CYS A 161 47.16 7.14 -70.20
N THR A 162 48.32 6.78 -70.73
CA THR A 162 48.87 7.45 -71.88
C THR A 162 47.95 7.30 -73.08
N LEU A 163 47.42 6.10 -73.31
CA LEU A 163 46.49 5.88 -74.44
C LEU A 163 45.19 6.63 -74.31
N CYS A 164 44.63 6.67 -73.10
CA CYS A 164 43.40 7.40 -72.85
C CYS A 164 43.55 8.90 -73.11
N LYS A 165 44.66 9.47 -72.62
CA LYS A 165 44.98 10.89 -72.81
C LYS A 165 44.92 11.23 -74.30
N SER A 166 45.68 10.47 -75.10
CA SER A 166 45.82 10.72 -76.52
C SER A 166 44.55 10.40 -77.31
N ASN A 167 43.69 9.50 -76.82
CA ASN A 167 42.42 9.15 -77.54
C ASN A 167 41.18 9.84 -76.96
N GLY A 168 41.33 10.76 -76.01
CA GLY A 168 40.18 11.37 -75.32
C GLY A 168 39.23 10.41 -74.57
N TRP A 169 39.78 9.35 -73.99
CA TRP A 169 39.02 8.44 -73.17
C TRP A 169 39.16 8.84 -71.71
N ILE A 170 38.13 8.52 -70.93
CA ILE A 170 38.18 8.69 -69.49
C ILE A 170 39.40 7.95 -68.93
N LEU A 171 40.21 8.61 -68.10
CA LEU A 171 41.34 7.93 -67.46
C LEU A 171 40.88 7.19 -66.27
N PRO A 172 41.57 6.08 -65.94
CA PRO A 172 41.27 5.47 -64.66
C PRO A 172 41.78 6.39 -63.54
N THR A 173 41.01 6.51 -62.46
CA THR A 173 41.39 7.35 -61.32
C THR A 173 41.66 6.59 -60.04
N VAL A 174 41.38 5.30 -60.08
CA VAL A 174 41.58 4.40 -58.93
C VAL A 174 42.30 3.15 -59.38
N TYR A 175 43.22 2.66 -58.53
CA TYR A 175 43.86 1.36 -58.67
C TYR A 175 43.57 0.60 -57.39
N GLN A 176 43.10 -0.64 -57.53
CA GLN A 176 42.88 -1.52 -56.38
C GLN A 176 43.95 -2.59 -56.39
N GLY A 177 44.76 -2.63 -55.35
CA GLY A 177 45.94 -3.47 -55.35
C GLY A 177 46.22 -4.21 -54.04
N MET A 178 46.99 -5.29 -54.18
CA MET A 178 47.32 -6.16 -53.06
C MET A 178 48.40 -5.47 -52.21
N TYR A 179 48.06 -5.21 -50.94
CA TYR A 179 48.96 -4.47 -50.04
C TYR A 179 48.68 -4.73 -48.55
N ASN A 180 49.75 -5.09 -47.82
CA ASN A 180 49.69 -5.33 -46.44
C ASN A 180 51.09 -5.28 -45.84
N ALA A 181 51.16 -5.41 -44.51
CA ALA A 181 52.40 -5.18 -43.81
C ALA A 181 53.53 -6.07 -44.30
N THR A 182 53.19 -7.28 -44.79
CA THR A 182 54.13 -8.24 -45.26
C THR A 182 54.06 -8.47 -46.78
N THR A 183 53.37 -7.58 -47.49
CA THR A 183 53.19 -7.67 -48.97
C THR A 183 53.27 -6.28 -49.58
N ARG A 184 54.46 -5.89 -50.03
CA ARG A 184 54.78 -4.48 -50.33
C ARG A 184 55.38 -4.25 -51.71
N GLN A 185 55.20 -5.23 -52.57
CA GLN A 185 55.75 -5.11 -53.92
C GLN A 185 55.31 -3.83 -54.64
N VAL A 186 54.06 -3.44 -54.43
CA VAL A 186 53.52 -2.27 -55.07
C VAL A 186 54.29 -0.96 -54.80
N GLU A 187 55.12 -0.94 -53.74
CA GLU A 187 55.75 0.32 -53.28
C GLU A 187 56.76 0.87 -54.28
N ALA A 188 57.60 -0.01 -54.83
CA ALA A 188 58.74 0.39 -55.65
C ALA A 188 58.40 1.11 -56.95
N GLU A 189 57.43 0.54 -57.68
CA GLU A 189 57.05 1.07 -59.01
C GLU A 189 55.60 1.47 -59.16
N LEU A 190 54.69 0.69 -58.64
CA LEU A 190 53.27 1.00 -58.88
C LEU A 190 52.88 2.34 -58.25
N LEU A 191 53.21 2.51 -56.97
CA LEU A 191 52.81 3.75 -56.27
C LEU A 191 53.37 5.04 -56.94
N PRO A 192 54.65 5.08 -57.24
CA PRO A 192 55.15 6.21 -58.00
C PRO A 192 54.44 6.45 -59.35
N CYS A 193 54.09 5.37 -60.02
CA CYS A 193 53.33 5.47 -61.25
C CYS A 193 51.93 6.11 -61.04
N LEU A 194 51.22 5.63 -60.02
CA LEU A 194 49.86 6.16 -59.72
C LEU A 194 49.93 7.60 -59.29
N ARG A 195 50.99 7.98 -58.56
CA ARG A 195 51.13 9.38 -58.13
C ARG A 195 51.35 10.25 -59.35
N HIS A 196 52.18 9.79 -60.27
CA HIS A 196 52.42 10.53 -61.51
C HIS A 196 51.16 10.77 -62.32
N PHE A 197 50.33 9.73 -62.45
CA PHE A 197 49.16 9.75 -63.34
C PHE A 197 47.86 10.12 -62.61
N GLY A 198 47.94 10.33 -61.29
CA GLY A 198 46.82 10.87 -60.51
C GLY A 198 45.79 9.86 -60.06
N LEU A 199 46.21 8.63 -59.76
CA LEU A 199 45.25 7.63 -59.32
C LEU A 199 45.36 7.52 -57.82
N ARG A 200 44.25 7.31 -57.13
CA ARG A 200 44.29 6.90 -55.74
C ARG A 200 44.39 5.35 -55.62
N PHE A 201 44.86 4.88 -54.50
CA PHE A 201 45.11 3.48 -54.31
C PHE A 201 44.28 2.89 -53.18
N TYR A 202 43.57 1.78 -53.51
CA TYR A 202 42.76 1.04 -52.54
C TYR A 202 43.41 -0.27 -52.33
N ALA A 203 43.66 -0.60 -51.08
CA ALA A 203 44.37 -1.85 -50.72
C ALA A 203 43.40 -3.01 -50.41
N TYR A 204 43.58 -4.11 -51.15
CA TYR A 204 42.94 -5.38 -50.80
C TYR A 204 43.95 -6.32 -50.18
N ASN A 205 43.40 -7.39 -49.61
CA ASN A 205 44.16 -8.35 -48.75
C ASN A 205 44.96 -7.62 -47.64
N PRO A 206 44.30 -6.67 -46.96
CA PRO A 206 44.99 -5.94 -45.91
C PRO A 206 45.46 -6.84 -44.73
N LEU A 207 44.86 -8.02 -44.63
CA LEU A 207 45.23 -9.02 -43.59
C LEU A 207 45.77 -10.28 -44.21
N ALA A 208 46.24 -10.17 -45.44
CA ALA A 208 46.74 -11.29 -46.26
C ALA A 208 45.73 -12.44 -46.34
N GLY A 209 44.47 -12.10 -46.60
CA GLY A 209 43.38 -13.08 -46.64
C GLY A 209 43.05 -13.71 -45.28
N GLY A 210 43.56 -13.10 -44.21
CA GLY A 210 43.40 -13.60 -42.87
C GLY A 210 44.68 -14.22 -42.27
N LEU A 211 45.73 -14.35 -43.06
CA LEU A 211 46.99 -14.87 -42.49
C LEU A 211 47.51 -13.97 -41.38
N LEU A 212 47.36 -12.64 -41.56
CA LEU A 212 47.81 -11.66 -40.60
C LEU A 212 46.94 -11.51 -39.33
N THR A 213 45.98 -12.39 -39.14
CA THR A 213 45.27 -12.53 -37.89
C THR A 213 46.13 -13.29 -36.86
N GLY A 214 47.09 -14.06 -37.34
CA GLY A 214 47.86 -14.99 -36.49
C GLY A 214 47.11 -16.26 -36.12
N LYS A 215 45.93 -16.51 -36.71
CA LYS A 215 45.10 -17.64 -36.30
C LYS A 215 45.57 -19.01 -36.81
N TYR A 216 46.51 -19.02 -37.73
CA TYR A 216 46.97 -20.25 -38.37
C TYR A 216 48.37 -20.66 -37.93
N LYS A 217 48.71 -21.92 -38.14
CA LYS A 217 50.10 -22.45 -38.00
C LYS A 217 50.39 -23.10 -39.37
N TYR A 218 51.65 -23.03 -39.78
CA TYR A 218 52.04 -23.52 -41.09
C TYR A 218 51.50 -24.92 -41.38
N GLU A 219 51.49 -25.78 -40.37
CA GLU A 219 51.22 -27.20 -40.62
C GLU A 219 49.77 -27.51 -40.65
N ASP A 220 48.93 -26.49 -40.46
CA ASP A 220 47.53 -26.57 -40.72
C ASP A 220 47.22 -27.03 -42.12
N LYS A 221 48.15 -26.81 -43.05
CA LYS A 221 47.96 -27.25 -44.44
C LYS A 221 47.95 -28.74 -44.64
N ASP A 222 48.62 -29.44 -43.75
CA ASP A 222 48.65 -30.89 -43.74
C ASP A 222 47.67 -31.52 -42.78
N GLY A 223 47.24 -30.76 -41.78
CA GLY A 223 46.42 -31.29 -40.71
C GLY A 223 45.02 -30.73 -40.70
N LYS A 224 44.80 -29.79 -39.79
CA LYS A 224 43.48 -29.20 -39.53
C LYS A 224 42.75 -28.79 -40.82
N GLN A 225 43.42 -28.09 -41.74
CA GLN A 225 42.82 -27.56 -42.97
C GLN A 225 41.53 -26.84 -42.63
N PRO A 226 41.62 -25.88 -41.76
CA PRO A 226 40.48 -25.14 -41.26
C PRO A 226 39.77 -24.36 -42.40
N VAL A 227 38.48 -24.66 -42.57
CA VAL A 227 37.65 -24.10 -43.61
C VAL A 227 37.65 -22.57 -43.54
N GLY A 228 37.80 -21.93 -44.70
CA GLY A 228 37.92 -20.51 -44.78
C GLY A 228 38.65 -20.13 -46.04
N ARG A 229 39.16 -18.91 -46.05
CA ARG A 229 39.96 -18.37 -47.15
C ARG A 229 40.99 -19.37 -47.74
N PHE A 230 41.66 -20.13 -46.89
CA PHE A 230 42.80 -20.95 -47.32
C PHE A 230 42.47 -22.42 -47.55
N PHE A 231 41.26 -22.88 -47.21
CA PHE A 231 40.86 -24.30 -47.36
C PHE A 231 39.45 -24.44 -47.72
N GLY A 232 39.20 -25.25 -48.76
CA GLY A 232 37.86 -25.71 -49.06
C GLY A 232 37.13 -25.10 -50.26
N ASN A 233 37.61 -24.03 -50.84
CA ASN A 233 36.86 -23.35 -51.87
C ASN A 233 37.77 -23.31 -53.10
N ASN A 234 37.25 -22.76 -54.20
CA ASN A 234 37.97 -22.86 -55.49
C ASN A 234 39.19 -21.93 -55.65
N TRP A 235 39.28 -20.90 -54.80
CA TRP A 235 40.44 -20.03 -54.77
C TRP A 235 41.44 -20.38 -53.66
N ALA A 236 41.18 -21.40 -52.91
CA ALA A 236 41.98 -21.72 -51.78
C ALA A 236 43.47 -21.94 -52.16
N GLU A 237 43.71 -22.76 -53.16
CA GLU A 237 45.09 -23.07 -53.62
C GLU A 237 45.81 -21.82 -54.08
N THR A 238 45.05 -20.95 -54.74
CA THR A 238 45.59 -19.67 -55.20
C THR A 238 46.02 -18.83 -54.01
N TYR A 239 45.15 -18.76 -53.01
CA TYR A 239 45.50 -18.10 -51.72
C TYR A 239 46.68 -18.70 -51.01
N ARG A 240 46.79 -20.02 -50.99
CA ARG A 240 47.91 -20.65 -50.30
C ARG A 240 49.23 -20.37 -51.02
N ASN A 241 49.20 -20.44 -52.33
CA ASN A 241 50.37 -20.06 -53.14
C ASN A 241 50.73 -18.57 -52.94
N ARG A 242 49.74 -17.73 -52.71
CA ARG A 242 49.98 -16.31 -52.52
C ARG A 242 50.67 -16.06 -51.23
N PHE A 243 50.17 -16.67 -50.16
CA PHE A 243 50.58 -16.26 -48.80
C PHE A 243 51.09 -17.37 -47.88
N TRP A 244 50.74 -18.64 -48.15
CA TRP A 244 50.96 -19.69 -47.15
C TRP A 244 52.36 -20.21 -47.26
N LYS A 245 53.32 -19.44 -46.69
CA LYS A 245 54.74 -19.73 -46.79
C LYS A 245 55.34 -19.70 -45.43
N GLU A 246 56.24 -20.64 -45.20
CA GLU A 246 56.94 -20.83 -43.93
C GLU A 246 57.59 -19.54 -43.40
N HIS A 247 58.25 -18.78 -44.27
CA HIS A 247 58.82 -17.49 -43.86
C HIS A 247 57.81 -16.47 -43.49
N HIS A 248 56.61 -16.55 -44.06
CA HIS A 248 55.52 -15.67 -43.69
C HIS A 248 55.06 -15.95 -42.28
N PHE A 249 54.92 -17.23 -41.93
CA PHE A 249 54.61 -17.63 -40.54
C PHE A 249 55.70 -17.14 -39.53
N GLU A 250 56.98 -17.36 -39.88
CA GLU A 250 58.07 -16.85 -39.08
C GLU A 250 57.98 -15.37 -38.88
N ALA A 251 57.65 -14.67 -39.94
CA ALA A 251 57.57 -13.22 -39.93
C ALA A 251 56.45 -12.75 -38.99
N ILE A 252 55.31 -13.42 -39.06
CA ILE A 252 54.22 -13.14 -38.15
C ILE A 252 54.56 -13.38 -36.67
N ALA A 253 55.22 -14.49 -36.40
CA ALA A 253 55.68 -14.78 -35.05
C ALA A 253 56.61 -13.72 -34.47
N LEU A 254 57.45 -13.18 -35.32
CA LEU A 254 58.33 -12.06 -34.99
C LEU A 254 57.52 -10.89 -34.49
N VAL A 255 56.44 -10.59 -35.20
CA VAL A 255 55.62 -9.46 -34.86
C VAL A 255 54.84 -9.72 -33.56
N GLU A 256 54.34 -10.94 -33.40
CA GLU A 256 53.61 -11.30 -32.21
C GLU A 256 54.51 -11.14 -30.96
N LYS A 257 55.79 -11.56 -31.08
CA LYS A 257 56.76 -11.48 -30.02
C LYS A 257 57.01 -10.00 -29.71
N ALA A 258 57.17 -9.17 -30.72
CA ALA A 258 57.32 -7.71 -30.50
C ALA A 258 56.12 -7.06 -29.80
N LEU A 259 54.91 -7.54 -30.12
CA LEU A 259 53.69 -7.00 -29.50
C LEU A 259 53.64 -7.35 -28.00
N GLN A 260 54.06 -8.58 -27.65
CA GLN A 260 54.13 -9.04 -26.29
C GLN A 260 55.20 -8.30 -25.46
N THR A 261 56.42 -8.19 -26.00
CA THR A 261 57.50 -7.49 -25.38
C THR A 261 57.13 -6.03 -25.20
N THR A 262 56.56 -5.39 -26.21
CA THR A 262 56.30 -3.95 -26.15
C THR A 262 55.10 -3.57 -25.24
N TYR A 263 54.04 -4.36 -25.28
CA TYR A 263 52.76 -4.00 -24.66
C TYR A 263 52.33 -4.91 -23.54
N GLY A 264 52.93 -6.08 -23.44
CA GLY A 264 52.56 -7.01 -22.40
C GLY A 264 51.11 -7.44 -22.48
N THR A 265 50.43 -7.41 -21.34
CA THR A 265 49.05 -7.84 -21.24
C THR A 265 48.08 -6.91 -21.99
N ASN A 266 48.52 -5.68 -22.21
CA ASN A 266 47.77 -4.76 -23.04
C ASN A 266 48.01 -4.90 -24.55
N ALA A 267 48.63 -5.99 -24.99
CA ALA A 267 49.03 -6.07 -26.36
C ALA A 267 47.81 -6.14 -27.28
N PRO A 268 47.78 -5.31 -28.36
CA PRO A 268 46.74 -5.56 -29.34
C PRO A 268 46.86 -6.89 -30.01
N ARG A 269 45.75 -7.38 -30.47
CA ARG A 269 45.75 -8.56 -31.35
C ARG A 269 46.47 -8.33 -32.67
N MET A 270 47.08 -9.38 -33.20
CA MET A 270 47.82 -9.33 -34.46
C MET A 270 46.92 -8.71 -35.52
N THR A 271 45.64 -9.12 -35.58
CA THR A 271 44.71 -8.48 -36.51
C THR A 271 44.70 -6.95 -36.39
N SER A 272 44.57 -6.47 -35.17
CA SER A 272 44.41 -5.05 -34.95
C SER A 272 45.78 -4.36 -35.27
N ALA A 273 46.92 -4.99 -34.95
CA ALA A 273 48.27 -4.47 -35.29
C ALA A 273 48.46 -4.31 -36.82
N ALA A 274 48.08 -5.35 -37.55
CA ALA A 274 48.17 -5.42 -38.98
C ALA A 274 47.39 -4.35 -39.70
N LEU A 275 46.17 -4.12 -39.23
CA LEU A 275 45.35 -3.04 -39.76
C LEU A 275 45.89 -1.64 -39.39
N ARG A 276 46.35 -1.49 -38.16
CA ARG A 276 46.92 -0.23 -37.73
C ARG A 276 48.19 0.15 -38.52
N TRP A 277 48.96 -0.87 -38.89
CA TRP A 277 50.08 -0.68 -39.83
C TRP A 277 49.62 0.06 -41.12
N MET A 278 48.53 -0.46 -41.69
CA MET A 278 47.96 0.10 -42.89
C MET A 278 47.60 1.54 -42.75
N TYR A 279 46.87 1.85 -41.67
CA TYR A 279 46.33 3.20 -41.49
C TYR A 279 47.36 4.20 -41.05
N HIS A 280 48.46 3.75 -40.41
CA HIS A 280 49.44 4.66 -39.82
C HIS A 280 50.86 4.59 -40.32
N HIS A 281 51.27 3.43 -40.84
CA HIS A 281 52.66 3.13 -41.05
C HIS A 281 52.96 2.66 -42.48
N SER A 282 51.97 2.67 -43.35
CA SER A 282 52.12 2.24 -44.75
C SER A 282 52.38 3.47 -45.62
N GLN A 283 52.51 3.26 -46.92
CA GLN A 283 52.63 4.36 -47.86
C GLN A 283 51.29 4.85 -48.37
N LEU A 284 50.18 4.33 -47.84
CA LEU A 284 48.88 4.92 -48.18
C LEU A 284 48.85 6.38 -47.65
N GLN A 285 48.32 7.30 -48.44
CA GLN A 285 48.12 8.70 -48.08
C GLN A 285 46.61 9.04 -48.19
N GLY A 286 45.96 9.27 -47.06
CA GLY A 286 44.62 9.70 -46.99
C GLY A 286 44.34 10.99 -47.68
N THR A 287 45.29 11.93 -47.70
CA THR A 287 45.13 13.15 -48.48
C THR A 287 44.99 12.90 -49.96
N ARG A 288 45.52 11.79 -50.47
CA ARG A 288 45.35 11.43 -51.88
C ARG A 288 44.11 10.66 -52.16
N GLY A 289 43.33 10.33 -51.12
CA GLY A 289 42.12 9.52 -51.29
C GLY A 289 42.37 8.03 -51.18
N ASP A 290 43.59 7.65 -50.82
CA ASP A 290 43.93 6.23 -50.65
C ASP A 290 43.05 5.60 -49.56
N ALA A 291 42.83 4.31 -49.66
CA ALA A 291 41.92 3.61 -48.76
C ALA A 291 42.34 2.17 -48.50
N VAL A 292 41.82 1.63 -47.40
CA VAL A 292 41.94 0.22 -47.09
C VAL A 292 40.62 -0.40 -47.29
N ILE A 293 40.58 -1.54 -47.98
CA ILE A 293 39.37 -2.33 -48.13
C ILE A 293 39.39 -3.42 -47.10
N LEU A 294 38.53 -3.28 -46.10
CA LEU A 294 38.36 -4.32 -45.12
C LEU A 294 37.67 -5.60 -45.65
N GLY A 295 38.09 -6.74 -45.09
CA GLY A 295 37.50 -8.04 -45.39
C GLY A 295 37.03 -8.73 -44.13
N MET A 296 36.04 -9.58 -44.30
CA MET A 296 35.39 -10.31 -43.20
C MET A 296 34.62 -11.41 -43.82
N SER A 297 34.41 -12.47 -43.03
CA SER A 297 33.40 -13.48 -43.36
C SER A 297 32.31 -13.53 -42.28
N SER A 298 32.33 -12.58 -41.35
CA SER A 298 31.30 -12.46 -40.32
C SER A 298 31.21 -11.02 -39.84
N LEU A 299 30.07 -10.69 -39.23
CA LEU A 299 29.84 -9.41 -38.61
C LEU A 299 30.81 -9.15 -37.50
N GLU A 300 31.02 -10.17 -36.69
CA GLU A 300 31.88 -10.12 -35.55
C GLU A 300 33.33 -9.77 -35.95
N GLN A 301 33.84 -10.40 -37.01
CA GLN A 301 35.15 -10.05 -37.59
C GLN A 301 35.17 -8.59 -38.04
N LEU A 302 34.12 -8.17 -38.69
CA LEU A 302 34.06 -6.81 -39.19
C LEU A 302 34.12 -5.77 -38.04
N GLU A 303 33.39 -6.04 -36.96
CA GLU A 303 33.35 -5.12 -35.82
C GLU A 303 34.72 -5.02 -35.19
N GLN A 304 35.39 -6.15 -35.03
CA GLN A 304 36.77 -6.13 -34.61
C GLN A 304 37.59 -5.25 -35.49
N ASN A 305 37.46 -5.44 -36.81
CA ASN A 305 38.27 -4.72 -37.77
C ASN A 305 37.98 -3.23 -37.78
N LEU A 306 36.71 -2.89 -37.75
CA LEU A 306 36.29 -1.50 -37.63
C LEU A 306 36.87 -0.78 -36.39
N ALA A 307 36.94 -1.48 -35.26
CA ALA A 307 37.51 -0.90 -34.05
C ALA A 307 38.97 -0.65 -34.27
N ALA A 308 39.65 -1.63 -34.87
CA ALA A 308 41.13 -1.48 -35.12
C ALA A 308 41.47 -0.28 -35.95
N THR A 309 40.59 0.05 -36.91
CA THR A 309 40.84 1.15 -37.83
C THR A 309 40.82 2.47 -37.15
N GLU A 310 40.19 2.52 -35.98
CA GLU A 310 40.08 3.72 -35.18
C GLU A 310 41.15 3.88 -34.11
N GLU A 311 41.92 2.81 -33.89
CA GLU A 311 43.03 2.85 -32.96
C GLU A 311 44.20 3.73 -33.55
N GLY A 312 45.16 4.02 -32.69
CA GLY A 312 46.21 4.92 -33.11
C GLY A 312 47.42 4.21 -33.66
N PRO A 313 48.49 4.97 -33.83
CA PRO A 313 49.78 4.40 -34.24
C PRO A 313 50.29 3.31 -33.31
N LEU A 314 51.18 2.47 -33.82
CA LEU A 314 51.84 1.49 -33.05
C LEU A 314 53.17 2.06 -32.56
N GLU A 315 53.70 1.42 -31.51
CA GLU A 315 54.97 1.75 -30.97
C GLU A 315 56.07 1.43 -31.95
N PRO A 316 57.11 2.24 -31.94
CA PRO A 316 58.26 2.05 -32.85
C PRO A 316 58.83 0.60 -32.98
N ALA A 317 58.99 -0.06 -31.85
CA ALA A 317 59.52 -1.42 -31.79
C ALA A 317 58.64 -2.36 -32.62
N VAL A 318 57.36 -2.13 -32.60
CA VAL A 318 56.41 -2.96 -33.36
C VAL A 318 56.43 -2.64 -34.86
N VAL A 319 56.52 -1.35 -35.18
CA VAL A 319 56.67 -0.92 -36.55
C VAL A 319 57.97 -1.53 -37.13
N GLU A 320 59.05 -1.50 -36.35
CA GLU A 320 60.34 -2.13 -36.76
C GLU A 320 60.17 -3.61 -37.02
N ALA A 321 59.42 -4.25 -36.14
CA ALA A 321 59.19 -5.70 -36.31
C ALA A 321 58.44 -5.99 -37.60
N PHE A 322 57.46 -5.14 -37.95
CA PHE A 322 56.76 -5.28 -39.22
C PHE A 322 57.77 -5.10 -40.39
N ASP A 323 58.76 -4.25 -40.27
CA ASP A 323 59.74 -4.12 -41.33
C ASP A 323 60.60 -5.32 -41.47
N GLN A 324 61.02 -5.85 -40.35
CA GLN A 324 61.78 -7.09 -40.33
C GLN A 324 61.00 -8.23 -40.94
N ALA A 325 59.72 -8.25 -40.67
CA ALA A 325 58.83 -9.28 -41.15
C ALA A 325 58.71 -9.27 -42.67
N TRP A 326 58.54 -8.08 -43.25
CA TRP A 326 58.62 -7.89 -44.71
C TRP A 326 60.00 -8.31 -45.26
N ASN A 327 61.07 -7.91 -44.61
CA ASN A 327 62.40 -8.29 -45.08
C ASN A 327 62.59 -9.82 -45.18
N MET A 328 61.90 -10.56 -44.35
CA MET A 328 61.94 -12.01 -44.41
C MET A 328 61.23 -12.66 -45.57
N VAL A 329 60.15 -12.02 -46.02
CA VAL A 329 59.30 -12.59 -47.08
C VAL A 329 59.44 -11.91 -48.45
N ALA A 330 60.16 -10.78 -48.49
CA ALA A 330 60.22 -9.94 -49.66
C ALA A 330 60.66 -10.72 -50.90
N HIS A 331 61.64 -11.63 -50.74
CA HIS A 331 62.13 -12.41 -51.85
C HIS A 331 61.13 -13.39 -52.41
N GLU A 332 60.05 -13.69 -51.71
CA GLU A 332 59.01 -14.54 -52.23
C GLU A 332 57.61 -13.88 -52.21
N CYS A 333 57.59 -12.57 -52.30
CA CYS A 333 56.37 -11.82 -52.35
C CYS A 333 55.58 -12.18 -53.61
N PRO A 334 54.27 -12.41 -53.48
CA PRO A 334 53.45 -12.58 -54.63
C PRO A 334 53.27 -11.31 -55.49
N ASN A 335 53.05 -11.53 -56.78
CA ASN A 335 52.93 -10.44 -57.72
C ASN A 335 51.59 -9.76 -57.57
N TYR A 336 51.65 -8.43 -57.45
CA TYR A 336 50.45 -7.63 -57.43
C TYR A 336 49.73 -7.59 -58.76
N PHE A 337 50.44 -8.00 -59.81
CA PHE A 337 49.99 -7.93 -61.20
C PHE A 337 49.76 -9.32 -61.72
N ARG A 338 48.85 -9.47 -62.68
CA ARG A 338 48.48 -10.77 -63.23
C ARG A 338 48.41 -10.79 -64.75
N LEU B 15 -16.27 -60.27 -62.81
CA LEU B 15 -16.43 -58.81 -62.69
C LEU B 15 -16.10 -58.43 -61.22
N ARG B 16 -14.81 -58.27 -60.94
CA ARG B 16 -14.45 -57.79 -59.64
C ARG B 16 -14.42 -56.24 -59.73
N PRO B 17 -14.70 -55.57 -58.61
CA PRO B 17 -14.64 -54.14 -58.70
C PRO B 17 -13.36 -53.61 -59.37
N ALA B 18 -13.53 -52.49 -60.05
CA ALA B 18 -12.42 -51.80 -60.66
C ALA B 18 -11.52 -51.13 -59.61
N THR B 19 -10.34 -50.71 -60.09
CA THR B 19 -9.37 -50.08 -59.23
C THR B 19 -8.99 -48.73 -59.80
N VAL B 20 -9.21 -47.72 -58.94
CA VAL B 20 -8.94 -46.29 -59.20
C VAL B 20 -7.78 -45.85 -58.31
N LEU B 21 -6.92 -44.98 -58.85
CA LEU B 21 -5.77 -44.47 -58.12
C LEU B 21 -6.07 -43.15 -57.41
N GLY B 22 -5.94 -43.15 -56.09
CA GLY B 22 -6.06 -41.94 -55.32
C GLY B 22 -4.79 -41.11 -55.34
N THR B 23 -4.95 -39.79 -55.50
CA THR B 23 -3.79 -38.88 -55.70
C THR B 23 -3.69 -37.80 -54.64
N MET B 24 -4.42 -37.96 -53.55
CA MET B 24 -4.42 -37.00 -52.45
C MET B 24 -3.03 -36.69 -51.91
N GLU B 25 -2.11 -37.64 -51.91
CA GLU B 25 -0.81 -37.41 -51.28
C GLU B 25 0.28 -36.96 -52.24
N MET B 26 -0.05 -36.84 -53.53
CA MET B 26 0.85 -36.29 -54.53
C MET B 26 0.92 -34.80 -54.34
N GLY B 27 2.11 -34.36 -53.94
CA GLY B 27 2.34 -32.99 -53.59
C GLY B 27 2.50 -32.84 -52.09
N ARG B 28 2.25 -33.88 -51.31
CA ARG B 28 2.42 -33.76 -49.87
C ARG B 28 3.54 -34.71 -49.45
N ARG B 29 3.22 -35.97 -49.19
CA ARG B 29 4.26 -36.89 -48.82
C ARG B 29 4.96 -37.43 -50.08
N MET B 30 4.28 -37.39 -51.23
CA MET B 30 4.84 -37.93 -52.47
C MET B 30 5.25 -36.82 -53.45
N ASP B 31 6.53 -36.89 -53.89
CA ASP B 31 7.07 -35.91 -54.80
C ASP B 31 6.79 -36.31 -56.25
N ALA B 32 7.12 -35.44 -57.22
CA ALA B 32 6.80 -35.65 -58.65
C ALA B 32 7.34 -37.00 -59.12
N SER B 33 8.50 -37.33 -58.59
CA SER B 33 9.15 -38.58 -58.91
C SER B 33 8.40 -39.83 -58.41
N ALA B 34 8.11 -39.83 -57.13
CA ALA B 34 7.33 -40.91 -56.49
C ALA B 34 5.94 -41.03 -57.08
N SER B 35 5.35 -39.88 -57.45
CA SER B 35 4.05 -39.83 -58.07
C SER B 35 4.07 -40.45 -59.46
N ALA B 36 5.06 -40.10 -60.28
CA ALA B 36 5.25 -40.68 -61.62
C ALA B 36 5.42 -42.21 -61.59
N ALA B 37 6.21 -42.66 -60.61
CA ALA B 37 6.48 -44.06 -60.41
C ALA B 37 5.21 -44.84 -60.07
N SER B 38 4.39 -44.21 -59.24
CA SER B 38 3.16 -44.81 -58.75
C SER B 38 2.12 -44.96 -59.86
N VAL B 39 1.96 -43.94 -60.66
CA VAL B 39 1.06 -43.99 -61.79
C VAL B 39 1.52 -45.11 -62.73
N ARG B 40 2.83 -45.13 -63.03
CA ARG B 40 3.44 -46.17 -63.86
C ARG B 40 3.07 -47.57 -63.35
N ALA B 41 3.30 -47.78 -62.07
CA ALA B 41 3.01 -49.06 -61.43
C ALA B 41 1.54 -49.42 -61.58
N PHE B 42 0.68 -48.42 -61.36
CA PHE B 42 -0.77 -48.55 -61.45
C PHE B 42 -1.21 -48.97 -62.85
N LEU B 43 -0.66 -48.27 -63.85
CA LEU B 43 -1.00 -48.52 -65.21
C LEU B 43 -0.47 -49.85 -65.70
N GLU B 44 0.69 -50.26 -65.20
CA GLU B 44 1.28 -51.57 -65.53
C GLU B 44 0.40 -52.75 -65.11
N ARG B 45 -0.41 -52.59 -64.08
CA ARG B 45 -1.37 -53.63 -63.69
C ARG B 45 -2.66 -53.62 -64.55
N GLY B 46 -2.73 -52.73 -65.54
CA GLY B 46 -3.82 -52.69 -66.51
C GLY B 46 -4.96 -51.77 -66.12
N HIS B 47 -4.80 -51.03 -65.02
CA HIS B 47 -5.83 -50.07 -64.59
C HIS B 47 -5.66 -48.76 -65.39
N SER B 48 -6.70 -47.91 -65.30
CA SER B 48 -6.77 -46.69 -66.14
C SER B 48 -7.34 -45.41 -65.50
N GLU B 49 -8.06 -45.47 -64.38
CA GLU B 49 -8.69 -44.25 -63.79
C GLU B 49 -7.92 -43.64 -62.61
N LEU B 50 -7.78 -42.31 -62.66
CA LEU B 50 -7.09 -41.54 -61.63
C LEU B 50 -8.05 -40.58 -60.97
N ASP B 51 -7.91 -40.42 -59.65
CA ASP B 51 -8.75 -39.49 -58.84
C ASP B 51 -7.94 -38.40 -58.21
N THR B 52 -8.29 -37.17 -58.56
CA THR B 52 -7.72 -36.02 -57.89
C THR B 52 -8.85 -35.03 -57.51
N ALA B 53 -8.45 -33.83 -57.08
CA ALA B 53 -9.36 -32.74 -56.74
C ALA B 53 -8.64 -31.41 -56.84
N PHE B 54 -9.44 -30.37 -57.08
CA PHE B 54 -9.01 -28.96 -56.99
C PHE B 54 -8.27 -28.75 -55.66
N MET B 55 -8.83 -29.34 -54.61
CA MET B 55 -8.34 -29.12 -53.28
C MET B 55 -6.92 -29.64 -53.01
N TYR B 56 -6.55 -30.80 -53.57
CA TYR B 56 -5.43 -31.55 -53.02
C TYR B 56 -4.11 -30.81 -53.25
N CYS B 57 -3.44 -30.55 -52.13
CA CYS B 57 -2.12 -29.92 -52.03
C CYS B 57 -2.07 -28.59 -52.71
N ASP B 58 -3.14 -27.82 -52.50
CA ASP B 58 -3.25 -26.45 -52.99
C ASP B 58 -3.04 -26.43 -54.51
N GLY B 59 -3.50 -27.52 -55.14
CA GLY B 59 -3.39 -27.66 -56.56
C GLY B 59 -2.21 -28.47 -57.07
N GLN B 60 -1.31 -28.91 -56.19
CA GLN B 60 -0.08 -29.59 -56.62
C GLN B 60 -0.30 -31.01 -57.12
N SER B 61 -1.32 -31.68 -56.57
CA SER B 61 -1.67 -33.02 -57.04
C SER B 61 -2.05 -32.96 -58.54
N GLU B 62 -2.91 -32.01 -58.88
CA GLU B 62 -3.29 -31.77 -60.30
C GLU B 62 -2.10 -31.32 -61.17
N ASN B 63 -1.25 -30.43 -60.64
CA ASN B 63 -0.11 -29.97 -61.39
C ASN B 63 0.83 -31.09 -61.72
N ILE B 64 1.09 -31.93 -60.71
CA ILE B 64 1.96 -33.11 -60.88
C ILE B 64 1.37 -34.02 -61.96
N LEU B 65 0.08 -34.29 -61.87
CA LEU B 65 -0.54 -35.21 -62.82
C LEU B 65 -0.46 -34.62 -64.23
N GLY B 66 -0.67 -33.32 -64.30
CA GLY B 66 -0.65 -32.64 -65.58
C GLY B 66 0.72 -32.65 -66.26
N GLY B 67 1.78 -32.80 -65.45
CA GLY B 67 3.15 -32.87 -65.95
C GLY B 67 3.62 -34.28 -66.34
N LEU B 68 2.78 -35.29 -66.17
CA LEU B 68 3.20 -36.67 -66.38
C LEU B 68 3.16 -37.08 -67.85
N GLY B 69 2.69 -36.17 -68.69
CA GLY B 69 2.63 -36.39 -70.12
C GLY B 69 1.68 -37.51 -70.53
N LEU B 70 0.56 -37.61 -69.85
CA LEU B 70 -0.40 -38.67 -70.12
C LEU B 70 -1.39 -38.29 -71.23
N GLY B 71 -1.33 -37.04 -71.69
CA GLY B 71 -2.30 -36.54 -72.67
C GLY B 71 -3.75 -36.64 -72.21
N LEU B 72 -4.02 -36.21 -70.97
CA LEU B 72 -5.35 -36.37 -70.36
C LEU B 72 -6.44 -35.64 -71.14
N GLY B 73 -7.62 -36.25 -71.26
CA GLY B 73 -8.76 -35.61 -71.87
C GLY B 73 -8.71 -35.51 -73.37
N SER B 74 -7.64 -36.02 -73.97
CA SER B 74 -7.47 -36.00 -75.41
C SER B 74 -7.88 -37.38 -75.90
N GLY B 75 -9.18 -37.71 -75.74
CA GLY B 75 -9.79 -38.93 -76.30
C GLY B 75 -9.00 -39.29 -77.55
N ASP B 76 -8.63 -40.57 -77.67
CA ASP B 76 -7.34 -41.04 -78.27
C ASP B 76 -6.43 -41.36 -77.06
N CYS B 77 -7.09 -41.71 -75.95
CA CYS B 77 -6.47 -41.67 -74.66
C CYS B 77 -7.08 -42.72 -73.71
N THR B 78 -6.17 -43.51 -73.15
CA THR B 78 -6.54 -44.68 -72.37
C THR B 78 -6.81 -44.33 -70.91
N VAL B 79 -6.01 -43.40 -70.38
CA VAL B 79 -6.07 -42.97 -68.98
C VAL B 79 -7.19 -41.97 -68.78
N LYS B 80 -8.01 -42.22 -67.75
CA LYS B 80 -9.13 -41.35 -67.42
C LYS B 80 -8.79 -40.53 -66.17
N ILE B 81 -9.26 -39.28 -66.17
CA ILE B 81 -9.02 -38.39 -65.04
C ILE B 81 -10.34 -37.93 -64.44
N ALA B 82 -10.38 -37.94 -63.10
CA ALA B 82 -11.47 -37.28 -62.37
C ALA B 82 -10.91 -36.18 -61.47
N THR B 83 -11.62 -35.06 -61.44
CA THR B 83 -11.39 -34.08 -60.38
C THR B 83 -12.73 -33.62 -59.81
N LYS B 84 -12.64 -32.67 -58.86
CA LYS B 84 -13.76 -32.25 -58.01
C LYS B 84 -13.67 -30.78 -57.65
N ALA B 85 -14.85 -30.17 -57.55
CA ALA B 85 -15.00 -28.79 -57.03
C ALA B 85 -15.64 -28.81 -55.64
N ASN B 86 -15.12 -27.98 -54.75
CA ASN B 86 -15.57 -27.93 -53.38
C ASN B 86 -16.04 -26.51 -52.96
N PRO B 87 -16.95 -26.43 -51.99
CA PRO B 87 -17.41 -25.16 -51.47
C PRO B 87 -16.56 -24.48 -50.37
N TRP B 88 -15.42 -25.07 -50.00
CA TRP B 88 -14.76 -24.69 -48.76
C TRP B 88 -13.99 -23.38 -48.91
N GLU B 89 -13.59 -22.88 -47.75
CA GLU B 89 -12.82 -21.67 -47.64
C GLU B 89 -13.47 -20.52 -48.41
N GLY B 90 -14.78 -20.43 -48.29
CA GLY B 90 -15.52 -19.33 -48.89
C GLY B 90 -15.87 -19.51 -50.36
N LYS B 91 -15.44 -20.60 -50.99
CA LYS B 91 -15.61 -20.66 -52.45
C LYS B 91 -17.06 -20.92 -52.86
N SER B 92 -17.79 -21.74 -52.11
CA SER B 92 -19.14 -22.13 -52.49
C SER B 92 -19.18 -22.97 -53.76
N LEU B 93 -20.35 -23.54 -54.03
CA LEU B 93 -20.63 -24.24 -55.25
C LEU B 93 -21.63 -23.42 -56.10
N LYS B 94 -21.55 -22.09 -55.97
CA LYS B 94 -22.19 -21.19 -56.92
C LYS B 94 -21.60 -21.41 -58.36
N PRO B 95 -22.38 -21.08 -59.39
CA PRO B 95 -21.95 -21.22 -60.75
C PRO B 95 -20.58 -20.66 -61.09
N ASP B 96 -20.27 -19.42 -60.70
CA ASP B 96 -18.95 -18.84 -60.97
C ASP B 96 -17.80 -19.62 -60.32
N SER B 97 -18.03 -20.09 -59.12
CA SER B 97 -17.04 -20.83 -58.39
C SER B 97 -16.73 -22.19 -59.04
N ILE B 98 -17.78 -22.93 -59.36
CA ILE B 98 -17.70 -24.20 -60.04
C ILE B 98 -16.90 -24.10 -61.33
N ARG B 99 -17.27 -23.11 -62.13
CA ARG B 99 -16.58 -22.83 -63.35
C ARG B 99 -15.11 -22.53 -63.11
N SER B 100 -14.83 -21.62 -62.17
CA SER B 100 -13.43 -21.24 -61.91
C SER B 100 -12.61 -22.44 -61.49
N GLN B 101 -13.14 -23.23 -60.58
CA GLN B 101 -12.42 -24.39 -60.07
C GLN B 101 -12.11 -25.39 -61.21
N LEU B 102 -13.11 -25.69 -62.00
CA LEU B 102 -12.90 -26.64 -63.11
C LEU B 102 -11.90 -26.11 -64.15
N GLU B 103 -12.05 -24.84 -64.52
CA GLU B 103 -11.16 -24.24 -65.47
C GLU B 103 -9.74 -24.23 -64.95
N THR B 104 -9.58 -24.00 -63.67
CA THR B 104 -8.27 -24.02 -63.02
C THR B 104 -7.68 -25.42 -63.03
N SER B 105 -8.55 -26.37 -62.70
CA SER B 105 -8.20 -27.79 -62.73
C SER B 105 -7.68 -28.23 -64.10
N LEU B 106 -8.41 -27.89 -65.17
CA LEU B 106 -8.04 -28.25 -66.53
C LEU B 106 -6.68 -27.64 -66.91
N LYS B 107 -6.42 -26.43 -66.45
CA LYS B 107 -5.15 -25.78 -66.73
C LYS B 107 -4.01 -26.59 -66.08
N ARG B 108 -4.16 -26.91 -64.81
CA ARG B 108 -3.13 -27.65 -64.07
C ARG B 108 -2.94 -29.06 -64.62
N LEU B 109 -4.05 -29.70 -64.98
CA LEU B 109 -4.01 -31.05 -65.58
C LEU B 109 -3.51 -31.05 -67.02
N GLN B 110 -3.39 -29.85 -67.59
CA GLN B 110 -2.94 -29.67 -68.97
C GLN B 110 -3.86 -30.46 -69.87
N CYS B 111 -5.17 -30.26 -69.70
CA CYS B 111 -6.08 -30.98 -70.51
C CYS B 111 -7.34 -30.19 -70.85
N PRO B 112 -7.99 -30.53 -71.99
CA PRO B 112 -9.14 -29.75 -72.44
C PRO B 112 -10.44 -30.18 -71.79
N ARG B 113 -10.46 -31.36 -71.18
CA ARG B 113 -11.60 -31.77 -70.43
C ARG B 113 -11.27 -32.95 -69.54
N VAL B 114 -12.06 -33.11 -68.47
CA VAL B 114 -11.91 -34.26 -67.60
C VAL B 114 -12.99 -35.29 -67.91
N ASP B 115 -12.70 -36.55 -67.61
CA ASP B 115 -13.65 -37.62 -67.86
C ASP B 115 -14.79 -37.59 -66.82
N LEU B 116 -14.45 -37.15 -65.62
CA LEU B 116 -15.38 -37.16 -64.52
C LEU B 116 -15.13 -35.94 -63.62
N PHE B 117 -16.20 -35.19 -63.37
CA PHE B 117 -16.18 -34.00 -62.52
C PHE B 117 -17.19 -34.16 -61.42
N TYR B 118 -16.67 -34.09 -60.19
CA TYR B 118 -17.47 -34.20 -59.00
C TYR B 118 -17.74 -32.91 -58.28
N LEU B 119 -18.93 -32.88 -57.67
CA LEU B 119 -19.21 -32.03 -56.52
C LEU B 119 -18.69 -32.78 -55.30
N HIS B 120 -17.66 -32.21 -54.70
CA HIS B 120 -16.80 -32.86 -53.71
C HIS B 120 -17.52 -33.07 -52.38
N ALA B 121 -18.36 -32.09 -52.04
CA ALA B 121 -19.19 -32.15 -50.85
C ALA B 121 -20.28 -31.11 -50.99
N PRO B 122 -21.43 -31.33 -50.31
CA PRO B 122 -22.53 -30.35 -50.39
C PRO B 122 -22.17 -28.92 -49.97
N ASP B 123 -22.80 -27.98 -50.68
CA ASP B 123 -22.84 -26.58 -50.20
C ASP B 123 -24.29 -26.30 -49.78
N HIS B 124 -24.52 -26.35 -48.48
CA HIS B 124 -25.88 -26.20 -47.97
C HIS B 124 -26.45 -24.77 -48.09
N SER B 125 -25.57 -23.83 -48.43
CA SER B 125 -25.91 -22.41 -48.60
C SER B 125 -26.25 -22.01 -50.04
N THR B 126 -26.04 -22.92 -50.98
CA THR B 126 -26.37 -22.67 -52.35
C THR B 126 -27.46 -23.65 -52.80
N PRO B 127 -28.63 -23.14 -53.19
CA PRO B 127 -29.61 -24.07 -53.80
C PRO B 127 -29.06 -24.97 -54.91
N VAL B 128 -29.31 -26.24 -54.79
CA VAL B 128 -28.65 -27.23 -55.60
C VAL B 128 -28.95 -27.03 -57.11
N GLU B 129 -30.12 -26.49 -57.42
CA GLU B 129 -30.53 -26.26 -58.80
C GLU B 129 -29.55 -25.34 -59.49
N GLU B 130 -29.07 -24.32 -58.77
CA GLU B 130 -28.10 -23.34 -59.29
C GLU B 130 -26.82 -24.00 -59.72
N THR B 131 -26.32 -24.83 -58.80
CA THR B 131 -25.13 -25.63 -59.03
C THR B 131 -25.34 -26.59 -60.23
N LEU B 132 -26.46 -27.33 -60.24
CA LEU B 132 -26.67 -28.35 -61.30
C LEU B 132 -26.83 -27.73 -62.70
N CYS B 133 -27.48 -26.59 -62.76
CA CYS B 133 -27.57 -25.82 -63.99
C CYS B 133 -26.20 -25.43 -64.57
N ALA B 134 -25.34 -24.93 -63.69
CA ALA B 134 -24.00 -24.60 -64.06
C ALA B 134 -23.26 -25.82 -64.59
N CYS B 135 -23.36 -26.94 -63.89
CA CYS B 135 -22.72 -28.18 -64.32
C CYS B 135 -23.16 -28.58 -65.69
N HIS B 136 -24.46 -28.43 -65.96
CA HIS B 136 -24.97 -28.75 -67.27
C HIS B 136 -24.31 -27.87 -68.33
N GLN B 137 -24.26 -26.58 -68.06
CA GLN B 137 -23.61 -25.65 -68.94
C GLN B 137 -22.19 -26.06 -69.28
N LEU B 138 -21.41 -26.37 -68.27
CA LEU B 138 -20.00 -26.75 -68.44
C LEU B 138 -19.84 -28.03 -69.24
N HIS B 139 -20.75 -28.96 -69.04
CA HIS B 139 -20.76 -30.17 -69.83
C HIS B 139 -21.05 -29.83 -71.31
N GLN B 140 -22.05 -28.97 -71.53
CA GLN B 140 -22.38 -28.50 -72.89
C GLN B 140 -21.17 -27.84 -73.61
N GLU B 141 -20.30 -27.20 -72.83
CA GLU B 141 -19.07 -26.60 -73.33
C GLU B 141 -17.96 -27.61 -73.57
N GLY B 142 -18.17 -28.85 -73.18
CA GLY B 142 -17.20 -29.90 -73.41
C GLY B 142 -16.14 -30.02 -72.34
N LYS B 143 -16.36 -29.40 -71.17
CA LYS B 143 -15.34 -29.34 -70.13
C LYS B 143 -15.25 -30.60 -69.27
N PHE B 144 -16.32 -31.40 -69.26
CA PHE B 144 -16.26 -32.73 -68.65
C PHE B 144 -17.22 -33.71 -69.32
N VAL B 145 -16.93 -35.01 -69.19
CA VAL B 145 -17.77 -36.05 -69.82
C VAL B 145 -18.90 -36.53 -68.88
N GLU B 146 -18.52 -36.99 -67.70
CA GLU B 146 -19.50 -37.39 -66.70
C GLU B 146 -19.50 -36.50 -65.44
N LEU B 147 -20.69 -36.37 -64.87
CA LEU B 147 -20.94 -35.76 -63.56
C LEU B 147 -20.95 -36.78 -62.41
N GLY B 148 -20.23 -36.43 -61.33
CA GLY B 148 -20.27 -37.23 -60.11
C GLY B 148 -20.66 -36.46 -58.86
N LEU B 149 -21.10 -37.21 -57.82
CA LEU B 149 -21.40 -36.64 -56.50
C LEU B 149 -20.51 -37.28 -55.47
N SER B 150 -20.15 -36.54 -54.42
CA SER B 150 -19.46 -37.11 -53.27
C SER B 150 -19.94 -36.46 -51.98
N ASN B 151 -20.18 -37.28 -50.97
CA ASN B 151 -20.56 -36.84 -49.63
C ASN B 151 -21.97 -36.22 -49.50
N TYR B 152 -22.85 -36.51 -50.46
CA TYR B 152 -24.28 -36.17 -50.40
C TYR B 152 -25.02 -37.34 -49.81
N ALA B 153 -26.09 -37.03 -49.08
CA ALA B 153 -26.96 -38.04 -48.52
C ALA B 153 -27.78 -38.66 -49.64
N SER B 154 -28.14 -39.91 -49.46
CA SER B 154 -28.97 -40.63 -50.47
C SER B 154 -30.19 -39.79 -50.88
N TRP B 155 -30.88 -39.19 -49.92
CA TRP B 155 -32.01 -38.36 -50.29
C TRP B 155 -31.67 -37.09 -51.10
N GLU B 156 -30.46 -36.57 -50.90
CA GLU B 156 -29.98 -35.41 -51.67
C GLU B 156 -29.62 -35.81 -53.10
N VAL B 157 -29.05 -37.01 -53.24
CA VAL B 157 -28.84 -37.62 -54.56
C VAL B 157 -30.17 -37.82 -55.31
N ALA B 158 -31.19 -38.34 -54.65
CA ALA B 158 -32.48 -38.56 -55.27
C ALA B 158 -33.10 -37.24 -55.73
N GLU B 159 -33.01 -36.19 -54.89
CA GLU B 159 -33.51 -34.85 -55.27
C GLU B 159 -32.77 -34.32 -56.52
N ILE B 160 -31.45 -34.52 -56.54
CA ILE B 160 -30.63 -34.05 -57.62
C ILE B 160 -30.96 -34.75 -58.92
N CYS B 161 -31.02 -36.09 -58.90
CA CYS B 161 -31.35 -36.85 -60.12
C CYS B 161 -32.72 -36.49 -60.59
N THR B 162 -33.66 -36.38 -59.66
CA THR B 162 -35.02 -36.04 -60.03
C THR B 162 -35.09 -34.67 -60.70
N LEU B 163 -34.36 -33.71 -60.14
CA LEU B 163 -34.30 -32.36 -60.69
C LEU B 163 -33.66 -32.31 -62.07
N CYS B 164 -32.55 -33.01 -62.24
CA CYS B 164 -31.89 -33.07 -63.54
C CYS B 164 -32.80 -33.62 -64.64
N LYS B 165 -33.46 -34.74 -64.33
CA LYS B 165 -34.40 -35.40 -65.24
C LYS B 165 -35.44 -34.40 -65.70
N SER B 166 -36.09 -33.73 -64.78
CA SER B 166 -37.14 -32.76 -65.15
C SER B 166 -36.61 -31.51 -65.84
N ASN B 167 -35.35 -31.12 -65.60
CA ASN B 167 -34.80 -29.89 -66.21
C ASN B 167 -33.93 -30.14 -67.43
N GLY B 168 -33.81 -31.38 -67.89
CA GLY B 168 -32.89 -31.70 -68.99
C GLY B 168 -31.40 -31.48 -68.74
N TRP B 169 -30.98 -31.62 -67.48
CA TRP B 169 -29.58 -31.51 -67.12
C TRP B 169 -28.93 -32.88 -67.14
N ILE B 170 -27.63 -32.91 -67.37
CA ILE B 170 -26.91 -34.14 -67.27
C ILE B 170 -27.12 -34.73 -65.86
N LEU B 171 -27.47 -35.99 -65.77
CA LEU B 171 -27.52 -36.68 -64.48
C LEU B 171 -26.10 -37.07 -63.99
N PRO B 172 -25.90 -37.05 -62.67
CA PRO B 172 -24.67 -37.67 -62.19
C PRO B 172 -24.74 -39.18 -62.40
N THR B 173 -23.60 -39.76 -62.73
CA THR B 173 -23.51 -41.18 -63.04
C THR B 173 -22.56 -41.93 -62.14
N VAL B 174 -21.84 -41.20 -61.29
CA VAL B 174 -20.94 -41.80 -60.30
C VAL B 174 -21.18 -41.14 -58.94
N TYR B 175 -21.04 -41.92 -57.86
CA TYR B 175 -21.04 -41.41 -56.48
C TYR B 175 -19.78 -41.91 -55.85
N GLN B 176 -19.01 -41.00 -55.25
CA GLN B 176 -17.77 -41.36 -54.56
C GLN B 176 -17.96 -41.25 -53.05
N GLY B 177 -17.94 -42.42 -52.39
CA GLY B 177 -18.40 -42.53 -51.01
C GLY B 177 -17.49 -43.31 -50.11
N MET B 178 -17.59 -42.97 -48.81
CA MET B 178 -16.83 -43.60 -47.74
C MET B 178 -17.32 -45.03 -47.50
N TYR B 179 -16.42 -46.00 -47.72
CA TYR B 179 -16.81 -47.43 -47.56
C TYR B 179 -15.59 -48.33 -47.29
N ASN B 180 -15.70 -49.13 -46.23
CA ASN B 180 -14.68 -50.09 -45.91
C ASN B 180 -15.26 -51.16 -44.99
N ALA B 181 -14.43 -52.15 -44.64
CA ALA B 181 -14.94 -53.32 -43.94
C ALA B 181 -15.62 -52.96 -42.61
N THR B 182 -15.19 -51.87 -42.00
CA THR B 182 -15.70 -51.48 -40.70
C THR B 182 -16.50 -50.19 -40.79
N THR B 183 -16.82 -49.77 -42.01
CA THR B 183 -17.56 -48.52 -42.28
C THR B 183 -18.58 -48.73 -43.39
N ARG B 184 -19.86 -48.95 -43.03
CA ARG B 184 -20.83 -49.49 -43.97
C ARG B 184 -22.14 -48.80 -44.01
N GLN B 185 -22.20 -47.58 -43.51
CA GLN B 185 -23.46 -46.79 -43.46
C GLN B 185 -24.08 -46.61 -44.85
N VAL B 186 -23.26 -46.52 -45.87
CA VAL B 186 -23.73 -46.40 -47.25
C VAL B 186 -24.66 -47.56 -47.73
N GLU B 187 -24.58 -48.74 -47.07
CA GLU B 187 -25.26 -49.95 -47.56
C GLU B 187 -26.78 -49.82 -47.50
N ALA B 188 -27.33 -49.22 -46.43
CA ALA B 188 -28.76 -49.30 -46.15
C ALA B 188 -29.63 -48.53 -47.10
N GLU B 189 -29.20 -47.30 -47.37
CA GLU B 189 -29.98 -46.35 -48.21
C GLU B 189 -29.24 -45.81 -49.40
N LEU B 190 -27.99 -45.45 -49.24
CA LEU B 190 -27.31 -44.88 -50.40
C LEU B 190 -27.24 -45.86 -51.58
N LEU B 191 -26.69 -47.03 -51.35
CA LEU B 191 -26.54 -47.98 -52.44
C LEU B 191 -27.85 -48.29 -53.20
N PRO B 192 -28.95 -48.62 -52.49
CA PRO B 192 -30.24 -48.80 -53.23
C PRO B 192 -30.68 -47.60 -54.05
N CYS B 193 -30.41 -46.43 -53.53
CA CYS B 193 -30.72 -45.18 -54.25
C CYS B 193 -29.95 -45.12 -55.55
N LEU B 194 -28.66 -45.44 -55.47
CA LEU B 194 -27.77 -45.38 -56.62
C LEU B 194 -28.10 -46.42 -57.69
N ARG B 195 -28.51 -47.62 -57.25
CA ARG B 195 -28.94 -48.65 -58.18
C ARG B 195 -30.23 -48.21 -58.85
N HIS B 196 -31.14 -47.56 -58.13
CA HIS B 196 -32.35 -47.04 -58.73
C HIS B 196 -32.07 -45.99 -59.80
N PHE B 197 -31.14 -45.08 -59.55
CA PHE B 197 -30.95 -43.91 -60.48
C PHE B 197 -29.80 -44.15 -61.48
N GLY B 198 -29.10 -45.28 -61.37
CA GLY B 198 -28.12 -45.74 -62.33
C GLY B 198 -26.70 -45.23 -62.10
N LEU B 199 -26.33 -45.03 -60.85
CA LEU B 199 -24.98 -44.53 -60.54
C LEU B 199 -24.11 -45.66 -60.14
N ARG B 200 -22.86 -45.60 -60.57
CA ARG B 200 -21.86 -46.55 -60.06
C ARG B 200 -21.21 -45.90 -58.83
N PHE B 201 -20.65 -46.72 -57.96
CA PHE B 201 -20.11 -46.28 -56.68
C PHE B 201 -18.60 -46.53 -56.59
N TYR B 202 -17.87 -45.47 -56.24
CA TYR B 202 -16.42 -45.52 -56.02
C TYR B 202 -16.10 -45.34 -54.53
N ALA B 203 -15.40 -46.29 -53.94
CA ALA B 203 -15.16 -46.31 -52.51
C ALA B 203 -13.88 -45.60 -52.15
N TYR B 204 -13.97 -44.58 -51.29
CA TYR B 204 -12.78 -43.97 -50.73
C TYR B 204 -12.62 -44.41 -49.30
N ASN B 205 -11.46 -44.11 -48.72
CA ASN B 205 -11.08 -44.59 -47.42
C ASN B 205 -11.17 -46.13 -47.27
N PRO B 206 -10.78 -46.92 -48.31
CA PRO B 206 -10.94 -48.39 -48.20
C PRO B 206 -10.11 -49.07 -47.10
N LEU B 207 -9.17 -48.34 -46.55
CA LEU B 207 -8.39 -48.78 -45.39
C LEU B 207 -8.60 -47.89 -44.19
N ALA B 208 -9.74 -47.16 -44.18
CA ALA B 208 -10.06 -46.23 -43.10
C ALA B 208 -8.90 -45.25 -42.89
N GLY B 209 -8.43 -44.64 -43.98
CA GLY B 209 -7.32 -43.73 -43.87
C GLY B 209 -6.00 -44.34 -43.41
N GLY B 210 -5.93 -45.68 -43.39
CA GLY B 210 -4.79 -46.43 -42.89
C GLY B 210 -5.03 -47.16 -41.58
N LEU B 211 -6.15 -46.87 -40.92
CA LEU B 211 -6.43 -47.57 -39.66
C LEU B 211 -6.42 -49.12 -39.85
N LEU B 212 -7.01 -49.55 -40.97
CA LEU B 212 -7.22 -50.95 -41.27
C LEU B 212 -5.95 -51.65 -41.75
N THR B 213 -4.81 -50.99 -41.64
CA THR B 213 -3.51 -51.64 -41.79
C THR B 213 -3.08 -52.32 -40.50
N GLY B 214 -3.70 -51.97 -39.38
CA GLY B 214 -3.28 -52.52 -38.10
C GLY B 214 -1.97 -51.94 -37.55
N LYS B 215 -1.46 -50.87 -38.17
CA LYS B 215 -0.18 -50.29 -37.76
C LYS B 215 -0.27 -49.37 -36.53
N TYR B 216 -1.47 -49.03 -36.08
CA TYR B 216 -1.61 -48.13 -34.93
C TYR B 216 -2.16 -48.88 -33.70
N LYS B 217 -1.91 -48.30 -32.51
CA LYS B 217 -2.60 -48.62 -31.27
C LYS B 217 -3.34 -47.36 -30.82
N TYR B 218 -4.51 -47.53 -30.18
CA TYR B 218 -5.33 -46.38 -29.74
C TYR B 218 -4.53 -45.32 -28.94
N GLU B 219 -3.57 -45.75 -28.14
CA GLU B 219 -2.89 -44.85 -27.24
C GLU B 219 -1.77 -44.04 -27.96
N ASP B 220 -1.51 -44.36 -29.23
CA ASP B 220 -0.69 -43.49 -30.12
C ASP B 220 -1.17 -42.03 -30.17
N LYS B 221 -2.45 -41.78 -29.89
CA LYS B 221 -2.97 -40.42 -29.87
C LYS B 221 -2.43 -39.61 -28.68
N ASP B 222 -2.08 -40.27 -27.61
CA ASP B 222 -1.53 -39.57 -26.44
C ASP B 222 -0.02 -39.44 -26.48
N GLY B 223 0.62 -40.38 -27.18
CA GLY B 223 2.06 -40.55 -27.10
C GLY B 223 2.76 -40.34 -28.41
N LYS B 224 2.94 -41.45 -29.13
CA LYS B 224 3.75 -41.51 -30.36
C LYS B 224 3.34 -40.39 -31.35
N GLN B 225 2.02 -40.31 -31.63
CA GLN B 225 1.45 -39.37 -32.63
C GLN B 225 2.24 -39.47 -33.91
N PRO B 226 2.24 -40.68 -34.51
CA PRO B 226 3.04 -40.91 -35.70
C PRO B 226 2.50 -40.09 -36.87
N VAL B 227 3.39 -39.27 -37.45
CA VAL B 227 3.04 -38.41 -38.54
C VAL B 227 2.47 -39.20 -39.69
N GLY B 228 1.40 -38.67 -40.25
CA GLY B 228 0.67 -39.33 -41.33
C GLY B 228 -0.77 -38.88 -41.30
N ARG B 229 -1.64 -39.68 -41.87
CA ARG B 229 -3.04 -39.30 -42.01
C ARG B 229 -3.67 -38.78 -40.71
N PHE B 230 -3.33 -39.41 -39.59
CA PHE B 230 -4.04 -39.16 -38.34
C PHE B 230 -3.33 -38.15 -37.45
N PHE B 231 -2.11 -37.71 -37.81
CA PHE B 231 -1.36 -36.75 -36.98
C PHE B 231 -0.54 -35.78 -37.78
N GLY B 232 -0.71 -34.50 -37.50
CA GLY B 232 0.24 -33.48 -37.95
C GLY B 232 -0.26 -32.55 -39.03
N ASN B 233 -1.36 -32.92 -39.71
CA ASN B 233 -1.83 -32.11 -40.84
C ASN B 233 -3.22 -31.53 -40.49
N ASN B 234 -3.75 -30.67 -41.35
CA ASN B 234 -4.98 -29.93 -41.09
C ASN B 234 -6.25 -30.77 -41.02
N TRP B 235 -6.26 -31.90 -41.70
CA TRP B 235 -7.42 -32.81 -41.64
C TRP B 235 -7.28 -33.90 -40.59
N ALA B 236 -6.18 -33.89 -39.83
CA ALA B 236 -5.88 -35.02 -38.92
C ALA B 236 -7.00 -35.17 -37.87
N GLU B 237 -7.43 -34.08 -37.24
CA GLU B 237 -8.54 -34.15 -36.22
C GLU B 237 -9.81 -34.76 -36.85
N THR B 238 -10.09 -34.34 -38.08
CA THR B 238 -11.27 -34.84 -38.76
C THR B 238 -11.18 -36.37 -38.93
N TYR B 239 -10.00 -36.81 -39.37
CA TYR B 239 -9.71 -38.26 -39.50
C TYR B 239 -9.77 -39.03 -38.16
N ARG B 240 -9.27 -38.42 -37.08
CA ARG B 240 -9.38 -39.04 -35.77
C ARG B 240 -10.84 -39.13 -35.28
N ASN B 241 -11.61 -38.10 -35.52
CA ASN B 241 -13.05 -38.16 -35.19
C ASN B 241 -13.69 -39.23 -36.03
N ARG B 242 -13.22 -39.38 -37.25
CA ARG B 242 -13.89 -40.24 -38.20
C ARG B 242 -13.70 -41.72 -37.80
N PHE B 243 -12.46 -42.11 -37.51
CA PHE B 243 -12.11 -43.52 -37.35
C PHE B 243 -11.39 -43.88 -36.04
N TRP B 244 -10.77 -42.90 -35.37
CA TRP B 244 -9.91 -43.20 -34.24
C TRP B 244 -10.72 -43.43 -32.95
N LYS B 245 -11.30 -44.62 -32.83
CA LYS B 245 -12.15 -44.96 -31.71
C LYS B 245 -11.74 -46.28 -31.12
N GLU B 246 -11.81 -46.37 -29.79
CA GLU B 246 -11.47 -47.61 -29.08
C GLU B 246 -12.18 -48.84 -29.64
N HIS B 247 -13.50 -48.79 -29.87
CA HIS B 247 -14.20 -49.94 -30.45
C HIS B 247 -13.62 -50.32 -31.81
N HIS B 248 -13.12 -49.33 -32.55
CA HIS B 248 -12.54 -49.61 -33.89
C HIS B 248 -11.26 -50.42 -33.75
N PHE B 249 -10.43 -50.03 -32.81
CA PHE B 249 -9.24 -50.78 -32.48
C PHE B 249 -9.55 -52.20 -32.02
N GLU B 250 -10.53 -52.36 -31.13
CA GLU B 250 -11.00 -53.68 -30.66
C GLU B 250 -11.45 -54.52 -31.83
N ALA B 251 -12.16 -53.88 -32.74
CA ALA B 251 -12.71 -54.52 -33.92
C ALA B 251 -11.59 -55.06 -34.82
N ILE B 252 -10.55 -54.23 -35.00
CA ILE B 252 -9.42 -54.64 -35.82
C ILE B 252 -8.72 -55.80 -35.17
N ALA B 253 -8.58 -55.77 -33.84
CA ALA B 253 -7.88 -56.82 -33.10
C ALA B 253 -8.54 -58.18 -33.23
N LEU B 254 -9.86 -58.12 -33.29
CA LEU B 254 -10.73 -59.24 -33.49
C LEU B 254 -10.40 -59.95 -34.80
N VAL B 255 -10.26 -59.16 -35.86
CA VAL B 255 -9.96 -59.68 -37.18
C VAL B 255 -8.50 -60.16 -37.22
N GLU B 256 -7.59 -59.46 -36.56
CA GLU B 256 -6.17 -59.89 -36.56
C GLU B 256 -6.09 -61.29 -35.94
N LYS B 257 -6.90 -61.46 -34.88
CA LYS B 257 -7.01 -62.76 -34.18
C LYS B 257 -7.59 -63.88 -35.07
N ALA B 258 -8.61 -63.55 -35.87
CA ALA B 258 -9.23 -64.48 -36.82
C ALA B 258 -8.27 -64.87 -37.95
N LEU B 259 -7.45 -63.92 -38.40
CA LEU B 259 -6.47 -64.17 -39.46
C LEU B 259 -5.45 -65.18 -38.97
N GLN B 260 -4.90 -64.98 -37.76
CA GLN B 260 -3.91 -65.91 -37.18
C GLN B 260 -4.51 -67.30 -36.97
N THR B 261 -5.72 -67.35 -36.40
CA THR B 261 -6.41 -68.62 -36.13
C THR B 261 -6.71 -69.32 -37.43
N THR B 262 -7.16 -68.62 -38.45
CA THR B 262 -7.55 -69.29 -39.68
C THR B 262 -6.36 -69.68 -40.56
N TYR B 263 -5.30 -68.88 -40.58
CA TYR B 263 -4.26 -69.04 -41.59
C TYR B 263 -2.88 -69.36 -41.01
N GLY B 264 -2.70 -69.12 -39.70
CA GLY B 264 -1.42 -69.31 -38.98
C GLY B 264 -0.29 -68.42 -39.48
N THR B 265 0.84 -69.04 -39.80
CA THR B 265 2.00 -68.33 -40.34
C THR B 265 1.78 -67.77 -41.76
N ASN B 266 0.89 -68.42 -42.51
CA ASN B 266 0.48 -67.98 -43.86
C ASN B 266 -0.53 -66.81 -43.83
N ALA B 267 -0.72 -66.18 -42.66
CA ALA B 267 -1.79 -65.19 -42.50
C ALA B 267 -1.49 -63.93 -43.30
N PRO B 268 -2.45 -63.50 -44.14
CA PRO B 268 -2.34 -62.21 -44.81
C PRO B 268 -2.23 -61.06 -43.82
N ARG B 269 -1.55 -59.99 -44.22
CA ARG B 269 -1.55 -58.77 -43.45
C ARG B 269 -2.95 -58.24 -43.40
N MET B 270 -3.23 -57.51 -42.33
CA MET B 270 -4.51 -56.80 -42.20
C MET B 270 -4.79 -55.96 -43.45
N THR B 271 -3.77 -55.24 -43.93
CA THR B 271 -3.91 -54.38 -45.11
C THR B 271 -4.49 -55.18 -46.25
N SER B 272 -3.93 -56.34 -46.45
CA SER B 272 -4.30 -57.22 -47.55
C SER B 272 -5.72 -57.81 -47.32
N ALA B 273 -6.03 -58.16 -46.09
CA ALA B 273 -7.41 -58.64 -45.72
C ALA B 273 -8.53 -57.61 -45.93
N ALA B 274 -8.24 -56.37 -45.51
CA ALA B 274 -9.18 -55.26 -45.60
C ALA B 274 -9.53 -54.97 -47.06
N LEU B 275 -8.49 -54.94 -47.92
CA LEU B 275 -8.68 -54.68 -49.34
C LEU B 275 -9.40 -55.84 -50.02
N ARG B 276 -9.02 -57.07 -49.66
CA ARG B 276 -9.68 -58.25 -50.22
C ARG B 276 -11.16 -58.25 -49.85
N TRP B 277 -11.49 -57.82 -48.64
CA TRP B 277 -12.88 -57.67 -48.24
C TRP B 277 -13.67 -56.80 -49.26
N MET B 278 -13.06 -55.69 -49.63
CA MET B 278 -13.63 -54.74 -50.60
C MET B 278 -13.94 -55.37 -51.96
N TYR B 279 -12.94 -56.09 -52.50
CA TYR B 279 -13.02 -56.71 -53.82
C TYR B 279 -13.90 -57.95 -53.85
N HIS B 280 -13.98 -58.68 -52.74
CA HIS B 280 -14.68 -59.98 -52.76
C HIS B 280 -15.90 -60.09 -51.86
N HIS B 281 -16.03 -59.27 -50.83
CA HIS B 281 -17.04 -59.55 -49.81
C HIS B 281 -17.93 -58.37 -49.48
N SER B 282 -17.76 -57.28 -50.21
CA SER B 282 -18.48 -56.04 -49.97
C SER B 282 -19.68 -56.02 -50.91
N GLN B 283 -20.46 -54.94 -50.85
CA GLN B 283 -21.59 -54.75 -51.73
C GLN B 283 -21.24 -54.07 -53.05
N LEU B 284 -19.96 -53.82 -53.29
CA LEU B 284 -19.55 -53.34 -54.57
C LEU B 284 -19.81 -54.43 -55.62
N GLN B 285 -20.27 -53.98 -56.79
CA GLN B 285 -20.52 -54.82 -57.96
C GLN B 285 -19.70 -54.36 -59.16
N GLY B 286 -18.69 -55.15 -59.53
CA GLY B 286 -17.87 -54.88 -60.71
C GLY B 286 -18.67 -54.77 -62.00
N THR B 287 -19.77 -55.53 -62.10
CA THR B 287 -20.70 -55.47 -63.23
C THR B 287 -21.42 -54.14 -63.38
N ARG B 288 -21.58 -53.43 -62.27
CA ARG B 288 -22.18 -52.06 -62.30
C ARG B 288 -21.13 -50.94 -62.49
N GLY B 289 -19.87 -51.30 -62.61
CA GLY B 289 -18.84 -50.30 -62.73
C GLY B 289 -18.31 -49.81 -61.40
N ASP B 290 -18.71 -50.46 -60.32
CA ASP B 290 -18.24 -50.03 -59.03
C ASP B 290 -16.76 -50.22 -58.94
N ALA B 291 -16.12 -49.43 -58.08
CA ALA B 291 -14.65 -49.42 -57.98
C ALA B 291 -14.16 -49.11 -56.56
N VAL B 292 -12.92 -49.47 -56.29
CA VAL B 292 -12.22 -49.10 -55.08
C VAL B 292 -11.16 -48.07 -55.42
N ILE B 293 -11.08 -47.00 -54.68
CA ILE B 293 -10.04 -46.05 -54.86
C ILE B 293 -8.92 -46.35 -53.85
N LEU B 294 -7.80 -46.81 -54.36
CA LEU B 294 -6.64 -47.07 -53.52
C LEU B 294 -5.94 -45.81 -53.02
N GLY B 295 -5.41 -45.87 -51.81
CA GLY B 295 -4.65 -44.76 -51.24
C GLY B 295 -3.22 -45.16 -50.90
N MET B 296 -2.36 -44.18 -50.83
CA MET B 296 -0.96 -44.41 -50.44
C MET B 296 -0.29 -43.09 -50.18
N SER B 297 0.70 -43.14 -49.33
CA SER B 297 1.60 -42.02 -49.18
C SER B 297 3.02 -42.40 -49.67
N SER B 298 3.18 -43.60 -50.23
CA SER B 298 4.42 -44.04 -50.84
C SER B 298 4.15 -45.04 -51.94
N LEU B 299 5.12 -45.17 -52.85
CA LEU B 299 5.14 -46.23 -53.89
C LEU B 299 5.09 -47.65 -53.31
N GLU B 300 5.87 -47.87 -52.24
CA GLU B 300 5.93 -49.14 -51.55
C GLU B 300 4.57 -49.56 -51.00
N GLN B 301 3.84 -48.65 -50.37
CA GLN B 301 2.46 -48.91 -49.92
C GLN B 301 1.55 -49.30 -51.09
N LEU B 302 1.66 -48.55 -52.15
CA LEU B 302 0.83 -48.77 -53.30
C LEU B 302 1.04 -50.16 -53.90
N GLU B 303 2.31 -50.57 -54.04
CA GLU B 303 2.67 -51.88 -54.57
C GLU B 303 2.08 -53.01 -53.73
N GLN B 304 2.20 -52.82 -52.42
CA GLN B 304 1.58 -53.71 -51.48
C GLN B 304 0.04 -53.71 -51.73
N ASN B 305 -0.56 -52.55 -51.85
CA ASN B 305 -2.03 -52.49 -52.07
C ASN B 305 -2.44 -53.18 -53.39
N LEU B 306 -1.71 -52.89 -54.46
CA LEU B 306 -1.99 -53.46 -55.77
C LEU B 306 -1.91 -54.98 -55.77
N ALA B 307 -0.93 -55.50 -55.03
CA ALA B 307 -0.77 -56.94 -54.88
C ALA B 307 -2.02 -57.55 -54.22
N ALA B 308 -2.51 -56.90 -53.18
CA ALA B 308 -3.71 -57.33 -52.46
C ALA B 308 -4.99 -57.32 -53.31
N THR B 309 -5.08 -56.39 -54.23
CA THR B 309 -6.27 -56.27 -55.09
C THR B 309 -6.39 -57.48 -56.02
N GLU B 310 -5.26 -58.16 -56.23
CA GLU B 310 -5.23 -59.28 -57.11
C GLU B 310 -5.26 -60.63 -56.37
N GLU B 311 -5.22 -60.60 -55.04
CA GLU B 311 -5.48 -61.81 -54.24
C GLU B 311 -6.96 -62.23 -54.31
N GLY B 312 -7.24 -63.43 -53.82
CA GLY B 312 -8.58 -63.99 -53.91
C GLY B 312 -9.47 -63.74 -52.70
N PRO B 313 -10.58 -64.49 -52.59
CA PRO B 313 -11.44 -64.33 -51.42
C PRO B 313 -10.78 -64.79 -50.15
N LEU B 314 -11.34 -64.33 -49.04
CA LEU B 314 -10.96 -64.77 -47.71
C LEU B 314 -11.75 -65.98 -47.30
N GLU B 315 -11.22 -66.67 -46.29
CA GLU B 315 -11.93 -67.78 -45.69
C GLU B 315 -13.14 -67.26 -44.91
N PRO B 316 -14.22 -68.07 -44.84
CA PRO B 316 -15.49 -67.63 -44.17
C PRO B 316 -15.34 -67.13 -42.73
N ALA B 317 -14.43 -67.74 -41.96
CA ALA B 317 -14.21 -67.33 -40.57
C ALA B 317 -13.73 -65.87 -40.49
N VAL B 318 -12.92 -65.46 -41.46
CA VAL B 318 -12.36 -64.16 -41.48
C VAL B 318 -13.38 -63.14 -41.99
N VAL B 319 -14.17 -63.52 -43.01
CA VAL B 319 -15.28 -62.68 -43.46
C VAL B 319 -16.26 -62.46 -42.31
N GLU B 320 -16.54 -63.53 -41.59
CA GLU B 320 -17.37 -63.45 -40.46
C GLU B 320 -16.89 -62.53 -39.32
N ALA B 321 -15.56 -62.56 -39.09
CA ALA B 321 -14.88 -61.66 -38.15
C ALA B 321 -14.99 -60.21 -38.57
N PHE B 322 -14.98 -59.95 -39.87
CA PHE B 322 -15.21 -58.61 -40.41
C PHE B 322 -16.63 -58.13 -40.17
N ASP B 323 -17.57 -59.03 -40.17
CA ASP B 323 -18.94 -58.65 -39.82
C ASP B 323 -19.05 -58.33 -38.33
N GLN B 324 -18.45 -59.16 -37.50
CA GLN B 324 -18.45 -58.95 -36.06
C GLN B 324 -17.79 -57.61 -35.72
N ALA B 325 -16.74 -57.27 -36.47
CA ALA B 325 -15.99 -56.03 -36.30
C ALA B 325 -16.86 -54.80 -36.66
N TRP B 326 -17.55 -54.87 -37.79
CA TRP B 326 -18.51 -53.83 -38.14
C TRP B 326 -19.59 -53.66 -37.06
N ASN B 327 -20.13 -54.79 -36.57
CA ASN B 327 -21.17 -54.73 -35.57
C ASN B 327 -20.71 -53.98 -34.32
N MET B 328 -19.41 -54.09 -33.99
CA MET B 328 -18.87 -53.42 -32.83
C MET B 328 -18.86 -51.92 -32.96
N VAL B 329 -18.67 -51.42 -34.18
CA VAL B 329 -18.51 -49.97 -34.41
C VAL B 329 -19.74 -49.30 -35.04
N ALA B 330 -20.68 -50.10 -35.52
CA ALA B 330 -21.85 -49.58 -36.27
C ALA B 330 -22.57 -48.43 -35.61
N HIS B 331 -22.74 -48.53 -34.29
CA HIS B 331 -23.42 -47.49 -33.53
C HIS B 331 -22.67 -46.13 -33.51
N GLU B 332 -21.39 -46.10 -33.82
CA GLU B 332 -20.63 -44.84 -33.87
C GLU B 332 -19.99 -44.63 -35.25
N CYS B 333 -20.57 -45.24 -36.26
CA CYS B 333 -20.12 -45.08 -37.61
C CYS B 333 -20.16 -43.59 -38.01
N PRO B 334 -19.06 -43.08 -38.67
CA PRO B 334 -19.13 -41.72 -39.18
C PRO B 334 -20.09 -41.60 -40.37
N ASN B 335 -20.63 -40.41 -40.58
CA ASN B 335 -21.54 -40.18 -41.68
C ASN B 335 -20.83 -40.11 -43.01
N TYR B 336 -21.39 -40.82 -43.99
CA TYR B 336 -20.92 -40.76 -45.35
C TYR B 336 -21.24 -39.39 -45.98
N PHE B 337 -22.19 -38.67 -45.38
CA PHE B 337 -22.74 -37.45 -45.91
C PHE B 337 -22.33 -36.29 -45.03
N ARG B 338 -22.30 -35.12 -45.63
CA ARG B 338 -21.85 -33.94 -44.95
C ARG B 338 -22.81 -32.77 -45.10
N LEU C 15 -6.12 4.97 -7.96
CA LEU C 15 -4.77 5.35 -7.38
C LEU C 15 -4.92 6.57 -6.48
N ARG C 16 -4.67 6.42 -5.19
CA ARG C 16 -4.85 7.57 -4.28
C ARG C 16 -3.73 8.65 -4.50
N PRO C 17 -4.05 9.92 -4.13
CA PRO C 17 -3.07 11.01 -4.25
C PRO C 17 -1.78 10.71 -3.47
N ALA C 18 -0.66 11.22 -3.99
CA ALA C 18 0.60 11.07 -3.29
C ALA C 18 0.66 11.94 -2.01
N THR C 19 1.67 11.64 -1.18
CA THR C 19 1.88 12.40 0.06
C THR C 19 3.25 13.03 0.05
N VAL C 20 3.24 14.35 0.28
CA VAL C 20 4.42 15.21 0.32
C VAL C 20 4.55 15.80 1.73
N LEU C 21 5.79 15.90 2.23
CA LEU C 21 6.03 16.42 3.57
C LEU C 21 6.27 17.90 3.54
N GLY C 22 5.44 18.62 4.31
CA GLY C 22 5.62 20.04 4.56
C GLY C 22 6.67 20.34 5.60
N THR C 23 7.48 21.36 5.37
CA THR C 23 8.68 21.59 6.23
C THR C 23 8.72 23.00 6.83
N MET C 24 7.58 23.68 6.72
CA MET C 24 7.42 25.05 7.17
C MET C 24 7.76 25.24 8.64
N GLU C 25 7.57 24.19 9.48
CA GLU C 25 7.83 24.29 10.93
C GLU C 25 9.17 23.84 11.40
N MET C 26 9.97 23.30 10.48
CA MET C 26 11.37 22.95 10.76
C MET C 26 12.21 24.20 10.93
N GLY C 27 12.65 24.41 12.16
CA GLY C 27 13.37 25.61 12.51
C GLY C 27 12.52 26.56 13.33
N ARG C 28 11.22 26.27 13.49
CA ARG C 28 10.36 27.10 14.34
C ARG C 28 9.93 26.24 15.53
N ARG C 29 8.81 25.54 15.46
CA ARG C 29 8.43 24.61 16.52
C ARG C 29 9.21 23.33 16.49
N MET C 30 9.80 22.97 15.35
CA MET C 30 10.56 21.73 15.25
C MET C 30 12.05 21.97 15.15
N ASP C 31 12.84 21.35 16.03
CA ASP C 31 14.29 21.46 15.95
C ASP C 31 14.86 20.47 14.96
N ALA C 32 16.19 20.46 14.80
CA ALA C 32 16.81 19.58 13.83
C ALA C 32 16.57 18.09 14.11
N SER C 33 16.50 17.73 15.40
CA SER C 33 16.31 16.36 15.80
C SER C 33 14.89 15.89 15.53
N ALA C 34 13.89 16.70 15.86
CA ALA C 34 12.51 16.38 15.60
C ALA C 34 12.30 16.32 14.08
N SER C 35 12.98 17.20 13.37
CA SER C 35 12.86 17.29 11.91
C SER C 35 13.38 15.98 11.28
N ALA C 36 14.57 15.57 11.75
CA ALA C 36 15.19 14.33 11.29
C ALA C 36 14.32 13.13 11.53
N ALA C 37 13.67 13.06 12.71
CA ALA C 37 12.76 11.95 13.05
C ALA C 37 11.51 11.93 12.17
N SER C 38 11.02 13.13 11.80
CA SER C 38 9.82 13.29 10.99
C SER C 38 10.07 12.79 9.59
N VAL C 39 11.19 13.19 9.03
CA VAL C 39 11.56 12.78 7.68
C VAL C 39 11.74 11.25 7.66
N ARG C 40 12.39 10.72 8.68
CA ARG C 40 12.54 9.26 8.83
C ARG C 40 11.20 8.53 8.84
N ALA C 41 10.25 9.06 9.62
CA ALA C 41 8.91 8.46 9.73
C ALA C 41 8.15 8.57 8.39
N PHE C 42 8.34 9.70 7.71
CA PHE C 42 7.72 9.96 6.43
C PHE C 42 8.21 8.96 5.39
N LEU C 43 9.52 8.80 5.34
CA LEU C 43 10.14 7.97 4.34
C LEU C 43 9.90 6.48 4.59
N GLU C 44 9.81 6.07 5.86
CA GLU C 44 9.47 4.71 6.22
C GLU C 44 8.11 4.30 5.69
N ARG C 45 7.16 5.22 5.57
CA ARG C 45 5.86 4.91 4.95
C ARG C 45 5.93 4.73 3.44
N GLY C 46 7.10 4.92 2.85
CA GLY C 46 7.29 4.71 1.43
C GLY C 46 7.19 5.95 0.60
N HIS C 47 7.05 7.12 1.22
CA HIS C 47 6.91 8.39 0.50
C HIS C 47 8.29 8.94 0.17
N SER C 48 8.37 9.98 -0.66
CA SER C 48 9.69 10.46 -1.10
C SER C 48 9.87 11.97 -1.29
N GLU C 49 8.79 12.76 -1.33
CA GLU C 49 8.89 14.20 -1.64
C GLU C 49 8.75 15.13 -0.45
N LEU C 50 9.65 16.10 -0.43
CA LEU C 50 9.73 17.12 0.61
C LEU C 50 9.54 18.52 0.02
N ASP C 51 8.80 19.33 0.78
CA ASP C 51 8.44 20.71 0.38
C ASP C 51 8.99 21.72 1.38
N THR C 52 9.89 22.59 0.88
CA THR C 52 10.42 23.69 1.66
C THR C 52 10.34 24.96 0.82
N ALA C 53 10.96 26.01 1.32
CA ALA C 53 10.96 27.32 0.69
C ALA C 53 12.09 28.14 1.25
N PHE C 54 12.64 29.03 0.40
CA PHE C 54 13.69 29.99 0.80
C PHE C 54 13.22 30.70 2.09
N MET C 55 11.94 30.96 2.13
CA MET C 55 11.35 31.80 3.13
C MET C 55 11.37 31.18 4.54
N TYR C 56 11.16 29.86 4.62
CA TYR C 56 10.83 29.22 5.89
C TYR C 56 11.97 29.32 6.91
N CYS C 57 11.60 29.92 8.05
CA CYS C 57 12.43 30.13 9.23
C CYS C 57 13.78 30.80 8.89
N ASP C 58 13.70 31.85 8.08
CA ASP C 58 14.88 32.63 7.71
C ASP C 58 15.99 31.68 7.19
N GLY C 59 15.57 30.62 6.53
CA GLY C 59 16.46 29.68 5.86
C GLY C 59 16.79 28.44 6.64
N GLN C 60 16.26 28.33 7.85
CA GLN C 60 16.65 27.27 8.75
C GLN C 60 15.96 25.94 8.39
N SER C 61 14.78 26.00 7.75
CA SER C 61 14.11 24.82 7.29
C SER C 61 15.02 24.12 6.25
N GLU C 62 15.52 24.91 5.30
CA GLU C 62 16.45 24.41 4.26
C GLU C 62 17.74 23.93 4.89
N ASN C 63 18.26 24.68 5.85
CA ASN C 63 19.52 24.35 6.44
C ASN C 63 19.40 23.01 7.17
N ILE C 64 18.32 22.84 7.91
CA ILE C 64 18.03 21.57 8.62
C ILE C 64 17.92 20.40 7.63
N LEU C 65 17.17 20.57 6.56
CA LEU C 65 17.04 19.52 5.53
C LEU C 65 18.38 19.20 4.85
N GLY C 66 19.18 20.23 4.63
CA GLY C 66 20.50 20.04 4.03
C GLY C 66 21.46 19.26 4.88
N GLY C 67 21.24 19.29 6.19
CA GLY C 67 22.10 18.57 7.12
C GLY C 67 21.70 17.14 7.42
N LEU C 68 20.61 16.65 6.83
CA LEU C 68 20.03 15.35 7.16
C LEU C 68 20.74 14.19 6.48
N GLY C 69 21.70 14.51 5.62
CA GLY C 69 22.51 13.51 4.94
C GLY C 69 21.75 12.74 3.90
N LEU C 70 20.82 13.41 3.23
CA LEU C 70 19.94 12.73 2.28
C LEU C 70 20.48 12.74 0.85
N GLY C 71 21.62 13.40 0.63
CA GLY C 71 22.22 13.47 -0.69
C GLY C 71 21.28 14.04 -1.75
N LEU C 72 20.58 15.15 -1.41
CA LEU C 72 19.53 15.74 -2.25
C LEU C 72 20.07 16.15 -3.58
N GLY C 73 19.32 15.94 -4.64
CA GLY C 73 19.73 16.40 -5.97
C GLY C 73 20.92 15.70 -6.60
N SER C 74 21.39 14.64 -5.95
CA SER C 74 22.43 13.80 -6.55
C SER C 74 21.72 12.57 -7.10
N GLY C 75 20.90 12.76 -8.15
CA GLY C 75 20.24 11.68 -8.94
C GLY C 75 21.16 10.47 -8.85
N ASP C 76 20.57 9.32 -8.50
CA ASP C 76 21.19 8.28 -7.62
C ASP C 76 20.51 8.44 -6.25
N CYS C 77 19.30 8.99 -6.29
CA CYS C 77 18.67 9.57 -5.11
C CYS C 77 17.15 9.43 -5.14
N THR C 78 16.64 8.86 -4.06
CA THR C 78 15.24 8.46 -3.96
C THR C 78 14.37 9.62 -3.53
N VAL C 79 14.90 10.42 -2.60
CA VAL C 79 14.21 11.54 -2.00
C VAL C 79 14.26 12.77 -2.92
N LYS C 80 13.11 13.40 -3.12
CA LYS C 80 12.99 14.56 -3.99
C LYS C 80 12.76 15.78 -3.15
N ILE C 81 13.38 16.90 -3.53
CA ILE C 81 13.27 18.15 -2.81
C ILE C 81 12.66 19.27 -3.68
N ALA C 82 11.71 20.00 -3.07
CA ALA C 82 11.17 21.25 -3.67
C ALA C 82 11.48 22.46 -2.80
N THR C 83 11.87 23.54 -3.47
CA THR C 83 11.88 24.85 -2.84
C THR C 83 11.28 25.93 -3.73
N LYS C 84 11.27 27.16 -3.21
CA LYS C 84 10.46 28.25 -3.77
C LYS C 84 11.19 29.57 -3.57
N ALA C 85 11.08 30.45 -4.59
CA ALA C 85 11.50 31.85 -4.54
C ALA C 85 10.28 32.73 -4.41
N ASN C 86 10.39 33.76 -3.60
CA ASN C 86 9.30 34.70 -3.34
C ASN C 86 9.72 36.18 -3.58
N PRO C 87 8.73 37.05 -3.87
CA PRO C 87 8.97 38.49 -4.06
C PRO C 87 9.02 39.36 -2.82
N TRP C 88 8.81 38.78 -1.65
CA TRP C 88 8.55 39.55 -0.47
C TRP C 88 9.80 40.24 0.15
N GLU C 89 9.49 41.17 1.01
CA GLU C 89 10.45 41.97 1.75
C GLU C 89 11.44 42.60 0.80
N GLY C 90 10.93 43.18 -0.28
CA GLY C 90 11.74 43.88 -1.24
C GLY C 90 12.55 43.02 -2.22
N LYS C 91 12.41 41.71 -2.19
CA LYS C 91 13.22 40.89 -3.07
C LYS C 91 12.76 40.87 -4.53
N SER C 92 11.48 40.85 -4.76
CA SER C 92 10.94 40.71 -6.14
C SER C 92 11.28 39.34 -6.78
N LEU C 93 10.63 39.09 -7.93
CA LEU C 93 10.95 37.97 -8.79
C LEU C 93 11.64 38.40 -10.08
N LYS C 94 12.39 39.49 -10.00
CA LYS C 94 13.34 39.82 -11.06
C LYS C 94 14.36 38.71 -11.20
N PRO C 95 14.94 38.56 -12.39
CA PRO C 95 16.01 37.59 -12.64
C PRO C 95 17.15 37.48 -11.61
N ASP C 96 17.73 38.60 -11.20
CA ASP C 96 18.81 38.50 -10.21
C ASP C 96 18.34 37.99 -8.84
N SER C 97 17.13 38.35 -8.46
CA SER C 97 16.56 37.91 -7.22
C SER C 97 16.25 36.40 -7.22
N ILE C 98 15.57 35.94 -8.25
CA ILE C 98 15.25 34.52 -8.39
C ILE C 98 16.53 33.63 -8.35
N ARG C 99 17.53 34.08 -9.09
CA ARG C 99 18.83 33.43 -9.14
C ARG C 99 19.49 33.39 -7.75
N SER C 100 19.48 34.51 -7.07
CA SER C 100 20.09 34.54 -5.74
C SER C 100 19.36 33.64 -4.74
N GLN C 101 18.02 33.68 -4.77
CA GLN C 101 17.25 32.85 -3.87
C GLN C 101 17.51 31.38 -4.14
N LEU C 102 17.48 30.95 -5.38
CA LEU C 102 17.72 29.53 -5.68
C LEU C 102 19.15 29.10 -5.38
N GLU C 103 20.15 29.90 -5.76
CA GLU C 103 21.55 29.58 -5.40
C GLU C 103 21.77 29.49 -3.88
N THR C 104 21.16 30.40 -3.13
CA THR C 104 21.16 30.35 -1.67
C THR C 104 20.52 29.08 -1.16
N SER C 105 19.38 28.73 -1.71
CA SER C 105 18.70 27.51 -1.32
C SER C 105 19.56 26.22 -1.53
N LEU C 106 20.18 26.12 -2.69
CA LEU C 106 21.05 25.01 -3.05
C LEU C 106 22.15 24.85 -2.06
N LYS C 107 22.75 25.96 -1.64
CA LYS C 107 23.81 25.99 -0.65
C LYS C 107 23.30 25.42 0.63
N ARG C 108 22.18 25.94 1.12
CA ARG C 108 21.64 25.50 2.41
C ARG C 108 21.15 24.04 2.40
N LEU C 109 20.58 23.63 1.27
CA LEU C 109 20.15 22.23 1.06
C LEU C 109 21.33 21.30 0.74
N GLN C 110 22.52 21.87 0.56
CA GLN C 110 23.72 21.09 0.28
C GLN C 110 23.48 20.19 -0.94
N CYS C 111 22.96 20.79 -1.98
CA CYS C 111 22.66 20.03 -3.19
C CYS C 111 22.89 20.80 -4.51
N PRO C 112 23.23 20.07 -5.59
CA PRO C 112 23.59 20.79 -6.82
C PRO C 112 22.36 21.22 -7.62
N ARG C 113 21.20 20.64 -7.29
CA ARG C 113 19.95 21.08 -7.95
C ARG C 113 18.75 20.48 -7.25
N VAL C 114 17.62 21.19 -7.41
CA VAL C 114 16.38 20.77 -6.80
C VAL C 114 15.55 20.09 -7.82
N ASP C 115 14.70 19.21 -7.34
CA ASP C 115 13.84 18.47 -8.23
C ASP C 115 12.64 19.37 -8.70
N LEU C 116 12.26 20.33 -7.87
CA LEU C 116 11.14 21.21 -8.15
C LEU C 116 11.44 22.60 -7.58
N PHE C 117 11.24 23.61 -8.42
CA PHE C 117 11.45 25.01 -8.07
C PHE C 117 10.21 25.79 -8.35
N TYR C 118 9.61 26.37 -7.31
CA TYR C 118 8.40 27.15 -7.49
C TYR C 118 8.63 28.66 -7.43
N LEU C 119 7.80 29.37 -8.18
CA LEU C 119 7.42 30.78 -7.91
C LEU C 119 6.35 30.73 -6.82
N HIS C 120 6.73 31.25 -5.65
CA HIS C 120 6.00 31.01 -4.36
C HIS C 120 4.68 31.78 -4.38
N ALA C 121 4.75 32.98 -4.95
CA ALA C 121 3.57 33.86 -5.13
C ALA C 121 3.91 34.90 -6.16
N PRO C 122 2.88 35.45 -6.85
CA PRO C 122 3.10 36.41 -7.89
C PRO C 122 3.81 37.66 -7.43
N ASP C 123 4.65 38.19 -8.33
CA ASP C 123 5.19 39.59 -8.26
C ASP C 123 4.47 40.45 -9.32
N HIS C 124 3.44 41.17 -8.88
CA HIS C 124 2.68 41.93 -9.82
C HIS C 124 3.43 43.14 -10.37
N SER C 125 4.61 43.41 -9.79
CA SER C 125 5.47 44.53 -10.24
C SER C 125 6.47 44.15 -11.29
N THR C 126 6.65 42.86 -11.54
CA THR C 126 7.69 42.43 -12.46
C THR C 126 7.00 41.68 -13.54
N PRO C 127 7.15 42.13 -14.79
CA PRO C 127 6.55 41.35 -15.90
C PRO C 127 6.97 39.87 -15.90
N VAL C 128 5.98 39.03 -16.06
CA VAL C 128 6.10 37.64 -15.89
C VAL C 128 7.13 37.03 -16.86
N GLU C 129 7.28 37.64 -18.02
CA GLU C 129 8.20 37.17 -19.05
C GLU C 129 9.62 37.22 -18.56
N GLU C 130 9.93 38.30 -17.83
CA GLU C 130 11.25 38.49 -17.24
C GLU C 130 11.60 37.35 -16.32
N THR C 131 10.68 37.06 -15.41
CA THR C 131 10.84 35.98 -14.46
C THR C 131 10.95 34.62 -15.15
N LEU C 132 10.07 34.34 -16.14
CA LEU C 132 10.08 33.06 -16.84
C LEU C 132 11.35 32.83 -17.68
N CYS C 133 11.86 33.89 -18.27
CA CYS C 133 13.09 33.78 -18.99
C CYS C 133 14.27 33.38 -18.04
N ALA C 134 14.27 33.98 -16.86
CA ALA C 134 15.29 33.67 -15.88
C ALA C 134 15.18 32.22 -15.43
N CYS C 135 13.96 31.77 -15.20
CA CYS C 135 13.75 30.39 -14.80
C CYS C 135 14.29 29.48 -15.87
N HIS C 136 14.06 29.81 -17.14
CA HIS C 136 14.55 28.94 -18.19
C HIS C 136 16.07 28.83 -18.12
N GLN C 137 16.71 29.96 -17.99
CA GLN C 137 18.15 30.01 -17.90
C GLN C 137 18.65 29.14 -16.79
N LEU C 138 18.05 29.24 -15.60
CA LEU C 138 18.53 28.48 -14.45
C LEU C 138 18.35 26.99 -14.64
N HIS C 139 17.25 26.60 -15.30
CA HIS C 139 17.02 25.22 -15.70
C HIS C 139 18.12 24.72 -16.65
N GLN C 140 18.47 25.56 -17.62
CA GLN C 140 19.48 25.24 -18.59
C GLN C 140 20.83 25.06 -17.91
N GLU C 141 21.05 25.78 -16.81
CA GLU C 141 22.25 25.59 -15.99
C GLU C 141 22.25 24.39 -15.08
N GLY C 142 21.14 23.65 -15.04
CA GLY C 142 21.03 22.43 -14.29
C GLY C 142 20.62 22.63 -12.83
N LYS C 143 20.16 23.84 -12.49
CA LYS C 143 19.89 24.16 -11.11
C LYS C 143 18.54 23.68 -10.60
N PHE C 144 17.61 23.35 -11.51
CA PHE C 144 16.37 22.66 -11.12
C PHE C 144 15.81 21.78 -12.22
N VAL C 145 15.11 20.71 -11.82
CA VAL C 145 14.54 19.81 -12.81
C VAL C 145 13.16 20.31 -13.38
N GLU C 146 12.20 20.48 -12.49
CA GLU C 146 10.84 20.95 -12.90
C GLU C 146 10.51 22.31 -12.27
N LEU C 147 9.77 23.08 -13.00
CA LEU C 147 9.24 24.37 -12.56
C LEU C 147 7.79 24.23 -12.01
N GLY C 148 7.53 24.95 -10.93
CA GLY C 148 6.18 25.02 -10.39
C GLY C 148 5.69 26.44 -10.16
N LEU C 149 4.38 26.54 -9.97
CA LEU C 149 3.74 27.77 -9.54
C LEU C 149 2.95 27.58 -8.26
N SER C 150 2.81 28.64 -7.52
CA SER C 150 1.96 28.65 -6.37
C SER C 150 1.33 30.03 -6.24
N ASN C 151 0.02 30.01 -5.93
CA ASN C 151 -0.75 31.23 -5.61
C ASN C 151 -1.02 32.23 -6.76
N TYR C 152 -0.85 31.73 -7.99
CA TYR C 152 -1.29 32.41 -9.23
C TYR C 152 -2.72 31.98 -9.55
N ALA C 153 -3.43 32.91 -10.16
CA ALA C 153 -4.78 32.67 -10.58
C ALA C 153 -4.75 31.77 -11.82
N SER C 154 -5.80 30.98 -12.03
CA SER C 154 -5.87 30.12 -13.22
C SER C 154 -5.49 30.84 -14.50
N TRP C 155 -5.99 32.07 -14.68
CA TRP C 155 -5.73 32.80 -15.89
C TRP C 155 -4.27 33.27 -15.99
N GLU C 156 -3.61 33.49 -14.86
CA GLU C 156 -2.20 33.87 -14.90
C GLU C 156 -1.41 32.63 -15.28
N VAL C 157 -1.81 31.45 -14.79
CA VAL C 157 -1.18 30.18 -15.18
C VAL C 157 -1.26 29.96 -16.70
N ALA C 158 -2.47 30.16 -17.24
CA ALA C 158 -2.68 30.02 -18.66
C ALA C 158 -1.74 30.96 -19.46
N GLU C 159 -1.69 32.24 -19.05
CA GLU C 159 -0.80 33.20 -19.70
C GLU C 159 0.62 32.66 -19.67
N ILE C 160 1.09 32.19 -18.53
CA ILE C 160 2.46 31.71 -18.35
C ILE C 160 2.76 30.52 -19.22
N CYS C 161 1.89 29.50 -19.19
CA CYS C 161 2.07 28.31 -20.05
C CYS C 161 2.07 28.65 -21.52
N THR C 162 1.18 29.55 -21.92
CA THR C 162 1.11 29.97 -23.30
C THR C 162 2.37 30.72 -23.72
N LEU C 163 2.85 31.65 -22.89
CA LEU C 163 4.14 32.36 -23.15
C LEU C 163 5.38 31.46 -23.17
N CYS C 164 5.47 30.50 -22.24
CA CYS C 164 6.54 29.55 -22.26
C CYS C 164 6.62 28.79 -23.57
N LYS C 165 5.45 28.28 -23.99
CA LYS C 165 5.35 27.50 -25.20
C LYS C 165 5.83 28.31 -26.41
N SER C 166 5.36 29.54 -26.58
CA SER C 166 5.78 30.36 -27.69
C SER C 166 7.25 30.79 -27.63
N ASN C 167 7.82 30.89 -26.43
CA ASN C 167 9.21 31.38 -26.28
C ASN C 167 10.25 30.24 -26.10
N GLY C 168 9.80 28.98 -26.16
CA GLY C 168 10.67 27.84 -25.90
C GLY C 168 11.26 27.76 -24.47
N TRP C 169 10.48 28.21 -23.48
CA TRP C 169 10.90 28.11 -22.09
C TRP C 169 10.26 26.87 -21.45
N ILE C 170 10.93 26.34 -20.44
CA ILE C 170 10.38 25.23 -19.66
C ILE C 170 9.02 25.60 -19.12
N LEU C 171 8.03 24.75 -19.35
CA LEU C 171 6.68 24.96 -18.80
C LEU C 171 6.68 24.58 -17.33
N PRO C 172 5.86 25.26 -16.54
CA PRO C 172 5.60 24.72 -15.19
C PRO C 172 4.71 23.44 -15.27
N THR C 173 5.04 22.45 -14.45
CA THR C 173 4.36 21.14 -14.50
C THR C 173 3.66 20.78 -13.17
N VAL C 174 3.86 21.65 -12.19
CA VAL C 174 3.25 21.52 -10.87
C VAL C 174 2.69 22.88 -10.47
N TYR C 175 1.50 22.83 -9.86
CA TYR C 175 0.88 23.99 -9.16
C TYR C 175 0.66 23.54 -7.71
N GLN C 176 1.07 24.39 -6.77
CA GLN C 176 0.86 24.11 -5.38
C GLN C 176 -0.18 25.09 -4.85
N GLY C 177 -1.33 24.55 -4.42
CA GLY C 177 -2.49 25.38 -4.12
C GLY C 177 -3.22 25.07 -2.82
N MET C 178 -3.94 26.07 -2.32
CA MET C 178 -4.78 25.97 -1.13
C MET C 178 -6.05 25.10 -1.42
N TYR C 179 -6.18 23.99 -0.75
CA TYR C 179 -7.29 23.05 -0.95
C TYR C 179 -7.52 22.19 0.30
N ASN C 180 -8.79 22.19 0.74
CA ASN C 180 -9.21 21.28 1.83
C ASN C 180 -10.70 21.11 1.76
N ALA C 181 -11.26 20.36 2.66
CA ALA C 181 -12.69 20.03 2.58
C ALA C 181 -13.60 21.23 2.60
N THR C 182 -13.15 22.30 3.22
CA THR C 182 -13.97 23.49 3.38
C THR C 182 -13.43 24.69 2.54
N THR C 183 -12.41 24.41 1.72
CA THR C 183 -11.75 25.44 0.93
C THR C 183 -11.55 24.88 -0.48
N ARG C 184 -12.49 25.23 -1.39
CA ARG C 184 -12.61 24.56 -2.66
C ARG C 184 -12.67 25.44 -3.86
N GLN C 185 -12.22 26.69 -3.73
CA GLN C 185 -12.27 27.68 -4.80
C GLN C 185 -11.56 27.24 -6.05
N VAL C 186 -10.44 26.55 -5.86
CA VAL C 186 -9.61 26.02 -6.93
C VAL C 186 -10.32 25.05 -7.89
N GLU C 187 -11.45 24.49 -7.47
CA GLU C 187 -12.15 23.47 -8.31
C GLU C 187 -12.73 23.98 -9.60
N ALA C 188 -13.38 25.15 -9.56
CA ALA C 188 -14.15 25.63 -10.70
C ALA C 188 -13.31 25.94 -11.91
N GLU C 189 -12.21 26.67 -11.71
CA GLU C 189 -11.37 27.19 -12.82
C GLU C 189 -9.93 26.77 -12.79
N LEU C 190 -9.30 26.77 -11.62
CA LEU C 190 -7.89 26.37 -11.62
C LEU C 190 -7.64 24.94 -12.08
N LEU C 191 -8.33 23.98 -11.47
CA LEU C 191 -8.11 22.56 -11.80
C LEU C 191 -8.29 22.23 -13.29
N PRO C 192 -9.41 22.66 -13.90
CA PRO C 192 -9.53 22.52 -15.37
C PRO C 192 -8.37 23.15 -16.21
N CYS C 193 -7.90 24.30 -15.79
CA CYS C 193 -6.80 24.92 -16.45
C CYS C 193 -5.56 24.04 -16.34
N LEU C 194 -5.28 23.53 -15.14
CA LEU C 194 -4.10 22.72 -14.89
C LEU C 194 -4.16 21.42 -15.71
N ARG C 195 -5.35 20.84 -15.85
CA ARG C 195 -5.43 19.65 -16.67
C ARG C 195 -5.26 19.94 -18.16
N HIS C 196 -5.78 21.06 -18.64
CA HIS C 196 -5.53 21.40 -20.02
C HIS C 196 -4.02 21.56 -20.27
N PHE C 197 -3.32 22.22 -19.35
CA PHE C 197 -1.92 22.57 -19.59
C PHE C 197 -0.93 21.55 -19.07
N GLY C 198 -1.42 20.51 -18.39
CA GLY C 198 -0.62 19.35 -18.01
C GLY C 198 0.11 19.47 -16.67
N LEU C 199 -0.47 20.21 -15.73
CA LEU C 199 0.18 20.41 -14.43
C LEU C 199 -0.52 19.53 -13.41
N ARG C 200 0.29 18.94 -12.53
CA ARG C 200 -0.26 18.22 -11.42
C ARG C 200 -0.40 19.21 -10.28
N PHE C 201 -1.35 18.92 -9.40
CA PHE C 201 -1.70 19.78 -8.30
C PHE C 201 -1.31 19.20 -6.92
N TYR C 202 -0.55 19.98 -6.17
CA TYR C 202 -0.22 19.66 -4.77
C TYR C 202 -1.00 20.60 -3.81
N ALA C 203 -1.72 19.99 -2.87
CA ALA C 203 -2.59 20.72 -1.93
C ALA C 203 -1.88 21.11 -0.64
N TYR C 204 -1.81 22.41 -0.37
CA TYR C 204 -1.37 22.87 0.93
C TYR C 204 -2.60 23.27 1.76
N ASN C 205 -2.33 23.56 3.03
CA ASN C 205 -3.37 23.80 4.01
C ASN C 205 -4.45 22.68 4.06
N PRO C 206 -4.05 21.39 3.99
CA PRO C 206 -5.07 20.32 3.91
C PRO C 206 -5.91 20.21 5.18
N LEU C 207 -5.43 20.83 6.27
CA LEU C 207 -6.22 20.91 7.53
C LEU C 207 -6.63 22.33 7.87
N ALA C 208 -6.61 23.20 6.85
CA ALA C 208 -6.87 24.60 7.05
C ALA C 208 -5.92 25.15 8.12
N GLY C 209 -4.63 24.84 8.02
CA GLY C 209 -3.66 25.33 9.02
C GLY C 209 -3.85 24.82 10.45
N GLY C 210 -4.67 23.75 10.56
CA GLY C 210 -5.03 23.11 11.83
C GLY C 210 -6.49 23.33 12.24
N LEU C 211 -7.20 24.24 11.58
CA LEU C 211 -8.58 24.49 11.98
C LEU C 211 -9.40 23.21 11.89
N LEU C 212 -9.16 22.41 10.85
CA LEU C 212 -9.95 21.20 10.60
C LEU C 212 -9.58 20.01 11.48
N THR C 213 -8.78 20.24 12.52
CA THR C 213 -8.53 19.24 13.56
C THR C 213 -9.65 19.32 14.60
N GLY C 214 -10.45 20.39 14.57
CA GLY C 214 -11.49 20.60 15.56
C GLY C 214 -11.02 21.08 16.92
N LYS C 215 -9.71 21.40 17.09
CA LYS C 215 -9.09 21.71 18.38
C LYS C 215 -9.35 23.16 18.90
N TYR C 216 -9.97 23.99 18.08
CA TYR C 216 -10.23 25.37 18.48
C TYR C 216 -11.75 25.64 18.60
N LYS C 217 -12.11 26.72 19.28
CA LYS C 217 -13.45 27.33 19.26
C LYS C 217 -13.28 28.75 18.84
N TYR C 218 -14.28 29.31 18.17
CA TYR C 218 -14.19 30.67 17.65
C TYR C 218 -13.70 31.71 18.66
N GLU C 219 -14.16 31.59 19.90
CA GLU C 219 -13.91 32.59 20.95
C GLU C 219 -12.48 32.46 21.57
N ASP C 220 -11.72 31.46 21.16
CA ASP C 220 -10.27 31.38 21.43
C ASP C 220 -9.51 32.66 20.97
N LYS C 221 -10.01 33.34 19.92
CA LYS C 221 -9.38 34.58 19.44
C LYS C 221 -9.42 35.72 20.49
N ASP C 222 -10.45 35.75 21.33
CA ASP C 222 -10.58 36.82 22.37
C ASP C 222 -9.89 36.43 23.67
N GLY C 223 -9.75 35.14 23.89
CA GLY C 223 -9.30 34.67 25.17
C GLY C 223 -8.01 33.86 25.11
N LYS C 224 -8.20 32.55 24.98
CA LYS C 224 -7.15 31.51 25.09
C LYS C 224 -5.93 31.88 24.23
N GLN C 225 -6.21 32.25 22.97
CA GLN C 225 -5.19 32.58 21.97
C GLN C 225 -4.05 31.60 22.03
N PRO C 226 -4.36 30.30 21.82
CA PRO C 226 -3.35 29.24 21.95
C PRO C 226 -2.26 29.37 20.90
N VAL C 227 -1.02 29.46 21.36
CA VAL C 227 0.10 29.68 20.49
C VAL C 227 0.15 28.56 19.48
N GLY C 228 0.40 28.96 18.25
CA GLY C 228 0.35 28.02 17.11
C GLY C 228 0.21 28.82 15.86
N ARG C 229 -0.27 28.13 14.83
CA ARG C 229 -0.56 28.70 13.52
C ARG C 229 -1.32 30.00 13.61
N PHE C 230 -2.30 30.05 14.50
CA PHE C 230 -3.27 31.15 14.43
C PHE C 230 -3.02 32.26 15.42
N PHE C 231 -2.07 32.07 16.31
CA PHE C 231 -1.72 33.04 17.36
C PHE C 231 -0.19 33.06 17.63
N GLY C 232 0.37 34.27 17.68
CA GLY C 232 1.71 34.48 18.18
C GLY C 232 2.86 34.70 17.19
N ASN C 233 2.62 34.45 15.90
CA ASN C 233 3.65 34.62 14.86
C ASN C 233 3.25 35.58 13.76
N ASN C 234 4.22 35.90 12.90
CA ASN C 234 4.01 37.01 11.94
C ASN C 234 2.96 36.77 10.85
N TRP C 235 2.68 35.51 10.59
CA TRP C 235 1.61 35.16 9.62
C TRP C 235 0.23 34.86 10.27
N ALA C 236 0.15 34.97 11.59
CA ALA C 236 -1.05 34.54 12.32
C ALA C 236 -2.32 35.34 11.91
N GLU C 237 -2.22 36.64 11.73
CA GLU C 237 -3.36 37.44 11.32
C GLU C 237 -3.82 37.06 9.94
N THR C 238 -2.85 36.73 9.09
CA THR C 238 -3.16 36.29 7.73
C THR C 238 -3.98 34.98 7.80
N TYR C 239 -3.49 34.04 8.60
CA TYR C 239 -4.19 32.80 8.84
C TYR C 239 -5.61 32.99 9.43
N ARG C 240 -5.77 33.92 10.37
CA ARG C 240 -7.08 34.21 10.95
C ARG C 240 -8.06 34.81 9.92
N ASN C 241 -7.52 35.73 9.14
CA ASN C 241 -8.26 36.28 8.01
C ASN C 241 -8.65 35.14 7.04
N ARG C 242 -7.78 34.18 6.87
CA ARG C 242 -7.95 33.12 5.92
C ARG C 242 -9.04 32.11 6.34
N PHE C 243 -8.97 31.63 7.59
CA PHE C 243 -9.84 30.54 8.03
C PHE C 243 -10.70 30.76 9.26
N TRP C 244 -10.31 31.72 10.10
CA TRP C 244 -10.92 31.87 11.41
C TRP C 244 -12.24 32.70 11.29
N LYS C 245 -13.29 31.99 10.87
CA LYS C 245 -14.61 32.58 10.65
C LYS C 245 -15.68 31.74 11.32
N GLU C 246 -16.67 32.45 11.87
CA GLU C 246 -17.77 31.85 12.57
C GLU C 246 -18.47 30.79 11.76
N HIS C 247 -18.76 31.03 10.49
CA HIS C 247 -19.39 29.99 9.66
C HIS C 247 -18.48 28.77 9.47
N HIS C 248 -17.17 28.94 9.52
CA HIS C 248 -16.24 27.83 9.37
C HIS C 248 -16.30 26.95 10.58
N PHE C 249 -16.33 27.56 11.77
CA PHE C 249 -16.55 26.83 13.00
C PHE C 249 -17.89 26.06 13.02
N GLU C 250 -18.96 26.73 12.60
CA GLU C 250 -20.28 26.08 12.49
C GLU C 250 -20.20 24.93 11.51
N ALA C 251 -19.44 25.11 10.43
CA ALA C 251 -19.30 24.04 9.44
C ALA C 251 -18.56 22.81 10.04
N ILE C 252 -17.50 23.08 10.81
CA ILE C 252 -16.77 21.99 11.42
C ILE C 252 -17.66 21.21 12.35
N ALA C 253 -18.45 21.95 13.13
CA ALA C 253 -19.41 21.35 14.10
C ALA C 253 -20.43 20.44 13.46
N LEU C 254 -20.88 20.83 12.30
CA LEU C 254 -21.75 20.03 11.42
C LEU C 254 -21.19 18.66 11.08
N VAL C 255 -19.90 18.67 10.71
CA VAL C 255 -19.15 17.44 10.39
C VAL C 255 -18.92 16.60 11.64
N GLU C 256 -18.52 17.24 12.75
CA GLU C 256 -18.28 16.53 14.00
C GLU C 256 -19.54 15.76 14.40
N LYS C 257 -20.68 16.42 14.22
CA LYS C 257 -21.96 15.80 14.57
C LYS C 257 -22.25 14.59 13.66
N ALA C 258 -21.95 14.73 12.37
CA ALA C 258 -22.17 13.67 11.41
C ALA C 258 -21.29 12.48 11.70
N LEU C 259 -20.05 12.74 12.16
CA LEU C 259 -19.12 11.65 12.57
C LEU C 259 -19.63 10.82 13.77
N GLN C 260 -20.16 11.54 14.76
CA GLN C 260 -20.79 10.96 15.92
C GLN C 260 -21.98 10.12 15.56
N THR C 261 -22.88 10.71 14.77
CA THR C 261 -24.10 10.02 14.32
C THR C 261 -23.79 8.80 13.49
N THR C 262 -22.82 8.91 12.59
CA THR C 262 -22.53 7.84 11.63
C THR C 262 -21.74 6.72 12.24
N TYR C 263 -20.81 7.03 13.13
CA TYR C 263 -19.83 6.07 13.59
C TYR C 263 -19.93 5.71 15.10
N GLY C 264 -20.57 6.58 15.88
CA GLY C 264 -20.63 6.48 17.33
C GLY C 264 -19.31 6.64 18.06
N THR C 265 -19.03 5.68 18.92
CA THR C 265 -17.80 5.63 19.71
C THR C 265 -16.57 5.28 18.84
N ASN C 266 -16.83 4.59 17.71
CA ASN C 266 -15.81 4.24 16.68
C ASN C 266 -15.53 5.45 15.73
N ALA C 267 -15.92 6.67 16.16
CA ALA C 267 -15.82 7.84 15.26
C ALA C 267 -14.36 8.22 15.07
N PRO C 268 -13.95 8.38 13.79
CA PRO C 268 -12.65 9.01 13.52
C PRO C 268 -12.61 10.45 14.02
N ARG C 269 -11.41 10.88 14.41
CA ARG C 269 -11.19 12.25 14.77
C ARG C 269 -11.36 13.10 13.53
N MET C 270 -11.72 14.35 13.77
CA MET C 270 -11.89 15.35 12.72
C MET C 270 -10.64 15.43 11.85
N THR C 271 -9.45 15.40 12.48
CA THR C 271 -8.18 15.39 11.73
C THR C 271 -8.16 14.27 10.70
N SER C 272 -8.57 13.10 11.15
CA SER C 272 -8.54 11.91 10.30
C SER C 272 -9.60 12.00 9.15
N ALA C 273 -10.78 12.49 9.49
CA ALA C 273 -11.85 12.75 8.52
C ALA C 273 -11.50 13.78 7.43
N ALA C 274 -10.92 14.90 7.84
CA ALA C 274 -10.53 15.94 6.89
C ALA C 274 -9.47 15.41 5.92
N LEU C 275 -8.46 14.66 6.43
CA LEU C 275 -7.41 14.13 5.57
C LEU C 275 -7.93 13.04 4.66
N ARG C 276 -8.81 12.21 5.15
CA ARG C 276 -9.41 11.17 4.31
C ARG C 276 -10.31 11.76 3.19
N TRP C 277 -10.94 12.91 3.47
CA TRP C 277 -11.65 13.64 2.44
C TRP C 277 -10.71 13.96 1.27
N MET C 278 -9.49 14.40 1.61
CA MET C 278 -8.48 14.78 0.64
C MET C 278 -8.09 13.59 -0.22
N TYR C 279 -7.87 12.46 0.39
CA TYR C 279 -7.41 11.31 -0.35
C TYR C 279 -8.48 10.53 -1.07
N HIS C 280 -9.72 10.63 -0.60
CA HIS C 280 -10.78 9.79 -1.18
C HIS C 280 -11.94 10.53 -1.80
N HIS C 281 -12.14 11.77 -1.41
CA HIS C 281 -13.40 12.45 -1.75
C HIS C 281 -13.28 13.81 -2.42
N SER C 282 -12.04 14.22 -2.69
CA SER C 282 -11.70 15.50 -3.29
C SER C 282 -11.54 15.30 -4.80
N GLN C 283 -11.20 16.37 -5.51
CA GLN C 283 -10.93 16.29 -6.93
C GLN C 283 -9.45 16.00 -7.28
N LEU C 284 -8.62 15.74 -6.27
CA LEU C 284 -7.29 15.25 -6.54
C LEU C 284 -7.35 13.89 -7.22
N GLN C 285 -6.49 13.74 -8.23
CA GLN C 285 -6.31 12.48 -8.97
C GLN C 285 -4.89 11.95 -8.83
N GLY C 286 -4.73 10.86 -8.11
CA GLY C 286 -3.44 10.19 -8.00
C GLY C 286 -2.86 9.78 -9.35
N THR C 287 -3.71 9.38 -10.30
CA THR C 287 -3.21 9.04 -11.66
C THR C 287 -2.61 10.24 -12.41
N ARG C 288 -2.97 11.46 -12.03
CA ARG C 288 -2.39 12.67 -12.59
C ARG C 288 -1.11 13.12 -11.86
N GLY C 289 -0.75 12.45 -10.77
CA GLY C 289 0.40 12.90 -9.93
C GLY C 289 0.05 13.90 -8.82
N ASP C 290 -1.25 14.10 -8.63
CA ASP C 290 -1.74 15.01 -7.64
C ASP C 290 -1.34 14.53 -6.27
N ALA C 291 -1.16 15.46 -5.33
CA ALA C 291 -0.64 15.09 -4.00
C ALA C 291 -1.15 16.02 -2.90
N VAL C 292 -1.10 15.50 -1.67
CA VAL C 292 -1.41 16.23 -0.47
C VAL C 292 -0.09 16.54 0.23
N ILE C 293 0.11 17.80 0.58
CA ILE C 293 1.26 18.17 1.40
C ILE C 293 0.80 18.23 2.88
N LEU C 294 1.28 17.26 3.65
CA LEU C 294 1.00 17.21 5.06
C LEU C 294 1.74 18.30 5.82
N GLY C 295 1.04 18.83 6.83
CA GLY C 295 1.63 19.81 7.78
C GLY C 295 1.68 19.24 9.20
N MET C 296 2.58 19.79 9.98
CA MET C 296 2.78 19.44 11.37
C MET C 296 3.69 20.47 12.04
N SER C 297 3.49 20.64 13.33
CA SER C 297 4.52 21.29 14.21
C SER C 297 5.20 20.32 15.18
N SER C 298 4.88 19.03 15.08
CA SER C 298 5.50 17.99 15.90
C SER C 298 5.47 16.64 15.20
N LEU C 299 6.38 15.77 15.64
CA LEU C 299 6.43 14.39 15.16
C LEU C 299 5.12 13.61 15.47
N GLU C 300 4.56 13.85 16.66
CA GLU C 300 3.32 13.21 17.14
C GLU C 300 2.13 13.57 16.23
N GLN C 301 2.02 14.84 15.85
CA GLN C 301 1.01 15.27 14.83
C GLN C 301 1.20 14.60 13.47
N LEU C 302 2.46 14.52 13.04
CA LEU C 302 2.80 13.86 11.79
C LEU C 302 2.40 12.39 11.74
N GLU C 303 2.67 11.67 12.81
CA GLU C 303 2.37 10.25 12.88
C GLU C 303 0.87 10.02 12.78
N GLN C 304 0.14 10.87 13.47
CA GLN C 304 -1.31 10.83 13.41
C GLN C 304 -1.80 11.09 11.99
N ASN C 305 -1.21 12.09 11.35
CA ASN C 305 -1.57 12.45 9.97
C ASN C 305 -1.23 11.36 8.96
N LEU C 306 -0.06 10.75 9.09
CA LEU C 306 0.35 9.66 8.28
C LEU C 306 -0.59 8.47 8.37
N ALA C 307 -1.04 8.20 9.58
CA ALA C 307 -1.99 7.12 9.83
C ALA C 307 -3.26 7.35 9.04
N ALA C 308 -3.75 8.58 9.10
CA ALA C 308 -4.98 9.01 8.44
C ALA C 308 -4.93 8.94 6.93
N THR C 309 -3.74 9.11 6.36
CA THR C 309 -3.55 8.97 4.93
C THR C 309 -3.75 7.55 4.48
N GLU C 310 -3.52 6.61 5.40
CA GLU C 310 -3.64 5.18 5.08
C GLU C 310 -5.01 4.58 5.41
N GLU C 311 -5.89 5.36 6.06
CA GLU C 311 -7.28 4.99 6.24
C GLU C 311 -8.06 5.03 4.90
N GLY C 312 -9.28 4.49 4.95
CA GLY C 312 -10.07 4.31 3.76
C GLY C 312 -11.10 5.41 3.59
N PRO C 313 -12.01 5.25 2.64
CA PRO C 313 -13.10 6.20 2.41
C PRO C 313 -14.01 6.44 3.63
N LEU C 314 -14.69 7.57 3.63
CA LEU C 314 -15.69 7.89 4.60
C LEU C 314 -17.05 7.42 4.16
N GLU C 315 -17.92 7.28 5.14
CA GLU C 315 -19.28 6.93 4.90
C GLU C 315 -19.99 8.09 4.21
N PRO C 316 -20.90 7.78 3.28
CA PRO C 316 -21.60 8.80 2.52
C PRO C 316 -22.11 9.98 3.35
N ALA C 317 -22.77 9.69 4.47
CA ALA C 317 -23.37 10.76 5.29
C ALA C 317 -22.33 11.79 5.74
N VAL C 318 -21.09 11.34 5.94
CA VAL C 318 -20.00 12.20 6.40
C VAL C 318 -19.46 12.97 5.22
N VAL C 319 -19.36 12.32 4.07
CA VAL C 319 -19.00 13.03 2.83
C VAL C 319 -20.01 14.18 2.50
N GLU C 320 -21.29 13.88 2.67
CA GLU C 320 -22.40 14.81 2.47
C GLU C 320 -22.31 15.96 3.47
N ALA C 321 -21.95 15.65 4.72
CA ALA C 321 -21.71 16.71 5.73
C ALA C 321 -20.58 17.67 5.35
N PHE C 322 -19.50 17.12 4.82
CA PHE C 322 -18.39 17.97 4.32
C PHE C 322 -18.87 18.90 3.18
N ASP C 323 -19.80 18.43 2.35
CA ASP C 323 -20.32 19.25 1.28
C ASP C 323 -21.19 20.35 1.80
N GLN C 324 -22.00 20.03 2.80
CA GLN C 324 -22.83 21.05 3.48
C GLN C 324 -21.93 22.09 4.19
N ALA C 325 -20.82 21.60 4.74
CA ALA C 325 -19.84 22.46 5.42
C ALA C 325 -19.26 23.45 4.45
N TRP C 326 -18.78 22.94 3.32
CA TRP C 326 -18.28 23.82 2.26
C TRP C 326 -19.39 24.83 1.88
N ASN C 327 -20.62 24.36 1.68
CA ASN C 327 -21.65 25.29 1.23
C ASN C 327 -21.90 26.44 2.20
N MET C 328 -21.70 26.20 3.48
CA MET C 328 -21.82 27.24 4.48
C MET C 328 -20.78 28.34 4.38
N VAL C 329 -19.58 27.96 3.98
CA VAL C 329 -18.44 28.89 3.96
C VAL C 329 -18.08 29.39 2.55
N ALA C 330 -18.59 28.74 1.51
CA ALA C 330 -18.23 29.05 0.11
C ALA C 330 -18.23 30.54 -0.22
N HIS C 331 -19.22 31.27 0.29
CA HIS C 331 -19.36 32.71 -0.04
C HIS C 331 -18.26 33.54 0.58
N GLU C 332 -17.54 33.03 1.56
CA GLU C 332 -16.44 33.80 2.13
C GLU C 332 -15.09 33.08 2.04
N CYS C 333 -14.98 32.18 1.06
CA CYS C 333 -13.78 31.40 0.83
C CYS C 333 -12.60 32.33 0.56
N PRO C 334 -11.47 32.05 1.17
CA PRO C 334 -10.28 32.85 0.83
C PRO C 334 -9.78 32.50 -0.57
N ASN C 335 -9.09 33.46 -1.21
CA ASN C 335 -8.62 33.30 -2.58
C ASN C 335 -7.38 32.44 -2.61
N TYR C 336 -7.39 31.50 -3.54
CA TYR C 336 -6.22 30.69 -3.76
C TYR C 336 -5.07 31.42 -4.40
N PHE C 337 -5.39 32.60 -4.97
CA PHE C 337 -4.48 33.43 -5.78
C PHE C 337 -4.25 34.72 -5.05
N ARG C 338 -3.09 35.31 -5.29
CA ARG C 338 -2.61 36.51 -4.55
C ARG C 338 -2.17 37.64 -5.50
N LEU D 15 -20.10 57.64 -14.28
CA LEU D 15 -20.50 57.20 -15.67
C LEU D 15 -21.04 55.77 -15.67
N ARG D 16 -22.34 55.69 -15.95
CA ARG D 16 -23.05 54.44 -15.81
C ARG D 16 -22.73 53.51 -16.97
N PRO D 17 -22.83 52.19 -16.73
CA PRO D 17 -22.72 51.26 -17.83
C PRO D 17 -23.61 51.61 -19.02
N ALA D 18 -23.17 51.25 -20.23
CA ALA D 18 -24.05 51.37 -21.41
C ALA D 18 -25.16 50.37 -21.40
N THR D 19 -26.06 50.56 -22.34
CA THR D 19 -27.21 49.69 -22.54
C THR D 19 -27.25 49.14 -23.98
N VAL D 20 -27.35 47.81 -24.06
CA VAL D 20 -27.33 47.05 -25.30
C VAL D 20 -28.66 46.33 -25.35
N LEU D 21 -29.25 46.24 -26.55
CA LEU D 21 -30.56 45.59 -26.74
C LEU D 21 -30.38 44.11 -27.11
N GLY D 22 -30.92 43.23 -26.28
CA GLY D 22 -30.96 41.81 -26.55
C GLY D 22 -32.06 41.49 -27.50
N THR D 23 -31.78 40.60 -28.45
CA THR D 23 -32.72 40.34 -29.56
C THR D 23 -33.08 38.84 -29.68
N MET D 24 -32.78 38.08 -28.64
CA MET D 24 -33.05 36.69 -28.59
C MET D 24 -34.54 36.31 -28.81
N GLU D 25 -35.49 37.18 -28.43
CA GLU D 25 -36.94 36.88 -28.62
C GLU D 25 -37.58 37.37 -29.88
N MET D 26 -36.83 38.11 -30.69
CA MET D 26 -37.25 38.53 -32.02
C MET D 26 -37.30 37.36 -32.96
N GLY D 27 -38.52 36.98 -33.34
CA GLY D 27 -38.80 35.79 -34.12
C GLY D 27 -39.38 34.65 -33.29
N ARG D 28 -39.44 34.77 -31.97
CA ARG D 28 -40.16 33.80 -31.17
C ARG D 28 -41.43 34.53 -30.56
N ARG D 29 -41.30 35.13 -29.37
CA ARG D 29 -42.40 35.86 -28.71
C ARG D 29 -42.65 37.19 -29.46
N MET D 30 -41.67 37.76 -30.12
CA MET D 30 -41.85 39.03 -30.79
C MET D 30 -41.82 38.94 -32.32
N ASP D 31 -42.86 39.45 -32.97
CA ASP D 31 -42.86 39.44 -34.41
C ASP D 31 -42.09 40.63 -34.94
N ALA D 32 -42.07 40.80 -36.26
CA ALA D 32 -41.25 41.82 -36.88
C ALA D 32 -41.71 43.21 -36.46
N SER D 33 -43.02 43.37 -36.29
CA SER D 33 -43.58 44.64 -35.93
C SER D 33 -43.26 45.01 -34.50
N ALA D 34 -43.42 44.09 -33.57
CA ALA D 34 -43.04 44.33 -32.19
C ALA D 34 -41.51 44.64 -32.08
N SER D 35 -40.72 43.91 -32.87
CA SER D 35 -39.27 44.01 -32.88
C SER D 35 -38.86 45.40 -33.36
N ALA D 36 -39.53 45.88 -34.42
CA ALA D 36 -39.30 47.22 -34.97
C ALA D 36 -39.59 48.32 -33.96
N ALA D 37 -40.70 48.16 -33.26
CA ALA D 37 -41.14 49.11 -32.23
C ALA D 37 -40.13 49.17 -31.06
N SER D 38 -39.58 48.01 -30.68
CA SER D 38 -38.66 47.89 -29.58
C SER D 38 -37.31 48.53 -29.93
N VAL D 39 -36.85 48.33 -31.13
CA VAL D 39 -35.62 48.96 -31.56
C VAL D 39 -35.82 50.46 -31.53
N ARG D 40 -36.95 50.93 -32.07
CA ARG D 40 -37.29 52.36 -32.06
C ARG D 40 -37.26 52.92 -30.65
N ALA D 41 -37.89 52.22 -29.73
CA ALA D 41 -37.94 52.66 -28.36
C ALA D 41 -36.53 52.72 -27.80
N PHE D 42 -35.72 51.75 -28.14
CA PHE D 42 -34.38 51.64 -27.59
C PHE D 42 -33.51 52.79 -28.10
N LEU D 43 -33.61 53.01 -29.38
CA LEU D 43 -32.90 54.09 -30.03
C LEU D 43 -33.29 55.49 -29.54
N GLU D 44 -34.60 55.68 -29.32
CA GLU D 44 -35.13 56.95 -28.80
C GLU D 44 -34.53 57.34 -27.45
N ARG D 45 -34.08 56.35 -26.67
CA ARG D 45 -33.40 56.64 -25.43
C ARG D 45 -31.92 56.99 -25.60
N GLY D 46 -31.44 57.05 -26.84
CA GLY D 46 -30.08 57.47 -27.11
C GLY D 46 -29.06 56.33 -27.17
N HIS D 47 -29.55 55.10 -27.08
CA HIS D 47 -28.67 53.93 -27.13
C HIS D 47 -28.43 53.55 -28.59
N SER D 48 -27.43 52.73 -28.83
CA SER D 48 -26.99 52.40 -30.17
C SER D 48 -26.60 50.98 -30.47
N GLU D 49 -26.38 50.10 -29.48
CA GLU D 49 -25.92 48.72 -29.80
C GLU D 49 -26.98 47.64 -29.70
N LEU D 50 -26.96 46.75 -30.67
CA LEU D 50 -27.87 45.60 -30.70
C LEU D 50 -27.09 44.28 -30.61
N ASP D 51 -27.68 43.29 -29.96
CA ASP D 51 -27.04 41.97 -29.79
C ASP D 51 -27.93 40.85 -30.34
N THR D 52 -27.38 40.11 -31.28
CA THR D 52 -28.04 38.98 -31.86
C THR D 52 -27.04 37.84 -31.97
N ALA D 53 -27.45 36.76 -32.63
CA ALA D 53 -26.63 35.55 -32.81
C ALA D 53 -27.19 34.77 -33.98
N PHE D 54 -26.31 34.03 -34.65
CA PHE D 54 -26.70 33.05 -35.71
C PHE D 54 -27.82 32.15 -35.23
N MET D 55 -27.66 31.73 -33.97
CA MET D 55 -28.55 30.74 -33.37
C MET D 55 -29.99 31.19 -33.25
N TYR D 56 -30.25 32.47 -32.97
CA TYR D 56 -31.56 32.88 -32.46
C TYR D 56 -32.65 32.75 -33.54
N CYS D 57 -33.64 31.96 -33.16
CA CYS D 57 -34.89 31.70 -33.92
C CYS D 57 -34.61 31.15 -35.28
N ASP D 58 -33.64 30.27 -35.37
CA ASP D 58 -33.25 29.65 -36.64
C ASP D 58 -32.88 30.72 -37.67
N GLY D 59 -32.29 31.80 -37.16
CA GLY D 59 -31.93 32.91 -38.01
C GLY D 59 -32.96 34.02 -38.12
N GLN D 60 -34.15 33.90 -37.54
CA GLN D 60 -35.18 34.92 -37.72
C GLN D 60 -34.90 36.21 -36.95
N SER D 61 -34.17 36.16 -35.84
CA SER D 61 -33.79 37.38 -35.15
C SER D 61 -32.94 38.26 -36.09
N GLU D 62 -31.95 37.64 -36.73
CA GLU D 62 -31.09 38.31 -37.67
C GLU D 62 -31.82 38.81 -38.90
N ASN D 63 -32.72 37.99 -39.44
CA ASN D 63 -33.54 38.35 -40.57
C ASN D 63 -34.38 39.58 -40.30
N ILE D 64 -35.05 39.59 -39.15
CA ILE D 64 -35.90 40.68 -38.75
C ILE D 64 -35.09 41.95 -38.63
N LEU D 65 -33.94 41.88 -37.99
CA LEU D 65 -33.12 43.07 -37.80
C LEU D 65 -32.59 43.58 -39.10
N GLY D 66 -32.27 42.64 -39.99
CA GLY D 66 -31.80 42.96 -41.33
C GLY D 66 -32.82 43.74 -42.13
N GLY D 67 -34.10 43.52 -41.85
CA GLY D 67 -35.19 44.16 -42.54
C GLY D 67 -35.60 45.54 -42.00
N LEU D 68 -34.94 46.00 -40.95
CA LEU D 68 -35.42 47.19 -40.23
C LEU D 68 -35.02 48.48 -40.89
N GLY D 69 -34.24 48.36 -41.95
CA GLY D 69 -33.80 49.53 -42.68
C GLY D 69 -32.76 50.36 -41.96
N LEU D 70 -31.90 49.72 -41.15
CA LEU D 70 -30.99 50.48 -40.32
C LEU D 70 -29.67 50.69 -41.02
N GLY D 71 -29.44 50.08 -42.17
CA GLY D 71 -28.15 50.21 -42.85
C GLY D 71 -26.97 49.72 -42.02
N LEU D 72 -27.09 48.54 -41.44
CA LEU D 72 -26.09 48.03 -40.51
C LEU D 72 -24.75 47.79 -41.21
N GLY D 73 -23.65 48.05 -40.51
CA GLY D 73 -22.35 47.82 -41.07
C GLY D 73 -21.89 48.77 -42.17
N SER D 74 -22.70 49.78 -42.48
CA SER D 74 -22.36 50.76 -43.49
C SER D 74 -21.91 51.99 -42.76
N GLY D 75 -20.80 51.90 -42.01
CA GLY D 75 -20.15 53.05 -41.32
C GLY D 75 -20.46 54.27 -42.14
N ASP D 76 -20.89 55.33 -41.46
CA ASP D 76 -21.97 56.27 -41.92
C ASP D 76 -23.24 55.86 -41.16
N CYS D 77 -23.01 55.21 -40.02
CA CYS D 77 -24.06 54.44 -39.37
C CYS D 77 -23.92 54.44 -37.84
N THR D 78 -25.03 54.84 -37.22
CA THR D 78 -25.09 55.09 -35.79
C THR D 78 -25.22 53.82 -34.98
N VAL D 79 -26.07 52.93 -35.49
CA VAL D 79 -26.41 51.67 -34.85
C VAL D 79 -25.31 50.67 -35.05
N LYS D 80 -24.94 49.96 -34.00
CA LYS D 80 -23.90 48.96 -34.05
C LYS D 80 -24.54 47.59 -33.84
N ILE D 81 -24.04 46.60 -34.58
CA ILE D 81 -24.63 45.24 -34.56
C ILE D 81 -23.60 44.24 -34.12
N ALA D 82 -24.00 43.35 -33.22
CA ALA D 82 -23.12 42.20 -32.87
C ALA D 82 -23.84 40.93 -33.17
N THR D 83 -23.07 39.95 -33.66
CA THR D 83 -23.60 38.56 -33.76
C THR D 83 -22.53 37.60 -33.32
N LYS D 84 -22.87 36.29 -33.40
CA LYS D 84 -22.10 35.23 -32.81
C LYS D 84 -22.23 33.96 -33.58
N ALA D 85 -21.09 33.23 -33.60
CA ALA D 85 -20.98 31.88 -34.15
C ALA D 85 -20.87 30.88 -33.01
N ASN D 86 -21.54 29.72 -33.15
CA ASN D 86 -21.58 28.68 -32.10
C ASN D 86 -21.26 27.32 -32.65
N PRO D 87 -20.81 26.40 -31.82
CA PRO D 87 -20.37 25.07 -32.20
C PRO D 87 -21.42 24.01 -32.16
N TRP D 88 -22.67 24.38 -31.86
CA TRP D 88 -23.71 23.39 -31.57
C TRP D 88 -24.31 22.70 -32.80
N GLU D 89 -25.01 21.62 -32.50
CA GLU D 89 -25.72 20.81 -33.45
C GLU D 89 -24.80 20.39 -34.57
N GLY D 90 -23.54 20.08 -34.20
CA GLY D 90 -22.56 19.54 -35.11
C GLY D 90 -21.77 20.55 -35.88
N LYS D 91 -22.01 21.83 -35.66
CA LYS D 91 -21.36 22.85 -36.50
C LYS D 91 -19.85 23.00 -36.20
N SER D 92 -19.46 22.96 -34.96
CA SER D 92 -18.08 23.26 -34.56
C SER D 92 -17.68 24.72 -34.76
N LEU D 93 -16.51 25.05 -34.22
CA LEU D 93 -15.92 26.34 -34.47
C LEU D 93 -14.68 26.16 -35.32
N LYS D 94 -14.68 25.14 -36.15
CA LYS D 94 -13.65 25.01 -37.18
C LYS D 94 -13.71 26.21 -38.11
N PRO D 95 -12.59 26.54 -38.75
CA PRO D 95 -12.54 27.62 -39.73
C PRO D 95 -13.71 27.70 -40.75
N ASP D 96 -14.05 26.63 -41.45
CA ASP D 96 -15.15 26.70 -42.44
C ASP D 96 -16.50 26.99 -41.83
N SER D 97 -16.73 26.48 -40.62
CA SER D 97 -17.99 26.66 -39.90
C SER D 97 -18.18 28.12 -39.42
N ILE D 98 -17.11 28.67 -38.83
CA ILE D 98 -17.05 30.11 -38.43
C ILE D 98 -17.33 31.07 -39.60
N ARG D 99 -16.65 30.84 -40.70
CA ARG D 99 -16.86 31.56 -41.94
C ARG D 99 -18.33 31.44 -42.40
N SER D 100 -18.83 30.21 -42.46
CA SER D 100 -20.21 30.01 -43.00
C SER D 100 -21.24 30.69 -42.15
N GLN D 101 -21.11 30.58 -40.83
CA GLN D 101 -22.05 31.21 -39.92
C GLN D 101 -22.00 32.74 -40.06
N LEU D 102 -20.80 33.32 -40.07
CA LEU D 102 -20.73 34.80 -40.20
C LEU D 102 -21.28 35.30 -41.55
N GLU D 103 -20.90 34.65 -42.63
CA GLU D 103 -21.36 35.01 -43.97
C GLU D 103 -22.87 34.86 -44.16
N THR D 104 -23.43 33.82 -43.57
CA THR D 104 -24.87 33.66 -43.43
C THR D 104 -25.49 34.81 -42.60
N SER D 105 -24.88 35.12 -41.47
CA SER D 105 -25.35 36.23 -40.61
C SER D 105 -25.36 37.56 -41.35
N LEU D 106 -24.26 37.86 -42.04
CA LEU D 106 -24.17 39.11 -42.81
C LEU D 106 -25.28 39.19 -43.87
N LYS D 107 -25.63 38.08 -44.53
CA LYS D 107 -26.66 38.11 -45.53
C LYS D 107 -27.99 38.45 -44.87
N ARG D 108 -28.32 37.76 -43.79
CA ARG D 108 -29.56 37.95 -43.09
C ARG D 108 -29.67 39.39 -42.56
N LEU D 109 -28.55 39.91 -42.03
CA LEU D 109 -28.52 41.26 -41.48
C LEU D 109 -28.45 42.36 -42.53
N GLN D 110 -28.37 41.92 -43.79
CA GLN D 110 -28.29 42.79 -44.94
C GLN D 110 -27.20 43.79 -44.72
N CYS D 111 -26.04 43.26 -44.33
CA CYS D 111 -24.89 44.12 -44.05
C CYS D 111 -23.53 43.56 -44.40
N PRO D 112 -22.60 44.43 -44.79
CA PRO D 112 -21.33 43.99 -45.31
C PRO D 112 -20.34 43.64 -44.21
N ARG D 113 -20.66 44.06 -42.99
CA ARG D 113 -19.70 44.00 -41.89
CA ARG D 113 -19.69 43.99 -41.89
C ARG D 113 -20.46 44.08 -40.57
N VAL D 114 -20.12 43.26 -39.58
CA VAL D 114 -20.65 43.48 -38.23
C VAL D 114 -19.65 44.27 -37.38
N ASP D 115 -20.16 45.03 -36.43
CA ASP D 115 -19.30 45.76 -35.55
C ASP D 115 -18.59 44.83 -34.53
N LEU D 116 -19.26 43.75 -34.18
CA LEU D 116 -18.76 42.83 -33.19
C LEU D 116 -19.17 41.42 -33.54
N PHE D 117 -18.17 40.55 -33.53
CA PHE D 117 -18.34 39.11 -33.81
C PHE D 117 -17.83 38.30 -32.65
N TYR D 118 -18.73 37.51 -32.04
CA TYR D 118 -18.38 36.65 -30.92
C TYR D 118 -18.28 35.20 -31.30
N LEU D 119 -17.38 34.51 -30.58
CA LEU D 119 -17.46 33.06 -30.32
C LEU D 119 -18.41 32.90 -29.19
N HIS D 120 -19.58 32.29 -29.50
CA HIS D 120 -20.74 32.25 -28.62
C HIS D 120 -20.49 31.36 -27.36
N ALA D 121 -19.77 30.27 -27.55
CA ALA D 121 -19.40 29.34 -26.44
C ALA D 121 -18.26 28.48 -26.94
N PRO D 122 -17.42 27.92 -26.04
CA PRO D 122 -16.29 27.15 -26.50
C PRO D 122 -16.66 25.91 -27.28
N ASP D 123 -15.77 25.57 -28.20
CA ASP D 123 -15.75 24.26 -28.84
C ASP D 123 -14.52 23.47 -28.34
N HIS D 124 -14.76 22.60 -27.40
CA HIS D 124 -13.68 21.92 -26.73
C HIS D 124 -12.97 20.84 -27.58
N SER D 125 -13.54 20.55 -28.74
CA SER D 125 -13.02 19.61 -29.72
C SER D 125 -12.23 20.21 -30.81
N THR D 126 -12.18 21.53 -30.88
CA THR D 126 -11.43 22.21 -31.94
C THR D 126 -10.36 23.04 -31.23
N PRO D 127 -9.07 22.76 -31.53
CA PRO D 127 -8.01 23.62 -30.99
C PRO D 127 -8.30 25.10 -31.26
N VAL D 128 -8.14 25.89 -30.23
CA VAL D 128 -8.59 27.29 -30.27
C VAL D 128 -7.75 28.14 -31.28
N GLU D 129 -6.50 27.73 -31.50
CA GLU D 129 -5.65 28.40 -32.50
C GLU D 129 -6.25 28.35 -33.88
N GLU D 130 -6.86 27.20 -34.24
CA GLU D 130 -7.53 27.06 -35.53
C GLU D 130 -8.60 28.11 -35.66
N THR D 131 -9.47 28.17 -34.66
CA THR D 131 -10.59 29.08 -34.63
C THR D 131 -10.07 30.53 -34.68
N LEU D 132 -9.10 30.85 -33.88
CA LEU D 132 -8.59 32.25 -33.85
C LEU D 132 -7.95 32.68 -35.15
N CYS D 133 -7.23 31.79 -35.77
CA CYS D 133 -6.62 32.09 -37.04
C CYS D 133 -7.68 32.47 -38.09
N ALA D 134 -8.75 31.70 -38.11
CA ALA D 134 -9.86 31.93 -39.02
C ALA D 134 -10.53 33.28 -38.72
N CYS D 135 -10.67 33.60 -37.45
CA CYS D 135 -11.17 34.88 -37.02
C CYS D 135 -10.37 36.05 -37.54
N HIS D 136 -9.04 35.91 -37.45
CA HIS D 136 -8.16 36.90 -37.99
C HIS D 136 -8.35 37.10 -39.52
N GLN D 137 -8.39 36.00 -40.24
CA GLN D 137 -8.61 36.03 -41.65
C GLN D 137 -9.93 36.76 -42.00
N LEU D 138 -11.01 36.43 -41.32
CA LEU D 138 -12.29 37.08 -41.57
C LEU D 138 -12.30 38.60 -41.27
N HIS D 139 -11.54 38.98 -40.25
CA HIS D 139 -11.30 40.34 -39.93
C HIS D 139 -10.56 41.06 -41.05
N GLN D 140 -9.48 40.45 -41.51
CA GLN D 140 -8.69 41.01 -42.61
C GLN D 140 -9.56 41.17 -43.83
N GLU D 141 -10.55 40.31 -44.02
CA GLU D 141 -11.46 40.45 -45.15
C GLU D 141 -12.50 41.56 -45.00
N GLY D 142 -12.53 42.20 -43.83
CA GLY D 142 -13.46 43.27 -43.55
C GLY D 142 -14.86 42.85 -43.11
N LYS D 143 -15.02 41.59 -42.70
CA LYS D 143 -16.32 41.06 -42.33
C LYS D 143 -16.75 41.40 -40.89
N PHE D 144 -15.79 41.74 -40.03
CA PHE D 144 -16.13 42.29 -38.71
C PHE D 144 -15.07 43.26 -38.20
N VAL D 145 -15.52 44.18 -37.33
CA VAL D 145 -14.62 45.20 -36.78
C VAL D 145 -13.91 44.66 -35.50
N GLU D 146 -14.69 44.33 -34.47
CA GLU D 146 -14.14 43.77 -33.24
C GLU D 146 -14.52 42.27 -33.01
N LEU D 147 -13.57 41.55 -32.38
CA LEU D 147 -13.76 40.18 -31.88
C LEU D 147 -14.24 40.14 -30.40
N GLY D 148 -15.21 39.26 -30.14
CA GLY D 148 -15.69 39.01 -28.79
C GLY D 148 -15.63 37.54 -28.35
N LEU D 149 -15.64 37.32 -27.04
CA LEU D 149 -15.85 35.98 -26.51
C LEU D 149 -17.03 35.98 -25.57
N SER D 150 -17.68 34.83 -25.51
CA SER D 150 -18.75 34.56 -24.59
C SER D 150 -18.64 33.11 -24.07
N ASN D 151 -18.86 32.93 -22.77
CA ASN D 151 -18.95 31.66 -22.07
C ASN D 151 -17.62 30.88 -22.00
N TYR D 152 -16.48 31.58 -22.22
CA TYR D 152 -15.14 31.02 -21.96
C TYR D 152 -14.72 31.30 -20.51
N ALA D 153 -13.97 30.42 -19.89
CA ALA D 153 -13.43 30.69 -18.59
C ALA D 153 -12.33 31.76 -18.66
N SER D 154 -12.07 32.41 -17.53
CA SER D 154 -11.05 33.43 -17.47
C SER D 154 -9.70 32.89 -18.03
N TRP D 155 -9.35 31.67 -17.65
CA TRP D 155 -8.09 31.14 -18.08
C TRP D 155 -8.04 30.89 -19.59
N GLU D 156 -9.20 30.61 -20.19
CA GLU D 156 -9.28 30.34 -21.61
C GLU D 156 -9.17 31.62 -22.35
N VAL D 157 -9.75 32.65 -21.77
CA VAL D 157 -9.55 34.02 -22.27
C VAL D 157 -8.06 34.42 -22.29
N ALA D 158 -7.37 34.16 -21.19
CA ALA D 158 -5.95 34.49 -21.06
C ALA D 158 -5.17 33.77 -22.14
N GLU D 159 -5.46 32.49 -22.34
CA GLU D 159 -4.73 31.71 -23.37
C GLU D 159 -4.95 32.30 -24.78
N ILE D 160 -6.16 32.69 -25.04
CA ILE D 160 -6.52 33.26 -26.33
C ILE D 160 -5.86 34.60 -26.57
N CYS D 161 -5.95 35.51 -25.61
CA CYS D 161 -5.31 36.79 -25.80
C CYS D 161 -3.84 36.63 -25.98
N THR D 162 -3.24 35.75 -25.17
CA THR D 162 -1.80 35.52 -25.23
C THR D 162 -1.37 34.93 -26.56
N LEU D 163 -2.15 33.97 -27.06
CA LEU D 163 -1.96 33.39 -28.39
C LEU D 163 -2.09 34.39 -29.54
N CYS D 164 -3.12 35.19 -29.47
CA CYS D 164 -3.30 36.23 -30.48
C CYS D 164 -2.17 37.25 -30.52
N LYS D 165 -1.71 37.67 -29.36
CA LYS D 165 -0.58 38.59 -29.25
C LYS D 165 0.66 38.00 -29.93
N SER D 166 1.01 36.76 -29.62
CA SER D 166 2.20 36.13 -30.19
C SER D 166 2.10 35.77 -31.68
N ASN D 167 0.88 35.53 -32.19
CA ASN D 167 0.69 35.21 -33.62
C ASN D 167 0.28 36.39 -34.48
N GLY D 168 0.18 37.60 -33.92
CA GLY D 168 -0.34 38.75 -34.68
C GLY D 168 -1.78 38.66 -35.15
N TRP D 169 -2.64 38.00 -34.38
CA TRP D 169 -4.06 37.97 -34.66
C TRP D 169 -4.79 39.03 -33.86
N ILE D 170 -5.90 39.48 -34.39
CA ILE D 170 -6.74 40.44 -33.65
C ILE D 170 -7.13 39.86 -32.29
N LEU D 171 -6.96 40.62 -31.23
CA LEU D 171 -7.39 40.21 -29.91
C LEU D 171 -8.87 40.46 -29.73
N PRO D 172 -9.50 39.63 -28.91
CA PRO D 172 -10.88 39.96 -28.49
C PRO D 172 -10.86 41.15 -27.55
N THR D 173 -11.81 42.06 -27.75
CA THR D 173 -11.91 43.25 -26.95
C THR D 173 -13.22 43.38 -26.14
N VAL D 174 -14.13 42.43 -26.34
CA VAL D 174 -15.36 42.31 -25.57
C VAL D 174 -15.55 40.87 -25.05
N TYR D 175 -16.03 40.76 -23.81
CA TYR D 175 -16.48 39.51 -23.22
C TYR D 175 -17.96 39.70 -22.86
N GLN D 176 -18.81 38.76 -23.30
CA GLN D 176 -20.20 38.77 -22.92
C GLN D 176 -20.44 37.66 -21.93
N GLY D 177 -20.82 38.04 -20.72
CA GLY D 177 -20.90 37.08 -19.63
C GLY D 177 -22.17 37.17 -18.78
N MET D 178 -22.48 36.04 -18.13
CA MET D 178 -23.59 35.95 -17.21
C MET D 178 -23.32 36.71 -15.95
N TYR D 179 -24.14 37.73 -15.65
CA TYR D 179 -23.94 38.56 -14.47
C TYR D 179 -25.24 39.25 -14.03
N ASN D 180 -25.61 39.10 -12.76
CA ASN D 180 -26.74 39.77 -12.20
C ASN D 180 -26.60 39.80 -10.70
N ALA D 181 -27.56 40.46 -10.03
CA ALA D 181 -27.42 40.67 -8.56
C ALA D 181 -27.12 39.42 -7.78
N THR D 182 -27.64 38.30 -8.24
CA THR D 182 -27.61 37.03 -7.53
C THR D 182 -26.72 35.98 -8.24
N THR D 183 -25.98 36.45 -9.25
CA THR D 183 -25.13 35.61 -10.09
C THR D 183 -23.79 36.33 -10.38
N ARG D 184 -22.79 36.10 -9.53
CA ARG D 184 -21.58 36.94 -9.48
C ARG D 184 -20.30 36.18 -9.57
N GLN D 185 -20.34 34.96 -10.08
CA GLN D 185 -19.14 34.15 -10.19
C GLN D 185 -18.02 34.78 -11.02
N VAL D 186 -18.41 35.56 -12.03
CA VAL D 186 -17.49 36.30 -12.87
C VAL D 186 -16.55 37.28 -12.13
N GLU D 187 -16.95 37.73 -10.93
CA GLU D 187 -16.19 38.78 -10.25
C GLU D 187 -14.77 38.35 -9.83
N ALA D 188 -14.67 37.13 -9.37
CA ALA D 188 -13.45 36.65 -8.72
C ALA D 188 -12.23 36.60 -9.61
N GLU D 189 -12.40 35.96 -10.79
CA GLU D 189 -11.28 35.77 -11.74
C GLU D 189 -11.58 36.34 -13.09
N LEU D 190 -12.79 36.22 -13.59
CA LEU D 190 -12.98 36.68 -14.96
C LEU D 190 -12.73 38.23 -15.11
N LEU D 191 -13.40 39.03 -14.30
CA LEU D 191 -13.26 40.48 -14.36
C LEU D 191 -11.81 40.95 -14.24
N PRO D 192 -11.05 40.50 -13.25
CA PRO D 192 -9.58 40.87 -13.21
C PRO D 192 -8.74 40.47 -14.44
N CYS D 193 -9.06 39.30 -14.97
CA CYS D 193 -8.45 38.86 -16.21
C CYS D 193 -8.75 39.86 -17.34
N LEU D 194 -10.02 40.31 -17.47
CA LEU D 194 -10.41 41.15 -18.57
C LEU D 194 -9.80 42.52 -18.41
N ARG D 195 -9.69 43.01 -17.15
CA ARG D 195 -9.08 44.32 -16.88
CA ARG D 195 -9.06 44.31 -16.90
C ARG D 195 -7.62 44.26 -17.32
N HIS D 196 -6.93 43.15 -17.04
CA HIS D 196 -5.57 42.98 -17.47
C HIS D 196 -5.35 42.95 -18.97
N PHE D 197 -6.24 42.29 -19.72
CA PHE D 197 -6.05 42.11 -21.15
C PHE D 197 -6.75 43.13 -22.01
N GLY D 198 -7.56 43.99 -21.37
CA GLY D 198 -8.21 45.15 -22.01
C GLY D 198 -9.52 44.85 -22.66
N LEU D 199 -10.35 44.01 -22.07
CA LEU D 199 -11.68 43.71 -22.62
C LEU D 199 -12.73 44.40 -21.79
N ARG D 200 -13.74 44.93 -22.46
CA ARG D 200 -14.94 45.44 -21.78
C ARG D 200 -15.91 44.31 -21.59
N PHE D 201 -16.81 44.42 -20.62
CA PHE D 201 -17.71 43.29 -20.24
C PHE D 201 -19.15 43.65 -20.50
N TYR D 202 -19.84 42.78 -21.24
CA TYR D 202 -21.28 42.96 -21.47
C TYR D 202 -22.06 41.90 -20.69
N ALA D 203 -22.99 42.32 -19.83
CA ALA D 203 -23.72 41.37 -18.97
C ALA D 203 -24.99 40.88 -19.63
N TYR D 204 -25.09 39.57 -19.81
CA TYR D 204 -26.34 38.96 -20.14
C TYR D 204 -27.05 38.37 -18.94
N ASN D 205 -28.29 37.93 -19.10
CA ASN D 205 -29.15 37.45 -18.01
C ASN D 205 -29.21 38.47 -16.83
N PRO D 206 -29.38 39.77 -17.11
CA PRO D 206 -29.33 40.71 -15.96
C PRO D 206 -30.54 40.58 -15.02
N LEU D 207 -31.59 39.90 -15.46
CA LEU D 207 -32.74 39.60 -14.60
C LEU D 207 -32.88 38.08 -14.36
N ALA D 208 -31.76 37.36 -14.50
CA ALA D 208 -31.73 35.94 -14.35
C ALA D 208 -32.79 35.28 -15.23
N GLY D 209 -32.88 35.71 -16.50
CA GLY D 209 -33.89 35.17 -17.44
C GLY D 209 -35.33 35.54 -17.11
N GLY D 210 -35.47 36.50 -16.20
CA GLY D 210 -36.76 36.93 -15.69
C GLY D 210 -37.03 36.50 -14.23
N LEU D 211 -36.15 35.66 -13.67
CA LEU D 211 -36.38 35.24 -12.28
C LEU D 211 -36.41 36.45 -11.33
N LEU D 212 -35.57 37.45 -11.64
CA LEU D 212 -35.43 38.62 -10.76
C LEU D 212 -36.52 39.69 -11.01
N THR D 213 -37.56 39.36 -11.77
CA THR D 213 -38.76 40.16 -11.80
C THR D 213 -39.63 39.87 -10.57
N GLY D 214 -39.36 38.77 -9.87
CA GLY D 214 -40.22 38.26 -8.79
C GLY D 214 -41.59 37.73 -9.22
N LYS D 215 -41.82 37.51 -10.51
CA LYS D 215 -43.12 37.07 -11.03
C LYS D 215 -43.43 35.59 -10.79
N TYR D 216 -42.46 34.85 -10.31
CA TYR D 216 -42.59 33.40 -10.18
C TYR D 216 -42.49 33.02 -8.70
N LYS D 217 -42.82 31.75 -8.42
CA LYS D 217 -42.60 31.14 -7.14
C LYS D 217 -42.13 29.71 -7.44
N TYR D 218 -41.36 29.19 -6.56
CA TYR D 218 -40.68 27.94 -6.80
C TYR D 218 -41.60 26.80 -7.26
N GLU D 219 -42.83 26.76 -6.73
CA GLU D 219 -43.72 25.61 -6.98
C GLU D 219 -44.42 25.70 -8.35
N ASP D 220 -44.28 26.83 -9.04
CA ASP D 220 -44.65 26.96 -10.44
C ASP D 220 -44.06 25.86 -11.35
N LYS D 221 -42.92 25.27 -10.96
CA LYS D 221 -42.34 24.18 -11.72
C LYS D 221 -43.16 22.90 -11.69
N ASP D 222 -43.96 22.70 -10.65
CA ASP D 222 -44.82 21.55 -10.51
C ASP D 222 -46.25 21.83 -10.96
N GLY D 223 -46.63 23.11 -10.91
CA GLY D 223 -47.99 23.53 -11.12
C GLY D 223 -48.20 24.30 -12.39
N LYS D 224 -48.32 25.60 -12.26
CA LYS D 224 -48.68 26.53 -13.36
C LYS D 224 -47.79 26.33 -14.62
N GLN D 225 -46.47 26.19 -14.44
CA GLN D 225 -45.48 26.07 -15.53
C GLN D 225 -45.76 27.11 -16.58
N PRO D 226 -45.77 28.39 -16.18
CA PRO D 226 -46.13 29.50 -17.05
C PRO D 226 -45.15 29.64 -18.22
N VAL D 227 -45.70 29.64 -19.43
CA VAL D 227 -44.91 29.75 -20.66
C VAL D 227 -44.05 30.98 -20.64
N GLY D 228 -42.82 30.78 -21.08
CA GLY D 228 -41.87 31.83 -21.09
C GLY D 228 -40.52 31.20 -20.98
N ARG D 229 -39.55 31.95 -20.47
CA ARG D 229 -38.16 31.54 -20.48
C ARG D 229 -37.97 30.20 -19.86
N PHE D 230 -38.72 29.93 -18.77
CA PHE D 230 -38.44 28.77 -17.92
C PHE D 230 -39.34 27.56 -18.22
N PHE D 231 -40.35 27.71 -19.13
CA PHE D 231 -41.32 26.63 -19.47
C PHE D 231 -41.71 26.66 -20.91
N GLY D 232 -41.55 25.50 -21.55
CA GLY D 232 -42.12 25.26 -22.88
C GLY D 232 -41.23 25.29 -24.12
N ASN D 233 -40.01 25.76 -23.97
CA ASN D 233 -39.10 25.82 -25.06
C ASN D 233 -37.87 24.91 -24.82
N ASN D 234 -37.02 24.80 -25.84
CA ASN D 234 -35.91 23.85 -25.87
C ASN D 234 -34.79 24.17 -24.94
N TRP D 235 -34.65 25.42 -24.50
CA TRP D 235 -33.67 25.76 -23.47
C TRP D 235 -34.26 25.87 -22.07
N ALA D 236 -35.57 25.65 -21.90
CA ALA D 236 -36.22 25.85 -20.60
C ALA D 236 -35.61 25.06 -19.45
N GLU D 237 -35.31 23.79 -19.66
CA GLU D 237 -34.61 22.97 -18.66
C GLU D 237 -33.22 23.50 -18.33
N THR D 238 -32.52 24.00 -19.31
CA THR D 238 -31.22 24.61 -19.06
C THR D 238 -31.36 25.85 -18.12
N TYR D 239 -32.34 26.67 -18.45
CA TYR D 239 -32.70 27.82 -17.63
C TYR D 239 -33.11 27.44 -16.21
N ARG D 240 -33.85 26.37 -16.03
CA ARG D 240 -34.26 25.97 -14.69
C ARG D 240 -33.06 25.48 -13.89
N ASN D 241 -32.17 24.73 -14.53
CA ASN D 241 -30.99 24.23 -13.89
C ASN D 241 -30.07 25.39 -13.55
N ARG D 242 -30.12 26.42 -14.35
CA ARG D 242 -29.28 27.58 -14.12
C ARG D 242 -29.72 28.39 -12.92
N PHE D 243 -31.05 28.70 -12.82
CA PHE D 243 -31.57 29.72 -11.86
C PHE D 243 -32.73 29.24 -10.94
N TRP D 244 -33.40 28.13 -11.30
CA TRP D 244 -34.66 27.79 -10.60
C TRP D 244 -34.33 26.94 -9.40
N LYS D 245 -33.87 27.62 -8.35
CA LYS D 245 -33.45 26.95 -7.10
C LYS D 245 -34.15 27.58 -5.92
N GLU D 246 -34.53 26.74 -4.99
CA GLU D 246 -35.22 27.23 -3.77
C GLU D 246 -34.48 28.37 -3.08
N HIS D 247 -33.16 28.26 -2.90
CA HIS D 247 -32.39 29.37 -2.26
C HIS D 247 -32.45 30.67 -3.04
N HIS D 248 -32.59 30.57 -4.35
CA HIS D 248 -32.75 31.75 -5.18
C HIS D 248 -34.10 32.44 -4.96
N PHE D 249 -35.19 31.68 -4.87
CA PHE D 249 -36.49 32.26 -4.52
C PHE D 249 -36.40 32.86 -3.12
N GLU D 250 -35.79 32.16 -2.15
CA GLU D 250 -35.66 32.74 -0.80
C GLU D 250 -34.95 34.07 -0.88
N ALA D 251 -33.87 34.11 -1.65
CA ALA D 251 -33.02 35.31 -1.80
C ALA D 251 -33.87 36.46 -2.40
N ILE D 252 -34.71 36.14 -3.38
CA ILE D 252 -35.52 37.18 -3.99
C ILE D 252 -36.49 37.74 -2.99
N ALA D 253 -37.07 36.84 -2.20
CA ALA D 253 -38.02 37.24 -1.15
C ALA D 253 -37.44 38.16 -0.07
N LEU D 254 -36.20 37.91 0.26
CA LEU D 254 -35.38 38.72 1.15
C LEU D 254 -35.24 40.14 0.62
N VAL D 255 -34.98 40.25 -0.69
CA VAL D 255 -34.88 41.59 -1.30
C VAL D 255 -36.27 42.29 -1.35
N GLU D 256 -37.32 41.55 -1.71
CA GLU D 256 -38.64 42.16 -1.81
C GLU D 256 -39.07 42.73 -0.43
N LYS D 257 -38.68 42.05 0.65
CA LYS D 257 -38.98 42.51 1.97
C LYS D 257 -38.20 43.77 2.30
N ALA D 258 -36.96 43.83 1.85
CA ALA D 258 -36.10 45.00 2.09
C ALA D 258 -36.62 46.22 1.34
N LEU D 259 -37.21 45.98 0.17
CA LEU D 259 -37.78 47.05 -0.61
C LEU D 259 -38.99 47.66 0.09
N GLN D 260 -39.87 46.80 0.59
CA GLN D 260 -41.06 47.21 1.36
C GLN D 260 -40.73 47.93 2.64
N THR D 261 -39.76 47.41 3.38
CA THR D 261 -39.31 47.98 4.62
C THR D 261 -38.72 49.33 4.34
N THR D 262 -37.90 49.44 3.30
CA THR D 262 -37.17 50.66 3.03
C THR D 262 -38.01 51.76 2.39
N TYR D 263 -38.91 51.39 1.47
CA TYR D 263 -39.58 52.39 0.63
C TYR D 263 -41.06 52.44 0.84
N GLY D 264 -41.62 51.40 1.44
CA GLY D 264 -43.05 51.32 1.68
C GLY D 264 -43.87 51.32 0.43
N THR D 265 -44.85 52.20 0.39
CA THR D 265 -45.76 52.35 -0.72
C THR D 265 -45.08 52.82 -2.02
N ASN D 266 -43.95 53.52 -1.86
CA ASN D 266 -43.10 53.97 -2.98
C ASN D 266 -42.08 52.92 -3.43
N ALA D 267 -42.27 51.67 -3.06
CA ALA D 267 -41.26 50.66 -3.32
C ALA D 267 -41.18 50.41 -4.81
N PRO D 268 -39.93 50.33 -5.36
CA PRO D 268 -39.74 49.94 -6.78
C PRO D 268 -40.16 48.53 -6.92
N ARG D 269 -40.49 48.15 -8.14
CA ARG D 269 -40.59 46.76 -8.46
C ARG D 269 -39.25 46.12 -8.47
N MET D 270 -39.29 44.83 -8.18
CA MET D 270 -38.17 43.93 -8.12
C MET D 270 -37.38 43.98 -9.45
N THR D 271 -38.07 43.99 -10.58
CA THR D 271 -37.43 44.25 -11.89
C THR D 271 -36.58 45.53 -11.89
N SER D 272 -37.14 46.61 -11.36
CA SER D 272 -36.49 47.89 -11.38
C SER D 272 -35.32 47.90 -10.42
N ALA D 273 -35.46 47.27 -9.27
CA ALA D 273 -34.36 47.07 -8.34
C ALA D 273 -33.15 46.27 -8.89
N ALA D 274 -33.49 45.14 -9.51
CA ALA D 274 -32.46 44.24 -10.06
C ALA D 274 -31.60 44.92 -11.18
N LEU D 275 -32.27 45.73 -12.00
CA LEU D 275 -31.60 46.50 -13.03
C LEU D 275 -30.74 47.62 -12.46
N ARG D 276 -31.30 48.33 -11.50
CA ARG D 276 -30.60 49.41 -10.83
C ARG D 276 -29.39 48.90 -10.10
N TRP D 277 -29.47 47.69 -9.58
CA TRP D 277 -28.24 47.02 -9.03
C TRP D 277 -27.13 47.01 -10.09
N MET D 278 -27.49 46.61 -11.31
CA MET D 278 -26.56 46.51 -12.42
C MET D 278 -25.85 47.79 -12.74
N TYR D 279 -26.67 48.83 -12.86
CA TYR D 279 -26.19 50.13 -13.28
C TYR D 279 -25.45 50.93 -12.21
N HIS D 280 -25.78 50.69 -10.94
CA HIS D 280 -25.22 51.49 -9.84
C HIS D 280 -24.41 50.72 -8.79
N HIS D 281 -24.59 49.42 -8.67
CA HIS D 281 -24.05 48.71 -7.53
C HIS D 281 -23.24 47.50 -7.87
N SER D 282 -23.03 47.26 -9.16
CA SER D 282 -22.30 46.06 -9.61
C SER D 282 -20.82 46.45 -9.85
N GLN D 283 -20.05 45.50 -10.35
CA GLN D 283 -18.67 45.76 -10.69
C GLN D 283 -18.51 46.23 -12.13
N LEU D 284 -19.62 46.42 -12.85
CA LEU D 284 -19.52 47.04 -14.16
C LEU D 284 -19.06 48.49 -14.08
N GLN D 285 -18.17 48.87 -14.99
CA GLN D 285 -17.59 50.22 -15.09
C GLN D 285 -17.90 50.82 -16.46
N GLY D 286 -18.78 51.81 -16.48
CA GLY D 286 -19.06 52.58 -17.70
C GLY D 286 -17.83 53.19 -18.34
N THR D 287 -16.87 53.63 -17.54
CA THR D 287 -15.64 54.19 -18.11
C THR D 287 -14.79 53.19 -18.87
N ARG D 288 -14.97 51.89 -18.58
CA ARG D 288 -14.33 50.85 -19.32
C ARG D 288 -15.13 50.42 -20.55
N GLY D 289 -16.33 50.96 -20.74
CA GLY D 289 -17.21 50.51 -21.85
C GLY D 289 -18.08 49.33 -21.50
N ASP D 290 -18.11 48.96 -20.23
CA ASP D 290 -18.96 47.88 -19.77
C ASP D 290 -20.42 48.19 -20.02
N ALA D 291 -21.21 47.15 -20.24
CA ALA D 291 -22.61 47.37 -20.61
C ALA D 291 -23.49 46.30 -20.03
N VAL D 292 -24.79 46.64 -19.98
CA VAL D 292 -25.86 45.69 -19.65
C VAL D 292 -26.62 45.40 -20.92
N ILE D 293 -26.82 44.11 -21.21
CA ILE D 293 -27.72 43.72 -22.30
C ILE D 293 -29.10 43.44 -21.79
N LEU D 294 -30.04 44.32 -22.05
CA LEU D 294 -31.37 44.11 -21.60
C LEU D 294 -32.06 43.03 -22.42
N GLY D 295 -32.97 42.31 -21.76
CA GLY D 295 -33.85 41.30 -22.36
C GLY D 295 -35.34 41.63 -22.26
N MET D 296 -36.14 41.13 -23.20
CA MET D 296 -37.58 41.31 -23.18
C MET D 296 -38.16 40.31 -24.10
N SER D 297 -39.43 40.00 -23.86
CA SER D 297 -40.21 39.22 -24.76
C SER D 297 -41.38 39.99 -25.25
N SER D 298 -41.46 41.27 -24.87
CA SER D 298 -42.48 42.23 -25.37
C SER D 298 -41.95 43.66 -25.31
N LEU D 299 -42.60 44.53 -26.07
CA LEU D 299 -42.33 45.98 -26.04
C LEU D 299 -42.58 46.58 -24.64
N GLU D 300 -43.68 46.16 -24.02
CA GLU D 300 -44.07 46.64 -22.69
C GLU D 300 -43.01 46.34 -21.66
N GLN D 301 -42.47 45.12 -21.66
CA GLN D 301 -41.33 44.79 -20.78
C GLN D 301 -40.13 45.64 -21.02
N LEU D 302 -39.80 45.84 -22.27
CA LEU D 302 -38.61 46.62 -22.58
C LEU D 302 -38.74 48.06 -22.13
N GLU D 303 -39.94 48.64 -22.29
CA GLU D 303 -40.18 50.01 -21.84
C GLU D 303 -40.06 50.13 -20.35
N GLN D 304 -40.64 49.15 -19.65
CA GLN D 304 -40.48 49.09 -18.22
C GLN D 304 -38.98 49.05 -17.89
N ASN D 305 -38.23 48.20 -18.59
CA ASN D 305 -36.79 47.98 -18.34
C ASN D 305 -35.95 49.20 -18.66
N LEU D 306 -36.26 49.85 -19.76
CA LEU D 306 -35.61 51.09 -20.16
C LEU D 306 -35.75 52.20 -19.10
N ALA D 307 -36.94 52.34 -18.55
CA ALA D 307 -37.20 53.34 -17.52
C ALA D 307 -36.38 53.08 -16.28
N ALA D 308 -36.28 51.82 -15.88
CA ALA D 308 -35.44 51.41 -14.72
C ALA D 308 -33.96 51.70 -14.92
N THR D 309 -33.47 51.63 -16.16
CA THR D 309 -32.06 51.93 -16.43
C THR D 309 -31.73 53.37 -16.13
N GLU D 310 -32.75 54.23 -16.16
CA GLU D 310 -32.56 55.64 -15.97
C GLU D 310 -32.88 56.10 -14.55
N GLU D 311 -33.40 55.21 -13.73
CA GLU D 311 -33.54 55.46 -12.30
C GLU D 311 -32.16 55.51 -11.63
N GLY D 312 -32.12 56.03 -10.40
CA GLY D 312 -30.86 56.24 -9.65
C GLY D 312 -30.49 55.09 -8.73
N PRO D 313 -29.49 55.31 -7.87
CA PRO D 313 -29.05 54.25 -6.94
C PRO D 313 -30.18 53.83 -5.95
N LEU D 314 -29.99 52.64 -5.39
CA LEU D 314 -30.84 52.15 -4.32
C LEU D 314 -30.31 52.53 -2.96
N GLU D 315 -31.20 52.49 -1.98
CA GLU D 315 -30.82 52.72 -0.61
C GLU D 315 -29.92 51.62 -0.08
N PRO D 316 -28.99 51.99 0.86
CA PRO D 316 -28.01 51.05 1.41
C PRO D 316 -28.57 49.76 1.93
N ALA D 317 -29.73 49.84 2.57
CA ALA D 317 -30.41 48.68 3.11
C ALA D 317 -30.81 47.66 2.03
N VAL D 318 -31.15 48.15 0.86
CA VAL D 318 -31.56 47.30 -0.26
C VAL D 318 -30.31 46.73 -1.02
N VAL D 319 -29.28 47.54 -1.16
CA VAL D 319 -27.98 47.06 -1.64
C VAL D 319 -27.49 45.92 -0.78
N GLU D 320 -27.59 46.12 0.52
CA GLU D 320 -27.18 45.12 1.47
C GLU D 320 -27.93 43.82 1.36
N ALA D 321 -29.25 43.93 1.21
CA ALA D 321 -30.13 42.77 1.00
C ALA D 321 -29.73 42.02 -0.23
N PHE D 322 -29.35 42.69 -1.31
CA PHE D 322 -28.86 42.02 -2.53
C PHE D 322 -27.53 41.24 -2.26
N ASP D 323 -26.68 41.76 -1.37
CA ASP D 323 -25.48 41.04 -0.97
C ASP D 323 -25.80 39.79 -0.16
N GLN D 324 -26.72 39.90 0.79
CA GLN D 324 -27.21 38.74 1.51
C GLN D 324 -27.84 37.72 0.58
N ALA D 325 -28.58 38.21 -0.44
CA ALA D 325 -29.23 37.32 -1.41
C ALA D 325 -28.16 36.51 -2.16
N TRP D 326 -27.16 37.17 -2.67
CA TRP D 326 -26.06 36.49 -3.34
C TRP D 326 -25.36 35.48 -2.43
N ASN D 327 -25.13 35.87 -1.18
CA ASN D 327 -24.53 34.96 -0.21
C ASN D 327 -25.32 33.71 -0.02
N MET D 328 -26.66 33.78 -0.16
CA MET D 328 -27.51 32.58 -0.03
C MET D 328 -27.39 31.60 -1.15
N VAL D 329 -27.11 32.13 -2.34
CA VAL D 329 -27.06 31.35 -3.56
C VAL D 329 -25.66 31.04 -4.06
N ALA D 330 -24.67 31.74 -3.52
CA ALA D 330 -23.28 31.63 -4.06
C ALA D 330 -22.74 30.21 -4.19
N HIS D 331 -23.05 29.38 -3.21
CA HIS D 331 -22.57 27.97 -3.25
C HIS D 331 -23.14 27.15 -4.41
N GLU D 332 -24.24 27.60 -5.04
CA GLU D 332 -24.79 26.82 -6.13
C GLU D 332 -24.95 27.67 -7.39
N CYS D 333 -24.09 28.67 -7.50
CA CYS D 333 -24.08 29.57 -8.64
C CYS D 333 -23.79 28.80 -9.89
N PRO D 334 -24.55 29.08 -10.97
CA PRO D 334 -24.16 28.41 -12.22
C PRO D 334 -22.87 28.99 -12.82
N ASN D 335 -22.19 28.15 -13.60
CA ASN D 335 -20.97 28.51 -14.23
C ASN D 335 -21.12 29.49 -15.36
N TYR D 336 -20.34 30.57 -15.32
CA TYR D 336 -20.32 31.55 -16.40
C TYR D 336 -19.63 30.99 -17.65
N PHE D 337 -18.94 29.86 -17.49
CA PHE D 337 -18.16 29.22 -18.54
C PHE D 337 -18.72 27.85 -18.88
N ARG D 338 -18.50 27.43 -20.13
CA ARG D 338 -19.08 26.22 -20.62
C ARG D 338 -18.04 25.36 -21.31
N LEU E 15 -45.08 -6.60 -50.73
CA LEU E 15 -45.38 -5.65 -49.55
C LEU E 15 -44.37 -4.52 -49.57
N ARG E 16 -44.85 -3.34 -50.02
CA ARG E 16 -44.01 -2.14 -50.10
CA ARG E 16 -44.02 -2.13 -50.10
C ARG E 16 -43.66 -1.67 -48.70
N PRO E 17 -42.54 -0.98 -48.57
CA PRO E 17 -42.29 -0.31 -47.31
C PRO E 17 -43.45 0.62 -46.88
N ALA E 18 -43.58 0.80 -45.56
CA ALA E 18 -44.59 1.67 -45.04
C ALA E 18 -44.17 3.14 -45.30
N THR E 19 -45.13 4.02 -45.04
CA THR E 19 -44.92 5.45 -45.16
C THR E 19 -45.22 6.16 -43.81
N VAL E 20 -44.25 6.96 -43.40
CA VAL E 20 -44.26 7.74 -42.21
C VAL E 20 -44.17 9.19 -42.64
N LEU E 21 -44.87 10.07 -41.90
CA LEU E 21 -44.90 11.50 -42.14
C LEU E 21 -43.88 12.22 -41.33
N GLY E 22 -42.99 12.92 -42.03
CA GLY E 22 -42.04 13.79 -41.40
C GLY E 22 -42.60 15.13 -41.09
N THR E 23 -42.22 15.66 -39.93
CA THR E 23 -42.89 16.87 -39.40
C THR E 23 -41.93 17.96 -39.08
N MET E 24 -40.72 17.86 -39.62
CA MET E 24 -39.66 18.82 -39.37
C MET E 24 -39.99 20.29 -39.74
N GLU E 25 -40.85 20.48 -40.74
CA GLU E 25 -41.25 21.82 -41.22
C GLU E 25 -42.52 22.38 -40.65
N MET E 26 -43.18 21.61 -39.81
CA MET E 26 -44.35 22.09 -39.04
C MET E 26 -43.90 23.05 -37.95
N GLY E 27 -44.18 24.33 -38.20
CA GLY E 27 -43.73 25.42 -37.36
C GLY E 27 -42.66 26.27 -38.00
N ARG E 28 -42.11 25.86 -39.14
CA ARG E 28 -41.16 26.68 -39.88
C ARG E 28 -41.89 27.13 -41.17
N ARG E 29 -41.82 26.38 -42.27
CA ARG E 29 -42.51 26.75 -43.49
C ARG E 29 -44.01 26.46 -43.39
N MET E 30 -44.38 25.50 -42.60
CA MET E 30 -45.79 25.11 -42.51
C MET E 30 -46.44 25.57 -41.22
N ASP E 31 -47.50 26.34 -41.33
CA ASP E 31 -48.20 26.76 -40.14
C ASP E 31 -49.18 25.68 -39.70
N ALA E 32 -49.93 25.95 -38.64
CA ALA E 32 -50.77 24.93 -38.01
C ALA E 32 -51.88 24.46 -38.93
N SER E 33 -52.35 25.36 -39.77
CA SER E 33 -53.39 25.00 -40.69
C SER E 33 -52.84 24.11 -41.82
N ALA E 34 -51.70 24.44 -42.39
CA ALA E 34 -51.08 23.64 -43.43
C ALA E 34 -50.72 22.24 -42.90
N SER E 35 -50.28 22.23 -41.66
CA SER E 35 -49.83 21.04 -40.96
C SER E 35 -51.04 20.12 -40.75
N ALA E 36 -52.15 20.71 -40.34
CA ALA E 36 -53.41 19.95 -40.14
C ALA E 36 -53.90 19.34 -41.41
N ALA E 37 -53.83 20.11 -42.51
CA ALA E 37 -54.15 19.62 -43.87
C ALA E 37 -53.27 18.46 -44.33
N SER E 38 -51.98 18.55 -44.02
CA SER E 38 -51.03 17.53 -44.42
C SER E 38 -51.25 16.24 -43.66
N VAL E 39 -51.50 16.34 -42.37
CA VAL E 39 -51.82 15.14 -41.62
C VAL E 39 -53.09 14.47 -42.17
N ARG E 40 -54.13 15.26 -42.44
CA ARG E 40 -55.39 14.72 -43.04
C ARG E 40 -55.11 13.98 -44.36
N ALA E 41 -54.36 14.65 -45.23
CA ALA E 41 -54.02 14.07 -46.50
C ALA E 41 -53.29 12.75 -46.31
N PHE E 42 -52.38 12.73 -45.36
CA PHE E 42 -51.54 11.55 -45.09
C PHE E 42 -52.39 10.40 -44.57
N LEU E 43 -53.26 10.72 -43.63
CA LEU E 43 -54.17 9.73 -43.05
C LEU E 43 -55.23 9.18 -44.03
N GLU E 44 -55.73 10.06 -44.90
CA GLU E 44 -56.64 9.68 -45.97
C GLU E 44 -56.07 8.61 -46.93
N ARG E 45 -54.76 8.55 -47.07
CA ARG E 45 -54.14 7.52 -47.87
C ARG E 45 -53.96 6.20 -47.09
N GLY E 46 -54.45 6.16 -45.85
CA GLY E 46 -54.44 4.94 -45.04
C GLY E 46 -53.21 4.72 -44.19
N HIS E 47 -52.33 5.72 -44.14
CA HIS E 47 -51.11 5.64 -43.35
C HIS E 47 -51.43 6.07 -41.93
N SER E 48 -50.50 5.78 -40.99
CA SER E 48 -50.76 5.98 -39.56
C SER E 48 -49.62 6.52 -38.71
N GLU E 49 -48.36 6.54 -39.14
CA GLU E 49 -47.25 7.02 -38.26
C GLU E 49 -46.66 8.38 -38.57
N LEU E 50 -46.45 9.11 -37.52
CA LEU E 50 -45.92 10.45 -37.62
C LEU E 50 -44.55 10.54 -36.94
N ASP E 51 -43.64 11.32 -37.51
CA ASP E 51 -42.31 11.49 -36.92
C ASP E 51 -41.99 12.95 -36.58
N THR E 52 -41.73 13.22 -35.31
CA THR E 52 -41.31 14.53 -34.84
C THR E 52 -40.10 14.35 -33.92
N ALA E 53 -39.71 15.45 -33.29
CA ALA E 53 -38.57 15.50 -32.37
C ALA E 53 -38.73 16.71 -31.49
N PHE E 54 -38.20 16.58 -30.28
CA PHE E 54 -38.09 17.71 -29.32
C PHE E 54 -37.46 18.93 -30.07
N MET E 55 -36.44 18.66 -30.88
CA MET E 55 -35.70 19.75 -31.51
C MET E 55 -36.51 20.60 -32.44
N TYR E 56 -37.48 20.02 -33.18
CA TYR E 56 -38.03 20.73 -34.36
C TYR E 56 -38.80 22.01 -33.97
N CYS E 57 -38.33 23.11 -34.54
CA CYS E 57 -38.93 24.46 -34.42
C CYS E 57 -39.09 24.90 -33.00
N ASP E 58 -38.07 24.60 -32.20
CA ASP E 58 -38.09 25.00 -30.77
C ASP E 58 -39.33 24.45 -30.07
N GLY E 59 -39.77 23.28 -30.51
CA GLY E 59 -40.94 22.66 -29.92
C GLY E 59 -42.23 22.86 -30.66
N GLN E 60 -42.25 23.65 -31.73
CA GLN E 60 -43.52 24.02 -32.35
C GLN E 60 -44.09 22.90 -33.20
N SER E 61 -43.26 22.07 -33.79
CA SER E 61 -43.73 20.90 -34.50
C SER E 61 -44.55 20.00 -33.55
N GLU E 62 -44.00 19.71 -32.36
CA GLU E 62 -44.67 18.95 -31.31
C GLU E 62 -45.96 19.59 -30.79
N ASN E 63 -45.94 20.92 -30.60
CA ASN E 63 -47.09 21.69 -30.17
C ASN E 63 -48.20 21.65 -31.15
N ILE E 64 -47.85 21.85 -32.43
CA ILE E 64 -48.80 21.80 -33.54
C ILE E 64 -49.44 20.41 -33.60
N LEU E 65 -48.67 19.35 -33.57
CA LEU E 65 -49.25 18.01 -33.62
C LEU E 65 -50.13 17.71 -32.41
N GLY E 66 -49.70 18.23 -31.26
CA GLY E 66 -50.48 18.09 -30.03
C GLY E 66 -51.84 18.74 -30.08
N GLY E 67 -51.98 19.79 -30.87
CA GLY E 67 -53.22 20.50 -31.03
C GLY E 67 -54.15 19.95 -32.07
N LEU E 68 -53.77 18.87 -32.75
CA LEU E 68 -54.57 18.36 -33.90
C LEU E 68 -55.78 17.55 -33.48
N GLY E 69 -55.89 17.30 -32.19
CA GLY E 69 -56.99 16.53 -31.68
C GLY E 69 -56.98 15.09 -32.07
N LEU E 70 -55.79 14.51 -32.18
CA LEU E 70 -55.61 13.12 -32.62
C LEU E 70 -55.67 12.16 -31.45
N GLY E 71 -55.71 12.65 -30.23
CA GLY E 71 -55.67 11.73 -29.06
C GLY E 71 -54.43 10.81 -29.02
N LEU E 72 -53.28 11.38 -29.22
CA LEU E 72 -52.06 10.58 -29.36
C LEU E 72 -51.77 9.84 -28.08
N GLY E 73 -51.28 8.62 -28.19
CA GLY E 73 -50.86 7.85 -27.03
C GLY E 73 -51.96 7.28 -26.15
N SER E 74 -53.20 7.50 -26.57
CA SER E 74 -54.35 6.97 -25.85
C SER E 74 -54.78 5.77 -26.64
N GLY E 75 -53.95 4.72 -26.65
CA GLY E 75 -54.25 3.40 -27.24
C GLY E 75 -55.73 3.21 -27.05
N ASP E 76 -56.43 2.85 -28.13
CA ASP E 76 -57.78 3.44 -28.42
C ASP E 76 -57.55 4.34 -29.65
N CYS E 77 -56.40 4.16 -30.28
CA CYS E 77 -55.81 5.22 -31.12
C CYS E 77 -55.04 4.63 -32.31
N THR E 78 -55.44 5.12 -33.49
CA THR E 78 -54.97 4.57 -34.75
C THR E 78 -53.63 5.18 -35.13
N VAL E 79 -53.45 6.48 -34.85
CA VAL E 79 -52.28 7.26 -35.21
C VAL E 79 -51.17 7.05 -34.24
N LYS E 80 -49.97 6.76 -34.74
CA LYS E 80 -48.81 6.52 -33.90
C LYS E 80 -47.87 7.73 -33.96
N ILE E 81 -47.27 8.06 -32.82
CA ILE E 81 -46.39 9.24 -32.73
C ILE E 81 -44.98 8.81 -32.28
N ALA E 82 -43.97 9.35 -32.95
CA ALA E 82 -42.65 9.18 -32.50
C ALA E 82 -42.04 10.56 -32.22
N THR E 83 -41.23 10.61 -31.19
CA THR E 83 -40.37 11.76 -30.92
C THR E 83 -38.96 11.30 -30.54
N LYS E 84 -38.09 12.29 -30.30
CA LYS E 84 -36.67 12.07 -30.13
C LYS E 84 -36.09 13.03 -29.10
N ALA E 85 -35.12 12.54 -28.31
CA ALA E 85 -34.28 13.37 -27.43
C ALA E 85 -32.84 13.50 -28.00
N ASN E 86 -32.24 14.69 -27.90
CA ASN E 86 -30.93 14.93 -28.50
C ASN E 86 -29.95 15.56 -27.51
N PRO E 87 -28.66 15.38 -27.73
CA PRO E 87 -27.63 15.88 -26.81
C PRO E 87 -27.20 17.33 -27.05
N TRP E 88 -27.76 18.00 -28.04
CA TRP E 88 -27.22 19.29 -28.49
C TRP E 88 -27.45 20.44 -27.58
N GLU E 89 -26.67 21.47 -27.82
CA GLU E 89 -26.79 22.79 -27.20
C GLU E 89 -26.68 22.64 -25.70
N GLY E 90 -25.72 21.77 -25.32
CA GLY E 90 -25.38 21.48 -23.91
C GLY E 90 -26.30 20.52 -23.19
N LYS E 91 -27.32 19.96 -23.86
CA LYS E 91 -28.31 19.16 -23.14
C LYS E 91 -27.72 17.83 -22.68
N SER E 92 -26.95 17.16 -23.51
CA SER E 92 -26.53 15.76 -23.26
C SER E 92 -27.67 14.76 -23.31
N LEU E 93 -27.28 13.49 -23.32
CA LEU E 93 -28.19 12.37 -23.16
C LEU E 93 -28.04 11.69 -21.80
N LYS E 94 -27.61 12.46 -20.83
CA LYS E 94 -27.68 12.06 -19.42
C LYS E 94 -29.12 11.80 -18.99
N PRO E 95 -29.29 10.94 -17.99
CA PRO E 95 -30.60 10.57 -17.49
C PRO E 95 -31.58 11.71 -17.26
N ASP E 96 -31.18 12.76 -16.55
CA ASP E 96 -32.11 13.85 -16.27
C ASP E 96 -32.52 14.61 -17.52
N SER E 97 -31.59 14.75 -18.48
CA SER E 97 -31.87 15.43 -19.75
C SER E 97 -32.85 14.69 -20.62
N ILE E 98 -32.61 13.39 -20.76
CA ILE E 98 -33.53 12.50 -21.48
C ILE E 98 -34.96 12.45 -20.95
N ARG E 99 -35.05 12.38 -19.65
CA ARG E 99 -36.33 12.49 -18.92
C ARG E 99 -36.99 13.84 -19.18
N SER E 100 -36.24 14.91 -19.02
CA SER E 100 -36.77 16.25 -19.24
C SER E 100 -37.29 16.44 -20.67
N GLN E 101 -36.51 16.01 -21.66
CA GLN E 101 -36.93 16.14 -23.06
C GLN E 101 -38.21 15.36 -23.36
N LEU E 102 -38.30 14.12 -22.89
CA LEU E 102 -39.47 13.31 -23.18
C LEU E 102 -40.69 13.91 -22.46
N GLU E 103 -40.51 14.31 -21.20
CA GLU E 103 -41.63 14.80 -20.41
C GLU E 103 -42.18 16.09 -21.01
N THR E 104 -41.31 16.96 -21.48
CA THR E 104 -41.65 18.15 -22.26
C THR E 104 -42.33 17.80 -23.58
N SER E 105 -41.77 16.82 -24.28
CA SER E 105 -42.42 16.31 -25.53
C SER E 105 -43.86 15.79 -25.32
N LEU E 106 -44.05 15.02 -24.27
CA LEU E 106 -45.38 14.51 -23.96
C LEU E 106 -46.39 15.62 -23.64
N LYS E 107 -45.96 16.67 -22.97
CA LYS E 107 -46.84 17.78 -22.67
C LYS E 107 -47.25 18.50 -23.94
N ARG E 108 -46.28 18.83 -24.80
CA ARG E 108 -46.57 19.56 -26.05
C ARG E 108 -47.45 18.68 -26.98
N LEU E 109 -47.17 17.38 -27.00
CA LEU E 109 -47.95 16.44 -27.80
C LEU E 109 -49.33 16.10 -27.20
N GLN E 110 -49.58 16.61 -25.99
CA GLN E 110 -50.83 16.41 -25.28
C GLN E 110 -51.13 14.95 -25.25
N CYS E 111 -50.15 14.19 -24.80
CA CYS E 111 -50.26 12.72 -24.75
C CYS E 111 -49.49 12.05 -23.61
N PRO E 112 -50.03 10.94 -23.06
CA PRO E 112 -49.46 10.32 -21.88
C PRO E 112 -48.27 9.41 -22.21
N ARG E 113 -48.12 9.08 -23.48
CA ARG E 113 -46.94 8.37 -23.96
C ARG E 113 -46.81 8.33 -25.46
N VAL E 114 -45.59 8.18 -25.88
CA VAL E 114 -45.32 8.05 -27.30
C VAL E 114 -45.15 6.58 -27.69
N ASP E 115 -45.50 6.28 -28.93
CA ASP E 115 -45.35 4.97 -29.47
C ASP E 115 -43.89 4.61 -29.71
N LEU E 116 -43.11 5.63 -30.04
CA LEU E 116 -41.71 5.44 -30.34
C LEU E 116 -40.89 6.63 -29.83
N PHE E 117 -39.84 6.33 -29.11
CA PHE E 117 -38.92 7.32 -28.57
C PHE E 117 -37.51 7.00 -29.02
N TYR E 118 -36.89 7.96 -29.72
CA TYR E 118 -35.54 7.80 -30.22
C TYR E 118 -34.50 8.62 -29.44
N LEU E 119 -33.30 8.06 -29.36
CA LEU E 119 -32.04 8.82 -29.24
C LEU E 119 -31.69 9.38 -30.62
N HIS E 120 -31.76 10.69 -30.72
CA HIS E 120 -31.74 11.41 -32.02
C HIS E 120 -30.35 11.32 -32.68
N ALA E 121 -29.29 11.40 -31.84
CA ALA E 121 -27.91 11.31 -32.30
C ALA E 121 -27.00 10.98 -31.09
N PRO E 122 -25.87 10.30 -31.29
CA PRO E 122 -25.05 9.97 -30.10
C PRO E 122 -24.57 11.13 -29.28
N ASP E 123 -24.43 10.85 -27.98
CA ASP E 123 -23.69 11.71 -27.06
C ASP E 123 -22.43 10.99 -26.68
N HIS E 124 -21.34 11.39 -27.34
CA HIS E 124 -20.06 10.75 -27.17
C HIS E 124 -19.38 11.03 -25.82
N SER E 125 -19.96 11.94 -25.05
CA SER E 125 -19.49 12.35 -23.72
C SER E 125 -20.23 11.73 -22.59
N THR E 126 -21.31 11.00 -22.86
CA THR E 126 -22.04 10.29 -21.83
C THR E 126 -22.02 8.78 -22.12
N PRO E 127 -21.49 7.97 -21.18
CA PRO E 127 -21.47 6.51 -21.35
C PRO E 127 -22.88 6.00 -21.64
N VAL E 128 -23.00 5.20 -22.67
CA VAL E 128 -24.28 4.85 -23.25
C VAL E 128 -25.15 4.03 -22.28
N GLU E 129 -24.50 3.26 -21.38
CA GLU E 129 -25.17 2.54 -20.27
C GLU E 129 -26.05 3.46 -19.43
N GLU E 130 -25.54 4.66 -19.15
CA GLU E 130 -26.26 5.61 -18.35
C GLU E 130 -27.55 5.99 -19.05
N THR E 131 -27.43 6.34 -20.33
CA THR E 131 -28.55 6.71 -21.20
C THR E 131 -29.53 5.59 -21.32
N LEU E 132 -29.06 4.37 -21.55
CA LEU E 132 -29.96 3.21 -21.75
C LEU E 132 -30.69 2.81 -20.48
N CYS E 133 -30.01 2.94 -19.36
CA CYS E 133 -30.63 2.66 -18.09
C CYS E 133 -31.84 3.56 -17.89
N ALA E 134 -31.60 4.85 -18.14
CA ALA E 134 -32.65 5.86 -18.01
C ALA E 134 -33.83 5.56 -18.96
N CYS E 135 -33.51 5.13 -20.16
CA CYS E 135 -34.53 4.75 -21.15
C CYS E 135 -35.43 3.65 -20.69
N HIS E 136 -34.82 2.64 -20.09
CA HIS E 136 -35.57 1.58 -19.51
C HIS E 136 -36.51 2.05 -18.41
N GLN E 137 -36.00 2.88 -17.50
CA GLN E 137 -36.82 3.44 -16.45
C GLN E 137 -38.05 4.13 -17.03
N LEU E 138 -37.86 4.96 -18.04
CA LEU E 138 -38.95 5.75 -18.59
C LEU E 138 -40.00 4.90 -19.31
N HIS E 139 -39.54 3.81 -19.88
CA HIS E 139 -40.40 2.79 -20.40
C HIS E 139 -41.21 2.12 -19.31
N GLN E 140 -40.54 1.72 -18.23
CA GLN E 140 -41.19 1.11 -17.09
C GLN E 140 -42.28 2.04 -16.56
N GLU E 141 -42.05 3.34 -16.62
CA GLU E 141 -43.03 4.32 -16.18
C GLU E 141 -44.22 4.50 -17.14
N GLY E 142 -44.16 3.86 -18.31
CA GLY E 142 -45.25 3.94 -19.30
C GLY E 142 -45.19 5.13 -20.24
N LYS E 143 -44.04 5.81 -20.31
CA LYS E 143 -43.89 7.04 -21.11
C LYS E 143 -43.60 6.81 -22.57
N PHE E 144 -43.14 5.62 -22.92
CA PHE E 144 -43.01 5.22 -24.35
C PHE E 144 -43.14 3.72 -24.51
N VAL E 145 -43.57 3.31 -25.70
CA VAL E 145 -43.80 1.91 -26.01
C VAL E 145 -42.52 1.26 -26.56
N GLU E 146 -42.00 1.79 -27.67
CA GLU E 146 -40.78 1.29 -28.27
C GLU E 146 -39.63 2.30 -28.22
N LEU E 147 -38.41 1.77 -28.09
CA LEU E 147 -37.17 2.49 -28.17
C LEU E 147 -36.55 2.42 -29.60
N GLY E 148 -36.03 3.57 -30.07
CA GLY E 148 -35.37 3.67 -31.36
C GLY E 148 -34.00 4.32 -31.23
N LEU E 149 -33.17 4.12 -32.26
CA LEU E 149 -31.90 4.88 -32.42
C LEU E 149 -31.85 5.59 -33.76
N SER E 150 -31.12 6.68 -33.81
CA SER E 150 -30.87 7.40 -35.03
C SER E 150 -29.43 7.94 -34.99
N ASN E 151 -28.72 7.73 -36.10
CA ASN E 151 -27.43 8.31 -36.36
C ASN E 151 -26.29 7.67 -35.55
N TYR E 152 -26.57 6.48 -35.02
CA TYR E 152 -25.57 5.62 -34.37
C TYR E 152 -24.94 4.69 -35.46
N ALA E 153 -23.64 4.43 -35.37
CA ALA E 153 -22.97 3.53 -36.27
C ALA E 153 -23.42 2.09 -35.94
N SER E 154 -23.33 1.20 -36.93
CA SER E 154 -23.79 -0.16 -36.79
C SER E 154 -23.16 -0.78 -35.55
N TRP E 155 -21.88 -0.50 -35.31
CA TRP E 155 -21.20 -1.11 -34.20
C TRP E 155 -21.69 -0.61 -32.83
N GLU E 156 -22.13 0.65 -32.81
CA GLU E 156 -22.68 1.25 -31.61
C GLU E 156 -24.06 0.66 -31.33
N VAL E 157 -24.80 0.44 -32.38
CA VAL E 157 -26.08 -0.27 -32.26
C VAL E 157 -25.88 -1.67 -31.66
N ALA E 158 -24.90 -2.41 -32.17
CA ALA E 158 -24.61 -3.74 -31.62
C ALA E 158 -24.25 -3.67 -30.15
N GLU E 159 -23.44 -2.71 -29.75
CA GLU E 159 -23.05 -2.58 -28.32
C GLU E 159 -24.30 -2.32 -27.47
N ILE E 160 -25.16 -1.47 -27.96
CA ILE E 160 -26.35 -1.10 -27.25
C ILE E 160 -27.30 -2.31 -27.10
N CYS E 161 -27.60 -2.99 -28.20
CA CYS E 161 -28.48 -4.13 -28.11
C CYS E 161 -27.88 -5.19 -27.20
N THR E 162 -26.56 -5.39 -27.30
CA THR E 162 -25.87 -6.41 -26.45
C THR E 162 -25.94 -6.05 -24.98
N LEU E 163 -25.70 -4.79 -24.65
CA LEU E 163 -25.81 -4.27 -23.29
C LEU E 163 -27.23 -4.32 -22.70
N CYS E 164 -28.20 -3.95 -23.51
CA CYS E 164 -29.59 -4.07 -23.10
C CYS E 164 -30.01 -5.50 -22.75
N LYS E 165 -29.63 -6.45 -23.62
CA LYS E 165 -29.92 -7.87 -23.39
C LYS E 165 -29.32 -8.35 -22.06
N SER E 166 -28.05 -8.08 -21.84
CA SER E 166 -27.38 -8.50 -20.59
C SER E 166 -27.90 -7.80 -19.30
N ASN E 167 -28.39 -6.56 -19.43
CA ASN E 167 -28.90 -5.80 -18.26
C ASN E 167 -30.41 -5.82 -18.10
N GLY E 168 -31.12 -6.60 -18.91
CA GLY E 168 -32.61 -6.59 -18.92
C GLY E 168 -33.29 -5.26 -19.25
N TRP E 169 -32.69 -4.46 -20.10
CA TRP E 169 -33.27 -3.23 -20.53
C TRP E 169 -34.00 -3.43 -21.82
N ILE E 170 -35.00 -2.60 -22.06
CA ILE E 170 -35.71 -2.64 -23.34
C ILE E 170 -34.69 -2.49 -24.50
N LEU E 171 -34.75 -3.37 -25.50
CA LEU E 171 -33.91 -3.17 -26.71
C LEU E 171 -34.57 -2.17 -27.64
N PRO E 172 -33.75 -1.43 -28.37
CA PRO E 172 -34.32 -0.61 -29.43
C PRO E 172 -34.80 -1.54 -30.56
N THR E 173 -35.96 -1.21 -31.15
CA THR E 173 -36.55 -2.01 -32.20
C THR E 173 -36.70 -1.30 -33.56
N VAL E 174 -36.33 -0.03 -33.59
CA VAL E 174 -36.34 0.78 -34.78
C VAL E 174 -35.03 1.57 -34.87
N TYR E 175 -34.46 1.66 -36.06
CA TYR E 175 -33.37 2.54 -36.41
C TYR E 175 -33.81 3.51 -37.51
N GLN E 176 -33.60 4.80 -37.30
CA GLN E 176 -33.99 5.81 -38.31
C GLN E 176 -32.72 6.34 -38.90
N GLY E 177 -32.54 6.07 -40.19
CA GLY E 177 -31.25 6.35 -40.86
C GLY E 177 -31.35 7.04 -42.23
N MET E 178 -30.26 7.70 -42.62
CA MET E 178 -30.15 8.35 -43.90
C MET E 178 -30.09 7.34 -45.01
N TYR E 179 -31.01 7.41 -45.95
CA TYR E 179 -30.98 6.51 -47.06
C TYR E 179 -31.82 7.04 -48.23
N ASN E 180 -31.20 7.09 -49.42
CA ASN E 180 -31.89 7.45 -50.63
C ASN E 180 -31.10 6.88 -51.82
N ALA E 181 -31.61 7.08 -53.04
CA ALA E 181 -31.02 6.42 -54.23
C ALA E 181 -29.53 6.66 -54.40
N THR E 182 -29.07 7.82 -53.92
CA THR E 182 -27.70 8.24 -54.07
C THR E 182 -26.91 8.23 -52.76
N THR E 183 -27.51 7.70 -51.73
CA THR E 183 -26.94 7.73 -50.40
C THR E 183 -27.14 6.40 -49.74
N ARG E 184 -26.18 5.50 -49.84
CA ARG E 184 -26.41 4.12 -49.52
C ARG E 184 -25.41 3.48 -48.61
N GLN E 185 -24.66 4.28 -47.85
CA GLN E 185 -23.66 3.77 -46.90
C GLN E 185 -24.24 2.80 -45.86
N VAL E 186 -25.48 3.02 -45.45
CA VAL E 186 -26.17 2.11 -44.53
C VAL E 186 -26.24 0.65 -44.95
N GLU E 187 -26.14 0.37 -46.26
CA GLU E 187 -26.33 -0.98 -46.77
C GLU E 187 -25.31 -2.02 -46.29
N ALA E 188 -24.05 -1.62 -46.32
CA ALA E 188 -22.96 -2.52 -46.12
C ALA E 188 -22.89 -3.17 -44.75
N GLU E 189 -23.06 -2.36 -43.69
CA GLU E 189 -22.94 -2.84 -42.30
C GLU E 189 -24.13 -2.58 -41.47
N LEU E 190 -24.75 -1.45 -41.65
CA LEU E 190 -25.84 -1.15 -40.74
C LEU E 190 -27.01 -2.13 -40.95
N LEU E 191 -27.48 -2.25 -42.17
CA LEU E 191 -28.66 -3.10 -42.43
C LEU E 191 -28.46 -4.54 -41.97
N PRO E 192 -27.33 -5.19 -42.30
CA PRO E 192 -27.08 -6.53 -41.73
C PRO E 192 -27.04 -6.62 -40.17
N CYS E 193 -26.52 -5.58 -39.54
CA CYS E 193 -26.57 -5.49 -38.08
C CYS E 193 -28.01 -5.42 -37.58
N LEU E 194 -28.86 -4.63 -38.23
CA LEU E 194 -30.21 -4.44 -37.76
C LEU E 194 -31.03 -5.73 -37.98
N ARG E 195 -30.75 -6.43 -39.09
CA ARG E 195 -31.38 -7.70 -39.40
C ARG E 195 -31.06 -8.74 -38.35
N HIS E 196 -29.82 -8.74 -37.89
CA HIS E 196 -29.39 -9.63 -36.84
C HIS E 196 -30.01 -9.37 -35.48
N PHE E 197 -30.16 -8.10 -35.09
CA PHE E 197 -30.68 -7.75 -33.79
C PHE E 197 -32.20 -7.48 -33.76
N GLY E 198 -32.87 -7.52 -34.91
CA GLY E 198 -34.34 -7.44 -35.00
C GLY E 198 -34.89 -6.00 -35.05
N LEU E 199 -34.15 -5.07 -35.67
CA LEU E 199 -34.62 -3.70 -35.81
C LEU E 199 -35.16 -3.47 -37.21
N ARG E 200 -36.26 -2.73 -37.30
CA ARG E 200 -36.79 -2.24 -38.57
C ARG E 200 -36.20 -0.90 -38.83
N PHE E 201 -36.11 -0.56 -40.10
CA PHE E 201 -35.38 0.63 -40.56
C PHE E 201 -36.27 1.68 -41.22
N TYR E 202 -36.17 2.91 -40.73
CA TYR E 202 -36.95 4.05 -41.26
C TYR E 202 -36.00 5.00 -41.92
N ALA E 203 -36.23 5.27 -43.19
CA ALA E 203 -35.32 6.11 -43.96
C ALA E 203 -35.75 7.58 -43.94
N TYR E 204 -34.81 8.42 -43.49
CA TYR E 204 -34.98 9.84 -43.63
C TYR E 204 -34.16 10.35 -44.79
N ASN E 205 -34.40 11.64 -45.18
CA ASN E 205 -33.75 12.22 -46.34
C ASN E 205 -34.02 11.41 -47.64
N PRO E 206 -35.23 10.91 -47.85
CA PRO E 206 -35.41 10.04 -49.03
C PRO E 206 -35.26 10.77 -50.37
N LEU E 207 -35.27 12.11 -50.33
CA LEU E 207 -35.02 12.94 -51.50
C LEU E 207 -33.76 13.77 -51.36
N ALA E 208 -32.89 13.35 -50.45
CA ALA E 208 -31.65 14.01 -50.14
C ALA E 208 -31.92 15.45 -49.80
N GLY E 209 -32.94 15.68 -48.95
CA GLY E 209 -33.32 17.05 -48.49
C GLY E 209 -33.97 17.91 -49.55
N GLY E 210 -34.34 17.27 -50.65
CA GLY E 210 -34.86 17.95 -51.83
C GLY E 210 -33.96 17.90 -53.07
N LEU E 211 -32.68 17.54 -52.91
CA LEU E 211 -31.75 17.55 -54.03
C LEU E 211 -32.29 16.62 -55.15
N LEU E 212 -32.88 15.50 -54.75
CA LEU E 212 -33.33 14.50 -55.74
C LEU E 212 -34.69 14.85 -56.37
N THR E 213 -35.17 16.07 -56.14
CA THR E 213 -36.27 16.61 -56.95
C THR E 213 -35.76 17.11 -58.33
N GLY E 214 -34.45 17.33 -58.47
CA GLY E 214 -33.82 17.99 -59.60
C GLY E 214 -34.08 19.49 -59.74
N LYS E 215 -34.62 20.12 -58.71
CA LYS E 215 -34.99 21.54 -58.79
C LYS E 215 -33.81 22.53 -58.70
N TYR E 216 -32.58 22.03 -58.42
CA TYR E 216 -31.42 22.88 -58.23
C TYR E 216 -30.36 22.58 -59.31
N LYS E 217 -29.31 23.39 -59.27
CA LYS E 217 -28.08 23.18 -60.01
C LYS E 217 -26.97 23.64 -59.15
N TYR E 218 -25.83 23.07 -59.39
CA TYR E 218 -24.73 23.28 -58.51
C TYR E 218 -24.47 24.77 -58.25
N GLU E 219 -24.60 25.61 -59.26
CA GLU E 219 -24.10 26.98 -59.12
C GLU E 219 -25.10 27.90 -58.38
N ASP E 220 -26.29 27.37 -58.07
CA ASP E 220 -27.21 28.01 -57.14
C ASP E 220 -26.58 28.37 -55.79
N LYS E 221 -25.51 27.68 -55.40
CA LYS E 221 -24.81 28.00 -54.19
C LYS E 221 -24.05 29.32 -54.24
N ASP E 222 -23.65 29.75 -55.42
CA ASP E 222 -23.03 31.04 -55.61
C ASP E 222 -23.97 32.15 -56.03
N GLY E 223 -25.12 31.77 -56.57
CA GLY E 223 -26.01 32.68 -57.25
C GLY E 223 -27.32 32.83 -56.55
N LYS E 224 -28.35 32.16 -57.08
CA LYS E 224 -29.76 32.29 -56.61
C LYS E 224 -29.90 32.07 -55.10
N GLN E 225 -29.24 31.03 -54.56
CA GLN E 225 -29.32 30.67 -53.13
C GLN E 225 -30.75 30.60 -52.68
N PRO E 226 -31.56 29.80 -53.40
CA PRO E 226 -32.99 29.73 -53.15
C PRO E 226 -33.30 29.19 -51.77
N VAL E 227 -34.12 29.98 -51.07
CA VAL E 227 -34.54 29.65 -49.70
C VAL E 227 -35.17 28.28 -49.66
N GLY E 228 -34.81 27.53 -48.63
CA GLY E 228 -35.30 26.19 -48.45
C GLY E 228 -34.26 25.47 -47.66
N ARG E 229 -34.28 24.15 -47.79
CA ARG E 229 -33.41 23.27 -47.04
C ARG E 229 -31.94 23.68 -47.05
N PHE E 230 -31.48 24.11 -48.23
CA PHE E 230 -30.07 24.26 -48.47
C PHE E 230 -29.59 25.69 -48.33
N PHE E 231 -30.51 26.63 -48.10
CA PHE E 231 -30.16 28.08 -48.04
C PHE E 231 -31.03 28.83 -47.03
N GLY E 232 -30.38 29.50 -46.09
CA GLY E 232 -31.05 30.46 -45.23
C GLY E 232 -31.36 30.13 -43.77
N ASN E 233 -31.16 28.88 -43.37
CA ASN E 233 -31.44 28.40 -42.04
C ASN E 233 -30.19 27.80 -41.40
N ASN E 234 -30.31 27.48 -40.12
CA ASN E 234 -29.17 27.17 -39.30
C ASN E 234 -28.56 25.80 -39.60
N TRP E 235 -29.33 24.90 -40.22
CA TRP E 235 -28.78 23.65 -40.69
C TRP E 235 -28.36 23.65 -42.16
N ALA E 236 -28.51 24.74 -42.90
CA ALA E 236 -28.25 24.77 -44.36
C ALA E 236 -26.82 24.34 -44.74
N GLU E 237 -25.84 24.84 -44.03
CA GLU E 237 -24.45 24.48 -44.29
C GLU E 237 -24.21 23.01 -44.06
N THR E 238 -24.82 22.49 -43.03
CA THR E 238 -24.75 21.05 -42.78
C THR E 238 -25.31 20.24 -43.96
N TYR E 239 -26.46 20.66 -44.44
CA TYR E 239 -27.12 20.06 -45.57
C TYR E 239 -26.27 20.19 -46.85
N ARG E 240 -25.70 21.35 -47.10
CA ARG E 240 -24.84 21.52 -48.27
C ARG E 240 -23.58 20.61 -48.20
N ASN E 241 -22.97 20.52 -47.04
CA ASN E 241 -21.88 19.61 -46.81
C ASN E 241 -22.31 18.16 -47.06
N ARG E 242 -23.53 17.85 -46.70
CA ARG E 242 -24.06 16.50 -46.81
C ARG E 242 -24.32 16.06 -48.25
N PHE E 243 -24.99 16.93 -49.05
CA PHE E 243 -25.42 16.58 -50.39
C PHE E 243 -24.98 17.46 -51.56
N TRP E 244 -24.54 18.67 -51.30
CA TRP E 244 -24.38 19.64 -52.37
C TRP E 244 -23.02 19.51 -52.99
N LYS E 245 -22.89 18.53 -53.87
CA LYS E 245 -21.59 18.19 -54.49
C LYS E 245 -21.79 18.07 -55.97
N GLU E 246 -20.77 18.50 -56.69
CA GLU E 246 -20.81 18.39 -58.16
C GLU E 246 -21.10 16.98 -58.63
N HIS E 247 -20.42 15.98 -58.12
CA HIS E 247 -20.69 14.63 -58.59
C HIS E 247 -22.12 14.21 -58.39
N HIS E 248 -22.76 14.74 -57.36
CA HIS E 248 -24.15 14.44 -57.07
C HIS E 248 -25.10 15.09 -58.09
N PHE E 249 -24.82 16.34 -58.46
CA PHE E 249 -25.53 16.99 -59.55
C PHE E 249 -25.37 16.23 -60.86
N GLU E 250 -24.14 15.80 -61.16
CA GLU E 250 -23.89 14.97 -62.32
C GLU E 250 -24.70 13.71 -62.31
N ALA E 251 -24.73 13.07 -61.15
CA ALA E 251 -25.47 11.82 -60.97
C ALA E 251 -26.95 12.06 -61.24
N ILE E 252 -27.47 13.18 -60.77
CA ILE E 252 -28.88 13.48 -60.95
C ILE E 252 -29.23 13.70 -62.42
N ALA E 253 -28.31 14.39 -63.09
CA ALA E 253 -28.42 14.61 -64.52
C ALA E 253 -28.42 13.28 -65.34
N LEU E 254 -27.59 12.35 -64.93
CA LEU E 254 -27.54 10.98 -65.47
C LEU E 254 -28.90 10.32 -65.41
N VAL E 255 -29.55 10.37 -64.25
CA VAL E 255 -30.84 9.81 -64.11
C VAL E 255 -31.94 10.54 -64.89
N GLU E 256 -31.87 11.85 -64.94
CA GLU E 256 -32.85 12.66 -65.69
C GLU E 256 -32.82 12.26 -67.18
N LYS E 257 -31.61 12.01 -67.68
CA LYS E 257 -31.42 11.64 -69.05
C LYS E 257 -32.00 10.25 -69.29
N ALA E 258 -31.86 9.35 -68.32
CA ALA E 258 -32.36 7.99 -68.47
C ALA E 258 -33.86 7.98 -68.44
N LEU E 259 -34.43 8.89 -67.68
CA LEU E 259 -35.90 9.03 -67.62
C LEU E 259 -36.48 9.47 -68.99
N GLN E 260 -35.85 10.48 -69.59
CA GLN E 260 -36.24 10.99 -70.89
C GLN E 260 -36.10 9.93 -71.99
N THR E 261 -34.96 9.25 -72.00
CA THR E 261 -34.69 8.25 -72.96
C THR E 261 -35.68 7.12 -72.85
N THR E 262 -35.93 6.68 -71.64
CA THR E 262 -36.75 5.49 -71.42
C THR E 262 -38.26 5.77 -71.62
N TYR E 263 -38.74 6.93 -71.21
CA TYR E 263 -40.17 7.17 -71.10
C TYR E 263 -40.67 8.27 -72.02
N GLY E 264 -39.77 9.10 -72.52
CA GLY E 264 -40.14 10.19 -73.41
C GLY E 264 -40.97 11.24 -72.75
N THR E 265 -42.04 11.59 -73.42
CA THR E 265 -43.00 12.55 -72.96
C THR E 265 -43.81 12.14 -71.69
N ASN E 266 -43.89 10.83 -71.48
CA ASN E 266 -44.51 10.22 -70.30
C ASN E 266 -43.52 10.09 -69.10
N ALA E 267 -42.41 10.80 -69.14
CA ALA E 267 -41.36 10.57 -68.15
C ALA E 267 -41.82 11.07 -66.79
N PRO E 268 -41.61 10.25 -65.74
CA PRO E 268 -41.94 10.72 -64.39
C PRO E 268 -41.00 11.86 -64.02
N ARG E 269 -41.44 12.70 -63.13
CA ARG E 269 -40.56 13.62 -62.49
C ARG E 269 -39.52 12.91 -61.66
N MET E 270 -38.38 13.54 -61.56
CA MET E 270 -37.24 13.07 -60.79
C MET E 270 -37.64 12.83 -59.30
N THR E 271 -38.48 13.70 -58.71
CA THR E 271 -39.08 13.45 -57.39
C THR E 271 -39.79 12.05 -57.36
N SER E 272 -40.62 11.79 -58.37
CA SER E 272 -41.41 10.59 -58.38
C SER E 272 -40.51 9.34 -58.57
N ALA E 273 -39.53 9.48 -59.42
CA ALA E 273 -38.51 8.46 -59.63
C ALA E 273 -37.67 8.09 -58.40
N ALA E 274 -37.19 9.13 -57.69
CA ALA E 274 -36.41 8.96 -56.46
C ALA E 274 -37.21 8.23 -55.34
N LEU E 275 -38.47 8.59 -55.18
CA LEU E 275 -39.31 7.94 -54.20
C LEU E 275 -39.64 6.50 -54.60
N ARG E 276 -40.01 6.29 -55.87
CA ARG E 276 -40.25 4.93 -56.39
C ARG E 276 -39.05 4.04 -56.27
N TRP E 277 -37.87 4.59 -56.40
CA TRP E 277 -36.64 3.82 -56.07
C TRP E 277 -36.69 3.27 -54.64
N MET E 278 -37.08 4.13 -53.68
CA MET E 278 -37.20 3.73 -52.29
C MET E 278 -38.19 2.56 -52.06
N TYR E 279 -39.37 2.68 -52.67
CA TYR E 279 -40.43 1.74 -52.45
C TYR E 279 -40.25 0.44 -53.17
N HIS E 280 -39.52 0.47 -54.31
CA HIS E 280 -39.44 -0.72 -55.20
C HIS E 280 -38.07 -1.29 -55.40
N HIS E 281 -37.02 -0.49 -55.25
CA HIS E 281 -35.69 -0.86 -55.72
C HIS E 281 -34.60 -0.67 -54.70
N SER E 282 -34.95 -0.32 -53.45
CA SER E 282 -34.03 -0.18 -52.37
C SER E 282 -33.91 -1.52 -51.54
N GLN E 283 -33.08 -1.52 -50.52
CA GLN E 283 -33.00 -2.65 -49.62
C GLN E 283 -34.01 -2.63 -48.47
N LEU E 284 -34.91 -1.64 -48.48
CA LEU E 284 -36.02 -1.64 -47.52
C LEU E 284 -36.95 -2.82 -47.78
N GLN E 285 -37.37 -3.49 -46.71
CA GLN E 285 -38.29 -4.63 -46.75
C GLN E 285 -39.56 -4.35 -45.98
N GLY E 286 -40.66 -4.19 -46.69
CA GLY E 286 -41.96 -3.98 -46.06
C GLY E 286 -42.34 -5.04 -45.06
N THR E 287 -41.97 -6.29 -45.35
CA THR E 287 -42.25 -7.41 -44.44
C THR E 287 -41.49 -7.32 -43.13
N ARG E 288 -40.37 -6.62 -43.11
CA ARG E 288 -39.67 -6.34 -41.89
C ARG E 288 -40.21 -5.12 -41.13
N GLY E 289 -41.18 -4.39 -41.67
CA GLY E 289 -41.68 -3.18 -41.05
C GLY E 289 -40.94 -1.90 -41.46
N ASP E 290 -40.01 -2.03 -42.40
CA ASP E 290 -39.21 -0.92 -42.85
C ASP E 290 -40.14 0.11 -43.50
N ALA E 291 -39.71 1.35 -43.45
CA ALA E 291 -40.55 2.45 -43.88
C ALA E 291 -39.75 3.61 -44.43
N VAL E 292 -40.46 4.44 -45.22
CA VAL E 292 -39.93 5.71 -45.76
C VAL E 292 -40.58 6.86 -45.05
N ILE E 293 -39.75 7.76 -44.51
CA ILE E 293 -40.28 8.99 -43.93
C ILE E 293 -40.29 10.06 -44.95
N LEU E 294 -41.48 10.39 -45.45
CA LEU E 294 -41.65 11.46 -46.41
C LEU E 294 -41.39 12.80 -45.78
N GLY E 295 -40.83 13.73 -46.56
CA GLY E 295 -40.60 15.14 -46.14
C GLY E 295 -41.32 16.11 -47.07
N MET E 296 -41.61 17.30 -46.55
CA MET E 296 -42.26 18.35 -47.33
C MET E 296 -42.13 19.61 -46.54
N SER E 297 -42.19 20.72 -47.27
CA SER E 297 -42.34 22.00 -46.68
C SER E 297 -43.69 22.65 -47.08
N SER E 298 -44.54 21.91 -47.81
CA SER E 298 -45.89 22.36 -48.17
C SER E 298 -46.79 21.18 -48.39
N LEU E 299 -48.08 21.46 -48.34
CA LEU E 299 -49.10 20.47 -48.61
C LEU E 299 -49.07 19.95 -50.05
N GLU E 300 -48.82 20.88 -50.98
CA GLU E 300 -48.65 20.56 -52.39
C GLU E 300 -47.53 19.54 -52.66
N GLN E 301 -46.36 19.76 -52.06
CA GLN E 301 -45.22 18.83 -52.15
C GLN E 301 -45.60 17.48 -51.62
N LEU E 302 -46.22 17.47 -50.45
CA LEU E 302 -46.63 16.21 -49.85
C LEU E 302 -47.61 15.40 -50.71
N GLU E 303 -48.57 16.10 -51.31
CA GLU E 303 -49.53 15.41 -52.23
C GLU E 303 -48.84 14.81 -53.40
N GLN E 304 -47.94 15.56 -53.98
CA GLN E 304 -47.07 15.03 -55.02
C GLN E 304 -46.36 13.77 -54.53
N ASN E 305 -45.75 13.83 -53.36
CA ASN E 305 -44.93 12.75 -52.79
C ASN E 305 -45.79 11.53 -52.46
N LEU E 306 -46.97 11.77 -51.95
CA LEU E 306 -47.91 10.69 -51.66
C LEU E 306 -48.36 9.92 -52.89
N ALA E 307 -48.60 10.64 -53.99
CA ALA E 307 -48.97 10.03 -55.26
C ALA E 307 -47.87 9.14 -55.78
N ALA E 308 -46.63 9.63 -55.72
CA ALA E 308 -45.46 8.86 -56.12
C ALA E 308 -45.27 7.59 -55.31
N THR E 309 -45.64 7.60 -54.02
CA THR E 309 -45.50 6.37 -53.19
C THR E 309 -46.41 5.23 -53.69
N GLU E 310 -47.44 5.60 -54.44
CA GLU E 310 -48.39 4.65 -54.93
C GLU E 310 -48.15 4.19 -56.34
N GLU E 311 -47.18 4.83 -57.01
CA GLU E 311 -46.76 4.44 -58.32
C GLU E 311 -46.02 3.08 -58.24
N GLY E 312 -45.80 2.49 -59.41
CA GLY E 312 -45.17 1.17 -59.47
C GLY E 312 -43.70 1.24 -59.72
N PRO E 313 -43.09 0.08 -60.02
CA PRO E 313 -41.63 0.02 -60.24
C PRO E 313 -41.20 0.85 -61.48
N LEU E 314 -39.93 1.23 -61.50
CA LEU E 314 -39.33 1.83 -62.63
C LEU E 314 -38.82 0.76 -63.61
N GLU E 315 -38.62 1.20 -64.84
CA GLU E 315 -37.96 0.38 -65.85
C GLU E 315 -36.50 0.12 -65.52
N PRO E 316 -35.99 -1.06 -65.90
CA PRO E 316 -34.60 -1.47 -65.67
C PRO E 316 -33.55 -0.47 -65.99
N ALA E 317 -33.69 0.20 -67.13
CA ALA E 317 -32.75 1.20 -67.55
C ALA E 317 -32.57 2.34 -66.56
N VAL E 318 -33.67 2.74 -65.95
CA VAL E 318 -33.70 3.81 -64.94
C VAL E 318 -33.16 3.35 -63.58
N VAL E 319 -33.48 2.11 -63.18
CA VAL E 319 -32.86 1.48 -62.00
C VAL E 319 -31.34 1.46 -62.11
N GLU E 320 -30.88 1.13 -63.30
CA GLU E 320 -29.46 1.05 -63.56
C GLU E 320 -28.83 2.40 -63.50
N ALA E 321 -29.54 3.38 -64.04
CA ALA E 321 -29.04 4.74 -63.99
C ALA E 321 -28.89 5.19 -62.54
N PHE E 322 -29.81 4.78 -61.67
CA PHE E 322 -29.71 5.08 -60.24
C PHE E 322 -28.51 4.40 -59.58
N ASP E 323 -28.16 3.22 -60.06
CA ASP E 323 -26.92 2.56 -59.61
C ASP E 323 -25.68 3.26 -60.06
N GLN E 324 -25.64 3.67 -61.32
CA GLN E 324 -24.54 4.44 -61.84
C GLN E 324 -24.41 5.74 -61.10
N ALA E 325 -25.55 6.35 -60.77
CA ALA E 325 -25.56 7.59 -60.01
C ALA E 325 -24.88 7.35 -58.63
N TRP E 326 -25.31 6.34 -57.91
CA TRP E 326 -24.67 6.02 -56.62
C TRP E 326 -23.12 5.79 -56.78
N ASN E 327 -22.73 5.11 -57.85
CA ASN E 327 -21.35 4.80 -58.07
C ASN E 327 -20.52 6.04 -58.25
N MET E 328 -21.11 7.10 -58.79
CA MET E 328 -20.41 8.37 -58.94
C MET E 328 -20.14 9.09 -57.64
N VAL E 329 -21.03 8.92 -56.67
CA VAL E 329 -20.95 9.68 -55.40
C VAL E 329 -20.46 8.85 -54.22
N ALA E 330 -20.42 7.53 -54.39
CA ALA E 330 -20.15 6.63 -53.27
C ALA E 330 -18.92 7.03 -52.52
N HIS E 331 -17.87 7.44 -53.23
CA HIS E 331 -16.60 7.84 -52.56
C HIS E 331 -16.71 9.08 -51.65
N GLU E 332 -17.73 9.88 -51.81
CA GLU E 332 -17.86 11.05 -50.94
C GLU E 332 -19.23 11.09 -50.22
N CYS E 333 -19.75 9.91 -49.99
CA CYS E 333 -21.03 9.75 -49.33
C CYS E 333 -20.96 10.28 -47.91
N PRO E 334 -21.98 11.04 -47.49
CA PRO E 334 -21.89 11.46 -46.07
C PRO E 334 -22.16 10.29 -45.11
N ASN E 335 -21.61 10.37 -43.93
CA ASN E 335 -21.77 9.35 -42.93
C ASN E 335 -23.15 9.32 -42.34
N TYR E 336 -23.74 8.15 -42.31
CA TYR E 336 -25.03 7.97 -41.65
C TYR E 336 -24.96 8.05 -40.15
N PHE E 337 -23.75 7.95 -39.58
CA PHE E 337 -23.51 7.98 -38.14
C PHE E 337 -22.80 9.27 -37.73
N ARG E 338 -23.02 9.67 -36.47
CA ARG E 338 -22.51 10.97 -36.00
C ARG E 338 -21.73 10.85 -34.72
N LEU F 15 5.52 8.40 -34.18
CA LEU F 15 5.86 6.91 -34.08
C LEU F 15 5.26 6.11 -35.22
N ARG F 16 6.11 5.63 -36.13
CA ARG F 16 5.57 4.86 -37.28
C ARG F 16 4.92 3.51 -36.82
N PRO F 17 3.98 3.00 -37.65
CA PRO F 17 3.38 1.71 -37.36
C PRO F 17 4.49 0.65 -37.26
N ALA F 18 4.26 -0.39 -36.46
CA ALA F 18 5.19 -1.51 -36.37
C ALA F 18 5.09 -2.38 -37.63
N THR F 19 6.04 -3.31 -37.72
CA THR F 19 6.12 -4.25 -38.83
C THR F 19 6.14 -5.70 -38.33
N VAL F 20 5.20 -6.44 -38.90
CA VAL F 20 4.93 -7.86 -38.62
C VAL F 20 5.27 -8.64 -39.88
N LEU F 21 5.83 -9.84 -39.71
CA LEU F 21 6.22 -10.68 -40.84
C LEU F 21 5.12 -11.70 -41.16
N GLY F 22 4.60 -11.60 -42.38
CA GLY F 22 3.63 -12.58 -42.90
C GLY F 22 4.26 -13.85 -43.39
N THR F 23 3.64 -15.00 -43.05
CA THR F 23 4.29 -16.32 -43.22
C THR F 23 3.47 -17.24 -44.07
N MET F 24 2.51 -16.67 -44.76
CA MET F 24 1.60 -17.45 -45.59
C MET F 24 2.26 -18.26 -46.71
N GLU F 25 3.42 -17.81 -47.21
CA GLU F 25 4.08 -18.51 -48.32
C GLU F 25 5.20 -19.44 -47.90
N MET F 26 5.45 -19.53 -46.59
CA MET F 26 6.37 -20.50 -46.01
C MET F 26 5.80 -21.88 -46.07
N GLY F 27 6.38 -22.72 -46.93
CA GLY F 27 5.86 -24.03 -47.22
C GLY F 27 5.24 -24.08 -48.61
N ARG F 28 5.09 -22.95 -49.30
CA ARG F 28 4.54 -22.98 -50.65
C ARG F 28 5.63 -22.52 -51.62
N ARG F 29 5.72 -21.21 -51.85
CA ARG F 29 6.77 -20.65 -52.67
C ARG F 29 8.06 -20.56 -51.91
N MET F 30 8.05 -20.54 -50.59
CA MET F 30 9.29 -20.47 -49.79
C MET F 30 9.59 -21.72 -49.01
N ASP F 31 10.78 -22.32 -49.22
CA ASP F 31 11.18 -23.52 -48.47
C ASP F 31 11.68 -23.17 -47.06
N ALA F 32 12.08 -24.19 -46.29
CA ALA F 32 12.57 -23.96 -44.94
C ALA F 32 13.76 -23.00 -44.91
N SER F 33 14.66 -23.14 -45.90
CA SER F 33 15.88 -22.35 -45.93
C SER F 33 15.64 -20.90 -46.23
N ALA F 34 14.81 -20.64 -47.25
CA ALA F 34 14.38 -19.32 -47.63
C ALA F 34 13.64 -18.65 -46.47
N SER F 35 12.79 -19.41 -45.79
CA SER F 35 12.01 -18.95 -44.62
C SER F 35 12.93 -18.55 -43.41
N ALA F 36 13.93 -19.39 -43.15
CA ALA F 36 14.93 -19.10 -42.15
C ALA F 36 15.69 -17.78 -42.43
N ALA F 37 16.07 -17.58 -43.70
CA ALA F 37 16.81 -16.36 -44.10
C ALA F 37 15.94 -15.13 -43.97
N SER F 38 14.64 -15.29 -44.31
CA SER F 38 13.64 -14.22 -44.26
C SER F 38 13.41 -13.73 -42.83
N VAL F 39 13.22 -14.66 -41.93
CA VAL F 39 13.05 -14.36 -40.52
C VAL F 39 14.31 -13.65 -40.01
N ARG F 40 15.48 -14.21 -40.31
CA ARG F 40 16.77 -13.61 -39.92
C ARG F 40 16.85 -12.13 -40.37
N ALA F 41 16.54 -11.88 -41.64
CA ALA F 41 16.57 -10.53 -42.21
C ALA F 41 15.54 -9.60 -41.53
N PHE F 42 14.37 -10.15 -41.20
CA PHE F 42 13.28 -9.43 -40.52
C PHE F 42 13.76 -8.97 -39.13
N LEU F 43 14.38 -9.91 -38.41
CA LEU F 43 14.78 -9.65 -37.04
C LEU F 43 15.98 -8.76 -36.93
N GLU F 44 16.85 -8.80 -37.94
CA GLU F 44 17.96 -7.91 -38.13
C GLU F 44 17.58 -6.45 -38.12
N ARG F 45 16.43 -6.17 -38.74
CA ARG F 45 15.92 -4.83 -38.83
C ARG F 45 15.36 -4.36 -37.51
N GLY F 46 15.31 -5.23 -36.51
CA GLY F 46 14.89 -4.89 -35.15
C GLY F 46 13.44 -5.22 -34.84
N HIS F 47 12.75 -5.85 -35.78
CA HIS F 47 11.38 -6.26 -35.59
C HIS F 47 11.31 -7.57 -34.83
N SER F 48 10.11 -7.91 -34.36
CA SER F 48 9.95 -9.05 -33.48
C SER F 48 8.71 -9.91 -33.66
N GLU F 49 7.68 -9.45 -34.37
CA GLU F 49 6.44 -10.25 -34.51
C GLU F 49 6.25 -10.97 -35.84
N LEU F 50 5.79 -12.22 -35.73
CA LEU F 50 5.50 -13.15 -36.82
C LEU F 50 4.02 -13.58 -36.79
N ASP F 51 3.49 -13.67 -38.00
CA ASP F 51 2.09 -14.00 -38.25
C ASP F 51 1.99 -15.25 -39.08
N THR F 52 1.36 -16.26 -38.50
CA THR F 52 1.04 -17.48 -39.24
C THR F 52 -0.35 -17.89 -38.92
N ALA F 53 -0.73 -19.08 -39.40
CA ALA F 53 -2.11 -19.61 -39.20
C ALA F 53 -2.08 -21.13 -39.33
N PHE F 54 -3.01 -21.79 -38.61
CA PHE F 54 -3.23 -23.24 -38.73
C PHE F 54 -3.28 -23.59 -40.21
N MET F 55 -4.02 -22.75 -40.94
CA MET F 55 -4.40 -23.02 -42.32
C MET F 55 -3.20 -23.08 -43.29
N TYR F 56 -2.16 -22.29 -43.04
CA TYR F 56 -1.15 -22.03 -44.09
C TYR F 56 -0.36 -23.28 -44.43
N CYS F 57 -0.44 -23.61 -45.72
CA CYS F 57 0.30 -24.74 -46.35
C CYS F 57 0.10 -26.05 -45.57
N ASP F 58 -1.17 -26.29 -45.19
CA ASP F 58 -1.55 -27.56 -44.56
C ASP F 58 -0.67 -27.82 -43.32
N GLY F 59 -0.29 -26.72 -42.68
CA GLY F 59 0.46 -26.74 -41.47
C GLY F 59 1.97 -26.57 -41.59
N GLN F 60 2.45 -26.41 -42.83
CA GLN F 60 3.89 -26.35 -43.06
C GLN F 60 4.50 -25.01 -42.70
N SER F 61 3.71 -23.94 -42.81
CA SER F 61 4.21 -22.63 -42.40
C SER F 61 4.58 -22.69 -40.89
N GLU F 62 3.66 -23.23 -40.10
CA GLU F 62 3.87 -23.42 -38.65
C GLU F 62 5.02 -24.38 -38.34
N ASN F 63 5.12 -25.49 -39.08
CA ASN F 63 6.12 -26.49 -38.84
C ASN F 63 7.53 -25.91 -39.10
N ILE F 64 7.64 -25.14 -40.20
CA ILE F 64 8.87 -24.45 -40.60
C ILE F 64 9.28 -23.44 -39.51
N LEU F 65 8.36 -22.63 -39.06
CA LEU F 65 8.62 -21.68 -38.00
C LEU F 65 9.05 -22.37 -36.68
N GLY F 66 8.40 -23.48 -36.38
CA GLY F 66 8.72 -24.26 -35.21
C GLY F 66 10.12 -24.84 -35.22
N GLY F 67 10.65 -25.08 -36.41
CA GLY F 67 11.98 -25.66 -36.56
C GLY F 67 13.10 -24.63 -36.58
N LEU F 68 12.82 -23.35 -36.44
CA LEU F 68 13.83 -22.30 -36.64
C LEU F 68 14.63 -22.05 -35.39
N GLY F 69 14.28 -22.75 -34.32
CA GLY F 69 15.02 -22.69 -33.09
C GLY F 69 14.88 -21.38 -32.36
N LEU F 70 13.70 -20.77 -32.48
CA LEU F 70 13.44 -19.44 -31.91
C LEU F 70 13.01 -19.49 -30.45
N GLY F 71 12.75 -20.69 -29.95
CA GLY F 71 12.23 -20.80 -28.59
C GLY F 71 10.93 -20.02 -28.39
N LEU F 72 9.98 -20.18 -29.30
CA LEU F 72 8.71 -19.43 -29.28
C LEU F 72 7.91 -19.72 -28.04
N GLY F 73 7.33 -18.68 -27.46
CA GLY F 73 6.44 -18.87 -26.31
C GLY F 73 7.10 -19.20 -25.00
N SER F 74 8.42 -19.18 -25.02
CA SER F 74 9.19 -19.42 -23.81
C SER F 74 9.63 -18.05 -23.35
N GLY F 75 8.68 -17.20 -22.93
CA GLY F 75 8.96 -15.89 -22.27
C GLY F 75 10.29 -16.01 -21.54
N ASP F 76 11.16 -15.01 -21.75
CA ASP F 76 12.65 -15.15 -21.91
C ASP F 76 12.94 -15.12 -23.42
N CYS F 77 12.04 -14.45 -24.15
CA CYS F 77 11.93 -14.60 -25.59
C CYS F 77 11.45 -13.29 -26.26
N THR F 78 12.26 -12.88 -27.22
CA THR F 78 12.12 -11.58 -27.88
C THR F 78 11.12 -11.67 -29.01
N VAL F 79 11.10 -12.80 -29.71
CA VAL F 79 10.27 -13.02 -30.87
C VAL F 79 8.84 -13.47 -30.48
N LYS F 80 7.84 -12.79 -31.01
CA LYS F 80 6.44 -13.04 -30.68
C LYS F 80 5.76 -13.73 -31.86
N ILE F 81 4.94 -14.73 -31.55
CA ILE F 81 4.24 -15.55 -32.58
C ILE F 81 2.73 -15.38 -32.45
N ALA F 82 2.10 -15.20 -33.60
CA ALA F 82 0.64 -15.24 -33.74
C ALA F 82 0.21 -16.35 -34.66
N THR F 83 -0.89 -17.03 -34.28
CA THR F 83 -1.59 -17.96 -35.17
C THR F 83 -3.08 -17.83 -34.97
N LYS F 84 -3.82 -18.62 -35.78
CA LYS F 84 -5.24 -18.44 -36.00
C LYS F 84 -5.93 -19.79 -36.20
N ALA F 85 -7.13 -19.86 -35.66
CA ALA F 85 -8.04 -21.00 -35.86
C ALA F 85 -9.10 -20.56 -36.82
N ASN F 86 -9.54 -21.45 -37.73
CA ASN F 86 -10.59 -21.11 -38.74
C ASN F 86 -11.71 -22.11 -38.80
N PRO F 87 -12.88 -21.74 -39.33
CA PRO F 87 -14.05 -22.64 -39.47
C PRO F 87 -14.13 -23.50 -40.74
N TRP F 88 -13.16 -23.36 -41.62
CA TRP F 88 -13.25 -23.92 -42.95
C TRP F 88 -13.11 -25.45 -43.02
N GLU F 89 -13.55 -25.94 -44.17
CA GLU F 89 -13.51 -27.32 -44.55
C GLU F 89 -14.12 -28.15 -43.45
N GLY F 90 -15.26 -27.69 -42.95
CA GLY F 90 -15.97 -28.47 -41.95
C GLY F 90 -15.52 -28.34 -40.49
N LYS F 91 -14.52 -27.54 -40.21
CA LYS F 91 -13.97 -27.51 -38.86
C LYS F 91 -14.85 -26.73 -37.89
N SER F 92 -15.43 -25.62 -38.35
CA SER F 92 -16.17 -24.75 -37.41
C SER F 92 -15.25 -24.10 -36.36
N LEU F 93 -15.80 -23.11 -35.68
CA LEU F 93 -15.17 -22.51 -34.49
C LEU F 93 -15.92 -22.97 -33.18
N LYS F 94 -16.53 -24.14 -33.20
CA LYS F 94 -16.97 -24.78 -31.97
C LYS F 94 -15.78 -25.01 -31.01
N PRO F 95 -16.08 -25.06 -29.72
CA PRO F 95 -15.08 -25.24 -28.69
C PRO F 95 -14.03 -26.38 -28.94
N ASP F 96 -14.45 -27.61 -29.28
CA ASP F 96 -13.51 -28.68 -29.54
C ASP F 96 -12.61 -28.39 -30.74
N SER F 97 -13.16 -27.80 -31.79
CA SER F 97 -12.41 -27.47 -32.97
C SER F 97 -11.35 -26.41 -32.67
N ILE F 98 -11.73 -25.30 -32.03
CA ILE F 98 -10.70 -24.27 -31.73
C ILE F 98 -9.60 -24.82 -30.82
N ARG F 99 -9.97 -25.69 -29.87
CA ARG F 99 -8.97 -26.33 -29.01
C ARG F 99 -8.05 -27.22 -29.82
N SER F 100 -8.63 -28.03 -30.70
CA SER F 100 -7.80 -28.91 -31.50
C SER F 100 -6.85 -28.14 -32.39
N GLN F 101 -7.35 -27.09 -33.05
CA GLN F 101 -6.52 -26.30 -33.92
C GLN F 101 -5.36 -25.64 -33.16
N LEU F 102 -5.65 -25.01 -32.03
CA LEU F 102 -4.61 -24.36 -31.24
C LEU F 102 -3.57 -25.35 -30.69
N GLU F 103 -4.04 -26.49 -30.18
CA GLU F 103 -3.11 -27.50 -29.67
C GLU F 103 -2.23 -28.09 -30.79
N THR F 104 -2.81 -28.28 -31.96
CA THR F 104 -2.06 -28.70 -33.15
C THR F 104 -1.02 -27.64 -33.50
N SER F 105 -1.43 -26.37 -33.52
CA SER F 105 -0.51 -25.27 -33.81
C SER F 105 0.72 -25.23 -32.86
N LEU F 106 0.44 -25.29 -31.56
CA LEU F 106 1.46 -25.29 -30.54
C LEU F 106 2.47 -26.37 -30.77
N LYS F 107 1.98 -27.56 -31.15
CA LYS F 107 2.83 -28.67 -31.43
C LYS F 107 3.73 -28.37 -32.58
N ARG F 108 3.16 -27.87 -33.67
CA ARG F 108 3.94 -27.59 -34.88
C ARG F 108 4.95 -26.44 -34.67
N LEU F 109 4.52 -25.45 -33.89
CA LEU F 109 5.35 -24.32 -33.52
C LEU F 109 6.37 -24.68 -32.42
N GLN F 110 6.26 -25.88 -31.85
CA GLN F 110 7.22 -26.34 -30.84
C GLN F 110 7.26 -25.37 -29.66
N CYS F 111 6.06 -25.03 -29.20
CA CYS F 111 5.91 -23.94 -28.27
C CYS F 111 4.74 -24.13 -27.30
N PRO F 112 4.93 -23.73 -26.02
CA PRO F 112 3.90 -24.05 -24.99
C PRO F 112 2.75 -23.07 -25.01
N ARG F 113 2.96 -21.93 -25.67
CA ARG F 113 1.87 -20.95 -25.91
C ARG F 113 2.24 -19.91 -26.93
N VAL F 114 1.21 -19.34 -27.52
CA VAL F 114 1.35 -18.30 -28.51
C VAL F 114 1.10 -16.99 -27.84
N ASP F 115 1.71 -15.97 -28.40
CA ASP F 115 1.54 -14.62 -27.89
C ASP F 115 0.19 -14.04 -28.35
N LEU F 116 -0.31 -14.50 -29.49
CA LEU F 116 -1.55 -13.99 -30.06
C LEU F 116 -2.23 -15.14 -30.77
N PHE F 117 -3.53 -15.27 -30.48
CA PHE F 117 -4.40 -16.31 -31.06
C PHE F 117 -5.62 -15.63 -31.65
N TYR F 118 -5.81 -15.80 -32.97
CA TYR F 118 -6.91 -15.22 -33.66
C TYR F 118 -8.00 -16.17 -34.02
N LEU F 119 -9.22 -15.64 -34.01
CA LEU F 119 -10.35 -16.17 -34.81
C LEU F 119 -10.20 -15.62 -36.24
N HIS F 120 -9.88 -16.53 -37.16
CA HIS F 120 -9.35 -16.20 -38.46
C HIS F 120 -10.41 -15.56 -39.33
N ALA F 121 -11.65 -16.10 -39.21
CA ALA F 121 -12.83 -15.54 -39.88
C ALA F 121 -14.07 -16.05 -39.18
N PRO F 122 -15.19 -15.30 -39.29
CA PRO F 122 -16.39 -15.72 -38.61
C PRO F 122 -16.92 -17.10 -38.99
N ASP F 123 -17.44 -17.79 -37.99
CA ASP F 123 -18.31 -18.97 -38.20
C ASP F 123 -19.77 -18.59 -37.93
N HIS F 124 -20.50 -18.28 -38.98
CA HIS F 124 -21.86 -17.81 -38.77
C HIS F 124 -22.84 -18.90 -38.32
N SER F 125 -22.35 -20.14 -38.28
CA SER F 125 -23.15 -21.29 -37.79
C SER F 125 -22.94 -21.64 -36.30
N THR F 126 -21.97 -21.03 -35.66
CA THR F 126 -21.71 -21.31 -34.25
C THR F 126 -21.95 -20.01 -33.51
N PRO F 127 -22.89 -20.03 -32.56
CA PRO F 127 -23.04 -18.84 -31.70
C PRO F 127 -21.69 -18.43 -31.06
N VAL F 128 -21.44 -17.16 -31.17
CA VAL F 128 -20.19 -16.58 -30.89
C VAL F 128 -19.84 -16.75 -29.44
N GLU F 129 -20.85 -16.79 -28.56
CA GLU F 129 -20.59 -16.99 -27.12
C GLU F 129 -19.92 -18.34 -26.83
N GLU F 130 -20.25 -19.35 -27.62
CA GLU F 130 -19.66 -20.67 -27.48
C GLU F 130 -18.15 -20.60 -27.74
N THR F 131 -17.84 -19.96 -28.85
CA THR F 131 -16.45 -19.77 -29.30
C THR F 131 -15.68 -18.94 -28.26
N LEU F 132 -16.26 -17.85 -27.80
CA LEU F 132 -15.57 -16.95 -26.85
C LEU F 132 -15.35 -17.60 -25.47
N CYS F 133 -16.32 -18.38 -25.02
CA CYS F 133 -16.15 -19.11 -23.80
C CYS F 133 -14.94 -20.07 -23.89
N ALA F 134 -14.82 -20.76 -25.02
CA ALA F 134 -13.71 -21.71 -25.18
C ALA F 134 -12.38 -20.97 -25.24
N CYS F 135 -12.36 -19.84 -25.94
CA CYS F 135 -11.16 -19.03 -25.99
C CYS F 135 -10.73 -18.66 -24.56
N HIS F 136 -11.69 -18.26 -23.73
CA HIS F 136 -11.36 -17.90 -22.37
C HIS F 136 -10.69 -19.08 -21.64
N GLN F 137 -11.32 -20.25 -21.75
CA GLN F 137 -10.81 -21.44 -21.15
C GLN F 137 -9.39 -21.70 -21.58
N LEU F 138 -9.12 -21.64 -22.88
CA LEU F 138 -7.78 -21.90 -23.43
C LEU F 138 -6.75 -20.92 -22.91
N HIS F 139 -7.15 -19.67 -22.73
CA HIS F 139 -6.33 -18.64 -22.12
C HIS F 139 -6.02 -18.95 -20.67
N GLN F 140 -7.05 -19.35 -19.93
CA GLN F 140 -6.87 -19.71 -18.55
C GLN F 140 -5.92 -20.88 -18.41
N GLU F 141 -5.87 -21.76 -19.42
CA GLU F 141 -4.90 -22.86 -19.45
C GLU F 141 -3.50 -22.45 -19.87
N GLY F 142 -3.29 -21.19 -20.21
CA GLY F 142 -1.98 -20.68 -20.53
C GLY F 142 -1.56 -20.89 -21.97
N LYS F 143 -2.52 -21.25 -22.85
CA LYS F 143 -2.16 -21.59 -24.23
C LYS F 143 -2.02 -20.41 -25.16
N PHE F 144 -2.57 -19.27 -24.77
CA PHE F 144 -2.28 -18.03 -25.53
C PHE F 144 -2.30 -16.84 -24.63
N VAL F 145 -1.53 -15.80 -24.99
CA VAL F 145 -1.48 -14.56 -24.18
C VAL F 145 -2.63 -13.62 -24.53
N GLU F 146 -2.71 -13.20 -25.78
CA GLU F 146 -3.77 -12.27 -26.23
C GLU F 146 -4.64 -12.89 -27.31
N LEU F 147 -5.91 -12.53 -27.28
CA LEU F 147 -6.91 -12.89 -28.28
C LEU F 147 -7.00 -11.83 -29.37
N GLY F 148 -7.17 -12.28 -30.60
CA GLY F 148 -7.42 -11.44 -31.75
C GLY F 148 -8.61 -11.83 -32.60
N LEU F 149 -9.06 -10.89 -33.42
CA LEU F 149 -10.09 -11.21 -34.41
C LEU F 149 -9.59 -10.86 -35.77
N SER F 150 -10.14 -11.51 -36.77
CA SER F 150 -9.90 -11.12 -38.14
C SER F 150 -11.17 -11.41 -38.94
N ASN F 151 -11.50 -10.46 -39.82
CA ASN F 151 -12.53 -10.61 -40.81
C ASN F 151 -13.96 -10.60 -40.29
N TYR F 152 -14.11 -10.08 -39.08
CA TYR F 152 -15.42 -9.79 -38.47
C TYR F 152 -15.77 -8.32 -38.79
N ALA F 153 -17.06 -8.07 -38.94
CA ALA F 153 -17.58 -6.73 -39.14
C ALA F 153 -17.45 -5.94 -37.85
N SER F 154 -17.30 -4.62 -37.95
CA SER F 154 -17.16 -3.76 -36.75
C SER F 154 -18.26 -4.05 -35.73
N TRP F 155 -19.52 -4.27 -36.22
CA TRP F 155 -20.62 -4.52 -35.32
C TRP F 155 -20.53 -5.90 -34.63
N GLU F 156 -19.90 -6.87 -35.27
CA GLU F 156 -19.68 -8.15 -34.67
C GLU F 156 -18.55 -8.04 -33.64
N VAL F 157 -17.53 -7.23 -33.90
CA VAL F 157 -16.50 -6.92 -32.89
C VAL F 157 -17.06 -6.28 -31.62
N ALA F 158 -17.93 -5.30 -31.82
CA ALA F 158 -18.59 -4.65 -30.70
C ALA F 158 -19.43 -5.65 -29.86
N GLU F 159 -20.16 -6.53 -30.51
CA GLU F 159 -20.93 -7.55 -29.81
C GLU F 159 -19.99 -8.43 -29.00
N ILE F 160 -18.90 -8.86 -29.60
CA ILE F 160 -17.96 -9.75 -28.94
C ILE F 160 -17.33 -9.10 -27.72
N CYS F 161 -16.84 -7.87 -27.87
CA CYS F 161 -16.25 -7.15 -26.72
C CYS F 161 -17.23 -6.95 -25.59
N THR F 162 -18.45 -6.59 -25.94
CA THR F 162 -19.48 -6.33 -24.98
C THR F 162 -19.87 -7.60 -24.22
N LEU F 163 -19.99 -8.72 -24.94
CA LEU F 163 -20.25 -10.06 -24.37
C LEU F 163 -19.12 -10.55 -23.45
N CYS F 164 -17.88 -10.37 -23.88
CA CYS F 164 -16.73 -10.71 -23.05
C CYS F 164 -16.71 -9.96 -21.74
N LYS F 165 -16.95 -8.66 -21.83
CA LYS F 165 -16.96 -7.76 -20.67
C LYS F 165 -18.02 -8.24 -19.65
N SER F 166 -19.24 -8.56 -20.11
CA SER F 166 -20.29 -9.07 -19.22
C SER F 166 -20.03 -10.41 -18.65
N ASN F 167 -19.36 -11.27 -19.40
CA ASN F 167 -19.18 -12.67 -18.98
C ASN F 167 -17.80 -12.92 -18.35
N GLY F 168 -17.01 -11.87 -18.16
CA GLY F 168 -15.65 -12.02 -17.63
C GLY F 168 -14.67 -12.85 -18.48
N TRP F 169 -14.83 -12.77 -19.80
CA TRP F 169 -13.96 -13.45 -20.73
C TRP F 169 -12.88 -12.51 -21.22
N ILE F 170 -11.71 -13.06 -21.54
CA ILE F 170 -10.64 -12.22 -22.09
C ILE F 170 -11.20 -11.44 -23.30
N LEU F 171 -10.95 -10.12 -23.38
CA LEU F 171 -11.31 -9.38 -24.58
C LEU F 171 -10.28 -9.60 -25.66
N PRO F 172 -10.75 -9.53 -26.92
CA PRO F 172 -9.78 -9.40 -28.00
C PRO F 172 -9.12 -7.98 -27.98
N THR F 173 -7.80 -7.95 -28.22
CA THR F 173 -7.04 -6.73 -28.12
C THR F 173 -6.35 -6.38 -29.45
N VAL F 174 -6.47 -7.29 -30.43
CA VAL F 174 -5.95 -7.10 -31.79
C VAL F 174 -6.99 -7.48 -32.80
N TYR F 175 -7.08 -6.68 -33.86
CA TYR F 175 -7.90 -7.01 -35.04
C TYR F 175 -6.92 -6.99 -36.23
N GLN F 176 -7.00 -8.04 -37.06
CA GLN F 176 -6.18 -8.11 -38.25
C GLN F 176 -7.06 -8.01 -39.48
N GLY F 177 -6.84 -6.91 -40.22
CA GLY F 177 -7.76 -6.52 -41.28
C GLY F 177 -7.10 -6.12 -42.59
N MET F 178 -7.92 -6.21 -43.64
CA MET F 178 -7.56 -5.85 -44.99
C MET F 178 -7.49 -4.31 -45.11
N TYR F 179 -6.30 -3.78 -45.43
CA TYR F 179 -6.09 -2.34 -45.51
C TYR F 179 -4.87 -2.05 -46.41
N ASN F 180 -5.10 -1.18 -47.39
CA ASN F 180 -4.04 -0.68 -48.24
C ASN F 180 -4.48 0.62 -48.93
N ALA F 181 -3.58 1.19 -49.68
CA ALA F 181 -3.81 2.50 -50.23
C ALA F 181 -5.10 2.62 -51.06
N THR F 182 -5.51 1.50 -51.66
CA THR F 182 -6.69 1.46 -52.53
C THR F 182 -7.85 0.63 -51.91
N THR F 183 -7.67 0.21 -50.64
CA THR F 183 -8.64 -0.61 -49.98
C THR F 183 -8.84 -0.06 -48.55
N ARG F 184 -9.89 0.75 -48.36
CA ARG F 184 -10.04 1.57 -47.17
C ARG F 184 -11.38 1.49 -46.48
N GLN F 185 -12.12 0.41 -46.73
CA GLN F 185 -13.46 0.25 -46.16
C GLN F 185 -13.41 0.24 -44.63
N VAL F 186 -12.33 -0.30 -44.05
CA VAL F 186 -12.13 -0.37 -42.60
C VAL F 186 -12.06 0.97 -41.86
N GLU F 187 -11.84 2.06 -42.61
CA GLU F 187 -11.73 3.40 -41.98
C GLU F 187 -13.01 3.97 -41.40
N ALA F 188 -14.16 3.82 -42.07
CA ALA F 188 -15.38 4.48 -41.66
C ALA F 188 -15.93 4.01 -40.31
N GLU F 189 -16.03 2.69 -40.11
CA GLU F 189 -16.66 2.11 -38.92
C GLU F 189 -15.76 1.17 -38.11
N LEU F 190 -14.99 0.33 -38.77
CA LEU F 190 -14.17 -0.62 -37.98
C LEU F 190 -13.13 0.11 -37.11
N LEU F 191 -12.32 0.98 -37.70
CA LEU F 191 -11.27 1.64 -36.89
C LEU F 191 -11.81 2.41 -35.66
N PRO F 192 -12.84 3.28 -35.81
CA PRO F 192 -13.51 3.86 -34.62
C PRO F 192 -14.00 2.85 -33.54
N CYS F 193 -14.53 1.74 -34.00
CA CYS F 193 -14.94 0.69 -33.11
C CYS F 193 -13.75 0.16 -32.29
N LEU F 194 -12.67 -0.13 -32.99
CA LEU F 194 -11.45 -0.66 -32.37
C LEU F 194 -10.86 0.30 -31.35
N ARG F 195 -10.91 1.62 -31.67
CA ARG F 195 -10.38 2.60 -30.76
C ARG F 195 -11.27 2.65 -29.52
N HIS F 196 -12.58 2.59 -29.68
CA HIS F 196 -13.42 2.59 -28.50
C HIS F 196 -13.16 1.40 -27.59
N PHE F 197 -13.03 0.21 -28.18
CA PHE F 197 -12.87 -1.00 -27.37
C PHE F 197 -11.44 -1.38 -27.07
N GLY F 198 -10.47 -0.65 -27.58
CA GLY F 198 -9.05 -0.81 -27.16
C GLY F 198 -8.26 -1.86 -27.95
N LEU F 199 -8.58 -2.00 -29.23
CA LEU F 199 -7.94 -2.99 -30.06
C LEU F 199 -6.95 -2.30 -30.97
N ARG F 200 -5.76 -2.90 -31.11
CA ARG F 200 -4.84 -2.38 -32.11
C ARG F 200 -5.09 -3.09 -33.42
N PHE F 201 -4.74 -2.44 -34.51
CA PHE F 201 -5.06 -2.99 -35.85
C PHE F 201 -3.85 -3.32 -36.65
N TYR F 202 -3.84 -4.57 -37.13
CA TYR F 202 -2.75 -5.05 -37.99
C TYR F 202 -3.25 -5.23 -39.42
N ALA F 203 -2.54 -4.61 -40.36
CA ALA F 203 -3.00 -4.57 -41.77
C ALA F 203 -2.42 -5.72 -42.61
N TYR F 204 -3.33 -6.55 -43.13
CA TYR F 204 -2.97 -7.58 -44.14
C TYR F 204 -3.28 -7.08 -45.57
N ASN F 205 -2.74 -7.76 -46.56
CA ASN F 205 -2.80 -7.28 -47.96
C ASN F 205 -2.27 -5.80 -48.17
N PRO F 206 -1.17 -5.41 -47.51
CA PRO F 206 -0.78 -3.98 -47.71
C PRO F 206 -0.34 -3.65 -49.13
N LEU F 207 -0.14 -4.68 -49.98
CA LEU F 207 0.11 -4.42 -51.43
C LEU F 207 -0.99 -5.04 -52.31
N ALA F 208 -2.16 -5.24 -51.71
CA ALA F 208 -3.27 -5.84 -52.38
C ALA F 208 -2.86 -7.18 -53.00
N GLY F 209 -2.19 -8.03 -52.23
CA GLY F 209 -1.75 -9.33 -52.69
C GLY F 209 -0.69 -9.29 -53.77
N GLY F 210 -0.11 -8.10 -53.93
CA GLY F 210 0.90 -7.79 -54.94
C GLY F 210 0.41 -6.90 -56.07
N LEU F 211 -0.90 -6.64 -56.16
CA LEU F 211 -1.37 -5.81 -57.26
C LEU F 211 -0.64 -4.46 -57.23
N LEU F 212 -0.48 -3.93 -56.03
CA LEU F 212 0.09 -2.57 -55.85
C LEU F 212 1.61 -2.48 -56.04
N THR F 213 2.22 -3.53 -56.56
CA THR F 213 3.60 -3.47 -57.04
C THR F 213 3.62 -2.93 -58.47
N GLY F 214 2.44 -2.87 -59.12
CA GLY F 214 2.30 -2.49 -60.54
C GLY F 214 2.83 -3.50 -61.57
N LYS F 215 3.15 -4.73 -61.14
CA LYS F 215 3.79 -5.74 -61.99
C LYS F 215 2.80 -6.43 -62.94
N TYR F 216 1.53 -6.16 -62.80
CA TYR F 216 0.50 -6.79 -63.63
C TYR F 216 -0.18 -5.80 -64.54
N LYS F 217 -0.90 -6.34 -65.52
CA LYS F 217 -1.78 -5.61 -66.44
C LYS F 217 -3.09 -6.35 -66.39
N TYR F 218 -4.21 -5.66 -66.51
CA TYR F 218 -5.51 -6.33 -66.43
C TYR F 218 -5.64 -7.54 -67.35
N GLU F 219 -5.12 -7.45 -68.56
CA GLU F 219 -5.30 -8.50 -69.55
C GLU F 219 -4.45 -9.74 -69.30
N ASP F 220 -3.54 -9.69 -68.32
CA ASP F 220 -2.85 -10.88 -67.84
C ASP F 220 -3.82 -12.02 -67.45
N LYS F 221 -5.06 -11.70 -67.04
CA LYS F 221 -6.06 -12.72 -66.67
C LYS F 221 -6.48 -13.60 -67.85
N ASP F 222 -6.43 -13.04 -69.06
CA ASP F 222 -6.84 -13.77 -70.26
C ASP F 222 -5.66 -14.48 -70.89
N GLY F 223 -4.46 -13.95 -70.67
CA GLY F 223 -3.31 -14.49 -71.38
C GLY F 223 -2.20 -15.06 -70.50
N LYS F 224 -1.29 -14.14 -70.10
CA LYS F 224 -0.06 -14.44 -69.33
C LYS F 224 -0.35 -15.37 -68.15
N GLN F 225 -1.31 -14.95 -67.32
CA GLN F 225 -1.69 -15.65 -66.11
C GLN F 225 -0.46 -16.07 -65.32
N PRO F 226 0.37 -15.07 -64.93
CA PRO F 226 1.65 -15.40 -64.27
C PRO F 226 1.35 -15.99 -62.92
N VAL F 227 1.99 -17.12 -62.69
CA VAL F 227 1.78 -17.87 -61.48
C VAL F 227 2.20 -17.01 -60.30
N GLY F 228 1.37 -17.07 -59.27
CA GLY F 228 1.58 -16.25 -58.10
C GLY F 228 0.29 -16.18 -57.37
N ARG F 229 0.15 -15.10 -56.59
CA ARG F 229 -1.07 -14.84 -55.80
C ARG F 229 -2.34 -14.95 -56.62
N PHE F 230 -2.29 -14.44 -57.86
CA PHE F 230 -3.53 -14.25 -58.62
C PHE F 230 -3.86 -15.39 -59.60
N PHE F 231 -2.92 -16.32 -59.78
CA PHE F 231 -3.06 -17.39 -60.75
C PHE F 231 -2.41 -18.69 -60.28
N GLY F 232 -3.20 -19.77 -60.34
CA GLY F 232 -2.66 -21.10 -60.20
C GLY F 232 -2.92 -21.85 -58.90
N ASN F 233 -3.41 -21.15 -57.88
CA ASN F 233 -3.61 -21.74 -56.55
C ASN F 233 -5.08 -21.66 -56.15
N ASN F 234 -5.42 -22.34 -55.05
CA ASN F 234 -6.81 -22.50 -54.65
C ASN F 234 -7.50 -21.21 -54.17
N TRP F 235 -6.72 -20.23 -53.75
CA TRP F 235 -7.31 -18.91 -53.43
C TRP F 235 -7.23 -17.86 -54.55
N ALA F 236 -6.67 -18.24 -55.70
CA ALA F 236 -6.48 -17.27 -56.79
C ALA F 236 -7.79 -16.55 -57.23
N GLU F 237 -8.89 -17.27 -57.42
CA GLU F 237 -10.13 -16.67 -57.86
C GLU F 237 -10.65 -15.71 -56.85
N THR F 238 -10.47 -16.09 -55.58
CA THR F 238 -10.91 -15.23 -54.47
C THR F 238 -10.13 -13.88 -54.53
N TYR F 239 -8.81 -13.98 -54.68
CA TYR F 239 -7.96 -12.81 -54.85
C TYR F 239 -8.28 -11.96 -56.11
N ARG F 240 -8.61 -12.60 -57.23
CA ARG F 240 -9.02 -11.88 -58.45
C ARG F 240 -10.32 -11.12 -58.24
N ASN F 241 -11.29 -11.80 -57.61
CA ASN F 241 -12.51 -11.20 -57.21
C ASN F 241 -12.31 -10.02 -56.27
N ARG F 242 -11.29 -10.15 -55.41
CA ARG F 242 -10.98 -9.19 -54.41
C ARG F 242 -10.40 -7.92 -55.02
N PHE F 243 -9.41 -8.06 -55.89
CA PHE F 243 -8.59 -6.91 -56.35
C PHE F 243 -8.48 -6.68 -57.86
N TRP F 244 -8.67 -7.74 -58.64
CA TRP F 244 -8.33 -7.71 -60.07
C TRP F 244 -9.52 -7.07 -60.90
N LYS F 245 -9.52 -5.76 -60.85
CA LYS F 245 -10.57 -4.93 -61.48
C LYS F 245 -9.97 -3.82 -62.30
N GLU F 246 -10.64 -3.58 -63.41
CA GLU F 246 -10.24 -2.59 -64.36
C GLU F 246 -10.00 -1.23 -63.69
N HIS F 247 -10.93 -0.77 -62.87
CA HIS F 247 -10.75 0.50 -62.19
C HIS F 247 -9.56 0.51 -61.27
N HIS F 248 -9.17 -0.65 -60.71
CA HIS F 248 -7.99 -0.73 -59.81
C HIS F 248 -6.72 -0.53 -60.59
N PHE F 249 -6.66 -1.19 -61.75
CA PHE F 249 -5.54 -1.03 -62.67
C PHE F 249 -5.42 0.42 -63.12
N GLU F 250 -6.55 1.07 -63.45
CA GLU F 250 -6.53 2.50 -63.82
C GLU F 250 -6.05 3.31 -62.68
N ALA F 251 -6.50 2.96 -61.47
CA ALA F 251 -6.09 3.70 -60.27
C ALA F 251 -4.57 3.58 -60.08
N ILE F 252 -4.01 2.39 -60.26
CA ILE F 252 -2.55 2.21 -60.09
C ILE F 252 -1.77 3.06 -61.06
N ALA F 253 -2.26 3.10 -62.30
CA ALA F 253 -1.69 3.87 -63.38
C ALA F 253 -1.63 5.35 -63.09
N LEU F 254 -2.67 5.83 -62.47
CA LEU F 254 -2.79 7.22 -62.01
C LEU F 254 -1.66 7.58 -61.00
N VAL F 255 -1.39 6.65 -60.09
CA VAL F 255 -0.33 6.80 -59.10
C VAL F 255 1.04 6.69 -59.76
N GLU F 256 1.20 5.75 -60.70
CA GLU F 256 2.45 5.60 -61.43
C GLU F 256 2.82 6.91 -62.10
N LYS F 257 1.82 7.49 -62.75
CA LYS F 257 1.99 8.74 -63.47
C LYS F 257 2.40 9.87 -62.50
N ALA F 258 1.81 9.88 -61.31
CA ALA F 258 2.10 10.92 -60.32
C ALA F 258 3.53 10.78 -59.81
N LEU F 259 3.98 9.54 -59.68
CA LEU F 259 5.35 9.26 -59.24
C LEU F 259 6.39 9.81 -60.22
N GLN F 260 6.12 9.56 -61.52
CA GLN F 260 6.96 10.03 -62.61
C GLN F 260 7.01 11.51 -62.62
N THR F 261 5.83 12.12 -62.58
CA THR F 261 5.71 13.58 -62.63
C THR F 261 6.37 14.25 -61.45
N THR F 262 6.23 13.67 -60.27
CA THR F 262 6.71 14.28 -59.03
C THR F 262 8.21 14.05 -58.79
N TYR F 263 8.73 12.89 -59.20
CA TYR F 263 10.08 12.47 -58.82
C TYR F 263 11.03 12.27 -60.01
N GLY F 264 10.47 12.13 -61.21
CA GLY F 264 11.27 11.91 -62.42
C GLY F 264 11.95 10.56 -62.43
N THR F 265 13.25 10.57 -62.71
CA THR F 265 14.04 9.33 -62.71
C THR F 265 14.37 8.82 -61.29
N ASN F 266 14.31 9.73 -60.28
CA ASN F 266 14.48 9.34 -58.82
C ASN F 266 13.17 8.73 -58.25
N ALA F 267 12.22 8.34 -59.15
CA ALA F 267 10.87 7.89 -58.72
C ALA F 267 10.97 6.57 -57.99
N PRO F 268 10.39 6.54 -56.77
CA PRO F 268 10.23 5.26 -56.10
C PRO F 268 9.39 4.32 -56.92
N ARG F 269 9.65 3.03 -56.74
CA ARG F 269 8.82 2.01 -57.32
C ARG F 269 7.48 2.02 -56.65
N MET F 270 6.47 1.61 -57.39
CA MET F 270 5.10 1.53 -56.86
C MET F 270 5.06 0.76 -55.55
N THR F 271 5.81 -0.34 -55.46
CA THR F 271 5.88 -1.13 -54.24
C THR F 271 6.29 -0.26 -53.03
N SER F 272 7.32 0.54 -53.26
CA SER F 272 7.86 1.39 -52.22
C SER F 272 6.83 2.44 -51.83
N ALA F 273 6.19 3.02 -52.84
CA ALA F 273 5.17 4.05 -52.63
C ALA F 273 3.92 3.55 -51.86
N ALA F 274 3.46 2.39 -52.25
CA ALA F 274 2.32 1.77 -51.59
C ALA F 274 2.59 1.47 -50.09
N LEU F 275 3.78 0.95 -49.81
CA LEU F 275 4.14 0.64 -48.45
C LEU F 275 4.35 1.93 -47.66
N ARG F 276 5.00 2.91 -48.24
CA ARG F 276 5.21 4.19 -47.56
C ARG F 276 3.89 4.91 -47.25
N TRP F 277 2.87 4.71 -48.10
CA TRP F 277 1.54 5.18 -47.77
C TRP F 277 1.06 4.58 -46.45
N MET F 278 1.22 3.28 -46.29
CA MET F 278 0.80 2.58 -45.08
C MET F 278 1.46 3.16 -43.83
N TYR F 279 2.77 3.36 -43.90
CA TYR F 279 3.52 3.83 -42.75
C TYR F 279 3.38 5.32 -42.46
N HIS F 280 3.11 6.11 -43.47
CA HIS F 280 3.13 7.56 -43.30
C HIS F 280 1.82 8.26 -43.51
N HIS F 281 0.91 7.66 -44.28
CA HIS F 281 -0.23 8.38 -44.83
C HIS F 281 -1.60 7.72 -44.60
N SER F 282 -1.64 6.61 -43.90
CA SER F 282 -2.80 5.82 -43.62
C SER F 282 -3.30 6.20 -42.23
N GLN F 283 -4.42 5.61 -41.83
CA GLN F 283 -4.94 5.87 -40.52
C GLN F 283 -4.39 4.96 -39.42
N LEU F 284 -3.38 4.16 -39.74
CA LEU F 284 -2.67 3.42 -38.72
C LEU F 284 -1.91 4.36 -37.81
N GLN F 285 -1.96 4.06 -36.50
CA GLN F 285 -1.26 4.82 -35.43
C GLN F 285 -0.26 3.93 -34.70
N GLY F 286 1.01 4.18 -34.91
CA GLY F 286 2.03 3.44 -34.19
C GLY F 286 1.90 3.56 -32.69
N THR F 287 1.49 4.74 -32.18
CA THR F 287 1.30 4.95 -30.72
C THR F 287 0.22 4.04 -30.14
N ARG F 288 -0.70 3.57 -30.99
CA ARG F 288 -1.73 2.62 -30.58
C ARG F 288 -1.31 1.14 -30.76
N GLY F 289 -0.11 0.92 -31.28
CA GLY F 289 0.38 -0.45 -31.54
C GLY F 289 0.00 -1.02 -32.88
N ASP F 290 -0.60 -0.18 -33.70
CA ASP F 290 -1.00 -0.62 -35.02
C ASP F 290 0.23 -1.06 -35.80
N ALA F 291 0.03 -1.95 -36.77
CA ALA F 291 1.16 -2.52 -37.53
C ALA F 291 0.76 -2.88 -38.95
N VAL F 292 1.80 -3.01 -39.78
CA VAL F 292 1.68 -3.50 -41.13
C VAL F 292 2.21 -4.92 -41.17
N ILE F 293 1.44 -5.84 -41.72
CA ILE F 293 1.95 -7.18 -41.96
C ILE F 293 2.48 -7.27 -43.39
N LEU F 294 3.82 -7.39 -43.48
CA LEU F 294 4.46 -7.53 -44.78
C LEU F 294 4.26 -8.95 -45.38
N GLY F 295 4.07 -8.96 -46.70
CA GLY F 295 3.95 -10.19 -47.47
C GLY F 295 5.08 -10.38 -48.46
N MET F 296 5.35 -11.62 -48.80
CA MET F 296 6.41 -11.96 -49.74
C MET F 296 6.31 -13.41 -50.12
N SER F 297 6.76 -13.71 -51.34
CA SER F 297 6.96 -15.10 -51.77
C SER F 297 8.45 -15.43 -52.00
N SER F 298 9.34 -14.47 -51.77
CA SER F 298 10.80 -14.65 -51.80
C SER F 298 11.48 -13.72 -50.81
N LEU F 299 12.70 -14.09 -50.45
CA LEU F 299 13.58 -13.23 -49.63
C LEU F 299 13.88 -11.86 -50.29
N GLU F 300 14.09 -11.88 -51.61
CA GLU F 300 14.38 -10.70 -52.42
C GLU F 300 13.19 -9.69 -52.39
N GLN F 301 11.96 -10.19 -52.49
CA GLN F 301 10.73 -9.36 -52.27
C GLN F 301 10.68 -8.75 -50.86
N LEU F 302 10.98 -9.58 -49.87
CA LEU F 302 11.02 -9.12 -48.48
C LEU F 302 12.04 -8.01 -48.22
N GLU F 303 13.27 -8.19 -48.73
CA GLU F 303 14.32 -7.23 -48.56
C GLU F 303 13.87 -5.88 -49.12
N GLN F 304 13.28 -5.93 -50.29
CA GLN F 304 12.77 -4.76 -50.95
C GLN F 304 11.71 -4.06 -50.12
N ASN F 305 10.81 -4.87 -49.54
CA ASN F 305 9.72 -4.40 -48.72
C ASN F 305 10.21 -3.80 -47.39
N LEU F 306 11.18 -4.45 -46.77
CA LEU F 306 11.80 -3.97 -45.58
C LEU F 306 12.50 -2.62 -45.79
N ALA F 307 13.11 -2.44 -46.94
CA ALA F 307 13.75 -1.17 -47.30
C ALA F 307 12.72 -0.03 -47.32
N ALA F 308 11.58 -0.34 -47.93
CA ALA F 308 10.46 0.59 -48.12
C ALA F 308 9.83 1.05 -46.82
N THR F 309 9.85 0.17 -45.84
CA THR F 309 9.32 0.51 -44.55
C THR F 309 10.18 1.50 -43.82
N GLU F 310 11.44 1.60 -44.25
CA GLU F 310 12.37 2.55 -43.64
C GLU F 310 12.49 3.89 -44.38
N GLU F 311 11.91 3.98 -45.58
CA GLU F 311 11.82 5.26 -46.29
C GLU F 311 10.87 6.25 -45.60
N GLY F 312 10.89 7.49 -46.08
CA GLY F 312 10.13 8.56 -45.46
C GLY F 312 8.78 8.80 -46.09
N PRO F 313 8.13 9.90 -45.74
CA PRO F 313 6.84 10.28 -46.34
C PRO F 313 6.94 10.60 -47.81
N LEU F 314 5.82 10.46 -48.51
CA LEU F 314 5.75 10.83 -49.89
C LEU F 314 5.38 12.30 -50.08
N GLU F 315 5.67 12.78 -51.27
CA GLU F 315 5.29 14.12 -51.61
C GLU F 315 3.77 14.24 -51.67
N PRO F 316 3.22 15.40 -51.31
CA PRO F 316 1.77 15.63 -51.35
C PRO F 316 1.09 15.22 -52.64
N ALA F 317 1.70 15.49 -53.78
CA ALA F 317 1.09 15.18 -55.07
C ALA F 317 0.82 13.69 -55.19
N VAL F 318 1.75 12.92 -54.66
CA VAL F 318 1.61 11.46 -54.71
C VAL F 318 0.57 10.94 -53.71
N VAL F 319 0.60 11.51 -52.52
CA VAL F 319 -0.42 11.21 -51.51
C VAL F 319 -1.82 11.50 -52.05
N GLU F 320 -1.95 12.62 -52.76
CA GLU F 320 -3.22 13.03 -53.39
C GLU F 320 -3.63 12.05 -54.48
N ALA F 321 -2.67 11.56 -55.26
CA ALA F 321 -2.93 10.58 -56.31
C ALA F 321 -3.49 9.30 -55.73
N PHE F 322 -2.94 8.91 -54.58
CA PHE F 322 -3.42 7.74 -53.86
C PHE F 322 -4.88 7.94 -53.39
N ASP F 323 -5.25 9.17 -53.05
CA ASP F 323 -6.64 9.43 -52.69
C ASP F 323 -7.55 9.36 -53.87
N GLN F 324 -7.11 9.90 -55.00
CA GLN F 324 -7.89 9.84 -56.24
C GLN F 324 -8.01 8.35 -56.67
N ALA F 325 -6.96 7.56 -56.46
CA ALA F 325 -6.97 6.14 -56.82
C ALA F 325 -8.02 5.39 -55.99
N TRP F 326 -8.03 5.61 -54.69
CA TRP F 326 -9.07 5.07 -53.82
C TRP F 326 -10.46 5.51 -54.29
N ASN F 327 -10.61 6.80 -54.57
CA ASN F 327 -11.89 7.29 -55.03
C ASN F 327 -12.43 6.55 -56.26
N MET F 328 -11.51 6.08 -57.14
CA MET F 328 -11.92 5.38 -58.35
C MET F 328 -12.48 4.01 -58.06
N VAL F 329 -11.99 3.37 -57.03
CA VAL F 329 -12.38 1.98 -56.73
C VAL F 329 -13.32 1.82 -55.51
N ALA F 330 -13.51 2.89 -54.75
CA ALA F 330 -14.29 2.84 -53.51
C ALA F 330 -15.63 2.17 -53.64
N HIS F 331 -16.32 2.42 -54.77
CA HIS F 331 -17.65 1.86 -54.96
C HIS F 331 -17.69 0.36 -55.19
N GLU F 332 -16.53 -0.24 -55.47
CA GLU F 332 -16.42 -1.73 -55.61
C GLU F 332 -15.37 -2.33 -54.71
N CYS F 333 -15.10 -1.66 -53.61
CA CYS F 333 -14.18 -2.14 -52.63
C CYS F 333 -14.66 -3.51 -52.08
N PRO F 334 -13.73 -4.42 -51.90
CA PRO F 334 -14.05 -5.69 -51.29
C PRO F 334 -14.27 -5.53 -49.81
N ASN F 335 -15.16 -6.37 -49.26
CA ASN F 335 -15.53 -6.28 -47.85
C ASN F 335 -14.38 -6.79 -46.94
N TYR F 336 -14.06 -6.01 -45.92
CA TYR F 336 -13.11 -6.48 -44.89
C TYR F 336 -13.66 -7.62 -44.04
N PHE F 337 -14.99 -7.79 -44.07
CA PHE F 337 -15.72 -8.75 -43.21
C PHE F 337 -16.26 -9.89 -44.08
N ARG F 338 -16.37 -11.05 -43.46
CA ARG F 338 -16.81 -12.27 -44.14
C ARG F 338 -18.03 -12.92 -43.43
N LEU G 15 1.20 -27.44 16.96
CA LEU G 15 0.83 -25.97 16.96
C LEU G 15 1.82 -25.21 17.85
N ARG G 16 2.65 -24.42 17.18
CA ARG G 16 3.73 -23.72 17.83
C ARG G 16 3.13 -22.58 18.67
N PRO G 17 3.87 -22.21 19.72
CA PRO G 17 3.54 -21.03 20.45
C PRO G 17 3.33 -19.81 19.56
N ALA G 18 2.49 -18.91 20.04
CA ALA G 18 2.29 -17.65 19.39
C ALA G 18 3.50 -16.72 19.60
N THR G 19 3.54 -15.67 18.81
CA THR G 19 4.61 -14.71 18.86
C THR G 19 4.02 -13.33 19.18
N VAL G 20 4.61 -12.71 20.20
CA VAL G 20 4.20 -11.39 20.72
C VAL G 20 5.43 -10.47 20.52
N LEU G 21 5.21 -9.20 20.22
CA LEU G 21 6.28 -8.22 19.98
C LEU G 21 6.53 -7.43 21.20
N GLY G 22 7.75 -7.51 21.69
CA GLY G 22 8.21 -6.71 22.81
C GLY G 22 8.60 -5.32 22.40
N THR G 23 8.23 -4.33 23.19
CA THR G 23 8.41 -2.90 22.81
C THR G 23 9.20 -2.11 23.80
N MET G 24 9.97 -2.80 24.61
CA MET G 24 10.77 -2.17 25.64
C MET G 24 11.80 -1.19 25.11
N GLU G 25 12.31 -1.41 23.90
CA GLU G 25 13.29 -0.50 23.30
C GLU G 25 12.73 0.62 22.45
N MET G 26 11.42 0.68 22.31
CA MET G 26 10.79 1.74 21.58
C MET G 26 10.80 3.00 22.41
N GLY G 27 11.54 3.99 21.93
CA GLY G 27 11.80 5.24 22.64
C GLY G 27 13.22 5.28 23.23
N ARG G 28 13.99 4.20 23.20
CA ARG G 28 15.36 4.25 23.70
C ARG G 28 16.32 4.01 22.53
N ARG G 29 16.67 2.77 22.24
CA ARG G 29 17.41 2.54 21.02
C ARG G 29 16.57 2.71 19.71
N MET G 30 15.26 2.50 19.74
CA MET G 30 14.45 2.58 18.53
C MET G 30 13.57 3.81 18.49
N ASP G 31 13.70 4.62 17.44
CA ASP G 31 12.82 5.81 17.30
C ASP G 31 11.46 5.43 16.75
N ALA G 32 10.64 6.43 16.52
CA ALA G 32 9.29 6.14 16.03
C ALA G 32 9.29 5.43 14.65
N SER G 33 10.25 5.81 13.81
CA SER G 33 10.30 5.26 12.48
C SER G 33 10.72 3.76 12.51
N ALA G 34 11.77 3.46 13.29
CA ALA G 34 12.22 2.09 13.48
C ALA G 34 11.15 1.24 14.13
N SER G 35 10.44 1.88 15.06
CA SER G 35 9.34 1.22 15.78
C SER G 35 8.22 0.87 14.82
N ALA G 36 7.81 1.84 13.98
CA ALA G 36 6.75 1.57 12.99
C ALA G 36 7.12 0.45 12.04
N ALA G 37 8.35 0.50 11.55
CA ALA G 37 8.86 -0.54 10.63
C ALA G 37 8.83 -1.96 11.22
N SER G 38 9.15 -2.02 12.51
CA SER G 38 9.19 -3.22 13.28
C SER G 38 7.80 -3.83 13.45
N VAL G 39 6.86 -2.96 13.85
CA VAL G 39 5.50 -3.41 13.98
C VAL G 39 4.96 -3.90 12.60
N ARG G 40 5.20 -3.11 11.55
CA ARG G 40 4.81 -3.49 10.19
C ARG G 40 5.34 -4.90 9.82
N ALA G 41 6.62 -5.11 10.05
CA ALA G 41 7.29 -6.37 9.76
C ALA G 41 6.66 -7.52 10.54
N PHE G 42 6.36 -7.22 11.80
CA PHE G 42 5.76 -8.19 12.71
C PHE G 42 4.36 -8.57 12.24
N LEU G 43 3.58 -7.59 11.88
CA LEU G 43 2.20 -7.84 11.45
C LEU G 43 2.16 -8.56 10.11
N GLU G 44 3.11 -8.22 9.25
CA GLU G 44 3.26 -8.87 7.93
C GLU G 44 3.44 -10.37 8.05
N ARG G 45 4.05 -10.84 9.14
CA ARG G 45 4.19 -12.28 9.33
C ARG G 45 2.98 -12.89 9.91
N GLY G 46 1.89 -12.13 10.09
CA GLY G 46 0.59 -12.68 10.49
C GLY G 46 0.35 -12.66 11.99
N HIS G 47 1.25 -12.03 12.74
CA HIS G 47 1.09 -11.92 14.20
C HIS G 47 0.24 -10.74 14.56
N SER G 48 -0.20 -10.65 15.80
CA SER G 48 -1.17 -9.58 16.18
C SER G 48 -1.02 -8.96 17.57
N GLU G 49 -0.24 -9.55 18.47
CA GLU G 49 -0.13 -9.02 19.84
C GLU G 49 1.17 -8.26 20.15
N LEU G 50 0.99 -7.15 20.83
CA LEU G 50 2.06 -6.29 21.21
C LEU G 50 2.14 -6.16 22.72
N ASP G 51 3.36 -6.06 23.23
CA ASP G 51 3.60 -5.94 24.66
C ASP G 51 4.32 -4.65 25.04
N THR G 52 3.71 -3.82 25.87
CA THR G 52 4.44 -2.66 26.40
C THR G 52 4.15 -2.59 27.90
N ALA G 53 4.49 -1.45 28.49
CA ALA G 53 4.29 -1.20 29.89
C ALA G 53 4.35 0.32 30.14
N PHE G 54 3.68 0.76 31.19
CA PHE G 54 3.76 2.14 31.68
C PHE G 54 5.25 2.55 31.79
N MET G 55 6.04 1.62 32.28
CA MET G 55 7.41 1.90 32.64
C MET G 55 8.30 2.30 31.49
N TYR G 56 8.09 1.67 30.33
CA TYR G 56 9.08 1.69 29.23
C TYR G 56 9.30 3.07 28.64
N CYS G 57 10.57 3.52 28.79
CA CYS G 57 11.11 4.77 28.26
C CYS G 57 10.31 5.95 28.74
N ASP G 58 9.96 5.94 30.02
CA ASP G 58 9.30 7.09 30.66
C ASP G 58 7.98 7.42 29.94
N GLY G 59 7.38 6.35 29.40
CA GLY G 59 6.15 6.44 28.61
C GLY G 59 6.27 6.56 27.09
N GLN G 60 7.50 6.61 26.57
CA GLN G 60 7.68 6.82 25.14
C GLN G 60 7.36 5.59 24.31
N SER G 61 7.52 4.41 24.86
CA SER G 61 7.14 3.20 24.15
C SER G 61 5.64 3.22 23.88
N GLU G 62 4.85 3.50 24.90
CA GLU G 62 3.40 3.62 24.73
C GLU G 62 2.99 4.78 23.81
N ASN G 63 3.66 5.91 23.94
CA ASN G 63 3.35 7.06 23.12
C ASN G 63 3.57 6.75 21.64
N ILE G 64 4.74 6.16 21.34
CA ILE G 64 5.08 5.74 20.00
C ILE G 64 4.02 4.80 19.41
N LEU G 65 3.67 3.77 20.17
CA LEU G 65 2.70 2.80 19.74
C LEU G 65 1.31 3.45 19.49
N GLY G 66 0.96 4.41 20.34
CA GLY G 66 -0.33 5.11 20.18
C GLY G 66 -0.42 5.94 18.93
N GLY G 67 0.74 6.39 18.47
CA GLY G 67 0.86 7.23 17.24
C GLY G 67 0.91 6.49 15.92
N LEU G 68 0.98 5.15 15.99
CA LEU G 68 1.17 4.28 14.84
C LEU G 68 -0.15 4.08 14.07
N GLY G 69 -1.26 4.64 14.60
CA GLY G 69 -2.57 4.59 13.94
C GLY G 69 -3.09 3.18 13.74
N LEU G 70 -2.93 2.37 14.78
CA LEU G 70 -3.40 0.97 14.73
C LEU G 70 -4.81 0.84 15.31
N GLY G 71 -5.44 1.93 15.76
CA GLY G 71 -6.81 1.83 16.29
C GLY G 71 -6.87 0.79 17.40
N LEU G 72 -5.96 0.89 18.37
CA LEU G 72 -5.91 -0.04 19.46
C LEU G 72 -7.19 0.06 20.34
N GLY G 73 -7.63 -1.09 20.82
CA GLY G 73 -8.77 -1.15 21.73
C GLY G 73 -10.12 -0.81 21.15
N SER G 74 -10.15 -0.56 19.85
CA SER G 74 -11.37 -0.26 19.16
C SER G 74 -11.83 -1.53 18.47
N GLY G 75 -12.17 -2.55 19.28
CA GLY G 75 -12.83 -3.80 18.80
C GLY G 75 -13.57 -3.48 17.52
N ASP G 76 -13.31 -4.28 16.48
CA ASP G 76 -13.27 -3.81 15.06
C ASP G 76 -11.75 -3.77 14.67
N CYS G 77 -10.97 -4.60 15.40
CA CYS G 77 -9.54 -4.38 15.57
C CYS G 77 -8.73 -5.68 15.73
N THR G 78 -7.75 -5.82 14.85
CA THR G 78 -7.03 -7.04 14.68
C THR G 78 -5.82 -7.11 15.67
N VAL G 79 -5.16 -5.96 15.87
CA VAL G 79 -4.00 -5.83 16.72
C VAL G 79 -4.43 -5.74 18.16
N LYS G 80 -3.80 -6.52 19.04
CA LYS G 80 -4.06 -6.56 20.47
C LYS G 80 -2.90 -5.88 21.23
N ILE G 81 -3.22 -5.11 22.25
CA ILE G 81 -2.22 -4.42 23.06
C ILE G 81 -2.27 -4.88 24.53
N ALA G 82 -1.09 -5.14 25.09
CA ALA G 82 -0.93 -5.30 26.51
C ALA G 82 -0.06 -4.22 27.11
N THR G 83 -0.46 -3.74 28.29
CA THR G 83 0.42 -2.91 29.11
C THR G 83 0.40 -3.38 30.56
N LYS G 84 1.12 -2.67 31.42
CA LYS G 84 1.36 -3.11 32.78
C LYS G 84 1.53 -1.89 33.72
N ALA G 85 1.06 -2.09 34.97
CA ALA G 85 1.26 -1.17 36.06
C ALA G 85 2.30 -1.75 37.03
N ASN G 86 3.16 -0.88 37.56
CA ASN G 86 4.23 -1.32 38.44
C ASN G 86 4.28 -0.51 39.75
N PRO G 87 4.87 -1.10 40.81
CA PRO G 87 4.91 -0.44 42.12
C PRO G 87 6.11 0.48 42.34
N TRP G 88 6.99 0.57 41.34
CA TRP G 88 8.33 1.11 41.58
C TRP G 88 8.36 2.61 41.81
N GLU G 89 9.47 3.09 42.33
CA GLU G 89 9.76 4.50 42.52
C GLU G 89 8.65 5.16 43.25
N GLY G 90 8.14 4.45 44.22
CA GLY G 90 7.16 4.98 45.16
C GLY G 90 5.73 4.82 44.78
N LYS G 91 5.44 4.23 43.63
CA LYS G 91 4.07 4.27 43.07
C LYS G 91 3.09 3.36 43.77
N SER G 92 3.59 2.17 44.11
CA SER G 92 2.78 1.10 44.72
C SER G 92 1.77 0.52 43.73
N LEU G 93 1.18 -0.60 44.13
CA LEU G 93 -0.02 -1.14 43.44
C LEU G 93 -1.33 -0.85 44.26
N LYS G 94 -1.32 0.21 45.07
CA LYS G 94 -2.58 0.65 45.67
C LYS G 94 -3.56 0.97 44.53
N PRO G 95 -4.88 0.87 44.82
CA PRO G 95 -5.94 1.23 43.86
C PRO G 95 -5.76 2.56 43.10
N ASP G 96 -5.41 3.66 43.76
CA ASP G 96 -5.29 4.92 43.03
C ASP G 96 -4.13 4.92 42.04
N SER G 97 -3.05 4.24 42.41
CA SER G 97 -1.87 4.09 41.61
C SER G 97 -2.12 3.26 40.36
N ILE G 98 -2.70 2.07 40.52
CA ILE G 98 -3.00 1.29 39.32
C ILE G 98 -3.99 2.01 38.36
N ARG G 99 -5.01 2.66 38.90
CA ARG G 99 -5.91 3.46 38.08
C ARG G 99 -5.15 4.53 37.33
N SER G 100 -4.29 5.26 38.03
CA SER G 100 -3.54 6.33 37.36
C SER G 100 -2.71 5.86 36.23
N GLN G 101 -1.96 4.78 36.50
CA GLN G 101 -1.07 4.20 35.51
C GLN G 101 -1.88 3.72 34.32
N LEU G 102 -2.93 2.94 34.55
CA LEU G 102 -3.74 2.48 33.43
C LEU G 102 -4.37 3.64 32.61
N GLU G 103 -4.99 4.59 33.30
CA GLU G 103 -5.59 5.73 32.61
C GLU G 103 -4.52 6.56 31.81
N THR G 104 -3.35 6.73 32.40
CA THR G 104 -2.22 7.33 31.66
C THR G 104 -1.83 6.50 30.45
N SER G 105 -1.66 5.19 30.64
CA SER G 105 -1.32 4.32 29.52
C SER G 105 -2.34 4.42 28.33
N LEU G 106 -3.64 4.36 28.66
CA LEU G 106 -4.72 4.50 27.66
C LEU G 106 -4.63 5.82 26.87
N LYS G 107 -4.27 6.91 27.57
CA LYS G 107 -4.08 8.19 26.87
C LYS G 107 -2.94 8.08 25.89
N ARG G 108 -1.81 7.53 26.33
CA ARG G 108 -0.63 7.50 25.49
C ARG G 108 -0.84 6.57 24.32
N LEU G 109 -1.54 5.46 24.59
CA LEU G 109 -1.86 4.48 23.52
C LEU G 109 -2.96 4.97 22.60
N GLN G 110 -3.56 6.11 22.96
CA GLN G 110 -4.70 6.67 22.18
C GLN G 110 -5.75 5.59 22.02
N CYS G 111 -6.13 4.95 23.13
CA CYS G 111 -7.17 3.90 23.05
C CYS G 111 -8.09 3.88 24.24
N PRO G 112 -9.32 3.38 24.04
CA PRO G 112 -10.29 3.35 25.12
C PRO G 112 -10.09 2.22 26.08
N ARG G 113 -9.34 1.22 25.67
CA ARG G 113 -9.08 0.08 26.55
C ARG G 113 -8.03 -0.84 25.96
N VAL G 114 -7.37 -1.56 26.84
CA VAL G 114 -6.35 -2.48 26.46
C VAL G 114 -6.90 -3.90 26.51
N ASP G 115 -6.31 -4.76 25.70
CA ASP G 115 -6.75 -6.12 25.68
C ASP G 115 -6.26 -6.90 26.88
N LEU G 116 -5.11 -6.49 27.38
CA LEU G 116 -4.43 -7.18 28.45
C LEU G 116 -3.75 -6.18 29.37
N PHE G 117 -4.06 -6.27 30.66
CA PHE G 117 -3.47 -5.40 31.67
C PHE G 117 -2.78 -6.21 32.75
N TYR G 118 -1.49 -6.01 32.91
CA TYR G 118 -0.73 -6.76 33.90
C TYR G 118 -0.37 -6.01 35.14
N LEU G 119 -0.31 -6.75 36.25
CA LEU G 119 0.51 -6.33 37.42
C LEU G 119 1.96 -6.72 37.07
N HIS G 120 2.82 -5.73 36.93
CA HIS G 120 4.15 -5.86 36.29
C HIS G 120 5.05 -6.65 37.21
N ALA G 121 4.91 -6.37 38.52
CA ALA G 121 5.70 -7.06 39.56
C ALA G 121 4.97 -6.89 40.90
N PRO G 122 5.18 -7.82 41.85
CA PRO G 122 4.49 -7.67 43.12
C PRO G 122 4.87 -6.44 43.91
N ASP G 123 3.87 -5.94 44.64
CA ASP G 123 4.05 -4.90 45.67
C ASP G 123 3.81 -5.51 47.01
N HIS G 124 4.91 -5.85 47.67
CA HIS G 124 4.83 -6.59 48.90
C HIS G 124 4.39 -5.75 50.09
N SER G 125 4.25 -4.46 49.87
CA SER G 125 3.73 -3.53 50.86
C SER G 125 2.25 -3.26 50.75
N THR G 126 1.60 -3.73 49.71
CA THR G 126 0.17 -3.53 49.54
C THR G 126 -0.48 -4.92 49.53
N PRO G 127 -1.43 -5.13 50.45
CA PRO G 127 -2.21 -6.35 50.44
C PRO G 127 -2.85 -6.58 49.07
N VAL G 128 -2.66 -7.79 48.58
CA VAL G 128 -3.01 -8.09 47.21
C VAL G 128 -4.52 -7.93 46.93
N GLU G 129 -5.35 -8.15 47.95
CA GLU G 129 -6.83 -8.03 47.81
C GLU G 129 -7.18 -6.60 47.38
N GLU G 130 -6.48 -5.62 47.93
CA GLU G 130 -6.72 -4.24 47.61
C GLU G 130 -6.53 -3.98 46.11
N THR G 131 -5.34 -4.42 45.64
CA THR G 131 -4.97 -4.32 44.25
C THR G 131 -6.00 -5.08 43.37
N LEU G 132 -6.34 -6.30 43.75
CA LEU G 132 -7.26 -7.11 42.94
C LEU G 132 -8.66 -6.49 42.82
N CYS G 133 -9.15 -6.00 43.94
CA CYS G 133 -10.42 -5.36 43.99
C CYS G 133 -10.44 -4.20 42.98
N ALA G 134 -9.38 -3.40 43.00
CA ALA G 134 -9.25 -2.26 42.08
C ALA G 134 -9.22 -2.74 40.63
N CYS G 135 -8.46 -3.78 40.36
CA CYS G 135 -8.42 -4.35 39.01
C CYS G 135 -9.83 -4.74 38.56
N HIS G 136 -10.60 -5.34 39.45
CA HIS G 136 -11.96 -5.75 39.06
C HIS G 136 -12.81 -4.52 38.68
N GLN G 137 -12.71 -3.47 39.49
CA GLN G 137 -13.37 -2.22 39.20
C GLN G 137 -13.04 -1.64 37.86
N LEU G 138 -11.76 -1.57 37.53
CA LEU G 138 -11.31 -1.03 36.25
C LEU G 138 -11.80 -1.87 35.08
N HIS G 139 -11.81 -3.19 35.26
CA HIS G 139 -12.38 -4.05 34.25
C HIS G 139 -13.89 -3.75 34.07
N GLN G 140 -14.62 -3.61 35.17
CA GLN G 140 -16.05 -3.32 35.11
C GLN G 140 -16.31 -2.04 34.33
N GLU G 141 -15.40 -1.08 34.44
CA GLU G 141 -15.48 0.20 33.72
C GLU G 141 -15.14 0.11 32.24
N GLY G 142 -14.67 -1.05 31.82
CA GLY G 142 -14.32 -1.30 30.42
C GLY G 142 -12.88 -1.01 30.05
N LYS G 143 -12.02 -0.74 31.03
CA LYS G 143 -10.69 -0.21 30.70
C LYS G 143 -9.70 -1.30 30.25
N PHE G 144 -9.98 -2.55 30.58
CA PHE G 144 -9.19 -3.67 30.02
C PHE G 144 -10.05 -4.93 29.89
N VAL G 145 -9.65 -5.79 28.97
CA VAL G 145 -10.36 -7.01 28.68
C VAL G 145 -9.90 -8.16 29.57
N GLU G 146 -8.61 -8.48 29.54
CA GLU G 146 -8.04 -9.49 30.38
C GLU G 146 -7.03 -8.95 31.40
N LEU G 147 -6.98 -9.62 32.57
CA LEU G 147 -5.95 -9.41 33.58
C LEU G 147 -4.81 -10.42 33.48
N GLY G 148 -3.61 -9.91 33.70
CA GLY G 148 -2.37 -10.72 33.73
C GLY G 148 -1.48 -10.45 34.93
N LEU G 149 -0.61 -11.41 35.24
CA LEU G 149 0.41 -11.23 36.26
C LEU G 149 1.77 -11.44 35.65
N SER G 150 2.77 -10.80 36.24
CA SER G 150 4.16 -10.98 35.87
C SER G 150 5.00 -10.91 37.14
N ASN G 151 5.93 -11.84 37.27
CA ASN G 151 6.97 -11.82 38.34
C ASN G 151 6.49 -12.15 39.77
N TYR G 152 5.28 -12.80 39.84
CA TYR G 152 4.71 -13.34 41.05
C TYR G 152 5.11 -14.78 41.08
N ALA G 153 5.38 -15.27 42.29
CA ALA G 153 5.68 -16.66 42.55
C ALA G 153 4.42 -17.52 42.38
N SER G 154 4.62 -18.80 41.98
CA SER G 154 3.49 -19.72 41.73
C SER G 154 2.49 -19.59 42.89
N TRP G 155 3.01 -19.60 44.11
CA TRP G 155 2.13 -19.64 45.27
C TRP G 155 1.36 -18.34 45.40
N GLU G 156 1.97 -17.23 44.98
CA GLU G 156 1.26 -15.95 45.00
C GLU G 156 0.11 -15.93 43.96
N VAL G 157 0.38 -16.52 42.81
CA VAL G 157 -0.58 -16.69 41.78
C VAL G 157 -1.77 -17.52 42.31
N ALA G 158 -1.49 -18.64 42.96
CA ALA G 158 -2.53 -19.47 43.49
C ALA G 158 -3.41 -18.68 44.49
N GLU G 159 -2.79 -17.94 45.39
CA GLU G 159 -3.49 -17.10 46.37
C GLU G 159 -4.39 -16.10 45.68
N ILE G 160 -3.88 -15.48 44.62
CA ILE G 160 -4.64 -14.50 43.87
C ILE G 160 -5.85 -15.13 43.20
N CYS G 161 -5.64 -16.21 42.44
CA CYS G 161 -6.77 -16.82 41.76
C CYS G 161 -7.84 -17.30 42.72
N THR G 162 -7.39 -17.89 43.84
CA THR G 162 -8.29 -18.35 44.85
C THR G 162 -9.08 -17.18 45.43
N LEU G 163 -8.42 -16.07 45.72
CA LEU G 163 -9.12 -14.86 46.23
C LEU G 163 -10.12 -14.26 45.25
N CYS G 164 -9.73 -14.19 43.99
CA CYS G 164 -10.63 -13.70 42.94
C CYS G 164 -11.87 -14.55 42.84
N LYS G 165 -11.71 -15.88 42.80
CA LYS G 165 -12.87 -16.80 42.70
C LYS G 165 -13.86 -16.48 43.80
N SER G 166 -13.38 -16.47 45.04
CA SER G 166 -14.23 -16.31 46.22
C SER G 166 -14.82 -14.94 46.36
N ASN G 167 -14.17 -13.91 45.79
CA ASN G 167 -14.73 -12.53 45.84
C ASN G 167 -15.45 -12.08 44.57
N GLY G 168 -15.61 -12.95 43.58
CA GLY G 168 -16.19 -12.54 42.28
C GLY G 168 -15.39 -11.51 41.46
N TRP G 169 -14.06 -11.53 41.59
CA TRP G 169 -13.20 -10.66 40.79
C TRP G 169 -12.78 -11.43 39.57
N ILE G 170 -12.51 -10.67 38.50
CA ILE G 170 -11.95 -11.22 37.29
C ILE G 170 -10.64 -11.94 37.63
N LEU G 171 -10.47 -13.17 37.15
CA LEU G 171 -9.24 -13.91 37.37
C LEU G 171 -8.16 -13.46 36.38
N PRO G 172 -6.89 -13.52 36.78
CA PRO G 172 -5.88 -13.35 35.74
C PRO G 172 -5.87 -14.58 34.82
N THR G 173 -5.74 -14.35 33.52
CA THR G 173 -5.73 -15.40 32.52
C THR G 173 -4.40 -15.58 31.79
N VAL G 174 -3.49 -14.65 32.04
CA VAL G 174 -2.15 -14.63 31.43
C VAL G 174 -1.10 -14.39 32.52
N TYR G 175 0.00 -15.13 32.45
CA TYR G 175 1.22 -14.88 33.26
C TYR G 175 2.36 -14.61 32.29
N GLN G 176 3.07 -13.54 32.54
CA GLN G 176 4.26 -13.22 31.72
C GLN G 176 5.51 -13.52 32.55
N GLY G 177 6.30 -14.48 32.11
CA GLY G 177 7.42 -15.00 32.92
C GLY G 177 8.75 -15.11 32.18
N MET G 178 9.81 -15.07 32.98
CA MET G 178 11.17 -15.27 32.48
C MET G 178 11.40 -16.71 32.08
N TYR G 179 11.66 -16.97 30.81
CA TYR G 179 11.86 -18.37 30.30
C TYR G 179 12.72 -18.42 29.05
N ASN G 180 13.78 -19.23 29.10
CA ASN G 180 14.63 -19.41 27.97
C ASN G 180 15.37 -20.74 28.12
N ALA G 181 16.10 -21.11 27.08
CA ALA G 181 16.75 -22.41 27.04
C ALA G 181 17.63 -22.64 28.25
N THR G 182 18.21 -21.60 28.82
CA THR G 182 19.13 -21.75 29.94
C THR G 182 18.53 -21.21 31.28
N THR G 183 17.21 -20.95 31.25
CA THR G 183 16.49 -20.28 32.37
C THR G 183 15.13 -20.92 32.53
N ARG G 184 15.05 -21.92 33.36
CA ARG G 184 13.91 -22.82 33.37
C ARG G 184 13.26 -23.01 34.75
N GLN G 185 13.49 -22.12 35.67
CA GLN G 185 12.93 -22.27 37.02
C GLN G 185 11.40 -22.34 37.00
N VAL G 186 10.75 -21.63 36.10
CA VAL G 186 9.35 -21.67 36.00
C VAL G 186 8.76 -23.04 35.80
N GLU G 187 9.54 -24.02 35.35
CA GLU G 187 8.93 -25.30 34.94
C GLU G 187 8.38 -26.11 36.11
N ALA G 188 9.14 -26.10 37.22
CA ALA G 188 8.84 -27.07 38.34
C ALA G 188 7.52 -26.81 39.01
N GLU G 189 7.25 -25.53 39.31
CA GLU G 189 6.04 -25.14 40.07
C GLU G 189 5.10 -24.13 39.41
N LEU G 190 5.65 -23.16 38.71
CA LEU G 190 4.79 -22.15 38.09
C LEU G 190 3.91 -22.73 37.02
N LEU G 191 4.50 -23.41 36.07
CA LEU G 191 3.67 -23.94 34.93
C LEU G 191 2.55 -24.87 35.36
N PRO G 192 2.82 -25.79 36.27
CA PRO G 192 1.75 -26.61 36.78
C PRO G 192 0.63 -25.84 37.48
N CYS G 193 1.01 -24.78 38.17
CA CYS G 193 0.06 -23.92 38.82
C CYS G 193 -0.80 -23.18 37.81
N LEU G 194 -0.17 -22.66 36.74
CA LEU G 194 -0.91 -21.98 35.68
C LEU G 194 -1.86 -22.95 34.96
N ARG G 195 -1.44 -24.20 34.77
CA ARG G 195 -2.31 -25.20 34.09
C ARG G 195 -3.54 -25.50 34.93
N HIS G 196 -3.32 -25.60 36.23
CA HIS G 196 -4.41 -25.80 37.15
C HIS G 196 -5.42 -24.68 37.15
N PHE G 197 -4.97 -23.44 37.12
CA PHE G 197 -5.83 -22.26 37.26
C PHE G 197 -6.26 -21.65 35.94
N GLY G 198 -5.77 -22.20 34.81
CA GLY G 198 -6.23 -21.78 33.47
C GLY G 198 -5.54 -20.53 32.89
N LEU G 199 -4.28 -20.31 33.23
CA LEU G 199 -3.55 -19.19 32.68
C LEU G 199 -2.69 -19.62 31.50
N ARG G 200 -2.60 -18.80 30.46
CA ARG G 200 -1.57 -19.03 29.46
C ARG G 200 -0.30 -18.29 29.87
N PHE G 201 0.84 -18.75 29.32
CA PHE G 201 2.15 -18.24 29.68
C PHE G 201 2.86 -17.62 28.49
N TYR G 202 3.32 -16.38 28.71
CA TYR G 202 4.09 -15.59 27.75
C TYR G 202 5.48 -15.49 28.27
N ALA G 203 6.45 -15.87 27.46
CA ALA G 203 7.87 -15.85 27.86
C ALA G 203 8.57 -14.54 27.46
N TYR G 204 9.14 -13.89 28.47
CA TYR G 204 10.06 -12.82 28.28
C TYR G 204 11.49 -13.28 28.54
N ASN G 205 12.40 -12.43 28.11
CA ASN G 205 13.83 -12.77 28.05
C ASN G 205 14.11 -14.08 27.27
N PRO G 206 13.48 -14.26 26.09
CA PRO G 206 13.70 -15.56 25.39
C PRO G 206 15.14 -15.80 24.87
N LEU G 207 15.94 -14.73 24.82
CA LEU G 207 17.33 -14.80 24.48
C LEU G 207 18.20 -14.30 25.62
N ALA G 208 17.67 -14.37 26.81
CA ALA G 208 18.39 -13.96 28.04
C ALA G 208 18.95 -12.54 27.93
N GLY G 209 18.09 -11.64 27.42
CA GLY G 209 18.41 -10.27 27.21
C GLY G 209 19.45 -10.04 26.11
N GLY G 210 19.71 -11.11 25.35
CA GLY G 210 20.72 -11.13 24.28
C GLY G 210 21.96 -12.00 24.57
N LEU G 211 22.07 -12.51 25.79
CA LEU G 211 23.20 -13.36 26.05
C LEU G 211 23.24 -14.57 25.11
N LEU G 212 22.05 -15.08 24.79
CA LEU G 212 21.91 -16.27 23.99
C LEU G 212 22.09 -16.02 22.49
N THR G 213 22.50 -14.86 22.12
CA THR G 213 22.96 -14.62 20.79
C THR G 213 24.39 -15.11 20.59
N GLY G 214 25.12 -15.27 21.69
CA GLY G 214 26.55 -15.63 21.62
C GLY G 214 27.43 -14.48 21.26
N LYS G 215 26.90 -13.25 21.19
CA LYS G 215 27.72 -12.09 20.83
C LYS G 215 28.75 -11.61 21.89
N TYR G 216 28.71 -12.13 23.07
CA TYR G 216 29.52 -11.63 24.16
C TYR G 216 30.53 -12.66 24.66
N LYS G 217 31.48 -12.21 25.46
CA LYS G 217 32.37 -13.09 26.23
C LYS G 217 32.41 -12.57 27.64
N TYR G 218 32.63 -13.47 28.54
CA TYR G 218 32.55 -13.12 29.93
C TYR G 218 33.36 -11.89 30.30
N GLU G 219 34.54 -11.74 29.71
CA GLU G 219 35.45 -10.66 30.13
C GLU G 219 35.10 -9.32 29.55
N ASP G 220 34.08 -9.26 28.70
CA ASP G 220 33.53 -7.99 28.24
C ASP G 220 33.11 -7.11 29.38
N LYS G 221 32.81 -7.70 30.53
CA LYS G 221 32.42 -6.90 31.69
C LYS G 221 33.54 -6.07 32.27
N ASP G 222 34.77 -6.49 32.07
CA ASP G 222 35.92 -5.73 32.50
C ASP G 222 36.51 -4.89 31.41
N GLY G 223 36.24 -5.21 30.15
CA GLY G 223 36.92 -4.58 29.05
C GLY G 223 35.99 -3.78 28.19
N LYS G 224 35.57 -4.39 27.09
CA LYS G 224 34.75 -3.74 26.05
C LYS G 224 33.51 -3.01 26.63
N GLN G 225 32.74 -3.67 27.49
CA GLN G 225 31.54 -3.13 28.09
C GLN G 225 30.68 -2.54 27.00
N PRO G 226 30.37 -3.34 26.01
CA PRO G 226 29.59 -2.96 24.84
C PRO G 226 28.20 -2.50 25.20
N VAL G 227 27.87 -1.30 24.79
CA VAL G 227 26.59 -0.66 25.07
C VAL G 227 25.45 -1.48 24.60
N GLY G 228 24.49 -1.67 25.48
CA GLY G 228 23.33 -2.46 25.15
C GLY G 228 22.64 -2.88 26.41
N ARG G 229 21.91 -3.96 26.34
CA ARG G 229 21.21 -4.50 27.51
C ARG G 229 22.08 -4.63 28.78
N PHE G 230 23.31 -5.07 28.60
CA PHE G 230 24.18 -5.41 29.74
C PHE G 230 25.12 -4.33 30.22
N PHE G 231 25.22 -3.19 29.52
CA PHE G 231 26.13 -2.09 29.84
C PHE G 231 25.53 -0.77 29.44
N GLY G 232 25.55 0.20 30.36
CA GLY G 232 25.31 1.58 30.07
C GLY G 232 24.02 2.20 30.61
N ASN G 233 23.02 1.42 30.98
CA ASN G 233 21.69 1.95 31.33
C ASN G 233 21.41 1.55 32.78
N ASN G 234 20.27 1.99 33.29
CA ASN G 234 19.95 1.84 34.72
C ASN G 234 19.48 0.42 35.14
N TRP G 235 19.16 -0.45 34.18
CA TRP G 235 18.94 -1.87 34.46
C TRP G 235 20.11 -2.80 34.15
N ALA G 236 21.20 -2.25 33.69
CA ALA G 236 22.35 -3.07 33.26
C ALA G 236 22.91 -4.02 34.31
N GLU G 237 23.12 -3.53 35.49
CA GLU G 237 23.60 -4.34 36.64
C GLU G 237 22.59 -5.39 37.03
N THR G 238 21.31 -5.05 36.99
CA THR G 238 20.27 -6.04 37.28
C THR G 238 20.32 -7.17 36.26
N TYR G 239 20.49 -6.82 34.99
CA TYR G 239 20.71 -7.79 33.91
C TYR G 239 21.98 -8.60 34.04
N ARG G 240 23.08 -7.98 34.41
CA ARG G 240 24.31 -8.75 34.64
C ARG G 240 24.17 -9.74 35.78
N ASN G 241 23.52 -9.30 36.85
CA ASN G 241 23.28 -10.22 38.00
C ASN G 241 22.37 -11.36 37.60
N ARG G 242 21.51 -11.13 36.65
CA ARG G 242 20.58 -12.09 36.24
C ARG G 242 21.23 -13.16 35.45
N PHE G 243 22.03 -12.77 34.46
CA PHE G 243 22.50 -13.71 33.44
C PHE G 243 24.00 -13.84 33.24
N TRP G 244 24.75 -12.81 33.63
CA TRP G 244 26.14 -12.67 33.20
C TRP G 244 26.98 -13.46 34.18
N LYS G 245 27.00 -14.76 33.93
CA LYS G 245 27.74 -15.69 34.78
C LYS G 245 28.61 -16.60 33.96
N GLU G 246 29.80 -16.83 34.51
CA GLU G 246 30.80 -17.68 33.88
C GLU G 246 30.28 -19.07 33.40
N HIS G 247 29.47 -19.73 34.21
CA HIS G 247 28.82 -20.97 33.81
C HIS G 247 27.83 -20.83 32.69
N HIS G 248 27.21 -19.64 32.55
CA HIS G 248 26.27 -19.40 31.48
C HIS G 248 27.01 -19.26 30.15
N PHE G 249 28.15 -18.56 30.16
CA PHE G 249 29.04 -18.47 28.98
C PHE G 249 29.55 -19.85 28.56
N GLU G 250 29.99 -20.64 29.53
CA GLU G 250 30.36 -22.02 29.29
C GLU G 250 29.26 -22.84 28.64
N ALA G 251 28.05 -22.66 29.16
CA ALA G 251 26.91 -23.37 28.65
C ALA G 251 26.62 -22.96 27.20
N ILE G 252 26.73 -21.69 26.91
CA ILE G 252 26.56 -21.25 25.55
C ILE G 252 27.60 -21.79 24.59
N ALA G 253 28.84 -21.78 25.00
CA ALA G 253 29.87 -22.39 24.15
C ALA G 253 29.61 -23.89 23.84
N LEU G 254 29.04 -24.60 24.79
CA LEU G 254 28.64 -26.04 24.65
C LEU G 254 27.67 -26.15 23.53
N VAL G 255 26.70 -25.22 23.50
CA VAL G 255 25.68 -25.28 22.50
C VAL G 255 26.23 -24.88 21.13
N GLU G 256 27.13 -23.92 21.12
CA GLU G 256 27.74 -23.48 19.85
C GLU G 256 28.59 -24.59 19.21
N LYS G 257 29.26 -25.35 20.06
CA LYS G 257 30.08 -26.49 19.63
C LYS G 257 29.18 -27.57 19.02
N ALA G 258 28.05 -27.85 19.68
CA ALA G 258 27.08 -28.83 19.22
C ALA G 258 26.47 -28.39 17.87
N LEU G 259 26.27 -27.09 17.68
CA LEU G 259 25.72 -26.59 16.43
C LEU G 259 26.68 -26.78 15.26
N GLN G 260 27.96 -26.51 15.51
CA GLN G 260 28.99 -26.72 14.55
C GLN G 260 29.19 -28.24 14.23
N THR G 261 29.28 -29.10 15.24
CA THR G 261 29.45 -30.51 15.01
C THR G 261 28.27 -31.06 14.24
N THR G 262 27.07 -30.67 14.62
CA THR G 262 25.86 -31.25 14.07
C THR G 262 25.56 -30.77 12.63
N TYR G 263 25.83 -29.54 12.35
CA TYR G 263 25.36 -28.90 11.13
C TYR G 263 26.46 -28.38 10.23
N GLY G 264 27.65 -28.26 10.77
CA GLY G 264 28.74 -27.73 10.00
C GLY G 264 28.52 -26.35 9.47
N THR G 265 28.88 -26.14 8.22
CA THR G 265 28.73 -24.84 7.59
C THR G 265 27.26 -24.36 7.48
N ASN G 266 26.34 -25.30 7.53
CA ASN G 266 24.92 -24.96 7.57
C ASN G 266 24.38 -24.62 8.96
N ALA G 267 25.26 -24.42 9.93
CA ALA G 267 24.82 -24.28 11.30
C ALA G 267 23.98 -23.04 11.43
N PRO G 268 22.81 -23.15 12.08
CA PRO G 268 22.09 -21.92 12.45
C PRO G 268 22.86 -21.12 13.45
N ARG G 269 22.63 -19.83 13.46
CA ARG G 269 23.16 -18.95 14.50
C ARG G 269 22.56 -19.28 15.85
N MET G 270 23.36 -19.05 16.88
CA MET G 270 22.99 -19.32 18.25
C MET G 270 21.66 -18.64 18.56
N THR G 271 21.48 -17.40 18.08
CA THR G 271 20.21 -16.69 18.18
C THR G 271 19.07 -17.48 17.64
N SER G 272 19.24 -18.02 16.44
CA SER G 272 18.14 -18.75 15.81
C SER G 272 17.92 -20.11 16.55
N ALA G 273 18.98 -20.75 17.01
CA ALA G 273 18.85 -21.97 17.79
C ALA G 273 18.05 -21.76 19.10
N ALA G 274 18.38 -20.73 19.83
CA ALA G 274 17.75 -20.40 21.09
C ALA G 274 16.26 -20.09 20.97
N LEU G 275 15.88 -19.44 19.89
CA LEU G 275 14.47 -19.18 19.63
C LEU G 275 13.72 -20.44 19.20
N ARG G 276 14.37 -21.25 18.37
CA ARG G 276 13.80 -22.53 17.92
C ARG G 276 13.60 -23.50 19.08
N TRP G 277 14.50 -23.44 20.04
CA TRP G 277 14.29 -24.15 21.32
C TRP G 277 12.94 -23.78 21.96
N MET G 278 12.69 -22.46 22.05
CA MET G 278 11.44 -21.91 22.58
C MET G 278 10.22 -22.44 21.89
N TYR G 279 10.23 -22.41 20.55
CA TYR G 279 9.05 -22.80 19.78
C TYR G 279 8.84 -24.32 19.67
N HIS G 280 9.90 -25.12 19.76
CA HIS G 280 9.79 -26.53 19.46
C HIS G 280 10.18 -27.44 20.61
N HIS G 281 10.98 -26.96 21.57
CA HIS G 281 11.59 -27.87 22.54
C HIS G 281 11.35 -27.53 24.00
N SER G 282 10.53 -26.51 24.24
CA SER G 282 10.28 -25.96 25.56
C SER G 282 8.99 -26.52 26.03
N GLN G 283 8.57 -26.11 27.22
CA GLN G 283 7.30 -26.52 27.78
C GLN G 283 6.16 -25.61 27.39
N LEU G 284 6.41 -24.64 26.54
CA LEU G 284 5.32 -23.82 25.99
C LEU G 284 4.41 -24.68 25.10
N GLN G 285 3.10 -24.50 25.26
CA GLN G 285 2.11 -25.16 24.46
C GLN G 285 1.25 -24.15 23.73
N GLY G 286 1.40 -24.12 22.42
CA GLY G 286 0.59 -23.28 21.57
C GLY G 286 -0.88 -23.56 21.71
N THR G 287 -1.30 -24.82 21.93
CA THR G 287 -2.70 -25.14 22.13
C THR G 287 -3.30 -24.48 23.38
N ARG G 288 -2.47 -24.16 24.36
CA ARG G 288 -2.95 -23.44 25.51
C ARG G 288 -2.91 -21.93 25.32
N GLY G 289 -2.41 -21.44 24.20
CA GLY G 289 -2.26 -20.00 23.97
C GLY G 289 -0.93 -19.44 24.43
N ASP G 290 0.01 -20.31 24.80
CA ASP G 290 1.32 -19.87 25.24
C ASP G 290 2.04 -19.13 24.13
N ALA G 291 2.94 -18.22 24.49
CA ALA G 291 3.61 -17.39 23.49
C ALA G 291 5.03 -17.05 23.90
N VAL G 292 5.80 -16.67 22.88
CA VAL G 292 7.11 -16.07 23.07
C VAL G 292 7.03 -14.62 22.77
N ILE G 293 7.54 -13.79 23.68
CA ILE G 293 7.68 -12.34 23.40
C ILE G 293 9.10 -12.04 22.90
N LEU G 294 9.18 -11.74 21.62
CA LEU G 294 10.42 -11.36 20.98
C LEU G 294 10.93 -10.00 21.46
N GLY G 295 12.23 -9.89 21.59
CA GLY G 295 12.89 -8.62 21.87
C GLY G 295 13.90 -8.25 20.78
N MET G 296 14.20 -6.96 20.72
CA MET G 296 15.07 -6.38 19.71
C MET G 296 15.34 -4.96 20.12
N SER G 297 16.49 -4.47 19.65
CA SER G 297 16.81 -3.06 19.76
C SER G 297 16.98 -2.44 18.35
N SER G 298 16.70 -3.22 17.31
CA SER G 298 16.73 -2.75 15.94
C SER G 298 15.77 -3.58 15.09
N LEU G 299 15.41 -3.02 13.94
CA LEU G 299 14.61 -3.70 12.93
C LEU G 299 15.31 -4.96 12.41
N GLU G 300 16.60 -4.85 12.20
CA GLU G 300 17.42 -5.91 11.63
C GLU G 300 17.43 -7.13 12.55
N GLN G 301 17.59 -6.88 13.86
CA GLN G 301 17.51 -7.92 14.88
C GLN G 301 16.15 -8.59 14.86
N LEU G 302 15.10 -7.81 14.77
CA LEU G 302 13.78 -8.34 14.75
C LEU G 302 13.49 -9.27 13.53
N GLU G 303 13.96 -8.85 12.36
CA GLU G 303 13.74 -9.62 11.12
C GLU G 303 14.43 -10.92 11.24
N GLN G 304 15.65 -10.90 11.72
CA GLN G 304 16.35 -12.10 12.04
C GLN G 304 15.54 -13.03 12.93
N ASN G 305 15.03 -12.46 14.03
CA ASN G 305 14.28 -13.23 15.01
C ASN G 305 12.99 -13.78 14.45
N LEU G 306 12.29 -12.95 13.69
CA LEU G 306 11.08 -13.44 13.03
C LEU G 306 11.34 -14.62 12.10
N ALA G 307 12.46 -14.58 11.38
CA ALA G 307 12.81 -15.68 10.48
C ALA G 307 13.03 -16.94 11.28
N ALA G 308 13.73 -16.82 12.42
CA ALA G 308 14.00 -17.98 13.30
C ALA G 308 12.75 -18.62 13.84
N THR G 309 11.72 -17.81 14.11
CA THR G 309 10.44 -18.30 14.65
C THR G 309 9.75 -19.21 13.66
N GLU G 310 10.15 -19.11 12.40
CA GLU G 310 9.52 -19.91 11.34
C GLU G 310 10.31 -21.12 10.91
N GLU G 311 11.53 -21.25 11.42
CA GLU G 311 12.37 -22.38 11.19
C GLU G 311 11.78 -23.59 11.98
N GLY G 312 12.29 -24.79 11.71
CA GLY G 312 11.78 -25.95 12.35
C GLY G 312 12.52 -26.39 13.59
N PRO G 313 12.22 -27.62 14.04
CA PRO G 313 12.91 -28.23 15.16
C PRO G 313 14.44 -28.35 14.95
N LEU G 314 15.18 -28.43 16.04
CA LEU G 314 16.56 -28.69 16.01
C LEU G 314 16.83 -30.18 16.11
N GLU G 315 18.04 -30.56 15.71
CA GLU G 315 18.47 -31.94 15.78
C GLU G 315 18.66 -32.37 17.23
N PRO G 316 18.34 -33.63 17.49
CA PRO G 316 18.46 -34.16 18.82
C PRO G 316 19.73 -33.76 19.54
N ALA G 317 20.88 -33.85 18.88
CA ALA G 317 22.16 -33.55 19.52
C ALA G 317 22.23 -32.11 20.04
N VAL G 318 21.54 -31.22 19.37
CA VAL G 318 21.50 -29.81 19.77
C VAL G 318 20.49 -29.55 20.93
N VAL G 319 19.36 -30.23 20.88
CA VAL G 319 18.42 -30.22 21.99
C VAL G 319 19.12 -30.76 23.25
N GLU G 320 19.89 -31.86 23.13
CA GLU G 320 20.59 -32.42 24.28
C GLU G 320 21.61 -31.39 24.80
N ALA G 321 22.31 -30.72 23.91
CA ALA G 321 23.26 -29.71 24.32
C ALA G 321 22.58 -28.58 25.12
N PHE G 322 21.40 -28.15 24.68
CA PHE G 322 20.64 -27.16 25.46
C PHE G 322 20.27 -27.67 26.86
N ASP G 323 19.95 -28.97 27.01
CA ASP G 323 19.73 -29.54 28.32
C ASP G 323 20.97 -29.56 29.15
N GLN G 324 22.09 -29.91 28.56
CA GLN G 324 23.35 -29.87 29.30
C GLN G 324 23.69 -28.51 29.79
N ALA G 325 23.41 -27.53 28.94
CA ALA G 325 23.68 -26.12 29.22
C ALA G 325 22.87 -25.69 30.40
N TRP G 326 21.56 -26.01 30.38
CA TRP G 326 20.69 -25.74 31.55
C TRP G 326 21.23 -26.38 32.81
N ASN G 327 21.62 -27.64 32.72
CA ASN G 327 22.16 -28.36 33.84
C ASN G 327 23.40 -27.69 34.46
N MET G 328 24.19 -26.98 33.65
CA MET G 328 25.34 -26.24 34.16
C MET G 328 25.02 -24.96 34.92
N VAL G 329 23.91 -24.33 34.58
CA VAL G 329 23.54 -23.06 35.17
C VAL G 329 22.40 -23.15 36.20
N ALA G 330 21.69 -24.28 36.21
CA ALA G 330 20.47 -24.41 37.03
C ALA G 330 20.64 -23.98 38.51
N HIS G 331 21.80 -24.34 39.09
CA HIS G 331 22.09 -24.01 40.49
C HIS G 331 22.22 -22.54 40.74
N GLU G 332 22.41 -21.74 39.70
CA GLU G 332 22.44 -20.28 39.87
C GLU G 332 21.40 -19.55 38.99
N CYS G 333 20.33 -20.22 38.69
CA CYS G 333 19.28 -19.63 37.91
C CYS G 333 18.66 -18.43 38.64
N PRO G 334 18.41 -17.34 37.93
CA PRO G 334 17.75 -16.24 38.60
C PRO G 334 16.24 -16.55 38.85
N ASN G 335 15.72 -15.89 39.86
CA ASN G 335 14.35 -16.10 40.26
C ASN G 335 13.39 -15.43 39.29
N TYR G 336 12.39 -16.20 38.87
CA TYR G 336 11.31 -15.68 38.03
C TYR G 336 10.39 -14.75 38.78
N PHE G 337 10.48 -14.80 40.09
CA PHE G 337 9.60 -14.05 40.96
C PHE G 337 10.36 -12.94 41.72
N ARG G 338 9.65 -11.90 42.09
CA ARG G 338 10.32 -10.76 42.75
C ARG G 338 9.60 -10.31 44.02
N LEU H 15 17.76 -19.49 68.14
CA LEU H 15 17.74 -20.87 68.76
C LEU H 15 17.80 -22.00 67.71
N ARG H 16 18.49 -23.09 68.07
CA ARG H 16 18.61 -24.29 67.22
C ARG H 16 17.19 -24.78 66.90
N PRO H 17 16.97 -25.31 65.68
CA PRO H 17 15.73 -25.96 65.39
C PRO H 17 15.42 -27.08 66.39
N ALA H 18 14.15 -27.39 66.54
CA ALA H 18 13.76 -28.49 67.38
C ALA H 18 14.08 -29.85 66.76
N THR H 19 13.94 -30.86 67.61
CA THR H 19 14.18 -32.22 67.20
C THR H 19 12.95 -33.07 67.44
N VAL H 20 12.46 -33.67 66.32
CA VAL H 20 11.34 -34.62 66.30
C VAL H 20 11.88 -36.03 66.00
N LEU H 21 11.24 -37.05 66.62
CA LEU H 21 11.62 -38.43 66.43
C LEU H 21 10.78 -39.10 65.36
N GLY H 22 11.42 -39.56 64.29
CA GLY H 22 10.74 -40.34 63.28
C GLY H 22 10.56 -41.82 63.69
N THR H 23 9.39 -42.34 63.35
CA THR H 23 9.01 -43.67 63.81
C THR H 23 8.68 -44.64 62.69
N MET H 24 9.13 -44.30 61.49
CA MET H 24 8.93 -45.10 60.30
C MET H 24 9.43 -46.56 60.43
N GLU H 25 10.51 -46.81 61.15
CA GLU H 25 11.08 -48.14 61.22
C GLU H 25 10.63 -48.96 62.45
N MET H 26 9.76 -48.37 63.26
CA MET H 26 9.12 -49.05 64.37
C MET H 26 8.09 -50.01 63.87
N GLY H 27 8.41 -51.29 63.98
CA GLY H 27 7.60 -52.34 63.42
C GLY H 27 8.23 -52.98 62.20
N ARG H 28 9.33 -52.41 61.69
CA ARG H 28 10.03 -53.01 60.55
C ARG H 28 11.43 -53.49 61.02
N ARG H 29 12.44 -52.63 60.96
CA ARG H 29 13.76 -52.99 61.50
C ARG H 29 13.79 -52.90 63.03
N MET H 30 12.88 -52.15 63.64
CA MET H 30 12.88 -51.98 65.09
C MET H 30 11.70 -52.64 65.80
N ASP H 31 12.00 -53.48 66.79
CA ASP H 31 10.95 -54.15 67.55
C ASP H 31 10.44 -53.24 68.68
N ALA H 32 9.44 -53.72 69.44
CA ALA H 32 8.81 -52.94 70.51
C ALA H 32 9.81 -52.51 71.52
N SER H 33 10.78 -53.38 71.76
CA SER H 33 11.84 -53.17 72.71
C SER H 33 12.80 -52.04 72.31
N ALA H 34 13.32 -52.16 71.08
CA ALA H 34 14.23 -51.19 70.51
C ALA H 34 13.54 -49.84 70.33
N SER H 35 12.26 -49.88 69.99
CA SER H 35 11.42 -48.69 69.87
C SER H 35 11.26 -47.94 71.19
N ALA H 36 10.93 -48.69 72.25
CA ALA H 36 10.82 -48.14 73.62
C ALA H 36 12.12 -47.48 74.13
N ALA H 37 13.22 -48.17 73.87
CA ALA H 37 14.55 -47.71 74.18
C ALA H 37 14.87 -46.42 73.50
N SER H 38 14.44 -46.32 72.23
CA SER H 38 14.70 -45.16 71.39
C SER H 38 13.93 -43.93 71.85
N VAL H 39 12.66 -44.13 72.16
CA VAL H 39 11.83 -43.06 72.69
C VAL H 39 12.42 -42.58 74.04
N ARG H 40 12.75 -43.53 74.91
CA ARG H 40 13.44 -43.22 76.16
C ARG H 40 14.64 -42.33 75.95
N ALA H 41 15.52 -42.73 75.03
CA ALA H 41 16.76 -41.99 74.77
C ALA H 41 16.46 -40.59 74.21
N PHE H 42 15.44 -40.50 73.37
CA PHE H 42 15.02 -39.25 72.79
C PHE H 42 14.49 -38.31 73.86
N LEU H 43 13.66 -38.83 74.74
CA LEU H 43 13.06 -38.05 75.80
C LEU H 43 14.06 -37.57 76.85
N GLU H 44 15.03 -38.42 77.15
CA GLU H 44 16.16 -38.08 78.05
C GLU H 44 16.93 -36.84 77.61
N ARG H 45 17.02 -36.61 76.30
CA ARG H 45 17.69 -35.42 75.77
C ARG H 45 16.82 -34.14 75.85
N GLY H 46 15.61 -34.26 76.39
CA GLY H 46 14.73 -33.11 76.64
C GLY H 46 13.77 -32.84 75.49
N HIS H 47 13.75 -33.70 74.48
CA HIS H 47 12.85 -33.52 73.35
C HIS H 47 11.46 -34.14 73.69
N SER H 48 10.46 -33.78 72.89
CA SER H 48 9.08 -34.11 73.20
C SER H 48 8.16 -34.52 72.04
N GLU H 49 8.53 -34.29 70.78
CA GLU H 49 7.63 -34.62 69.64
C GLU H 49 7.98 -35.90 68.88
N LEU H 50 6.93 -36.66 68.55
CA LEU H 50 7.03 -37.92 67.82
C LEU H 50 6.21 -37.86 66.52
N ASP H 51 6.80 -38.45 65.47
CA ASP H 51 6.21 -38.48 64.17
C ASP H 51 5.94 -39.89 63.71
N THR H 52 4.66 -40.14 63.43
CA THR H 52 4.26 -41.39 62.87
C THR H 52 3.22 -41.16 61.80
N ALA H 53 2.64 -42.24 61.29
CA ALA H 53 1.69 -42.16 60.19
C ALA H 53 0.87 -43.44 60.19
N PHE H 54 -0.37 -43.31 59.73
CA PHE H 54 -1.27 -44.45 59.49
C PHE H 54 -0.56 -45.52 58.68
N MET H 55 0.20 -45.07 57.72
CA MET H 55 0.84 -45.95 56.78
C MET H 55 1.88 -46.90 57.40
N TYR H 56 2.61 -46.43 58.40
CA TYR H 56 3.88 -47.07 58.74
C TYR H 56 3.67 -48.45 59.30
N CYS H 57 4.29 -49.42 58.64
CA CYS H 57 4.31 -50.83 59.03
C CYS H 57 2.93 -51.38 59.24
N ASP H 58 2.04 -51.05 58.31
CA ASP H 58 0.66 -51.52 58.28
C ASP H 58 -0.02 -51.25 59.63
N GLY H 59 0.38 -50.15 60.25
CA GLY H 59 -0.18 -49.77 61.53
C GLY H 59 0.68 -50.05 62.74
N GLN H 60 1.78 -50.78 62.58
CA GLN H 60 2.56 -51.28 63.71
C GLN H 60 3.34 -50.19 64.42
N SER H 61 3.76 -49.17 63.67
CA SER H 61 4.48 -48.05 64.28
C SER H 61 3.55 -47.40 65.32
N GLU H 62 2.32 -47.12 64.92
CA GLU H 62 1.31 -46.53 65.81
C GLU H 62 0.97 -47.48 66.96
N ASN H 63 0.83 -48.77 66.68
CA ASN H 63 0.47 -49.74 67.69
C ASN H 63 1.55 -49.81 68.75
N ILE H 64 2.80 -49.84 68.31
CA ILE H 64 3.99 -49.84 69.20
C ILE H 64 4.00 -48.58 70.08
N LEU H 65 3.82 -47.43 69.48
CA LEU H 65 3.83 -46.17 70.23
C LEU H 65 2.68 -46.12 71.22
N GLY H 66 1.53 -46.67 70.84
CA GLY H 66 0.37 -46.69 71.73
C GLY H 66 0.57 -47.56 72.96
N GLY H 67 1.46 -48.56 72.82
CA GLY H 67 1.79 -49.50 73.88
C GLY H 67 2.84 -48.96 74.87
N LEU H 68 3.43 -47.80 74.61
CA LEU H 68 4.57 -47.33 75.39
C LEU H 68 4.17 -46.69 76.73
N GLY H 69 2.86 -46.57 76.94
CA GLY H 69 2.34 -45.98 78.17
C GLY H 69 2.67 -44.50 78.36
N LEU H 70 2.68 -43.75 77.27
CA LEU H 70 3.03 -42.34 77.31
C LEU H 70 1.84 -41.45 77.58
N GLY H 71 0.64 -42.01 77.63
CA GLY H 71 -0.57 -41.21 77.85
C GLY H 71 -0.75 -40.13 76.80
N LEU H 72 -0.60 -40.49 75.52
CA LEU H 72 -0.65 -39.52 74.42
C LEU H 72 -2.04 -38.86 74.33
N GLY H 73 -2.05 -37.57 74.02
CA GLY H 73 -3.28 -36.84 73.80
C GLY H 73 -4.07 -36.51 75.05
N SER H 74 -3.53 -36.92 76.20
CA SER H 74 -4.17 -36.65 77.48
C SER H 74 -3.50 -35.46 78.07
N GLY H 75 -3.62 -34.30 77.39
CA GLY H 75 -3.15 -32.99 77.91
C GLY H 75 -3.22 -33.05 79.42
N ASP H 76 -2.12 -32.63 80.06
CA ASP H 76 -1.59 -33.30 81.30
C ASP H 76 -0.37 -34.13 80.83
N CYS H 77 0.22 -33.71 79.71
CA CYS H 77 1.00 -34.59 78.89
C CYS H 77 2.10 -33.85 78.11
N THR H 78 3.33 -34.30 78.34
CA THR H 78 4.50 -33.60 77.87
C THR H 78 4.87 -34.01 76.45
N VAL H 79 4.67 -35.28 76.13
CA VAL H 79 4.97 -35.87 74.81
C VAL H 79 3.86 -35.57 73.81
N LYS H 80 4.27 -35.13 72.62
CA LYS H 80 3.35 -34.73 71.56
C LYS H 80 3.44 -35.76 70.44
N ILE H 81 2.30 -36.10 69.86
CA ILE H 81 2.23 -37.12 68.82
C ILE H 81 1.62 -36.53 67.54
N ALA H 82 2.27 -36.82 66.42
CA ALA H 82 1.75 -36.51 65.09
C ALA H 82 1.50 -37.79 64.30
N THR H 83 0.37 -37.84 63.62
CA THR H 83 0.16 -38.85 62.57
C THR H 83 -0.41 -38.21 61.29
N LYS H 84 -0.69 -39.08 60.30
CA LYS H 84 -0.94 -38.64 58.91
C LYS H 84 -1.90 -39.58 58.24
N ALA H 85 -2.78 -38.99 57.43
CA ALA H 85 -3.65 -39.77 56.55
C ALA H 85 -3.21 -39.63 55.10
N ASN H 86 -3.28 -40.73 54.36
CA ASN H 86 -2.80 -40.79 52.98
C ASN H 86 -3.87 -41.32 52.01
N PRO H 87 -3.75 -40.96 50.71
CA PRO H 87 -4.70 -41.38 49.68
C PRO H 87 -4.36 -42.73 49.00
N TRP H 88 -3.27 -43.38 49.43
CA TRP H 88 -2.78 -44.54 48.69
C TRP H 88 -3.61 -45.78 48.79
N GLU H 89 -3.32 -46.67 47.87
CA GLU H 89 -3.93 -47.98 47.80
C GLU H 89 -5.46 -47.84 47.79
N GLY H 90 -5.93 -46.85 47.07
CA GLY H 90 -7.39 -46.67 46.88
C GLY H 90 -8.11 -45.91 47.99
N LYS H 91 -7.40 -45.49 49.03
CA LYS H 91 -8.12 -44.90 50.15
C LYS H 91 -8.67 -43.50 49.83
N SER H 92 -7.90 -42.67 49.10
CA SER H 92 -8.25 -41.29 48.85
C SER H 92 -8.23 -40.49 50.13
N LEU H 93 -8.27 -39.18 49.98
CA LEU H 93 -8.45 -38.26 51.07
C LEU H 93 -9.89 -37.66 51.05
N LYS H 94 -10.83 -38.43 50.53
CA LYS H 94 -12.23 -38.11 50.75
C LYS H 94 -12.53 -38.08 52.28
N PRO H 95 -13.58 -37.32 52.67
CA PRO H 95 -14.01 -37.25 54.06
C PRO H 95 -14.11 -38.56 54.82
N ASP H 96 -14.80 -39.55 54.28
CA ASP H 96 -14.90 -40.82 54.99
C ASP H 96 -13.56 -41.45 55.24
N SER H 97 -12.67 -41.38 54.28
CA SER H 97 -11.37 -42.01 54.38
C SER H 97 -10.48 -41.34 55.42
N ILE H 98 -10.44 -40.01 55.40
CA ILE H 98 -9.68 -39.26 56.41
C ILE H 98 -10.15 -39.56 57.83
N ARG H 99 -11.47 -39.56 58.00
CA ARG H 99 -12.06 -39.87 59.28
C ARG H 99 -11.63 -41.29 59.71
N SER H 100 -11.82 -42.28 58.83
CA SER H 100 -11.49 -43.66 59.15
C SER H 100 -10.03 -43.80 59.57
N GLN H 101 -9.12 -43.24 58.79
CA GLN H 101 -7.70 -43.32 59.06
C GLN H 101 -7.34 -42.69 60.37
N LEU H 102 -7.85 -41.49 60.64
CA LEU H 102 -7.57 -40.82 61.92
C LEU H 102 -8.13 -41.58 63.09
N GLU H 103 -9.39 -42.05 62.97
CA GLU H 103 -10.01 -42.81 64.04
C GLU H 103 -9.28 -44.11 64.32
N THR H 104 -8.81 -44.75 63.27
CA THR H 104 -7.99 -45.95 63.38
C THR H 104 -6.70 -45.61 64.11
N SER H 105 -6.08 -44.52 63.72
CA SER H 105 -4.80 -44.10 64.33
C SER H 105 -4.95 -43.90 65.84
N LEU H 106 -6.01 -43.19 66.24
CA LEU H 106 -6.26 -42.89 67.64
C LEU H 106 -6.45 -44.18 68.45
N LYS H 107 -7.09 -45.16 67.84
CA LYS H 107 -7.27 -46.43 68.47
C LYS H 107 -5.90 -47.10 68.69
N ARG H 108 -5.05 -47.13 67.69
CA ARG H 108 -3.76 -47.79 67.81
C ARG H 108 -2.84 -47.02 68.74
N LEU H 109 -2.92 -45.70 68.69
CA LEU H 109 -2.14 -44.86 69.56
C LEU H 109 -2.65 -44.83 71.01
N GLN H 110 -3.83 -45.40 71.22
CA GLN H 110 -4.48 -45.43 72.54
C GLN H 110 -4.64 -44.02 73.03
N CYS H 111 -5.19 -43.17 72.20
CA CYS H 111 -5.28 -41.78 72.62
C CYS H 111 -6.53 -41.13 72.07
N PRO H 112 -7.07 -40.15 72.78
CA PRO H 112 -8.32 -39.52 72.37
C PRO H 112 -8.13 -38.44 71.31
N ARG H 113 -6.90 -37.95 71.16
CA ARG H 113 -6.57 -36.98 70.11
C ARG H 113 -5.10 -36.88 69.87
N VAL H 114 -4.75 -36.49 68.65
CA VAL H 114 -3.36 -36.25 68.31
C VAL H 114 -3.08 -34.74 68.31
N ASP H 115 -1.83 -34.39 68.58
CA ASP H 115 -1.47 -33.00 68.63
C ASP H 115 -1.38 -32.42 67.23
N LEU H 116 -1.01 -33.27 66.28
CA LEU H 116 -0.75 -32.84 64.92
C LEU H 116 -1.21 -33.92 63.94
N PHE H 117 -2.09 -33.52 63.01
CA PHE H 117 -2.66 -34.41 62.00
C PHE H 117 -2.36 -33.90 60.62
N TYR H 118 -1.61 -34.68 59.85
CA TYR H 118 -1.22 -34.32 58.52
C TYR H 118 -1.98 -34.99 57.39
N LEU H 119 -2.16 -34.26 56.30
CA LEU H 119 -2.37 -34.82 54.97
C LEU H 119 -0.99 -35.23 54.44
N HIS H 120 -0.78 -36.53 54.29
CA HIS H 120 0.56 -37.16 54.10
C HIS H 120 1.11 -36.79 52.70
N ALA H 121 0.18 -36.71 51.74
CA ALA H 121 0.54 -36.39 50.36
C ALA H 121 -0.74 -36.09 49.60
N PRO H 122 -0.68 -35.24 48.55
CA PRO H 122 -1.92 -34.84 47.84
C PRO H 122 -2.67 -35.98 47.23
N ASP H 123 -3.98 -35.79 47.26
CA ASP H 123 -4.89 -36.60 46.43
C ASP H 123 -5.43 -35.77 45.28
N HIS H 124 -4.85 -35.96 44.10
CA HIS H 124 -5.21 -35.08 42.99
C HIS H 124 -6.55 -35.38 42.39
N SER H 125 -7.16 -36.45 42.86
CA SER H 125 -8.50 -36.90 42.43
C SER H 125 -9.65 -36.43 43.31
N THR H 126 -9.32 -35.84 44.45
CA THR H 126 -10.32 -35.38 45.38
C THR H 126 -10.07 -33.88 45.52
N PRO H 127 -11.10 -33.05 45.15
CA PRO H 127 -11.06 -31.62 45.42
C PRO H 127 -10.67 -31.29 46.87
N VAL H 128 -9.72 -30.40 46.98
CA VAL H 128 -9.10 -30.12 48.24
C VAL H 128 -10.11 -29.54 49.26
N GLU H 129 -11.10 -28.84 48.78
CA GLU H 129 -12.17 -28.28 49.61
C GLU H 129 -12.88 -29.36 50.41
N GLU H 130 -13.12 -30.50 49.78
CA GLU H 130 -13.82 -31.64 50.42
C GLU H 130 -12.98 -32.18 51.60
N THR H 131 -11.70 -32.35 51.31
CA THR H 131 -10.72 -32.79 52.32
C THR H 131 -10.65 -31.78 53.47
N LEU H 132 -10.52 -30.50 53.14
CA LEU H 132 -10.30 -29.49 54.20
C LEU H 132 -11.52 -29.28 55.11
N CYS H 133 -12.70 -29.36 54.52
CA CYS H 133 -13.93 -29.31 55.26
C CYS H 133 -14.02 -30.45 56.32
N ALA H 134 -13.70 -31.66 55.86
CA ALA H 134 -13.66 -32.81 56.72
C ALA H 134 -12.68 -32.60 57.87
N CYS H 135 -11.49 -32.09 57.56
CA CYS H 135 -10.49 -31.83 58.58
C CYS H 135 -11.00 -30.87 59.61
N HIS H 136 -11.75 -29.85 59.18
CA HIS H 136 -12.31 -28.91 60.12
C HIS H 136 -13.28 -29.62 61.05
N GLN H 137 -14.17 -30.44 60.48
CA GLN H 137 -15.12 -31.21 61.28
C GLN H 137 -14.43 -32.01 62.34
N LEU H 138 -13.38 -32.74 61.96
CA LEU H 138 -12.67 -33.63 62.91
C LEU H 138 -11.99 -32.81 64.01
N HIS H 139 -11.45 -31.66 63.67
CA HIS H 139 -10.87 -30.75 64.66
C HIS H 139 -11.96 -30.27 65.63
N GLN H 140 -13.12 -29.89 65.09
CA GLN H 140 -14.28 -29.50 65.90
C GLN H 140 -14.70 -30.61 66.88
N GLU H 141 -14.56 -31.87 66.47
CA GLU H 141 -14.86 -33.02 67.32
C GLU H 141 -13.78 -33.30 68.35
N GLY H 142 -12.66 -32.58 68.26
CA GLY H 142 -11.57 -32.71 69.23
C GLY H 142 -10.60 -33.85 68.94
N LYS H 143 -10.59 -34.33 67.70
CA LYS H 143 -9.72 -35.47 67.35
C LYS H 143 -8.27 -35.08 67.05
N PHE H 144 -8.04 -33.81 66.76
CA PHE H 144 -6.67 -33.33 66.64
C PHE H 144 -6.57 -31.84 66.94
N VAL H 145 -5.38 -31.41 67.39
CA VAL H 145 -5.16 -29.99 67.78
C VAL H 145 -4.74 -29.16 66.58
N GLU H 146 -3.64 -29.55 65.94
CA GLU H 146 -3.13 -28.84 64.78
C GLU H 146 -3.22 -29.66 63.50
N LEU H 147 -3.51 -28.94 62.41
CA LEU H 147 -3.44 -29.45 61.01
C LEU H 147 -2.09 -29.22 60.36
N GLY H 148 -1.59 -30.26 59.70
CA GLY H 148 -0.35 -30.15 58.91
C GLY H 148 -0.50 -30.66 57.49
N LEU H 149 0.46 -30.25 56.64
CA LEU H 149 0.54 -30.69 55.24
C LEU H 149 1.89 -31.29 54.97
N SER H 150 1.93 -32.29 54.09
CA SER H 150 3.20 -32.84 53.65
C SER H 150 3.11 -33.16 52.15
N ASN H 151 4.16 -32.80 51.43
CA ASN H 151 4.34 -33.13 50.02
C ASN H 151 3.42 -32.39 49.05
N TYR H 152 2.85 -31.29 49.49
CA TYR H 152 2.06 -30.38 48.62
C TYR H 152 3.06 -29.30 48.14
N ALA H 153 2.83 -28.80 46.94
CA ALA H 153 3.63 -27.71 46.36
C ALA H 153 3.26 -26.42 47.02
N SER H 154 4.18 -25.49 47.07
CA SER H 154 3.92 -24.19 47.69
C SER H 154 2.62 -23.56 47.19
N TRP H 155 2.35 -23.67 45.90
CA TRP H 155 1.18 -23.09 45.39
C TRP H 155 -0.11 -23.81 45.85
N GLU H 156 0.02 -25.10 46.19
CA GLU H 156 -1.14 -25.86 46.71
C GLU H 156 -1.39 -25.51 48.18
N VAL H 157 -0.31 -25.27 48.89
CA VAL H 157 -0.40 -24.73 50.28
C VAL H 157 -1.11 -23.38 50.29
N ALA H 158 -0.72 -22.47 49.39
CA ALA H 158 -1.33 -21.17 49.32
C ALA H 158 -2.79 -21.25 49.01
N GLU H 159 -3.16 -22.14 48.10
CA GLU H 159 -4.58 -22.32 47.77
C GLU H 159 -5.35 -22.81 49.02
N ILE H 160 -4.72 -23.73 49.73
CA ILE H 160 -5.33 -24.36 50.88
C ILE H 160 -5.54 -23.35 52.00
N CYS H 161 -4.50 -22.62 52.38
CA CYS H 161 -4.63 -21.57 53.42
C CYS H 161 -5.63 -20.52 53.05
N THR H 162 -5.60 -20.12 51.79
CA THR H 162 -6.53 -19.10 51.31
C THR H 162 -7.98 -19.59 51.39
N LEU H 163 -8.20 -20.85 51.06
CA LEU H 163 -9.53 -21.45 51.13
C LEU H 163 -10.02 -21.61 52.56
N CYS H 164 -9.14 -22.05 53.45
CA CYS H 164 -9.51 -22.19 54.85
C CYS H 164 -9.92 -20.86 55.47
N LYS H 165 -9.10 -19.82 55.24
CA LYS H 165 -9.36 -18.45 55.70
C LYS H 165 -10.76 -18.01 55.31
N SER H 166 -11.09 -18.12 54.03
CA SER H 166 -12.42 -17.73 53.54
C SER H 166 -13.56 -18.63 53.97
N ASN H 167 -13.32 -19.88 54.33
CA ASN H 167 -14.40 -20.80 54.72
C ASN H 167 -14.49 -21.04 56.24
N GLY H 168 -13.68 -20.33 57.01
CA GLY H 168 -13.61 -20.54 58.47
C GLY H 168 -13.17 -21.95 58.89
N TRP H 169 -12.27 -22.54 58.11
CA TRP H 169 -11.66 -23.82 58.48
C TRP H 169 -10.35 -23.63 59.20
N ILE H 170 -10.00 -24.57 60.05
CA ILE H 170 -8.69 -24.52 60.68
C ILE H 170 -7.62 -24.43 59.60
N LEU H 171 -6.70 -23.49 59.72
CA LEU H 171 -5.53 -23.47 58.84
C LEU H 171 -4.48 -24.55 59.23
N PRO H 172 -3.77 -25.05 58.24
CA PRO H 172 -2.61 -25.85 58.58
C PRO H 172 -1.54 -24.94 59.11
N THR H 173 -0.81 -25.41 60.13
CA THR H 173 0.21 -24.59 60.81
C THR H 173 1.59 -25.23 60.75
N VAL H 174 1.68 -26.45 60.21
CA VAL H 174 2.95 -27.16 60.04
C VAL H 174 3.00 -27.72 58.63
N TYR H 175 4.20 -27.69 58.02
CA TYR H 175 4.50 -28.36 56.76
C TYR H 175 5.66 -29.28 57.00
N GLN H 176 5.49 -30.54 56.60
CA GLN H 176 6.56 -31.53 56.75
C GLN H 176 7.13 -31.82 55.38
N GLY H 177 8.42 -31.45 55.22
CA GLY H 177 9.04 -31.46 53.90
C GLY H 177 10.43 -32.06 53.80
N MET H 178 10.73 -32.50 52.60
CA MET H 178 12.00 -33.07 52.23
C MET H 178 13.11 -31.99 52.20
N TYR H 179 14.09 -32.12 53.11
CA TYR H 179 15.12 -31.10 53.22
C TYR H 179 16.42 -31.68 53.84
N ASN H 180 17.54 -31.48 53.13
CA ASN H 180 18.83 -31.86 53.62
C ASN H 180 19.91 -31.06 52.89
N ALA H 181 21.17 -31.25 53.32
CA ALA H 181 22.28 -30.43 52.81
C ALA H 181 22.43 -30.52 51.28
N THR H 182 21.96 -31.60 50.67
CA THR H 182 22.07 -31.78 49.24
C THR H 182 20.68 -31.81 48.57
N THR H 183 19.64 -31.42 49.29
CA THR H 183 18.29 -31.43 48.75
C THR H 183 17.55 -30.18 49.24
N ARG H 184 17.46 -29.14 48.39
CA ARG H 184 17.12 -27.81 48.86
C ARG H 184 16.09 -27.10 48.05
N GLN H 185 15.33 -27.86 47.28
CA GLN H 185 14.27 -27.30 46.40
C GLN H 185 13.22 -26.48 47.16
N VAL H 186 12.92 -26.90 48.37
CA VAL H 186 11.99 -26.22 49.23
C VAL H 186 12.36 -24.76 49.55
N GLU H 187 13.62 -24.39 49.34
CA GLU H 187 14.08 -23.03 49.75
C GLU H 187 13.51 -21.88 48.92
N ALA H 188 13.44 -22.05 47.61
CA ALA H 188 13.10 -20.93 46.73
C ALA H 188 11.66 -20.43 46.87
N GLU H 189 10.72 -21.35 46.94
CA GLU H 189 9.29 -21.03 46.93
C GLU H 189 8.50 -21.56 48.12
N LEU H 190 8.76 -22.77 48.56
CA LEU H 190 7.97 -23.28 49.65
C LEU H 190 8.19 -22.48 50.94
N LEU H 191 9.43 -22.38 51.38
CA LEU H 191 9.74 -21.63 52.59
C LEU H 191 9.11 -20.20 52.68
N PRO H 192 9.33 -19.37 51.66
CA PRO H 192 8.66 -18.03 51.67
C PRO H 192 7.16 -18.09 51.83
N CYS H 193 6.55 -19.07 51.19
CA CYS H 193 5.11 -19.24 51.26
C CYS H 193 4.66 -19.56 52.66
N LEU H 194 5.40 -20.46 53.31
CA LEU H 194 5.11 -20.85 54.67
C LEU H 194 5.27 -19.72 55.69
N ARG H 195 6.28 -18.87 55.49
CA ARG H 195 6.52 -17.69 56.32
C ARG H 195 5.38 -16.76 56.16
N HIS H 196 4.90 -16.58 54.93
CA HIS H 196 3.77 -15.70 54.69
C HIS H 196 2.50 -16.21 55.40
N PHE H 197 2.23 -17.51 55.34
CA PHE H 197 0.99 -18.06 55.86
C PHE H 197 1.10 -18.60 57.30
N GLY H 198 2.31 -18.53 57.87
CA GLY H 198 2.52 -18.76 59.30
C GLY H 198 2.69 -20.20 59.69
N LEU H 199 3.32 -20.99 58.82
CA LEU H 199 3.54 -22.44 59.07
C LEU H 199 4.97 -22.63 59.47
N ARG H 200 5.18 -23.52 60.41
CA ARG H 200 6.54 -23.94 60.75
C ARG H 200 6.86 -25.20 59.90
N PHE H 201 8.15 -25.45 59.69
CA PHE H 201 8.61 -26.49 58.75
C PHE H 201 9.39 -27.55 59.51
N TYR H 202 8.98 -28.78 59.28
CA TYR H 202 9.63 -29.96 59.84
C TYR H 202 10.30 -30.74 58.70
N ALA H 203 11.60 -30.97 58.82
CA ALA H 203 12.36 -31.57 57.74
C ALA H 203 12.45 -33.09 57.87
N TYR H 204 11.99 -33.80 56.86
CA TYR H 204 12.23 -35.22 56.77
C TYR H 204 13.35 -35.52 55.77
N ASN H 205 13.84 -36.76 55.77
CA ASN H 205 15.03 -37.18 55.01
C ASN H 205 16.21 -36.30 55.28
N PRO H 206 16.47 -35.96 56.55
CA PRO H 206 17.62 -35.07 56.83
C PRO H 206 19.01 -35.66 56.55
N LEU H 207 19.04 -36.98 56.35
CA LEU H 207 20.24 -37.69 55.91
C LEU H 207 20.08 -38.33 54.54
N ALA H 208 19.13 -37.81 53.75
CA ALA H 208 18.79 -38.37 52.46
C ALA H 208 18.51 -39.89 52.58
N GLY H 209 17.71 -40.25 53.54
CA GLY H 209 17.40 -41.68 53.71
C GLY H 209 18.58 -42.52 54.15
N GLY H 210 19.67 -41.84 54.56
CA GLY H 210 20.93 -42.49 55.00
C GLY H 210 22.04 -42.37 53.97
N LEU H 211 21.75 -41.83 52.79
CA LEU H 211 22.83 -41.58 51.82
C LEU H 211 23.94 -40.68 52.41
N LEU H 212 23.53 -39.66 53.16
CA LEU H 212 24.45 -38.66 53.70
C LEU H 212 25.27 -39.18 54.91
N THR H 213 25.17 -40.47 55.20
CA THR H 213 26.09 -41.10 56.15
C THR H 213 27.41 -41.43 55.49
N GLY H 214 27.45 -41.42 54.17
CA GLY H 214 28.63 -41.83 53.44
C GLY H 214 28.89 -43.34 53.43
N LYS H 215 27.93 -44.13 53.92
CA LYS H 215 28.15 -45.57 54.08
C LYS H 215 28.00 -46.35 52.76
N TYR H 216 27.57 -45.69 51.67
CA TYR H 216 27.33 -46.40 50.42
C TYR H 216 28.30 -45.93 49.34
N LYS H 217 28.33 -46.69 48.24
CA LYS H 217 29.08 -46.38 47.02
C LYS H 217 28.09 -46.63 45.90
N TYR H 218 28.15 -45.81 44.86
CA TYR H 218 27.16 -45.91 43.80
C TYR H 218 26.97 -47.34 43.27
N GLU H 219 28.06 -48.08 43.17
CA GLU H 219 28.02 -49.38 42.48
C GLU H 219 27.43 -50.49 43.40
N ASP H 220 27.15 -50.15 44.66
CA ASP H 220 26.33 -50.99 45.51
C ASP H 220 24.98 -51.39 44.90
N LYS H 221 24.44 -50.58 44.00
CA LYS H 221 23.16 -50.89 43.36
C LYS H 221 23.27 -52.08 42.43
N ASP H 222 24.46 -52.33 41.88
CA ASP H 222 24.68 -53.49 40.99
C ASP H 222 25.09 -54.75 41.72
N GLY H 223 25.73 -54.56 42.87
CA GLY H 223 26.41 -55.67 43.57
C GLY H 223 25.85 -55.93 44.94
N LYS H 224 26.47 -55.29 45.94
CA LYS H 224 26.20 -55.53 47.38
C LYS H 224 24.66 -55.48 47.67
N GLN H 225 24.02 -54.39 47.24
CA GLN H 225 22.59 -54.13 47.53
C GLN H 225 22.31 -54.34 48.99
N PRO H 226 23.03 -53.56 49.83
CA PRO H 226 22.89 -53.73 51.26
C PRO H 226 21.46 -53.44 51.71
N VAL H 227 20.86 -54.40 52.38
CA VAL H 227 19.51 -54.29 52.87
C VAL H 227 19.38 -53.06 53.78
N GLY H 228 18.30 -52.33 53.54
CA GLY H 228 18.07 -51.08 54.23
C GLY H 228 17.17 -50.17 53.40
N ARG H 229 17.18 -48.89 53.70
CA ARG H 229 16.31 -47.96 52.98
C ARG H 229 16.29 -48.13 51.46
N PHE H 230 17.45 -48.38 50.87
CA PHE H 230 17.60 -48.34 49.44
C PHE H 230 17.49 -49.69 48.75
N PHE H 231 17.34 -50.77 49.52
CA PHE H 231 17.30 -52.13 48.93
C PHE H 231 16.42 -53.04 49.76
N GLY H 232 15.52 -53.70 49.05
CA GLY H 232 14.82 -54.85 49.62
C GLY H 232 13.38 -54.64 50.01
N ASN H 233 12.94 -53.39 50.10
CA ASN H 233 11.59 -53.08 50.54
C ASN H 233 10.80 -52.38 49.42
N ASN H 234 9.51 -52.20 49.69
CA ASN H 234 8.59 -51.70 48.65
C ASN H 234 8.78 -50.24 48.23
N TRP H 235 9.44 -49.44 49.07
CA TRP H 235 9.80 -48.06 48.67
C TRP H 235 11.21 -47.88 48.20
N ALA H 236 11.98 -48.94 48.15
CA ALA H 236 13.42 -48.83 47.85
C ALA H 236 13.66 -48.16 46.47
N GLU H 237 12.95 -48.57 45.44
CA GLU H 237 13.09 -47.94 44.10
C GLU H 237 12.80 -46.48 44.16
N THR H 238 11.79 -46.13 44.93
CA THR H 238 11.45 -44.75 45.05
C THR H 238 12.60 -43.95 45.66
N TYR H 239 13.19 -44.53 46.71
CA TYR H 239 14.35 -43.94 47.38
C TYR H 239 15.59 -43.88 46.48
N ARG H 240 15.82 -44.92 45.66
CA ARG H 240 16.92 -44.84 44.67
C ARG H 240 16.71 -43.74 43.61
N ASN H 241 15.49 -43.64 43.12
CA ASN H 241 15.15 -42.60 42.18
C ASN H 241 15.36 -41.22 42.79
N ARG H 242 15.10 -41.13 44.09
CA ARG H 242 15.11 -39.86 44.80
C ARG H 242 16.53 -39.36 45.00
N PHE H 243 17.41 -40.24 45.46
CA PHE H 243 18.70 -39.83 45.93
C PHE H 243 19.87 -40.57 45.34
N TRP H 244 19.67 -41.75 44.74
CA TRP H 244 20.79 -42.63 44.34
C TRP H 244 21.31 -42.26 42.97
N LYS H 245 22.08 -41.20 42.90
CA LYS H 245 22.58 -40.64 41.66
C LYS H 245 24.06 -40.41 41.78
N GLU H 246 24.76 -40.69 40.68
CA GLU H 246 26.20 -40.53 40.62
C GLU H 246 26.67 -39.16 41.10
N HIS H 247 26.03 -38.08 40.61
CA HIS H 247 26.41 -36.72 41.03
C HIS H 247 26.29 -36.55 42.56
N HIS H 248 25.33 -37.26 43.15
CA HIS H 248 25.11 -37.17 44.60
C HIS H 248 26.25 -37.81 45.34
N PHE H 249 26.70 -38.95 44.86
CA PHE H 249 27.90 -39.58 45.47
C PHE H 249 29.16 -38.71 45.32
N GLU H 250 29.35 -38.13 44.14
CA GLU H 250 30.48 -37.22 43.89
C GLU H 250 30.37 -36.05 44.85
N ALA H 251 29.15 -35.59 45.07
CA ALA H 251 28.90 -34.47 45.96
C ALA H 251 29.29 -34.78 47.39
N ILE H 252 28.91 -35.99 47.81
CA ILE H 252 29.23 -36.47 49.15
C ILE H 252 30.72 -36.57 49.31
N ALA H 253 31.42 -37.13 48.31
CA ALA H 253 32.89 -37.33 48.36
C ALA H 253 33.67 -36.01 48.51
N LEU H 254 33.12 -34.99 47.89
CA LEU H 254 33.61 -33.63 47.95
C LEU H 254 33.60 -33.12 49.38
N VAL H 255 32.51 -33.38 50.09
CA VAL H 255 32.39 -32.97 51.50
C VAL H 255 33.29 -33.83 52.40
N GLU H 256 33.39 -35.13 52.12
CA GLU H 256 34.27 -36.02 52.91
C GLU H 256 35.72 -35.50 52.82
N LYS H 257 36.11 -35.09 51.62
CA LYS H 257 37.43 -34.50 51.39
C LYS H 257 37.64 -33.18 52.17
N ALA H 258 36.61 -32.34 52.19
CA ALA H 258 36.67 -31.08 52.92
C ALA H 258 36.76 -31.31 54.44
N LEU H 259 36.06 -32.32 54.92
CA LEU H 259 36.14 -32.70 56.32
C LEU H 259 37.60 -33.06 56.70
N GLN H 260 38.22 -33.97 55.93
CA GLN H 260 39.59 -34.43 56.24
C GLN H 260 40.57 -33.27 56.15
N THR H 261 40.44 -32.46 55.10
CA THR H 261 41.29 -31.29 54.90
C THR H 261 41.14 -30.30 56.04
N THR H 262 39.93 -30.03 56.46
CA THR H 262 39.70 -29.01 57.48
C THR H 262 40.01 -29.48 58.91
N TYR H 263 39.71 -30.74 59.23
CA TYR H 263 39.72 -31.21 60.61
C TYR H 263 40.78 -32.28 60.90
N GLY H 264 41.29 -32.94 59.84
CA GLY H 264 42.23 -34.07 59.94
C GLY H 264 41.65 -35.29 60.64
N THR H 265 42.40 -35.79 61.61
CA THR H 265 42.05 -36.94 62.42
C THR H 265 40.87 -36.66 63.37
N ASN H 266 40.67 -35.38 63.69
CA ASN H 266 39.50 -34.91 64.46
C ASN H 266 38.23 -34.79 63.61
N ALA H 267 38.23 -35.29 62.37
CA ALA H 267 37.11 -35.01 61.44
C ALA H 267 35.82 -35.67 61.92
N PRO H 268 34.73 -34.88 61.98
CA PRO H 268 33.43 -35.47 62.21
C PRO H 268 33.09 -36.44 61.11
N ARG H 269 32.27 -37.42 61.47
CA ARG H 269 31.68 -38.30 60.49
C ARG H 269 30.74 -37.51 59.63
N MET H 270 30.63 -37.99 58.41
CA MET H 270 29.71 -37.40 57.43
C MET H 270 28.29 -37.26 58.05
N THR H 271 27.80 -38.30 58.75
CA THR H 271 26.52 -38.28 59.46
C THR H 271 26.41 -37.07 60.38
N SER H 272 27.46 -36.83 61.12
CA SER H 272 27.43 -35.75 62.10
C SER H 272 27.53 -34.37 61.42
N ALA H 273 28.34 -34.31 60.37
CA ALA H 273 28.40 -33.10 59.51
C ALA H 273 27.10 -32.71 58.85
N ALA H 274 26.40 -33.70 58.27
CA ALA H 274 25.15 -33.48 57.57
C ALA H 274 24.09 -32.98 58.57
N LEU H 275 24.01 -33.58 59.76
CA LEU H 275 22.98 -33.16 60.73
C LEU H 275 23.32 -31.75 61.24
N ARG H 276 24.61 -31.51 61.52
CA ARG H 276 25.05 -30.19 61.95
C ARG H 276 24.75 -29.10 60.94
N TRP H 277 24.82 -29.44 59.65
CA TRP H 277 24.34 -28.53 58.59
C TRP H 277 22.86 -28.10 58.79
N MET H 278 22.02 -29.10 59.09
CA MET H 278 20.58 -28.84 59.32
C MET H 278 20.34 -27.87 60.51
N TYR H 279 21.02 -28.12 61.64
CA TYR H 279 20.85 -27.32 62.85
C TYR H 279 21.52 -25.96 62.80
N HIS H 280 22.61 -25.82 62.05
CA HIS H 280 23.36 -24.56 62.12
C HIS H 280 23.41 -23.77 60.80
N HIS H 281 23.20 -24.43 59.67
CA HIS H 281 23.55 -23.82 58.38
C HIS H 281 22.46 -23.86 57.35
N SER H 282 21.31 -24.34 57.72
CA SER H 282 20.21 -24.50 56.80
C SER H 282 19.35 -23.25 56.98
N GLN H 283 18.23 -23.22 56.29
CA GLN H 283 17.28 -22.14 56.44
C GLN H 283 16.20 -22.39 57.48
N LEU H 284 16.32 -23.51 58.21
CA LEU H 284 15.45 -23.75 59.34
C LEU H 284 15.66 -22.66 60.38
N GLN H 285 14.56 -22.17 60.96
CA GLN H 285 14.63 -21.22 62.05
C GLN H 285 13.94 -21.78 63.31
N GLY H 286 14.73 -22.06 64.34
CA GLY H 286 14.21 -22.50 65.63
C GLY H 286 13.21 -21.53 66.22
N THR H 287 13.40 -20.23 66.01
CA THR H 287 12.47 -19.19 66.49
C THR H 287 11.09 -19.31 65.87
N ARG H 288 11.03 -19.87 64.67
CA ARG H 288 9.72 -20.13 64.00
C ARG H 288 9.10 -21.49 64.39
N GLY H 289 9.81 -22.26 65.22
CA GLY H 289 9.38 -23.61 65.60
C GLY H 289 9.77 -24.67 64.57
N ASP H 290 10.64 -24.31 63.65
CA ASP H 290 11.11 -25.25 62.66
C ASP H 290 11.84 -26.35 63.36
N ALA H 291 11.86 -27.53 62.74
CA ALA H 291 12.40 -28.73 63.39
C ALA H 291 12.98 -29.70 62.38
N VAL H 292 13.89 -30.54 62.86
CA VAL H 292 14.47 -31.66 62.10
C VAL H 292 13.86 -32.95 62.63
N ILE H 293 13.32 -33.78 61.75
CA ILE H 293 12.84 -35.08 62.14
C ILE H 293 13.95 -36.13 61.93
N LEU H 294 14.52 -36.62 63.02
CA LEU H 294 15.56 -37.65 62.93
C LEU H 294 15.03 -39.00 62.51
N GLY H 295 15.84 -39.75 61.80
CA GLY H 295 15.50 -41.13 61.37
C GLY H 295 16.54 -42.12 61.90
N MET H 296 16.13 -43.37 62.02
CA MET H 296 17.00 -44.45 62.46
C MET H 296 16.33 -45.77 62.19
N SER H 297 17.15 -46.77 62.00
CA SER H 297 16.64 -48.12 61.99
C SER H 297 17.22 -48.93 63.16
N SER H 298 17.92 -48.26 64.07
CA SER H 298 18.42 -48.85 65.26
C SER H 298 18.59 -47.77 66.35
N LEU H 299 18.64 -48.21 67.61
CA LEU H 299 18.93 -47.34 68.78
C LEU H 299 20.32 -46.72 68.72
N GLU H 300 21.27 -47.53 68.27
CA GLU H 300 22.66 -47.13 68.07
C GLU H 300 22.82 -45.96 67.07
N GLN H 301 22.13 -46.04 65.92
CA GLN H 301 22.06 -44.92 64.96
C GLN H 301 21.46 -43.66 65.57
N LEU H 302 20.37 -43.84 66.28
CA LEU H 302 19.72 -42.72 66.91
C LEU H 302 20.61 -42.00 67.92
N GLU H 303 21.32 -42.76 68.75
CA GLU H 303 22.19 -42.19 69.77
C GLU H 303 23.31 -41.39 69.11
N GLN H 304 23.87 -41.93 68.04
CA GLN H 304 24.83 -41.19 67.22
C GLN H 304 24.18 -39.89 66.69
N ASN H 305 22.97 -40.01 66.16
CA ASN H 305 22.26 -38.86 65.57
C ASN H 305 21.96 -37.78 66.63
N LEU H 306 21.46 -38.20 67.80
CA LEU H 306 21.22 -37.29 68.92
C LEU H 306 22.48 -36.56 69.41
N ALA H 307 23.61 -37.25 69.38
CA ALA H 307 24.89 -36.62 69.78
C ALA H 307 25.25 -35.51 68.78
N ALA H 308 25.03 -35.79 67.50
CA ALA H 308 25.27 -34.82 66.44
C ALA H 308 24.41 -33.58 66.55
N THR H 309 23.17 -33.74 67.00
CA THR H 309 22.27 -32.60 67.08
C THR H 309 22.74 -31.61 68.14
N GLU H 310 23.58 -32.08 69.05
CA GLU H 310 24.07 -31.23 70.12
C GLU H 310 25.45 -30.67 69.87
N GLU H 311 26.11 -31.13 68.80
CA GLU H 311 27.36 -30.52 68.35
C GLU H 311 27.11 -29.10 67.80
N GLY H 312 28.21 -28.36 67.60
CA GLY H 312 28.16 -26.96 67.19
C GLY H 312 28.23 -26.74 65.68
N PRO H 313 28.44 -25.48 65.26
CA PRO H 313 28.59 -25.20 63.83
C PRO H 313 29.85 -25.82 63.24
N LEU H 314 29.82 -25.96 61.92
CA LEU H 314 30.94 -26.43 61.15
C LEU H 314 31.82 -25.27 60.73
N GLU H 315 33.05 -25.61 60.39
CA GLU H 315 33.99 -24.64 59.83
C GLU H 315 33.49 -24.16 58.47
N PRO H 316 33.70 -22.87 58.13
CA PRO H 316 33.28 -22.33 56.81
C PRO H 316 33.69 -23.16 55.58
N ALA H 317 34.92 -23.69 55.55
CA ALA H 317 35.38 -24.50 54.42
C ALA H 317 34.46 -25.69 54.17
N VAL H 318 33.90 -26.26 55.23
CA VAL H 318 32.99 -27.41 55.12
C VAL H 318 31.56 -26.95 54.76
N VAL H 319 31.12 -25.83 55.30
CA VAL H 319 29.82 -25.26 54.89
C VAL H 319 29.86 -24.96 53.38
N GLU H 320 30.97 -24.42 52.92
CA GLU H 320 31.13 -24.08 51.52
CA GLU H 320 31.12 -24.10 51.50
C GLU H 320 31.12 -25.38 50.67
N ALA H 321 31.78 -26.43 51.17
CA ALA H 321 31.80 -27.73 50.47
C ALA H 321 30.40 -28.29 50.33
N PHE H 322 29.57 -28.09 51.35
CA PHE H 322 28.14 -28.44 51.30
C PHE H 322 27.36 -27.65 50.26
N ASP H 323 27.71 -26.39 50.04
CA ASP H 323 27.07 -25.63 48.94
C ASP H 323 27.53 -26.11 47.57
N GLN H 324 28.82 -26.37 47.43
CA GLN H 324 29.36 -26.90 46.19
C GLN H 324 28.62 -28.21 45.86
N ALA H 325 28.34 -29.00 46.87
CA ALA H 325 27.75 -30.33 46.74
C ALA H 325 26.29 -30.25 46.27
N TRP H 326 25.50 -29.36 46.88
CA TRP H 326 24.18 -29.01 46.38
C TRP H 326 24.24 -28.53 44.93
N ASN H 327 25.19 -27.63 44.65
CA ASN H 327 25.32 -27.13 43.30
C ASN H 327 25.44 -28.26 42.29
N MET H 328 26.13 -29.33 42.67
CA MET H 328 26.37 -30.47 41.79
C MET H 328 25.12 -31.26 41.45
N VAL H 329 24.19 -31.30 42.39
CA VAL H 329 22.97 -32.13 42.26
C VAL H 329 21.68 -31.32 41.99
N ALA H 330 21.76 -30.01 42.14
CA ALA H 330 20.57 -29.12 42.00
C ALA H 330 19.72 -29.39 40.75
N HIS H 331 20.41 -29.61 39.64
CA HIS H 331 19.71 -29.84 38.39
C HIS H 331 18.92 -31.16 38.33
N GLU H 332 19.23 -32.13 39.21
CA GLU H 332 18.48 -33.37 39.31
C GLU H 332 17.89 -33.58 40.72
N CYS H 333 17.59 -32.50 41.41
CA CYS H 333 16.94 -32.59 42.69
C CYS H 333 15.58 -33.23 42.56
N PRO H 334 15.22 -34.14 43.49
CA PRO H 334 13.86 -34.68 43.49
C PRO H 334 12.89 -33.64 43.98
N ASN H 335 11.63 -33.75 43.56
CA ASN H 335 10.63 -32.80 43.93
C ASN H 335 10.14 -33.02 45.34
N TYR H 336 10.03 -31.93 46.09
CA TYR H 336 9.48 -32.00 47.45
C TYR H 336 7.97 -32.27 47.41
N PHE H 337 7.36 -32.07 46.24
CA PHE H 337 5.88 -32.14 46.06
C PHE H 337 5.52 -33.32 45.19
N ARG H 338 4.31 -33.79 45.35
CA ARG H 338 3.88 -35.03 44.71
C ARG H 338 2.53 -34.79 44.04
N LEU I 15 -6.85 -6.75 70.73
CA LEU I 15 -6.31 -6.24 72.06
C LEU I 15 -6.32 -4.70 72.01
N ARG I 16 -7.22 -4.09 72.77
CA ARG I 16 -7.32 -2.61 72.81
C ARG I 16 -6.19 -2.04 73.67
N PRO I 17 -5.87 -0.75 73.53
CA PRO I 17 -4.83 -0.16 74.37
C PRO I 17 -5.13 -0.32 75.86
N ALA I 18 -4.08 -0.39 76.68
CA ALA I 18 -4.24 -0.35 78.13
C ALA I 18 -4.75 1.02 78.63
N THR I 19 -5.11 1.05 79.90
CA THR I 19 -5.55 2.22 80.55
C THR I 19 -4.67 2.50 81.78
N VAL I 20 -4.16 3.72 81.82
CA VAL I 20 -3.30 4.23 82.89
C VAL I 20 -4.07 5.40 83.55
N LEU I 21 -3.90 5.52 84.88
CA LEU I 21 -4.56 6.58 85.65
C LEU I 21 -3.67 7.79 85.85
N GLY I 22 -4.15 8.93 85.34
CA GLY I 22 -3.52 10.24 85.57
C GLY I 22 -3.80 10.82 86.95
N THR I 23 -2.73 11.37 87.58
CA THR I 23 -2.82 11.82 88.95
C THR I 23 -2.50 13.29 89.11
N MET I 24 -2.49 14.01 88.00
CA MET I 24 -2.11 15.40 87.98
C MET I 24 -2.95 16.25 88.95
N GLU I 25 -4.24 15.91 89.13
CA GLU I 25 -5.18 16.71 89.93
C GLU I 25 -5.29 16.28 91.37
N MET I 26 -4.57 15.23 91.75
CA MET I 26 -4.47 14.79 93.13
C MET I 26 -3.65 15.79 93.94
N GLY I 27 -4.33 16.48 94.83
CA GLY I 27 -3.70 17.57 95.55
C GLY I 27 -4.11 18.94 95.07
N ARG I 28 -4.83 19.06 93.97
CA ARG I 28 -5.36 20.33 93.55
C ARG I 28 -6.88 20.30 93.68
N ARG I 29 -7.61 19.78 92.68
CA ARG I 29 -9.08 19.71 92.81
C ARG I 29 -9.58 18.34 93.26
N MET I 30 -8.64 17.42 93.54
CA MET I 30 -8.97 16.19 94.27
C MET I 30 -8.15 16.04 95.55
N ASP I 31 -8.85 15.87 96.68
CA ASP I 31 -8.22 15.69 97.97
C ASP I 31 -7.86 14.24 98.19
N ALA I 32 -7.27 13.92 99.32
CA ALA I 32 -6.79 12.57 99.52
C ALA I 32 -7.94 11.53 99.46
N SER I 33 -9.14 11.89 99.89
CA SER I 33 -10.25 10.95 99.95
C SER I 33 -10.83 10.73 98.55
N ALA I 34 -10.97 11.78 97.75
CA ALA I 34 -11.40 11.62 96.33
C ALA I 34 -10.37 10.83 95.50
N SER I 35 -9.10 11.05 95.83
CA SER I 35 -8.01 10.39 95.18
C SER I 35 -8.00 8.91 95.47
N ALA I 36 -8.16 8.55 96.74
CA ALA I 36 -8.20 7.13 97.12
C ALA I 36 -9.41 6.44 96.47
N ALA I 37 -10.53 7.15 96.35
CA ALA I 37 -11.76 6.58 95.73
C ALA I 37 -11.51 6.31 94.28
N SER I 38 -10.75 7.22 93.64
CA SER I 38 -10.49 7.16 92.22
C SER I 38 -9.57 6.02 91.86
N VAL I 39 -8.54 5.84 92.67
CA VAL I 39 -7.65 4.68 92.48
C VAL I 39 -8.42 3.37 92.66
N ARG I 40 -9.22 3.29 93.71
CA ARG I 40 -10.06 2.09 93.95
C ARG I 40 -10.98 1.77 92.75
N ALA I 41 -11.64 2.78 92.21
CA ALA I 41 -12.51 2.60 91.07
C ALA I 41 -11.71 2.13 89.87
N PHE I 42 -10.53 2.71 89.71
CA PHE I 42 -9.67 2.35 88.57
C PHE I 42 -9.21 0.89 88.67
N LEU I 43 -8.75 0.50 89.85
CA LEU I 43 -8.26 -0.85 90.07
C LEU I 43 -9.38 -1.89 90.03
N GLU I 44 -10.60 -1.53 90.47
CA GLU I 44 -11.75 -2.42 90.32
C GLU I 44 -12.05 -2.76 88.87
N ARG I 45 -11.73 -1.87 87.94
CA ARG I 45 -11.94 -2.18 86.53
C ARG I 45 -10.82 -3.08 85.98
N GLY I 46 -9.86 -3.45 86.84
CA GLY I 46 -8.84 -4.44 86.53
C GLY I 46 -7.56 -3.84 86.00
N HIS I 47 -7.48 -2.51 85.97
CA HIS I 47 -6.26 -1.81 85.52
C HIS I 47 -5.21 -1.78 86.66
N SER I 48 -4.01 -1.33 86.37
CA SER I 48 -2.96 -1.42 87.37
C SER I 48 -1.88 -0.35 87.34
N GLU I 49 -1.84 0.49 86.31
CA GLU I 49 -0.81 1.52 86.26
C GLU I 49 -1.25 2.91 86.63
N LEU I 50 -0.40 3.58 87.39
CA LEU I 50 -0.61 4.95 87.81
C LEU I 50 0.51 5.91 87.33
N ASP I 51 0.13 7.12 86.93
CA ASP I 51 1.04 8.10 86.41
C ASP I 51 1.06 9.39 87.21
N THR I 52 2.22 9.66 87.81
CA THR I 52 2.42 10.90 88.51
C THR I 52 3.74 11.56 88.05
N ALA I 53 4.11 12.62 88.77
CA ALA I 53 5.31 13.43 88.50
C ALA I 53 5.74 14.12 89.79
N PHE I 54 7.05 14.30 89.96
CA PHE I 54 7.61 15.16 90.98
C PHE I 54 6.92 16.52 90.99
N MET I 55 6.64 17.02 89.80
CA MET I 55 6.08 18.38 89.64
C MET I 55 4.71 18.52 90.24
N TYR I 56 3.85 17.50 90.20
CA TYR I 56 2.40 17.71 90.41
C TYR I 56 2.10 18.09 91.81
N CYS I 57 1.51 19.28 91.93
CA CYS I 57 0.96 19.86 93.15
C CYS I 57 2.02 20.06 94.22
N ASP I 58 3.21 20.47 93.77
CA ASP I 58 4.34 20.72 94.67
C ASP I 58 4.68 19.48 95.47
N GLY I 59 4.40 18.31 94.87
CA GLY I 59 4.66 17.03 95.51
C GLY I 59 3.47 16.38 96.13
N GLN I 60 2.32 17.04 96.14
CA GLN I 60 1.17 16.48 96.91
C GLN I 60 0.55 15.29 96.27
N SER I 61 0.56 15.25 94.94
CA SER I 61 0.04 14.12 94.18
C SER I 61 0.82 12.84 94.64
N GLU I 62 2.16 12.92 94.67
CA GLU I 62 3.00 11.78 95.07
C GLU I 62 2.75 11.44 96.55
N ASN I 63 2.64 12.47 97.38
CA ASN I 63 2.42 12.26 98.82
C ASN I 63 1.11 11.53 99.10
N ILE I 64 0.05 11.97 98.41
CA ILE I 64 -1.28 11.38 98.46
C ILE I 64 -1.22 9.91 98.02
N LEU I 65 -0.53 9.61 96.92
CA LEU I 65 -0.41 8.24 96.43
C LEU I 65 0.38 7.37 97.39
N GLY I 66 1.45 7.94 97.93
CA GLY I 66 2.30 7.23 98.90
C GLY I 66 1.60 6.83 100.18
N GLY I 67 0.54 7.55 100.55
CA GLY I 67 -0.26 7.29 101.72
C GLY I 67 -1.44 6.36 101.51
N LEU I 68 -1.64 5.84 100.30
CA LEU I 68 -2.82 5.01 100.00
C LEU I 68 -2.67 3.53 100.44
N GLY I 69 -1.50 3.18 100.97
CA GLY I 69 -1.20 1.84 101.44
C GLY I 69 -1.10 0.81 100.33
N LEU I 70 -0.60 1.19 99.16
CA LEU I 70 -0.59 0.29 98.01
C LEU I 70 0.67 -0.52 97.97
N GLY I 71 1.61 -0.24 98.86
CA GLY I 71 2.88 -0.97 98.86
C GLY I 71 3.67 -0.84 97.56
N LEU I 72 3.76 0.37 97.02
CA LEU I 72 4.34 0.62 95.70
C LEU I 72 5.77 0.20 95.66
N GLY I 73 6.22 -0.38 94.56
CA GLY I 73 7.62 -0.72 94.39
C GLY I 73 8.11 -1.91 95.17
N SER I 74 7.20 -2.57 95.87
CA SER I 74 7.56 -3.78 96.60
C SER I 74 7.06 -4.98 95.83
N GLY I 75 7.68 -5.22 94.65
CA GLY I 75 7.45 -6.43 93.80
C GLY I 75 7.03 -7.55 94.72
N ASP I 76 5.94 -8.25 94.36
CA ASP I 76 4.92 -8.78 95.32
C ASP I 76 3.76 -7.75 95.26
N CYS I 77 3.62 -7.13 94.10
CA CYS I 77 2.85 -5.90 93.97
C CYS I 77 2.23 -5.78 92.58
N THR I 78 0.92 -5.62 92.61
CA THR I 78 0.09 -5.63 91.41
C THR I 78 0.05 -4.24 90.72
N VAL I 79 -0.02 -3.19 91.55
CA VAL I 79 -0.06 -1.78 91.12
C VAL I 79 1.29 -1.23 90.77
N LYS I 80 1.40 -0.61 89.59
CA LYS I 80 2.66 -0.06 89.09
C LYS I 80 2.64 1.48 89.18
N ILE I 81 3.76 2.07 89.54
CA ILE I 81 3.82 3.56 89.66
C ILE I 81 4.90 4.10 88.71
N ALA I 82 4.54 5.19 88.03
CA ALA I 82 5.48 5.96 87.24
C ALA I 82 5.56 7.37 87.78
N THR I 83 6.79 7.86 87.88
CA THR I 83 7.01 9.30 88.10
C THR I 83 7.97 9.88 87.09
N LYS I 84 8.24 11.19 87.22
CA LYS I 84 9.02 11.95 86.25
C LYS I 84 9.89 13.04 86.89
N ALA I 85 11.08 13.25 86.34
CA ALA I 85 11.96 14.37 86.72
C ALA I 85 11.95 15.44 85.63
N ASN I 86 11.96 16.69 86.02
CA ASN I 86 11.81 17.78 85.02
C ASN I 86 12.89 18.81 85.26
N PRO I 87 13.22 19.59 84.24
CA PRO I 87 14.27 20.61 84.32
C PRO I 87 13.81 21.99 84.74
N TRP I 88 12.54 22.15 85.06
CA TRP I 88 11.99 23.50 85.21
C TRP I 88 12.44 24.21 86.45
N GLU I 89 12.23 25.52 86.45
CA GLU I 89 12.43 26.37 87.59
C GLU I 89 13.84 26.27 88.09
N GLY I 90 14.75 26.15 87.15
CA GLY I 90 16.17 26.10 87.40
C GLY I 90 16.73 24.73 87.75
N LYS I 91 15.93 23.69 87.84
CA LYS I 91 16.43 22.43 88.37
C LYS I 91 17.38 21.75 87.41
N SER I 92 17.09 21.80 86.12
CA SER I 92 17.86 21.05 85.12
C SER I 92 17.68 19.54 85.19
N LEU I 93 18.19 18.87 84.17
CA LEU I 93 18.31 17.44 84.16
C LEU I 93 19.75 17.01 84.33
N LYS I 94 20.56 17.81 85.01
CA LYS I 94 21.89 17.37 85.41
C LYS I 94 21.77 16.18 86.38
N PRO I 95 22.83 15.35 86.44
CA PRO I 95 22.80 14.20 87.31
C PRO I 95 22.32 14.42 88.77
N ASP I 96 22.85 15.43 89.46
CA ASP I 96 22.46 15.64 90.82
C ASP I 96 21.02 16.01 90.95
N SER I 97 20.49 16.73 89.96
CA SER I 97 19.08 17.13 89.94
C SER I 97 18.12 15.98 89.73
N ILE I 98 18.42 15.14 88.78
CA ILE I 98 17.70 13.89 88.50
C ILE I 98 17.66 12.96 89.74
N ARG I 99 18.82 12.78 90.36
CA ARG I 99 18.91 11.97 91.55
C ARG I 99 17.98 12.55 92.63
N SER I 100 18.13 13.83 92.89
CA SER I 100 17.39 14.46 93.95
C SER I 100 15.91 14.34 93.75
N GLN I 101 15.47 14.61 92.55
CA GLN I 101 14.02 14.52 92.24
C GLN I 101 13.49 13.11 92.41
N LEU I 102 14.22 12.12 91.89
CA LEU I 102 13.79 10.72 92.04
C LEU I 102 13.80 10.28 93.50
N GLU I 103 14.85 10.58 94.23
CA GLU I 103 14.90 10.24 95.66
C GLU I 103 13.81 10.89 96.45
N THR I 104 13.50 12.12 96.13
CA THR I 104 12.38 12.82 96.77
C THR I 104 11.02 12.19 96.47
N SER I 105 10.88 11.82 95.20
CA SER I 105 9.69 11.10 94.75
C SER I 105 9.53 9.78 95.48
N LEU I 106 10.59 8.99 95.58
CA LEU I 106 10.53 7.73 96.31
C LEU I 106 10.08 7.89 97.76
N LYS I 107 10.59 8.90 98.42
CA LYS I 107 10.22 9.17 99.79
C LYS I 107 8.72 9.46 99.86
N ARG I 108 8.25 10.33 98.98
CA ARG I 108 6.84 10.73 99.02
C ARG I 108 5.93 9.56 98.69
N LEU I 109 6.35 8.76 97.72
CA LEU I 109 5.62 7.55 97.32
C LEU I 109 5.72 6.39 98.31
N GLN I 110 6.61 6.55 99.30
CA GLN I 110 6.83 5.55 100.33
C GLN I 110 7.19 4.27 99.68
N CYS I 111 8.15 4.34 98.76
CA CYS I 111 8.54 3.17 98.03
C CYS I 111 10.02 3.10 97.70
N PRO I 112 10.53 1.89 97.60
CA PRO I 112 11.96 1.73 97.37
C PRO I 112 12.39 1.95 95.90
N ARG I 113 11.41 1.88 95.00
CA ARG I 113 11.70 1.87 93.59
C ARG I 113 10.43 2.13 92.83
N VAL I 114 10.51 2.87 91.74
CA VAL I 114 9.36 3.07 90.83
C VAL I 114 9.53 2.14 89.63
N ASP I 115 8.38 1.75 89.09
CA ASP I 115 8.34 0.82 87.95
C ASP I 115 8.77 1.53 86.67
N LEU I 116 8.46 2.84 86.61
CA LEU I 116 8.77 3.65 85.44
C LEU I 116 9.22 5.07 85.86
N PHE I 117 10.36 5.49 85.31
CA PHE I 117 10.90 6.84 85.57
C PHE I 117 11.10 7.58 84.27
N TYR I 118 10.42 8.71 84.13
CA TYR I 118 10.54 9.50 82.91
C TYR I 118 11.39 10.76 83.04
N LEU I 119 12.04 11.13 81.93
CA LEU I 119 12.49 12.51 81.67
C LEU I 119 11.27 13.27 81.13
N HIS I 120 10.78 14.22 81.93
CA HIS I 120 9.46 14.80 81.77
C HIS I 120 9.40 15.65 80.52
N ALA I 121 10.51 16.33 80.25
CA ALA I 121 10.65 17.19 79.05
C ALA I 121 12.13 17.48 78.88
N PRO I 122 12.60 17.75 77.64
CA PRO I 122 14.03 17.99 77.41
C PRO I 122 14.64 19.17 78.13
N ASP I 123 15.89 19.00 78.52
CA ASP I 123 16.70 20.09 79.06
C ASP I 123 17.71 20.37 77.99
N HIS I 124 17.47 21.40 77.18
CA HIS I 124 18.35 21.69 76.05
C HIS I 124 19.68 22.31 76.43
N SER I 125 19.85 22.60 77.72
CA SER I 125 21.08 23.15 78.28
C SER I 125 22.04 22.12 78.82
N THR I 126 21.55 20.89 78.97
CA THR I 126 22.35 19.82 79.52
C THR I 126 22.52 18.75 78.46
N PRO I 127 23.78 18.47 78.09
CA PRO I 127 23.99 17.36 77.15
C PRO I 127 23.34 16.07 77.59
N VAL I 128 22.65 15.47 76.66
CA VAL I 128 21.78 14.35 76.95
C VAL I 128 22.57 13.13 77.51
N GLU I 129 23.82 12.97 77.09
CA GLU I 129 24.67 11.88 77.57
C GLU I 129 24.87 11.99 79.10
N GLU I 130 24.96 13.22 79.63
CA GLU I 130 25.09 13.43 81.11
C GLU I 130 23.90 12.83 81.88
N THR I 131 22.74 13.22 81.39
CA THR I 131 21.46 12.81 81.94
C THR I 131 21.31 11.31 81.80
N LEU I 132 21.60 10.77 80.62
CA LEU I 132 21.40 9.32 80.39
C LEU I 132 22.32 8.47 81.26
N CYS I 133 23.56 8.92 81.38
CA CYS I 133 24.52 8.26 82.23
C CYS I 133 24.03 8.16 83.71
N ALA I 134 23.50 9.26 84.21
CA ALA I 134 22.97 9.31 85.55
C ALA I 134 21.74 8.43 85.69
N CYS I 135 20.86 8.42 84.68
CA CYS I 135 19.72 7.51 84.64
C CYS I 135 20.18 6.07 84.78
N HIS I 136 21.24 5.71 84.05
CA HIS I 136 21.74 4.33 84.12
C HIS I 136 22.18 4.00 85.51
N GLN I 137 22.94 4.90 86.11
CA GLN I 137 23.38 4.76 87.50
C GLN I 137 22.26 4.48 88.49
N LEU I 138 21.23 5.28 88.42
CA LEU I 138 20.10 5.17 89.31
C LEU I 138 19.35 3.85 89.10
N HIS I 139 19.26 3.38 87.85
CA HIS I 139 18.75 2.09 87.56
C HIS I 139 19.64 0.98 88.19
N GLN I 140 20.96 1.09 88.05
CA GLN I 140 21.90 0.14 88.65
C GLN I 140 21.74 0.06 90.18
N GLU I 141 21.36 1.18 90.79
CA GLU I 141 21.08 1.22 92.24
C GLU I 141 19.72 0.65 92.63
N GLY I 142 18.90 0.35 91.64
CA GLY I 142 17.61 -0.25 91.86
C GLY I 142 16.50 0.71 92.12
N LYS I 143 16.70 1.98 91.77
CA LYS I 143 15.70 3.02 92.07
C LYS I 143 14.57 3.12 91.06
N PHE I 144 14.74 2.53 89.87
CA PHE I 144 13.59 2.37 88.93
C PHE I 144 13.83 1.18 88.02
N VAL I 145 12.73 0.65 87.52
CA VAL I 145 12.75 -0.58 86.67
C VAL I 145 12.96 -0.18 85.20
N GLU I 146 12.05 0.61 84.67
CA GLU I 146 12.14 1.09 83.27
C GLU I 146 12.35 2.63 83.19
N LEU I 147 13.08 3.01 82.14
CA LEU I 147 13.25 4.38 81.72
C LEU I 147 12.19 4.84 80.67
N GLY I 148 11.65 6.04 80.82
CA GLY I 148 10.75 6.59 79.80
C GLY I 148 11.18 7.99 79.40
N LEU I 149 10.69 8.42 78.22
CA LEU I 149 10.84 9.80 77.75
C LEU I 149 9.47 10.43 77.53
N SER I 150 9.41 11.77 77.70
CA SER I 150 8.21 12.52 77.38
C SER I 150 8.63 13.85 76.78
N ASN I 151 7.92 14.27 75.71
CA ASN I 151 8.04 15.57 75.09
C ASN I 151 9.38 15.83 74.38
N TYR I 152 10.04 14.72 74.02
CA TYR I 152 11.25 14.73 73.17
C TYR I 152 10.77 14.51 71.73
N ALA I 153 11.44 15.18 70.78
CA ALA I 153 11.16 14.98 69.34
C ALA I 153 11.65 13.58 68.95
N SER I 154 11.04 13.04 67.91
CA SER I 154 11.40 11.70 67.42
C SER I 154 12.90 11.59 67.21
N TRP I 155 13.48 12.62 66.61
CA TRP I 155 14.90 12.57 66.35
C TRP I 155 15.77 12.55 67.60
N GLU I 156 15.28 13.20 68.66
CA GLU I 156 16.00 13.23 69.93
C GLU I 156 15.88 11.84 70.58
N VAL I 157 14.73 11.24 70.44
CA VAL I 157 14.54 9.83 70.90
C VAL I 157 15.50 8.91 70.19
N ALA I 158 15.66 9.08 68.87
CA ALA I 158 16.57 8.25 68.11
C ALA I 158 18.00 8.41 68.55
N GLU I 159 18.42 9.65 68.77
CA GLU I 159 19.75 9.89 69.31
C GLU I 159 19.95 9.14 70.63
N ILE I 160 18.99 9.33 71.52
CA ILE I 160 19.08 8.78 72.86
C ILE I 160 19.22 7.26 72.80
N CYS I 161 18.33 6.61 72.09
CA CYS I 161 18.37 5.18 71.99
C CYS I 161 19.65 4.68 71.38
N THR I 162 20.12 5.38 70.34
CA THR I 162 21.38 5.00 69.73
C THR I 162 22.56 5.18 70.71
N LEU I 163 22.63 6.28 71.46
CA LEU I 163 23.72 6.51 72.42
C LEU I 163 23.68 5.49 73.53
N CYS I 164 22.49 5.22 74.05
CA CYS I 164 22.36 4.22 75.10
C CYS I 164 22.94 2.88 74.66
N LYS I 165 22.56 2.47 73.45
CA LYS I 165 23.03 1.19 72.94
C LYS I 165 24.57 1.15 72.83
N SER I 166 25.18 2.22 72.30
CA SER I 166 26.64 2.30 72.21
C SER I 166 27.31 2.31 73.57
N ASN I 167 26.66 2.93 74.55
CA ASN I 167 27.28 3.18 75.84
C ASN I 167 26.93 2.15 76.93
N GLY I 168 26.16 1.14 76.56
CA GLY I 168 25.62 0.21 77.55
C GLY I 168 24.74 0.83 78.65
N TRP I 169 23.98 1.85 78.32
CA TRP I 169 23.02 2.36 79.24
C TRP I 169 21.67 1.75 79.00
N ILE I 170 20.86 1.68 80.05
CA ILE I 170 19.47 1.23 79.92
C ILE I 170 18.76 2.08 78.83
N LEU I 171 18.05 1.46 77.90
CA LEU I 171 17.29 2.19 76.87
C LEU I 171 15.93 2.59 77.41
N PRO I 172 15.40 3.74 76.96
CA PRO I 172 14.04 4.00 77.34
C PRO I 172 13.12 3.01 76.63
N THR I 173 12.08 2.52 77.30
CA THR I 173 11.17 1.61 76.73
C THR I 173 9.70 2.13 76.62
N VAL I 174 9.47 3.33 77.11
CA VAL I 174 8.17 4.00 77.03
C VAL I 174 8.38 5.46 76.61
N TYR I 175 7.51 5.96 75.73
CA TYR I 175 7.38 7.37 75.44
C TYR I 175 5.98 7.77 75.86
N GLN I 176 5.85 8.88 76.59
CA GLN I 176 4.57 9.46 76.95
C GLN I 176 4.36 10.76 76.20
N GLY I 177 3.32 10.78 75.33
CA GLY I 177 3.14 11.84 74.38
C GLY I 177 1.71 12.37 74.22
N MET I 178 1.63 13.58 73.72
CA MET I 178 0.31 14.22 73.50
C MET I 178 -0.38 13.60 72.28
N TYR I 179 -1.56 13.03 72.50
CA TYR I 179 -2.28 12.34 71.41
C TYR I 179 -3.78 12.31 71.68
N ASN I 180 -4.56 12.79 70.71
CA ASN I 180 -6.01 12.69 70.78
C ASN I 180 -6.61 12.78 69.42
N ALA I 181 -7.93 12.69 69.33
CA ALA I 181 -8.58 12.64 68.04
C ALA I 181 -8.29 13.86 67.17
N THR I 182 -8.07 15.01 67.76
CA THR I 182 -7.80 16.24 67.04
C THR I 182 -6.34 16.74 67.19
N THR I 183 -5.46 15.87 67.73
CA THR I 183 -4.03 16.21 67.94
C THR I 183 -3.15 15.00 67.59
N ARG I 184 -2.66 14.98 66.35
CA ARG I 184 -2.04 13.77 65.78
C ARG I 184 -0.65 13.95 65.18
N GLN I 185 0.06 14.96 65.60
CA GLN I 185 1.38 15.24 65.09
C GLN I 185 2.38 14.13 65.33
N VAL I 186 2.19 13.39 66.41
CA VAL I 186 3.02 12.21 66.74
C VAL I 186 3.02 11.11 65.69
N GLU I 187 1.96 11.09 64.86
CA GLU I 187 1.79 9.94 63.93
C GLU I 187 2.86 9.84 62.84
N ALA I 188 3.23 10.99 62.28
CA ALA I 188 4.09 11.04 61.09
C ALA I 188 5.49 10.51 61.33
N GLU I 189 6.09 10.94 62.44
CA GLU I 189 7.53 10.61 62.71
C GLU I 189 7.76 9.94 64.01
N LEU I 190 7.10 10.42 65.05
CA LEU I 190 7.32 9.87 66.37
C LEU I 190 7.00 8.35 66.48
N LEU I 191 5.78 8.00 66.13
CA LEU I 191 5.34 6.58 66.17
C LEU I 191 6.25 5.58 65.42
N PRO I 192 6.54 5.84 64.15
CA PRO I 192 7.52 5.03 63.44
C PRO I 192 8.88 4.89 64.11
N CYS I 193 9.36 5.93 64.72
CA CYS I 193 10.60 5.89 65.44
C CYS I 193 10.51 4.96 66.61
N LEU I 194 9.40 5.01 67.35
CA LEU I 194 9.24 4.20 68.56
C LEU I 194 9.09 2.74 68.23
N ARG I 195 8.44 2.44 67.13
CA ARG I 195 8.27 1.07 66.68
C ARG I 195 9.64 0.54 66.27
N HIS I 196 10.46 1.35 65.63
CA HIS I 196 11.79 0.92 65.24
C HIS I 196 12.64 0.62 66.43
N PHE I 197 12.57 1.47 67.48
CA PHE I 197 13.44 1.35 68.64
C PHE I 197 12.88 0.54 69.82
N GLY I 198 11.62 0.08 69.71
CA GLY I 198 11.00 -0.80 70.69
C GLY I 198 10.27 -0.13 71.83
N LEU I 199 9.79 1.11 71.67
CA LEU I 199 9.12 1.82 72.74
C LEU I 199 7.62 1.65 72.61
N ARG I 200 6.94 1.50 73.77
CA ARG I 200 5.51 1.60 73.80
C ARG I 200 5.17 3.07 74.06
N PHE I 201 3.95 3.45 73.67
CA PHE I 201 3.48 4.82 73.70
C PHE I 201 2.27 4.96 74.61
N TYR I 202 2.41 5.87 75.58
CA TYR I 202 1.32 6.25 76.53
C TYR I 202 0.85 7.66 76.16
N ALA I 203 -0.45 7.75 75.86
CA ALA I 203 -1.06 8.96 75.37
C ALA I 203 -1.56 9.84 76.52
N TYR I 204 -1.04 11.07 76.65
CA TYR I 204 -1.67 12.05 77.52
C TYR I 204 -2.53 13.05 76.71
N ASN I 205 -3.28 13.85 77.45
CA ASN I 205 -4.25 14.77 76.90
C ASN I 205 -5.30 14.10 75.99
N PRO I 206 -5.76 12.89 76.33
CA PRO I 206 -6.65 12.21 75.40
C PRO I 206 -7.98 12.92 75.13
N LEU I 207 -8.32 13.87 76.00
CA LEU I 207 -9.51 14.70 75.82
C LEU I 207 -9.15 16.15 75.58
N ALA I 208 -7.89 16.39 75.16
CA ALA I 208 -7.33 17.70 74.92
C ALA I 208 -7.53 18.59 76.14
N GLY I 209 -7.19 18.04 77.34
CA GLY I 209 -7.30 18.76 78.61
C GLY I 209 -8.74 19.02 79.03
N GLY I 210 -9.68 18.36 78.35
CA GLY I 210 -11.11 18.51 78.59
C GLY I 210 -11.85 19.20 77.47
N LEU I 211 -11.13 19.75 76.48
CA LEU I 211 -11.79 20.43 75.35
C LEU I 211 -12.70 19.52 74.56
N LEU I 212 -12.29 18.26 74.42
CA LEU I 212 -13.02 17.26 73.67
C LEU I 212 -14.20 16.66 74.41
N THR I 213 -14.56 17.22 75.57
CA THR I 213 -15.84 16.89 76.21
C THR I 213 -17.00 17.73 75.60
N GLY I 214 -16.65 18.74 74.82
CA GLY I 214 -17.65 19.65 74.31
C GLY I 214 -18.21 20.66 75.29
N LYS I 215 -17.68 20.74 76.52
CA LYS I 215 -18.34 21.54 77.59
C LYS I 215 -18.13 23.06 77.46
N TYR I 216 -17.25 23.45 76.53
CA TYR I 216 -16.83 24.86 76.40
C TYR I 216 -17.31 25.48 75.10
N LYS I 217 -17.35 26.83 75.08
CA LYS I 217 -17.60 27.65 73.89
C LYS I 217 -16.39 28.58 73.79
N TYR I 218 -15.92 28.83 72.56
CA TYR I 218 -14.73 29.65 72.34
C TYR I 218 -14.75 30.90 73.18
N GLU I 219 -15.92 31.55 73.24
CA GLU I 219 -16.02 32.89 73.81
C GLU I 219 -16.06 32.86 75.36
N ASP I 220 -16.12 31.65 75.93
CA ASP I 220 -15.81 31.45 77.35
C ASP I 220 -14.51 32.12 77.75
N LYS I 221 -13.52 32.27 76.86
CA LYS I 221 -12.24 32.93 77.21
C LYS I 221 -12.41 34.40 77.60
N ASP I 222 -13.38 35.06 77.00
CA ASP I 222 -13.63 36.48 77.23
C ASP I 222 -14.58 36.70 78.39
N GLY I 223 -15.43 35.72 78.64
CA GLY I 223 -16.54 35.89 79.58
C GLY I 223 -16.47 34.97 80.80
N LYS I 224 -17.13 33.81 80.67
CA LYS I 224 -17.33 32.85 81.76
C LYS I 224 -16.01 32.52 82.46
N GLN I 225 -14.98 32.21 81.68
CA GLN I 225 -13.67 31.79 82.22
C GLN I 225 -13.82 30.74 83.30
N PRO I 226 -14.50 29.64 82.97
CA PRO I 226 -14.84 28.62 83.99
C PRO I 226 -13.60 27.94 84.52
N VAL I 227 -13.48 27.95 85.83
CA VAL I 227 -12.32 27.39 86.54
C VAL I 227 -12.08 25.92 86.21
N GLY I 228 -10.86 25.59 85.92
CA GLY I 228 -10.54 24.21 85.53
C GLY I 228 -9.26 24.28 84.77
N ARG I 229 -9.03 23.30 83.91
CA ARG I 229 -7.81 23.18 83.14
C ARG I 229 -7.45 24.44 82.35
N PHE I 230 -8.46 25.15 81.84
CA PHE I 230 -8.16 26.26 80.91
C PHE I 230 -8.18 27.64 81.55
N PHE I 231 -8.61 27.70 82.81
CA PHE I 231 -8.74 29.01 83.50
C PHE I 231 -8.37 28.93 84.97
N GLY I 232 -7.55 29.87 85.40
CA GLY I 232 -7.31 30.08 86.83
C GLY I 232 -6.06 29.49 87.48
N ASN I 233 -5.27 28.72 86.76
CA ASN I 233 -4.05 28.14 87.32
C ASN I 233 -2.86 28.52 86.46
N ASN I 234 -1.68 28.17 86.90
CA ASN I 234 -0.46 28.63 86.28
C ASN I 234 -0.10 27.99 84.91
N TRP I 235 -0.68 26.86 84.58
CA TRP I 235 -0.58 26.32 83.24
C TRP I 235 -1.76 26.62 82.28
N ALA I 236 -2.74 27.39 82.73
CA ALA I 236 -3.96 27.64 81.96
C ALA I 236 -3.67 28.33 80.61
N GLU I 237 -2.82 29.36 80.59
CA GLU I 237 -2.42 30.03 79.31
C GLU I 237 -1.71 29.06 78.37
N THR I 238 -0.90 28.18 78.94
CA THR I 238 -0.22 27.17 78.16
C THR I 238 -1.24 26.22 77.48
N TYR I 239 -2.23 25.81 78.27
CA TYR I 239 -3.32 25.00 77.76
C TYR I 239 -4.18 25.71 76.74
N ARG I 240 -4.45 26.99 76.95
CA ARG I 240 -5.22 27.76 75.96
C ARG I 240 -4.43 27.88 74.62
N ASN I 241 -3.15 28.19 74.70
CA ASN I 241 -2.29 28.23 73.52
C ASN I 241 -2.25 26.88 72.82
N ARG I 242 -2.26 25.80 73.59
CA ARG I 242 -2.19 24.45 73.07
C ARG I 242 -3.47 24.06 72.31
N PHE I 243 -4.66 24.31 72.89
CA PHE I 243 -5.95 23.78 72.31
C PHE I 243 -7.06 24.79 72.03
N TRP I 244 -7.04 25.92 72.70
CA TRP I 244 -8.18 26.81 72.68
C TRP I 244 -8.13 27.66 71.43
N LYS I 245 -8.62 27.07 70.32
CA LYS I 245 -8.58 27.69 68.98
C LYS I 245 -9.93 27.58 68.29
N GLU I 246 -10.32 28.65 67.62
CA GLU I 246 -11.60 28.66 66.91
C GLU I 246 -11.80 27.43 65.99
N HIS I 247 -10.78 27.07 65.21
CA HIS I 247 -10.91 25.92 64.34
C HIS I 247 -11.17 24.64 65.13
N HIS I 248 -10.62 24.57 66.36
CA HIS I 248 -10.80 23.40 67.21
C HIS I 248 -12.27 23.31 67.68
N PHE I 249 -12.83 24.45 68.04
CA PHE I 249 -14.27 24.52 68.40
C PHE I 249 -15.17 24.15 67.23
N GLU I 250 -14.82 24.64 66.06
CA GLU I 250 -15.50 24.26 64.85
C GLU I 250 -15.42 22.78 64.60
N ALA I 251 -14.24 22.21 64.80
CA ALA I 251 -13.97 20.81 64.56
C ALA I 251 -14.81 19.95 65.48
N ILE I 252 -14.90 20.38 66.74
CA ILE I 252 -15.70 19.66 67.71
C ILE I 252 -17.17 19.67 67.33
N ALA I 253 -17.65 20.82 66.91
CA ALA I 253 -19.03 20.99 66.47
C ALA I 253 -19.42 20.08 65.28
N LEU I 254 -18.45 19.87 64.40
CA LEU I 254 -18.54 18.96 63.26
C LEU I 254 -18.78 17.52 63.74
N VAL I 255 -18.10 17.13 64.80
CA VAL I 255 -18.26 15.77 65.34
C VAL I 255 -19.59 15.64 66.09
N GLU I 256 -19.98 16.67 66.82
CA GLU I 256 -21.20 16.64 67.60
C GLU I 256 -22.36 16.43 66.61
N LYS I 257 -22.26 17.15 65.50
CA LYS I 257 -23.24 17.08 64.43
C LYS I 257 -23.34 15.67 63.82
N ALA I 258 -22.19 15.02 63.64
CA ALA I 258 -22.13 13.66 63.11
C ALA I 258 -22.65 12.60 64.09
N LEU I 259 -22.46 12.83 65.39
CA LEU I 259 -23.01 11.96 66.43
C LEU I 259 -24.56 11.99 66.36
N GLN I 260 -25.09 13.21 66.30
CA GLN I 260 -26.52 13.40 66.28
C GLN I 260 -27.11 12.74 65.05
N THR I 261 -26.49 13.02 63.91
CA THR I 261 -26.96 12.47 62.64
C THR I 261 -26.90 10.95 62.63
N THR I 262 -25.80 10.39 63.14
CA THR I 262 -25.57 8.94 63.05
C THR I 262 -26.34 8.14 64.11
N TYR I 263 -26.49 8.70 65.33
CA TYR I 263 -27.05 7.94 66.44
C TYR I 263 -28.41 8.43 66.98
N GLY I 264 -28.78 9.69 66.68
CA GLY I 264 -30.00 10.32 67.19
C GLY I 264 -29.96 10.59 68.69
N THR I 265 -31.04 10.18 69.36
CA THR I 265 -31.20 10.31 70.79
C THR I 265 -30.32 9.33 71.60
N ASN I 266 -29.89 8.24 70.94
CA ASN I 266 -28.88 7.29 71.49
C ASN I 266 -27.43 7.87 71.44
N ALA I 267 -27.27 9.14 71.07
CA ALA I 267 -25.91 9.57 70.70
C ALA I 267 -25.00 9.55 71.92
N PRO I 268 -23.84 8.89 71.82
CA PRO I 268 -22.81 9.05 72.86
C PRO I 268 -22.44 10.50 73.11
N ARG I 269 -22.06 10.82 74.34
CA ARG I 269 -21.48 12.13 74.59
C ARG I 269 -20.11 12.23 73.91
N MET I 270 -19.76 13.48 73.62
CA MET I 270 -18.47 13.79 72.99
C MET I 270 -17.32 13.16 73.74
N THR I 271 -17.36 13.24 75.08
CA THR I 271 -16.32 12.62 75.92
C THR I 271 -16.12 11.14 75.60
N SER I 272 -17.25 10.46 75.49
CA SER I 272 -17.27 9.03 75.25
C SER I 272 -16.73 8.74 73.84
N ALA I 273 -17.16 9.55 72.88
CA ALA I 273 -16.73 9.46 71.50
C ALA I 273 -15.22 9.69 71.29
N ALA I 274 -14.71 10.71 71.97
CA ALA I 274 -13.29 11.04 71.93
C ALA I 274 -12.39 9.93 72.56
N LEU I 275 -12.86 9.34 73.65
CA LEU I 275 -12.11 8.25 74.26
C LEU I 275 -12.19 6.99 73.42
N ARG I 276 -13.35 6.71 72.87
CA ARG I 276 -13.47 5.55 72.02
C ARG I 276 -12.62 5.67 70.76
N TRP I 277 -12.49 6.86 70.23
CA TRP I 277 -11.55 7.05 69.14
C TRP I 277 -10.14 6.57 69.56
N MET I 278 -9.72 6.89 70.77
CA MET I 278 -8.40 6.48 71.25
C MET I 278 -8.24 4.97 71.28
N TYR I 279 -9.24 4.29 71.81
CA TYR I 279 -9.17 2.84 72.00
C TYR I 279 -9.38 2.05 70.72
N HIS I 280 -10.12 2.60 69.77
CA HIS I 280 -10.50 1.82 68.62
C HIS I 280 -10.07 2.31 67.26
N HIS I 281 -9.73 3.60 67.17
CA HIS I 281 -9.57 4.23 65.86
C HIS I 281 -8.26 4.97 65.66
N SER I 282 -7.44 4.93 66.70
CA SER I 282 -6.18 5.67 66.72
C SER I 282 -5.06 4.72 66.25
N GLN I 283 -3.82 5.23 66.24
CA GLN I 283 -2.69 4.41 65.93
C GLN I 283 -2.12 3.66 67.10
N LEU I 284 -2.70 3.78 68.28
CA LEU I 284 -2.21 3.02 69.41
C LEU I 284 -2.46 1.55 69.18
N GLN I 285 -1.48 0.71 69.53
CA GLN I 285 -1.59 -0.74 69.41
C GLN I 285 -1.46 -1.40 70.78
N GLY I 286 -2.57 -2.00 71.26
CA GLY I 286 -2.60 -2.77 72.51
C GLY I 286 -1.59 -3.90 72.53
N THR I 287 -1.37 -4.54 71.39
CA THR I 287 -0.35 -5.59 71.31
C THR I 287 1.07 -5.07 71.54
N ARG I 288 1.32 -3.79 71.32
CA ARG I 288 2.62 -3.18 71.64
C ARG I 288 2.76 -2.71 73.07
N GLY I 289 1.69 -2.79 73.85
CA GLY I 289 1.67 -2.21 75.20
C GLY I 289 1.24 -0.76 75.28
N ASP I 290 0.76 -0.23 74.15
CA ASP I 290 0.34 1.17 74.07
C ASP I 290 -0.84 1.37 74.98
N ALA I 291 -0.97 2.59 75.48
CA ALA I 291 -1.97 2.86 76.50
C ALA I 291 -2.46 4.27 76.41
N VAL I 292 -3.65 4.47 76.98
CA VAL I 292 -4.26 5.77 77.20
C VAL I 292 -4.15 6.16 78.66
N ILE I 293 -3.62 7.36 78.94
CA ILE I 293 -3.65 7.89 80.29
C ILE I 293 -4.88 8.78 80.51
N LEU I 294 -5.85 8.29 81.26
CA LEU I 294 -7.05 9.05 81.55
C LEU I 294 -6.76 10.17 82.54
N GLY I 295 -7.50 11.26 82.38
CA GLY I 295 -7.45 12.39 83.26
C GLY I 295 -8.81 12.67 83.84
N MET I 296 -8.77 13.36 84.98
CA MET I 296 -10.00 13.68 85.77
C MET I 296 -9.65 14.68 86.84
N SER I 297 -10.64 15.49 87.17
CA SER I 297 -10.57 16.39 88.33
C SER I 297 -11.59 15.97 89.38
N SER I 298 -12.31 14.88 89.09
CA SER I 298 -13.32 14.37 90.00
C SER I 298 -13.55 12.89 89.75
N LEU I 299 -14.05 12.22 90.79
CA LEU I 299 -14.44 10.80 90.74
C LEU I 299 -15.58 10.53 89.76
N GLU I 300 -16.52 11.47 89.67
CA GLU I 300 -17.60 11.35 88.68
C GLU I 300 -17.08 11.33 87.21
N GLN I 301 -16.18 12.25 86.89
CA GLN I 301 -15.58 12.32 85.57
C GLN I 301 -14.85 11.02 85.26
N LEU I 302 -14.08 10.51 86.24
CA LEU I 302 -13.36 9.27 86.09
C LEU I 302 -14.26 8.09 85.77
N GLU I 303 -15.36 7.97 86.50
CA GLU I 303 -16.30 6.87 86.24
C GLU I 303 -16.89 6.93 84.84
N GLN I 304 -17.23 8.13 84.46
CA GLN I 304 -17.73 8.37 83.16
C GLN I 304 -16.68 7.97 82.13
N ASN I 305 -15.43 8.36 82.34
CA ASN I 305 -14.33 7.99 81.41
C ASN I 305 -14.05 6.49 81.36
N LEU I 306 -14.03 5.86 82.53
CA LEU I 306 -13.82 4.41 82.61
C LEU I 306 -14.92 3.64 81.86
N ALA I 307 -16.14 4.13 81.95
CA ALA I 307 -17.24 3.50 81.23
C ALA I 307 -16.96 3.55 79.76
N ALA I 308 -16.53 4.71 79.28
CA ALA I 308 -16.29 4.90 77.84
C ALA I 308 -15.17 4.03 77.28
N THR I 309 -14.18 3.72 78.14
CA THR I 309 -13.05 2.89 77.74
C THR I 309 -13.55 1.49 77.41
N GLU I 310 -14.69 1.13 77.97
CA GLU I 310 -15.25 -0.20 77.74
C GLU I 310 -16.29 -0.27 76.63
N GLU I 311 -16.72 0.88 76.13
CA GLU I 311 -17.58 0.91 75.00
C GLU I 311 -16.87 0.41 73.72
N GLY I 312 -17.63 0.19 72.67
CA GLY I 312 -17.06 -0.39 71.45
C GLY I 312 -16.63 0.64 70.41
N PRO I 313 -16.39 0.18 69.17
CA PRO I 313 -16.09 1.10 68.07
C PRO I 313 -17.25 2.02 67.69
N LEU I 314 -16.89 3.14 67.07
CA LEU I 314 -17.81 4.13 66.57
C LEU I 314 -18.20 3.77 65.19
N GLU I 315 -19.33 4.30 64.79
CA GLU I 315 -19.79 4.15 63.41
C GLU I 315 -18.82 4.89 62.46
N PRO I 316 -18.67 4.36 61.23
CA PRO I 316 -17.82 4.96 60.21
C PRO I 316 -18.01 6.44 60.00
N ALA I 317 -19.24 6.92 59.96
CA ALA I 317 -19.50 8.33 59.67
C ALA I 317 -18.87 9.22 60.74
N VAL I 318 -18.86 8.73 61.97
CA VAL I 318 -18.32 9.50 63.07
C VAL I 318 -16.80 9.45 63.05
N VAL I 319 -16.25 8.28 62.75
CA VAL I 319 -14.77 8.18 62.60
C VAL I 319 -14.33 9.16 61.52
N GLU I 320 -15.07 9.19 60.44
CA GLU I 320 -14.76 10.10 59.35
C GLU I 320 -14.85 11.58 59.80
N ALA I 321 -15.85 11.92 60.61
CA ALA I 321 -15.97 13.31 61.11
C ALA I 321 -14.77 13.68 61.95
N PHE I 322 -14.25 12.71 62.72
CA PHE I 322 -13.04 12.94 63.50
C PHE I 322 -11.86 13.26 62.60
N ASP I 323 -11.78 12.59 61.43
CA ASP I 323 -10.70 12.86 60.50
C ASP I 323 -10.88 14.25 59.95
N GLN I 324 -12.10 14.62 59.57
CA GLN I 324 -12.32 15.97 59.01
C GLN I 324 -11.98 17.04 60.06
N ALA I 325 -12.22 16.70 61.32
CA ALA I 325 -11.95 17.59 62.46
C ALA I 325 -10.43 17.81 62.63
N TRP I 326 -9.66 16.72 62.61
CA TRP I 326 -8.21 16.83 62.62
C TRP I 326 -7.70 17.63 61.47
N ASN I 327 -8.27 17.40 60.28
CA ASN I 327 -7.84 18.16 59.13
C ASN I 327 -8.01 19.66 59.30
N MET I 328 -9.07 20.06 59.98
CA MET I 328 -9.32 21.49 60.19
C MET I 328 -8.30 22.14 61.13
N VAL I 329 -7.75 21.37 62.03
CA VAL I 329 -6.80 21.95 63.02
C VAL I 329 -5.33 21.63 62.78
N ALA I 330 -5.08 20.65 61.91
CA ALA I 330 -3.74 20.11 61.67
C ALA I 330 -2.70 21.24 61.50
N HIS I 331 -3.06 22.28 60.73
CA HIS I 331 -2.09 23.37 60.46
C HIS I 331 -1.67 24.15 61.69
N GLU I 332 -2.47 24.09 62.75
CA GLU I 332 -2.04 24.80 63.98
C GLU I 332 -1.88 23.82 65.17
N CYS I 333 -1.63 22.57 64.86
CA CYS I 333 -1.50 21.56 65.89
C CYS I 333 -0.31 21.93 66.81
N PRO I 334 -0.48 21.77 68.12
CA PRO I 334 0.64 22.04 68.98
C PRO I 334 1.68 20.94 68.91
N ASN I 335 2.89 21.33 69.23
CA ASN I 335 4.05 20.48 69.11
C ASN I 335 4.08 19.46 70.22
N TYR I 336 4.20 18.19 69.85
CA TYR I 336 4.32 17.14 70.83
C TYR I 336 5.67 17.22 71.62
N PHE I 337 6.62 17.97 71.07
CA PHE I 337 8.00 18.05 71.57
C PHE I 337 8.28 19.48 72.06
N ARG I 338 9.23 19.61 72.98
CA ARG I 338 9.48 20.84 73.67
C ARG I 338 10.98 21.10 73.76
N PRO J 14 23.16 39.66 55.76
CA PRO J 14 22.87 38.39 56.52
C PRO J 14 23.74 37.20 56.00
N LEU J 15 23.52 36.85 54.72
CA LEU J 15 24.32 35.95 53.82
C LEU J 15 23.35 34.92 53.22
N ARG J 16 23.12 35.06 51.92
CA ARG J 16 22.10 34.31 51.26
C ARG J 16 22.49 32.87 51.04
N PRO J 17 21.50 32.01 50.93
CA PRO J 17 21.80 30.62 50.60
C PRO J 17 22.47 30.51 49.25
N ALA J 18 23.27 29.47 49.10
CA ALA J 18 23.94 29.18 47.85
C ALA J 18 22.92 28.69 46.82
N THR J 19 23.41 28.61 45.58
CA THR J 19 22.64 28.14 44.47
C THR J 19 23.35 26.96 43.82
N VAL J 20 22.56 25.90 43.67
CA VAL J 20 22.94 24.63 43.06
C VAL J 20 22.08 24.42 41.80
N LEU J 21 22.69 23.83 40.75
CA LEU J 21 22.00 23.61 39.49
C LEU J 21 21.46 22.21 39.41
N GLY J 22 20.13 22.11 39.27
CA GLY J 22 19.46 20.86 39.05
C GLY J 22 19.57 20.38 37.62
N THR J 23 19.81 19.08 37.46
CA THR J 23 20.09 18.51 36.13
C THR J 23 19.11 17.44 35.75
N MET J 24 18.01 17.32 36.48
CA MET J 24 17.01 16.30 36.25
C MET J 24 16.48 16.26 34.77
N GLU J 25 16.38 17.40 34.11
CA GLU J 25 15.79 17.47 32.74
C GLU J 25 16.80 17.34 31.62
N MET J 26 18.08 17.24 31.98
CA MET J 26 19.17 17.00 31.05
C MET J 26 19.07 15.58 30.52
N GLY J 27 18.73 15.47 29.24
CA GLY J 27 18.46 14.22 28.61
C GLY J 27 16.99 13.94 28.42
N ARG J 28 16.08 14.77 28.96
CA ARG J 28 14.64 14.63 28.71
C ARG J 28 14.16 15.80 27.88
N ARG J 29 13.77 16.89 28.53
CA ARG J 29 13.40 18.07 27.80
C ARG J 29 14.59 18.96 27.42
N MET J 30 15.78 18.70 27.92
CA MET J 30 16.97 19.46 27.51
C MET J 30 18.02 18.57 26.87
N ASP J 31 18.44 18.93 25.66
CA ASP J 31 19.46 18.17 24.94
C ASP J 31 20.84 18.57 25.39
N ALA J 32 21.87 17.96 24.83
CA ALA J 32 23.24 18.22 25.31
C ALA J 32 23.62 19.71 25.11
N SER J 33 23.12 20.32 24.04
CA SER J 33 23.52 21.68 23.71
C SER J 33 22.83 22.66 24.62
N ALA J 34 21.54 22.46 24.92
CA ALA J 34 20.79 23.27 25.90
C ALA J 34 21.37 23.15 27.31
N SER J 35 21.80 21.93 27.62
CA SER J 35 22.37 21.59 28.89
C SER J 35 23.71 22.30 29.09
N ALA J 36 24.57 22.30 28.06
CA ALA J 36 25.88 22.96 28.12
C ALA J 36 25.73 24.47 28.28
N ALA J 37 24.73 25.04 27.61
CA ALA J 37 24.40 26.43 27.69
C ALA J 37 23.99 26.78 29.09
N SER J 38 23.21 25.92 29.72
CA SER J 38 22.68 26.16 31.04
C SER J 38 23.77 26.17 32.07
N VAL J 39 24.63 25.19 31.99
CA VAL J 39 25.76 25.14 32.89
C VAL J 39 26.60 26.40 32.74
N ARG J 40 26.89 26.77 31.51
CA ARG J 40 27.66 27.99 31.22
C ARG J 40 26.99 29.22 31.86
N ALA J 41 25.68 29.35 31.71
CA ALA J 41 24.96 30.47 32.28
C ALA J 41 25.03 30.44 33.82
N PHE J 42 24.91 29.25 34.36
CA PHE J 42 24.99 29.04 35.79
C PHE J 42 26.34 29.45 36.35
N LEU J 43 27.40 28.97 35.69
CA LEU J 43 28.76 29.23 36.14
C LEU J 43 29.17 30.70 35.98
N GLU J 44 28.69 31.35 34.91
CA GLU J 44 28.88 32.78 34.71
C GLU J 44 28.36 33.64 35.84
N ARG J 45 27.32 33.17 36.54
CA ARG J 45 26.80 33.89 37.69
C ARG J 45 27.65 33.66 38.95
N GLY J 46 28.71 32.86 38.81
CA GLY J 46 29.68 32.66 39.86
C GLY J 46 29.39 31.47 40.75
N HIS J 47 28.38 30.69 40.40
CA HIS J 47 28.03 29.50 41.18
C HIS J 47 28.91 28.31 40.72
N SER J 48 28.87 27.21 41.46
CA SER J 48 29.79 26.11 41.16
C SER J 48 29.27 24.69 41.36
N GLU J 49 28.12 24.49 42.02
CA GLU J 49 27.70 23.13 42.27
C GLU J 49 26.58 22.64 41.39
N LEU J 50 26.74 21.40 40.94
CA LEU J 50 25.76 20.70 40.12
C LEU J 50 25.18 19.45 40.82
N ASP J 51 23.88 19.22 40.63
CA ASP J 51 23.19 18.10 41.24
C ASP J 51 22.57 17.19 40.15
N THR J 52 23.03 15.92 40.13
CA THR J 52 22.41 14.91 39.31
C THR J 52 22.13 13.67 40.15
N ALA J 53 21.79 12.59 39.46
CA ALA J 53 21.53 11.26 40.06
C ALA J 53 21.74 10.16 39.01
N PHE J 54 22.09 8.97 39.46
CA PHE J 54 22.13 7.75 38.59
C PHE J 54 20.83 7.59 37.85
N MET J 55 19.76 7.90 38.58
CA MET J 55 18.44 7.72 38.07
C MET J 55 18.12 8.55 36.85
N TYR J 56 18.62 9.79 36.74
CA TYR J 56 18.00 10.74 35.80
C TYR J 56 18.25 10.34 34.37
N CYS J 57 17.14 10.18 33.65
CA CYS J 57 17.10 9.91 32.20
C CYS J 57 17.83 8.69 31.78
N ASP J 58 17.74 7.68 32.62
CA ASP J 58 18.39 6.42 32.36
C ASP J 58 19.90 6.58 32.21
N GLY J 59 20.44 7.55 32.96
CA GLY J 59 21.87 7.84 32.90
C GLY J 59 22.24 8.97 31.97
N GLN J 60 21.32 9.53 31.21
CA GLN J 60 21.72 10.51 30.17
C GLN J 60 22.09 11.86 30.76
N SER J 61 21.51 12.21 31.91
CA SER J 61 21.87 13.48 32.61
C SER J 61 23.37 13.42 32.99
N GLU J 62 23.78 12.31 33.60
CA GLU J 62 25.19 12.12 33.98
C GLU J 62 26.09 12.05 32.74
N ASN J 63 25.62 11.38 31.70
CA ASN J 63 26.39 11.21 30.45
C ASN J 63 26.67 12.58 29.79
N ILE J 64 25.60 13.38 29.73
CA ILE J 64 25.64 14.74 29.23
C ILE J 64 26.62 15.60 30.00
N LEU J 65 26.55 15.56 31.32
CA LEU J 65 27.44 16.32 32.18
C LEU J 65 28.90 15.88 32.06
N GLY J 66 29.08 14.58 31.96
CA GLY J 66 30.43 14.02 31.76
C GLY J 66 31.11 14.42 30.47
N GLY J 67 30.29 14.77 29.47
CA GLY J 67 30.77 15.22 28.17
C GLY J 67 31.02 16.72 28.02
N LEU J 68 30.79 17.48 29.07
CA LEU J 68 30.88 18.92 29.02
C LEU J 68 32.32 19.47 29.13
N GLY J 69 33.30 18.59 29.38
CA GLY J 69 34.71 18.97 29.47
C GLY J 69 35.05 19.76 30.75
N LEU J 70 34.34 19.47 31.85
CA LEU J 70 34.47 20.24 33.07
C LEU J 70 35.54 19.71 33.95
N GLY J 71 36.12 18.57 33.59
CA GLY J 71 37.15 17.95 34.44
C GLY J 71 36.67 17.62 35.85
N LEU J 72 35.48 17.04 35.97
CA LEU J 72 34.84 16.83 37.28
C LEU J 72 35.65 15.89 38.14
N GLY J 73 35.75 16.19 39.43
CA GLY J 73 36.46 15.34 40.36
C GLY J 73 37.97 15.36 40.25
N SER J 74 38.51 16.23 39.42
CA SER J 74 39.97 16.36 39.36
C SER J 74 40.35 17.65 40.10
N GLY J 75 40.17 17.61 41.44
CA GLY J 75 40.63 18.66 42.38
C GLY J 75 41.82 19.34 41.74
N ASP J 76 41.82 20.67 41.70
CA ASP J 76 42.34 21.47 40.55
C ASP J 76 41.10 21.85 39.74
N CYS J 77 39.99 21.98 40.45
CA CYS J 77 38.68 22.02 39.83
C CYS J 77 37.64 22.80 40.64
N THR J 78 37.04 23.77 39.94
CA THR J 78 36.12 24.75 40.54
C THR J 78 34.74 24.17 40.73
N VAL J 79 34.29 23.46 39.69
CA VAL J 79 32.94 22.88 39.59
C VAL J 79 32.82 21.62 40.38
N LYS J 80 31.79 21.57 41.23
CA LYS J 80 31.55 20.45 42.14
C LYS J 80 30.37 19.64 41.63
N ILE J 81 30.50 18.30 41.67
CA ILE J 81 29.42 17.43 41.19
C ILE J 81 28.87 16.56 42.32
N ALA J 82 27.53 16.49 42.39
CA ALA J 82 26.87 15.58 43.25
C ALA J 82 26.06 14.58 42.45
N THR J 83 26.15 13.30 42.85
CA THR J 83 25.20 12.27 42.38
C THR J 83 24.66 11.43 43.55
N LYS J 84 23.78 10.46 43.20
CA LYS J 84 22.96 9.74 44.15
C LYS J 84 22.69 8.32 43.67
N ALA J 85 22.66 7.41 44.64
CA ALA J 85 22.23 6.02 44.44
C ALA J 85 20.84 5.81 45.04
N ASN J 86 20.02 5.00 44.38
CA ASN J 86 18.64 4.77 44.86
C ASN J 86 18.30 3.27 44.88
N PRO J 87 17.27 2.89 45.66
CA PRO J 87 16.92 1.52 45.83
C PRO J 87 15.84 1.03 44.88
N TRP J 88 15.43 1.86 43.97
CA TRP J 88 14.24 1.55 43.17
C TRP J 88 14.45 0.44 42.15
N GLU J 89 13.34 -0.06 41.63
CA GLU J 89 13.31 -1.02 40.54
C GLU J 89 14.13 -2.25 40.84
N GLY J 90 14.10 -2.62 42.11
CA GLY J 90 14.75 -3.80 42.64
C GLY J 90 16.21 -3.64 43.02
N LYS J 91 16.80 -2.48 42.87
CA LYS J 91 18.25 -2.34 43.00
C LYS J 91 18.67 -2.44 44.45
N SER J 92 17.87 -1.86 45.35
CA SER J 92 18.24 -1.80 46.77
C SER J 92 19.43 -0.91 47.03
N LEU J 93 19.65 -0.63 48.31
CA LEU J 93 20.85 0.07 48.80
C LEU J 93 21.83 -0.91 49.54
N LYS J 94 21.81 -2.17 49.13
CA LYS J 94 22.82 -3.12 49.59
C LYS J 94 24.20 -2.66 49.06
N PRO J 95 25.29 -3.04 49.76
CA PRO J 95 26.63 -2.68 49.34
C PRO J 95 26.94 -2.84 47.85
N ASP J 96 26.70 -4.01 47.27
CA ASP J 96 27.06 -4.20 45.89
C ASP J 96 26.30 -3.25 44.98
N SER J 97 25.05 -2.93 45.33
CA SER J 97 24.20 -2.06 44.54
C SER J 97 24.63 -0.59 44.55
N ILE J 98 24.91 -0.08 45.73
CA ILE J 98 25.49 1.24 45.85
C ILE J 98 26.87 1.40 45.19
N ARG J 99 27.74 0.42 45.33
CA ARG J 99 28.99 0.39 44.60
C ARG J 99 28.79 0.43 43.06
N SER J 100 27.92 -0.43 42.57
CA SER J 100 27.64 -0.46 41.14
C SER J 100 27.11 0.88 40.63
N GLN J 101 26.16 1.45 41.36
CA GLN J 101 25.55 2.71 40.93
C GLN J 101 26.60 3.83 40.93
N LEU J 102 27.41 3.94 41.97
CA LEU J 102 28.41 5.01 42.02
C LEU J 102 29.46 4.82 40.94
N GLU J 103 29.96 3.59 40.75
CA GLU J 103 30.97 3.30 39.71
C GLU J 103 30.45 3.60 38.32
N THR J 104 29.18 3.28 38.10
CA THR J 104 28.52 3.57 36.82
C THR J 104 28.43 5.11 36.62
N SER J 105 28.08 5.81 37.67
CA SER J 105 28.01 7.29 37.64
C SER J 105 29.36 7.92 37.34
N LEU J 106 30.41 7.43 37.99
CA LEU J 106 31.78 7.93 37.76
C LEU J 106 32.17 7.82 36.28
N LYS J 107 31.84 6.68 35.70
CA LYS J 107 32.18 6.41 34.31
C LYS J 107 31.44 7.41 33.46
N ARG J 108 30.13 7.53 33.66
CA ARG J 108 29.34 8.43 32.85
C ARG J 108 29.77 9.89 33.01
N LEU J 109 30.11 10.26 34.24
CA LEU J 109 30.56 11.59 34.58
C LEU J 109 32.02 11.88 34.12
N GLN J 110 32.71 10.81 33.70
CA GLN J 110 34.09 10.88 33.25
C GLN J 110 34.92 11.47 34.35
N CYS J 111 34.74 10.95 35.56
CA CYS J 111 35.47 11.48 36.69
C CYS J 111 35.90 10.43 37.70
N PRO J 112 36.95 10.73 38.41
CA PRO J 112 37.49 9.73 39.32
C PRO J 112 36.80 9.69 40.68
N ARG J 113 36.11 10.80 40.98
CA ARG J 113 35.54 10.99 42.30
C ARG J 113 34.47 12.05 42.25
N VAL J 114 33.33 11.83 42.91
CA VAL J 114 32.32 12.94 43.05
C VAL J 114 32.56 13.70 44.35
N ASP J 115 32.20 14.95 44.33
CA ASP J 115 32.34 15.77 45.53
C ASP J 115 31.30 15.40 46.62
N LEU J 116 30.13 14.92 46.18
CA LEU J 116 29.01 14.62 47.05
C LEU J 116 28.23 13.42 46.50
N PHE J 117 28.05 12.42 47.37
CA PHE J 117 27.33 11.18 47.02
C PHE J 117 26.19 10.99 48.03
N TYR J 118 24.96 11.00 47.51
CA TYR J 118 23.79 10.85 48.34
C TYR J 118 23.19 9.47 48.29
N LEU J 119 22.59 9.06 49.41
CA LEU J 119 21.50 8.07 49.42
C LEU J 119 20.20 8.80 49.05
N HIS J 120 19.66 8.42 47.88
CA HIS J 120 18.63 9.19 47.15
C HIS J 120 17.32 9.15 47.94
N ALA J 121 17.07 7.99 48.54
CA ALA J 121 15.85 7.77 49.35
C ALA J 121 16.06 6.47 50.12
N PRO J 122 15.40 6.30 51.30
CA PRO J 122 15.57 5.10 52.10
C PRO J 122 15.24 3.79 51.46
N ASP J 123 16.00 2.78 51.82
CA ASP J 123 15.68 1.39 51.48
C ASP J 123 15.28 0.75 52.79
N HIS J 124 13.98 0.61 53.01
CA HIS J 124 13.53 0.07 54.29
C HIS J 124 13.72 -1.43 54.45
N SER J 125 14.13 -2.10 53.39
CA SER J 125 14.42 -3.52 53.40
C SER J 125 15.83 -3.88 53.71
N THR J 126 16.71 -2.89 53.71
CA THR J 126 18.13 -3.11 53.92
C THR J 126 18.55 -2.38 55.19
N PRO J 127 19.02 -3.12 56.21
CA PRO J 127 19.54 -2.49 57.41
C PRO J 127 20.53 -1.36 57.10
N VAL J 128 20.30 -0.22 57.69
CA VAL J 128 21.02 1.00 57.33
C VAL J 128 22.53 0.87 57.62
N GLU J 129 22.90 0.07 58.61
CA GLU J 129 24.29 -0.19 58.98
CA GLU J 129 24.33 -0.14 58.97
C GLU J 129 25.06 -0.80 57.80
N GLU J 130 24.37 -1.66 57.04
CA GLU J 130 24.96 -2.31 55.86
C GLU J 130 25.37 -1.28 54.78
N THR J 131 24.38 -0.43 54.49
CA THR J 131 24.54 0.65 53.55
C THR J 131 25.61 1.58 53.99
N LEU J 132 25.58 1.98 55.25
CA LEU J 132 26.57 3.02 55.75
C LEU J 132 28.02 2.51 55.74
N CYS J 133 28.16 1.25 56.09
CA CYS J 133 29.43 0.59 56.07
C CYS J 133 30.05 0.63 54.64
N ALA J 134 29.22 0.28 53.67
CA ALA J 134 29.62 0.28 52.30
C ALA J 134 29.98 1.69 51.83
N CYS J 135 29.19 2.68 52.23
CA CYS J 135 29.51 4.08 51.95
C CYS J 135 30.90 4.44 52.50
N HIS J 136 31.18 4.01 53.71
CA HIS J 136 32.45 4.31 54.28
C HIS J 136 33.58 3.74 53.44
N GLN J 137 33.45 2.49 53.04
CA GLN J 137 34.46 1.84 52.21
C GLN J 137 34.70 2.58 50.90
N LEU J 138 33.63 2.97 50.23
CA LEU J 138 33.75 3.70 48.97
C LEU J 138 34.47 5.04 49.17
N HIS J 139 34.15 5.74 50.26
CA HIS J 139 34.89 6.98 50.63
C HIS J 139 36.39 6.65 50.83
N GLN J 140 36.69 5.58 51.55
CA GLN J 140 38.08 5.21 51.78
C GLN J 140 38.85 4.91 50.49
N GLU J 141 38.13 4.43 49.48
CA GLU J 141 38.71 4.20 48.14
C GLU J 141 38.85 5.48 47.32
N GLY J 142 38.30 6.57 47.83
CA GLY J 142 38.40 7.87 47.19
C GLY J 142 37.35 8.17 46.14
N LYS J 143 36.27 7.41 46.18
CA LYS J 143 35.26 7.54 45.13
C LYS J 143 34.28 8.69 45.39
N PHE J 144 34.22 9.21 46.63
CA PHE J 144 33.45 10.46 46.89
C PHE J 144 34.04 11.17 48.07
N VAL J 145 33.83 12.49 48.09
CA VAL J 145 34.37 13.38 49.17
C VAL J 145 33.44 13.40 50.38
N GLU J 146 32.20 13.86 50.15
CA GLU J 146 31.21 13.94 51.19
C GLU J 146 30.03 12.97 50.96
N LEU J 147 29.48 12.49 52.07
CA LEU J 147 28.23 11.74 52.09
C LEU J 147 26.99 12.66 52.31
N GLY J 148 25.93 12.39 51.57
CA GLY J 148 24.66 13.12 51.79
C GLY J 148 23.52 12.13 51.96
N LEU J 149 22.39 12.64 52.50
CA LEU J 149 21.12 11.93 52.60
C LEU J 149 20.02 12.73 51.98
N SER J 150 19.01 12.03 51.44
CA SER J 150 17.82 12.66 50.85
C SER J 150 16.63 11.79 51.14
N ASN J 151 15.51 12.42 51.55
CA ASN J 151 14.20 11.77 51.79
C ASN J 151 14.13 10.80 52.96
N TYR J 152 15.06 11.00 53.91
CA TYR J 152 15.06 10.29 55.17
C TYR J 152 14.36 11.16 56.21
N ALA J 153 13.64 10.53 57.13
CA ALA J 153 13.02 11.27 58.21
C ALA J 153 14.09 11.74 59.19
N SER J 154 13.82 12.86 59.85
CA SER J 154 14.74 13.41 60.89
C SER J 154 15.28 12.34 61.82
N TRP J 155 14.40 11.47 62.29
CA TRP J 155 14.79 10.47 63.21
C TRP J 155 15.71 9.46 62.61
N GLU J 156 15.56 9.21 61.32
CA GLU J 156 16.43 8.26 60.62
C GLU J 156 17.82 8.91 60.42
N VAL J 157 17.81 10.20 60.14
CA VAL J 157 19.06 10.94 60.07
C VAL J 157 19.82 10.84 61.38
N ALA J 158 19.12 11.03 62.49
CA ALA J 158 19.73 10.95 63.79
C ALA J 158 20.27 9.55 64.08
N GLU J 159 19.52 8.49 63.76
CA GLU J 159 20.07 7.14 63.90
C GLU J 159 21.36 7.00 63.09
N ILE J 160 21.30 7.39 61.83
CA ILE J 160 22.44 7.27 60.93
C ILE J 160 23.68 8.02 61.46
N CYS J 161 23.52 9.28 61.84
CA CYS J 161 24.66 10.02 62.34
C CYS J 161 25.21 9.45 63.62
N THR J 162 24.32 9.01 64.50
CA THR J 162 24.78 8.43 65.75
C THR J 162 25.52 7.08 65.48
N LEU J 163 25.02 6.25 64.58
CA LEU J 163 25.66 4.99 64.23
C LEU J 163 27.04 5.23 63.59
N CYS J 164 27.11 6.17 62.66
CA CYS J 164 28.36 6.51 62.01
C CYS J 164 29.42 6.92 63.04
N LYS J 165 29.03 7.79 63.96
CA LYS J 165 29.97 8.26 64.99
C LYS J 165 30.46 7.10 65.86
N SER J 166 29.58 6.19 66.28
CA SER J 166 30.04 5.01 67.08
C SER J 166 30.88 3.99 66.31
N ASN J 167 30.66 3.89 64.99
CA ASN J 167 31.33 2.90 64.14
C ASN J 167 32.54 3.41 63.35
N GLY J 168 32.90 4.68 63.54
CA GLY J 168 33.96 5.33 62.76
C GLY J 168 33.73 5.42 61.25
N TRP J 169 32.48 5.54 60.84
CA TRP J 169 32.16 5.74 59.45
C TRP J 169 32.01 7.22 59.19
N ILE J 170 32.25 7.64 57.94
CA ILE J 170 32.06 9.02 57.54
C ILE J 170 30.63 9.43 57.83
N LEU J 171 30.42 10.61 58.43
CA LEU J 171 29.06 11.12 58.66
C LEU J 171 28.52 11.83 57.44
N PRO J 172 27.20 11.77 57.24
CA PRO J 172 26.64 12.63 56.23
C PRO J 172 26.78 14.10 56.65
N THR J 173 27.16 14.95 55.71
CA THR J 173 27.28 16.37 55.99
C THR J 173 26.27 17.23 55.21
N VAL J 174 25.47 16.61 54.34
CA VAL J 174 24.44 17.30 53.56
C VAL J 174 23.14 16.49 53.58
N TYR J 175 22.00 17.19 53.73
CA TYR J 175 20.69 16.61 53.50
C TYR J 175 20.08 17.38 52.34
N GLN J 176 19.47 16.66 51.39
CA GLN J 176 18.77 17.31 50.31
C GLN J 176 17.28 17.03 50.46
N GLY J 177 16.47 18.08 50.62
CA GLY J 177 15.07 17.94 51.05
C GLY J 177 14.06 18.84 50.31
N MET J 178 12.82 18.37 50.33
CA MET J 178 11.71 19.10 49.74
C MET J 178 11.36 20.35 50.59
N TYR J 179 11.52 21.54 50.01
CA TYR J 179 11.27 22.80 50.72
C TYR J 179 10.93 23.93 49.75
N ASN J 180 9.80 24.58 50.00
CA ASN J 180 9.38 25.77 49.25
C ASN J 180 8.43 26.58 50.11
N ALA J 181 7.99 27.73 49.60
CA ALA J 181 7.16 28.64 50.36
C ALA J 181 5.88 28.04 50.86
N THR J 182 5.35 27.06 50.16
CA THR J 182 4.10 26.38 50.50
C THR J 182 4.30 24.90 50.98
N THR J 183 5.55 24.50 51.17
CA THR J 183 5.90 23.13 51.57
C THR J 183 7.00 23.21 52.67
N ARG J 184 6.60 23.19 53.93
CA ARG J 184 7.51 23.48 55.07
C ARG J 184 7.62 22.40 56.17
N GLN J 185 7.22 21.20 55.87
CA GLN J 185 7.22 20.16 56.87
C GLN J 185 8.59 19.91 57.47
N VAL J 186 9.64 20.16 56.69
CA VAL J 186 11.04 20.02 57.16
C VAL J 186 11.40 20.93 58.34
N GLU J 187 10.63 22.02 58.54
CA GLU J 187 11.03 22.99 59.56
C GLU J 187 10.96 22.48 61.04
N ALA J 188 9.93 21.71 61.34
CA ALA J 188 9.61 21.38 62.70
C ALA J 188 10.63 20.47 63.38
N GLU J 189 11.05 19.43 62.63
CA GLU J 189 11.95 18.42 63.17
C GLU J 189 13.21 18.22 62.38
N LEU J 190 13.10 18.20 61.06
CA LEU J 190 14.29 17.93 60.26
C LEU J 190 15.41 18.98 60.46
N LEU J 191 15.04 20.24 60.22
CA LEU J 191 16.00 21.34 60.37
C LEU J 191 16.75 21.35 61.73
N PRO J 192 16.04 21.33 62.87
CA PRO J 192 16.71 21.19 64.17
C PRO J 192 17.65 20.00 64.32
N CYS J 193 17.26 18.87 63.74
CA CYS J 193 18.08 17.67 63.77
C CYS J 193 19.40 17.92 63.05
N LEU J 194 19.29 18.54 61.87
CA LEU J 194 20.40 18.82 61.01
C LEU J 194 21.38 19.80 61.63
N ARG J 195 20.86 20.80 62.29
CA ARG J 195 21.66 21.77 63.01
C ARG J 195 22.42 21.11 64.15
N HIS J 196 21.79 20.17 64.83
CA HIS J 196 22.40 19.45 65.94
C HIS J 196 23.55 18.62 65.45
N PHE J 197 23.36 17.93 64.31
CA PHE J 197 24.31 16.97 63.82
C PHE J 197 25.32 17.56 62.81
N GLY J 198 25.17 18.82 62.43
CA GLY J 198 26.12 19.50 61.56
C GLY J 198 25.96 19.39 60.05
N LEU J 199 24.73 19.22 59.58
CA LEU J 199 24.45 19.01 58.19
C LEU J 199 23.92 20.28 57.59
N ARG J 200 24.35 20.56 56.35
CA ARG J 200 23.77 21.68 55.62
C ARG J 200 22.62 21.11 54.82
N PHE J 201 21.68 21.99 54.47
CA PHE J 201 20.42 21.58 53.78
C PHE J 201 20.35 22.24 52.42
N TYR J 202 20.11 21.36 51.42
CA TYR J 202 19.89 21.74 50.02
C TYR J 202 18.44 21.50 49.65
N ALA J 203 17.76 22.56 49.25
CA ALA J 203 16.31 22.51 49.01
C ALA J 203 16.00 22.10 47.57
N TYR J 204 15.27 21.01 47.35
CA TYR J 204 14.73 20.73 46.04
C TYR J 204 13.27 21.15 45.96
N ASN J 205 12.71 21.07 44.77
CA ASN J 205 11.35 21.51 44.51
C ASN J 205 11.10 22.98 44.96
N PRO J 206 12.06 23.90 44.72
CA PRO J 206 11.82 25.24 45.28
C PRO J 206 10.66 26.00 44.64
N LEU J 207 10.18 25.50 43.51
CA LEU J 207 8.96 26.05 42.87
C LEU J 207 7.82 25.06 42.87
N ALA J 208 7.91 24.06 43.78
CA ALA J 208 6.93 22.93 43.84
C ALA J 208 6.75 22.27 42.45
N GLY J 209 7.89 21.99 41.79
CA GLY J 209 7.92 21.34 40.49
C GLY J 209 7.39 22.21 39.38
N GLY J 210 7.26 23.49 39.66
CA GLY J 210 6.70 24.43 38.71
C GLY J 210 5.37 24.99 39.12
N LEU J 211 4.70 24.37 40.09
CA LEU J 211 3.39 24.87 40.49
C LEU J 211 3.44 26.33 40.91
N LEU J 212 4.52 26.69 41.62
CA LEU J 212 4.67 28.03 42.18
C LEU J 212 5.05 29.10 41.14
N THR J 213 5.09 28.75 39.86
CA THR J 213 5.18 29.76 38.80
C THR J 213 3.79 30.38 38.51
N GLY J 214 2.73 29.76 39.00
CA GLY J 214 1.39 30.24 38.71
C GLY J 214 0.88 29.92 37.33
N LYS J 215 1.60 29.13 36.55
CA LYS J 215 1.24 28.90 35.15
C LYS J 215 0.08 27.94 34.95
N TYR J 216 -0.37 27.27 36.03
CA TYR J 216 -1.40 26.26 35.93
C TYR J 216 -2.71 26.72 36.55
N LYS J 217 -3.74 25.94 36.26
CA LYS J 217 -5.05 26.05 36.86
C LYS J 217 -5.50 24.65 37.23
N TYR J 218 -6.12 24.50 38.40
CA TYR J 218 -6.49 23.19 38.90
C TYR J 218 -7.11 22.29 37.83
N GLU J 219 -8.01 22.84 37.01
CA GLU J 219 -8.79 21.99 36.09
C GLU J 219 -8.01 21.61 34.84
N ASP J 220 -6.79 22.14 34.68
CA ASP J 220 -5.83 21.61 33.72
C ASP J 220 -5.72 20.07 33.82
N LYS J 221 -5.90 19.49 35.00
CA LYS J 221 -5.80 18.02 35.18
C LYS J 221 -6.84 17.29 34.34
N ASP J 222 -8.01 17.91 34.17
CA ASP J 222 -9.13 17.28 33.50
C ASP J 222 -9.07 17.52 32.02
N GLY J 223 -8.46 18.63 31.65
CA GLY J 223 -8.54 19.09 30.26
C GLY J 223 -7.20 19.24 29.60
N LYS J 224 -6.62 20.44 29.70
CA LYS J 224 -5.38 20.81 28.99
C LYS J 224 -4.28 19.74 29.16
N GLN J 225 -4.04 19.33 30.39
CA GLN J 225 -2.98 18.37 30.70
C GLN J 225 -1.66 18.75 30.02
N PRO J 226 -1.20 19.99 30.26
CA PRO J 226 -0.02 20.49 29.55
C PRO J 226 1.24 19.71 29.90
N VAL J 227 1.91 19.25 28.86
CA VAL J 227 3.11 18.44 29.03
C VAL J 227 4.19 19.15 29.84
N GLY J 228 4.79 18.42 30.77
CA GLY J 228 5.79 18.98 31.65
C GLY J 228 5.86 18.11 32.88
N ARG J 229 6.26 18.71 33.98
CA ARG J 229 6.42 18.00 35.25
C ARG J 229 5.18 17.23 35.71
N PHE J 230 4.01 17.81 35.47
CA PHE J 230 2.76 17.31 36.03
C PHE J 230 1.96 16.46 35.07
N PHE J 231 2.40 16.36 33.81
CA PHE J 231 1.67 15.60 32.81
C PHE J 231 2.58 14.90 31.80
N GLY J 232 2.35 13.61 31.62
CA GLY J 232 2.94 12.91 30.49
C GLY J 232 4.16 12.04 30.73
N ASN J 233 4.70 12.04 31.92
CA ASN J 233 5.87 11.21 32.22
C ASN J 233 5.57 10.27 33.41
N ASN J 234 6.52 9.42 33.74
CA ASN J 234 6.24 8.35 34.71
C ASN J 234 6.18 8.82 36.19
N TRP J 235 6.73 10.01 36.49
CA TRP J 235 6.57 10.64 37.81
C TRP J 235 5.42 11.68 37.92
N ALA J 236 4.68 11.89 36.86
CA ALA J 236 3.68 12.93 36.83
C ALA J 236 2.55 12.76 37.87
N GLU J 237 2.06 11.53 38.06
CA GLU J 237 1.03 11.27 39.10
C GLU J 237 1.57 11.50 40.48
N THR J 238 2.82 11.09 40.69
CA THR J 238 3.51 11.29 41.96
C THR J 238 3.59 12.81 42.29
N TYR J 239 3.98 13.60 41.29
CA TYR J 239 3.97 15.06 41.39
C TYR J 239 2.59 15.66 41.57
N ARG J 240 1.59 15.14 40.88
CA ARG J 240 0.21 15.57 41.11
C ARG J 240 -0.31 15.27 42.54
N ASN J 241 -0.08 14.08 43.02
CA ASN J 241 -0.33 13.73 44.44
C ASN J 241 0.44 14.62 45.39
N ARG J 242 1.63 15.05 45.01
CA ARG J 242 2.49 15.84 45.88
C ARG J 242 1.96 17.23 46.02
N PHE J 243 1.63 17.88 44.90
CA PHE J 243 1.35 19.35 44.89
C PHE J 243 0.01 19.80 44.26
N TRP J 244 -0.58 18.97 43.41
CA TRP J 244 -1.68 19.43 42.61
C TRP J 244 -2.99 19.25 43.40
N LYS J 245 -3.25 20.26 44.27
CA LYS J 245 -4.41 20.29 45.18
C LYS J 245 -5.10 21.61 45.10
N GLU J 246 -6.42 21.58 45.17
CA GLU J 246 -7.19 22.82 45.16
C GLU J 246 -6.78 23.89 46.18
N HIS J 247 -6.53 23.51 47.42
CA HIS J 247 -6.03 24.46 48.39
C HIS J 247 -4.73 25.08 47.99
N HIS J 248 -3.92 24.33 47.23
CA HIS J 248 -2.62 24.85 46.78
C HIS J 248 -2.86 25.96 45.77
N PHE J 249 -3.75 25.70 44.86
CA PHE J 249 -4.10 26.70 43.85
C PHE J 249 -4.71 27.94 44.48
N GLU J 250 -5.58 27.74 45.47
CA GLU J 250 -6.15 28.84 46.24
C GLU J 250 -5.05 29.63 46.93
N ALA J 251 -4.09 28.90 47.50
CA ALA J 251 -2.98 29.49 48.22
C ALA J 251 -2.18 30.39 47.30
N ILE J 252 -1.93 29.87 46.08
CA ILE J 252 -1.15 30.60 45.09
C ILE J 252 -1.86 31.89 44.68
N ALA J 253 -3.16 31.77 44.47
CA ALA J 253 -4.00 32.91 44.10
C ALA J 253 -4.00 34.05 45.16
N LEU J 254 -3.92 33.63 46.43
CA LEU J 254 -3.80 34.53 47.58
C LEU J 254 -2.50 35.32 47.51
N VAL J 255 -1.40 34.67 47.12
CA VAL J 255 -0.13 35.38 46.92
C VAL J 255 -0.15 36.28 45.67
N GLU J 256 -0.75 35.81 44.60
CA GLU J 256 -0.79 36.59 43.36
C GLU J 256 -1.49 37.92 43.70
N LYS J 257 -2.58 37.80 44.44
CA LYS J 257 -3.37 38.96 44.84
C LYS J 257 -2.59 39.96 45.68
N ALA J 258 -1.77 39.42 46.60
CA ALA J 258 -0.91 40.22 47.47
C ALA J 258 0.19 40.94 46.71
N LEU J 259 0.71 40.29 45.67
CA LEU J 259 1.71 40.88 44.78
C LEU J 259 1.12 42.12 44.07
N GLN J 260 -0.06 41.93 43.48
CA GLN J 260 -0.76 42.98 42.73
C GLN J 260 -1.05 44.17 43.64
N THR J 261 -1.62 43.86 44.80
CA THR J 261 -1.95 44.85 45.80
C THR J 261 -0.74 45.63 46.33
N THR J 262 0.37 44.92 46.56
CA THR J 262 1.55 45.53 47.14
C THR J 262 2.43 46.27 46.11
N TYR J 263 2.52 45.77 44.87
CA TYR J 263 3.47 46.31 43.89
C TYR J 263 2.84 46.96 42.65
N GLY J 264 1.57 46.65 42.37
CA GLY J 264 0.88 47.13 41.18
C GLY J 264 1.44 46.55 39.89
N THR J 265 1.70 47.44 38.93
CA THR J 265 2.28 47.09 37.64
C THR J 265 3.72 46.61 37.72
N ASN J 266 4.42 47.05 38.78
CA ASN J 266 5.80 46.64 39.10
C ASN J 266 5.88 45.21 39.68
N ALA J 267 4.76 44.47 39.69
CA ALA J 267 4.69 43.27 40.52
C ALA J 267 5.63 42.23 39.95
N PRO J 268 6.51 41.68 40.80
CA PRO J 268 7.29 40.49 40.42
C PRO J 268 6.38 39.34 39.99
N ARG J 269 6.84 38.53 39.05
CA ARG J 269 6.10 37.30 38.76
C ARG J 269 6.19 36.36 39.94
N MET J 270 5.19 35.51 40.00
CA MET J 270 5.08 34.51 41.05
C MET J 270 6.37 33.66 41.20
N THR J 271 6.95 33.25 40.07
CA THR J 271 8.23 32.53 40.04
C THR J 271 9.29 33.27 40.81
N SER J 272 9.39 34.56 40.55
CA SER J 272 10.43 35.36 41.12
C SER J 272 10.15 35.53 42.64
N ALA J 273 8.89 35.71 42.99
CA ALA J 273 8.48 35.85 44.39
C ALA J 273 8.73 34.54 45.22
N ALA J 274 8.40 33.40 44.61
CA ALA J 274 8.63 32.12 45.26
C ALA J 274 10.14 31.85 45.52
N LEU J 275 10.99 32.21 44.56
CA LEU J 275 12.43 32.01 44.75
C LEU J 275 12.98 32.96 45.76
N ARG J 276 12.51 34.19 45.72
CA ARG J 276 12.95 35.22 46.67
C ARG J 276 12.57 34.88 48.08
N TRP J 277 11.42 34.25 48.24
CA TRP J 277 11.06 33.72 49.55
C TRP J 277 12.12 32.70 50.03
N MET J 278 12.62 31.85 49.13
CA MET J 278 13.65 30.85 49.52
C MET J 278 14.92 31.53 50.02
N TYR J 279 15.39 32.52 49.27
CA TYR J 279 16.66 33.18 49.55
C TYR J 279 16.61 34.18 50.74
N HIS J 280 15.43 34.73 51.01
CA HIS J 280 15.33 35.78 51.99
C HIS J 280 14.45 35.52 53.16
N HIS J 281 13.44 34.66 53.01
CA HIS J 281 12.41 34.55 54.03
C HIS J 281 12.23 33.13 54.60
N SER J 282 13.07 32.22 54.14
CA SER J 282 12.97 30.82 54.56
C SER J 282 13.89 30.57 55.77
N GLN J 283 13.91 29.32 56.22
CA GLN J 283 14.76 28.95 57.28
C GLN J 283 16.12 28.53 56.84
N LEU J 284 16.40 28.65 55.55
CA LEU J 284 17.73 28.38 55.03
C LEU J 284 18.71 29.41 55.56
N GLN J 285 19.90 28.96 55.95
CA GLN J 285 20.96 29.86 56.37
C GLN J 285 22.20 29.66 55.51
N GLY J 286 22.52 30.71 54.75
CA GLY J 286 23.72 30.75 53.96
C GLY J 286 24.98 30.53 54.74
N THR J 287 25.06 31.06 55.95
CA THR J 287 26.24 30.87 56.80
C THR J 287 26.45 29.40 57.17
N ARG J 288 25.40 28.57 57.14
CA ARG J 288 25.54 27.15 57.40
C ARG J 288 25.90 26.34 56.15
N GLY J 289 25.97 27.02 55.00
CA GLY J 289 26.15 26.33 53.70
C GLY J 289 24.86 25.89 53.01
N ASP J 290 23.73 26.29 53.55
CA ASP J 290 22.44 25.92 52.97
C ASP J 290 22.29 26.48 51.57
N ALA J 291 21.51 25.80 50.75
CA ALA J 291 21.41 26.17 49.35
C ALA J 291 20.07 25.82 48.75
N VAL J 292 19.78 26.48 47.65
CA VAL J 292 18.60 26.24 46.82
C VAL J 292 19.06 25.53 45.55
N ILE J 293 18.46 24.39 45.25
CA ILE J 293 18.70 23.73 43.99
C ILE J 293 17.64 24.21 42.99
N LEU J 294 18.07 25.00 42.02
CA LEU J 294 17.19 25.45 40.95
C LEU J 294 16.84 24.33 39.96
N GLY J 295 15.61 24.40 39.44
CA GLY J 295 15.15 23.51 38.41
C GLY J 295 14.74 24.25 37.18
N MET J 296 14.73 23.52 36.07
CA MET J 296 14.44 24.11 34.75
C MET J 296 14.35 23.01 33.73
N SER J 297 13.51 23.26 32.73
CA SER J 297 13.39 22.37 31.57
C SER J 297 13.84 23.08 30.33
N SER J 298 14.31 24.33 30.50
CA SER J 298 14.82 25.12 29.39
C SER J 298 15.78 26.18 29.92
N LEU J 299 16.61 26.67 29.02
CA LEU J 299 17.59 27.73 29.26
C LEU J 299 16.94 29.07 29.63
N GLU J 300 15.83 29.37 28.96
CA GLU J 300 15.03 30.59 29.25
C GLU J 300 14.44 30.57 30.72
N GLN J 301 13.94 29.40 31.16
CA GLN J 301 13.47 29.26 32.54
C GLN J 301 14.61 29.49 33.54
N LEU J 302 15.76 28.90 33.25
CA LEU J 302 16.92 29.02 34.11
C LEU J 302 17.41 30.45 34.25
N GLU J 303 17.46 31.17 33.13
CA GLU J 303 17.85 32.56 33.16
C GLU J 303 16.93 33.39 34.04
N GLN J 304 15.65 33.18 33.85
CA GLN J 304 14.65 33.85 34.63
C GLN J 304 14.84 33.52 36.10
N ASN J 305 15.13 32.25 36.42
CA ASN J 305 15.35 31.79 37.80
C ASN J 305 16.62 32.35 38.42
N LEU J 306 17.71 32.40 37.64
CA LEU J 306 18.96 33.03 38.11
C LEU J 306 18.77 34.52 38.42
N ALA J 307 17.97 35.18 37.60
CA ALA J 307 17.72 36.60 37.82
C ALA J 307 17.10 36.77 39.17
N ALA J 308 16.06 35.97 39.41
CA ALA J 308 15.30 36.06 40.67
C ALA J 308 16.14 35.78 41.90
N THR J 309 17.15 34.91 41.76
CA THR J 309 18.06 34.60 42.89
C THR J 309 18.82 35.82 43.34
N GLU J 310 19.00 36.78 42.42
CA GLU J 310 19.75 37.99 42.71
C GLU J 310 18.90 39.18 43.12
N GLU J 311 17.58 39.07 43.00
CA GLU J 311 16.69 40.08 43.52
C GLU J 311 16.71 40.10 45.07
N GLY J 312 16.11 41.13 45.63
CA GLY J 312 16.20 41.32 47.09
C GLY J 312 15.02 40.75 47.83
N PRO J 313 14.86 41.13 49.10
CA PRO J 313 13.68 40.71 49.89
C PRO J 313 12.32 41.24 49.39
N LEU J 314 11.27 40.52 49.77
CA LEU J 314 9.90 40.90 49.47
C LEU J 314 9.36 41.78 50.55
N GLU J 315 8.33 42.54 50.17
CA GLU J 315 7.63 43.39 51.12
C GLU J 315 6.93 42.49 52.15
N PRO J 316 6.82 42.98 53.41
CA PRO J 316 6.15 42.26 54.46
C PRO J 316 4.75 41.74 54.11
N ALA J 317 3.93 42.51 53.41
CA ALA J 317 2.59 42.02 53.07
C ALA J 317 2.63 40.72 52.27
N VAL J 318 3.61 40.64 51.39
CA VAL J 318 3.75 39.47 50.53
C VAL J 318 4.35 38.28 51.32
N VAL J 319 5.32 38.55 52.18
CA VAL J 319 5.84 37.52 53.08
C VAL J 319 4.70 36.91 53.92
N GLU J 320 3.85 37.78 54.43
CA GLU J 320 2.67 37.33 55.19
C GLU J 320 1.70 36.51 54.32
N ALA J 321 1.50 36.91 53.07
CA ALA J 321 0.61 36.16 52.18
C ALA J 321 1.16 34.76 52.00
N PHE J 322 2.47 34.65 51.86
CA PHE J 322 3.09 33.34 51.76
C PHE J 322 2.84 32.49 52.99
N ASP J 323 2.82 33.11 54.17
CA ASP J 323 2.56 32.35 55.39
C ASP J 323 1.12 31.90 55.43
N GLN J 324 0.21 32.77 55.04
CA GLN J 324 -1.21 32.38 55.00
C GLN J 324 -1.38 31.24 54.02
N ALA J 325 -0.62 31.26 52.93
CA ALA J 325 -0.68 30.26 51.86
C ALA J 325 -0.25 28.88 52.39
N TRP J 326 0.88 28.86 53.08
CA TRP J 326 1.30 27.66 53.78
C TRP J 326 0.22 27.19 54.75
N ASN J 327 -0.34 28.11 55.52
CA ASN J 327 -1.35 27.68 56.47
C ASN J 327 -2.50 26.94 55.81
N MET J 328 -2.86 27.37 54.61
CA MET J 328 -3.97 26.73 53.90
C MET J 328 -3.70 25.28 53.44
N VAL J 329 -2.44 25.02 53.14
CA VAL J 329 -2.07 23.71 52.62
C VAL J 329 -1.44 22.77 53.66
N ALA J 330 -0.95 23.31 54.78
CA ALA J 330 -0.12 22.57 55.73
C ALA J 330 -0.77 21.18 56.11
N HIS J 331 -2.09 21.17 56.30
CA HIS J 331 -2.78 19.94 56.69
C HIS J 331 -2.66 18.83 55.64
N GLU J 332 -2.37 19.18 54.40
CA GLU J 332 -2.15 18.11 53.39
C GLU J 332 -0.76 18.17 52.76
N CYS J 333 0.20 18.71 53.50
CA CYS J 333 1.52 18.84 52.99
C CYS J 333 2.07 17.45 52.65
N PRO J 334 2.81 17.34 51.53
CA PRO J 334 3.47 16.04 51.31
C PRO J 334 4.68 15.78 52.20
N ASN J 335 4.91 14.49 52.47
CA ASN J 335 5.96 14.06 53.35
C ASN J 335 7.31 14.28 52.71
N TYR J 336 8.19 14.97 53.44
CA TYR J 336 9.59 15.14 53.01
C TYR J 336 10.39 13.82 53.02
N PHE J 337 9.87 12.83 53.71
CA PHE J 337 10.56 11.56 53.99
C PHE J 337 9.75 10.42 53.30
N ARG J 338 10.41 9.33 52.95
CA ARG J 338 9.83 8.29 52.16
C ARG J 338 10.26 6.94 52.68
#